data_7NPH
#
_entry.id   7NPH
#
_cell.length_a   84.290
_cell.length_b   132.780
_cell.length_c   122.818
_cell.angle_alpha   90.000
_cell.angle_beta   90.170
_cell.angle_gamma   90.000
#
_symmetry.space_group_name_H-M   'P 1 21 1'
#
loop_
_entity.id
_entity.type
_entity.pdbx_description
1 polymer 'N-acetyl-gamma-glutamyl-phosphate reductase'
2 non-polymer '5-methoxy-1,3-benzoxazole-2-carboxylic acid'
3 non-polymer 'PHOSPHATE ION'
4 water water
#
_entity_poly.entity_id   1
_entity_poly.type   'polypeptide(L)'
_entity_poly.pdbx_seq_one_letter_code
;GSMQNRQVANATKVAVAGASGYAGGEILRLLLGHPAYADGRLRIGALTAATSAGSTLGEHHPHLTPLAHRVVEPTEAAVL
GGHDAVFLALPHGHSAVLAQQLSPETLIIDCGADFRLTDAAVWERFYGSSHAGSWPYGLPELPGARDQLRGTRRIAVPGC
YPTAALLALFPALAADLIEPAVTVVAVSGTSGAGRAATTDLLGAEVIGSARAYNIAGVHRHTPEIAQGLRAVTDRDVSVS
FTPVLIPASRGILATCTARTRSPLSQLRAAYEKAYHAEPFIYLMPEGQLPRTGAVIGSNAAHIAVAVDEDAQTFVAIAAI
DNLVKGTAGAAVQSMNLALGWPETDGLSVVGVAP
;
_entity_poly.pdbx_strand_id   A,B,C,D,E,F,G,H
#
loop_
_chem_comp.id
_chem_comp.type
_chem_comp.name
_chem_comp.formula
PO4 non-polymer 'PHOSPHATE ION' 'O4 P -3'
UKE non-polymer '5-methoxy-1,3-benzoxazole-2-carboxylic acid' 'C9 H7 N O4'
#
# COMPACT_ATOMS: atom_id res chain seq x y z
N ALA A 11 17.53 50.01 -6.80
CA ALA A 11 17.37 50.22 -5.35
C ALA A 11 15.99 50.80 -5.08
N THR A 12 15.01 49.94 -4.77
CA THR A 12 13.61 50.40 -4.59
C THR A 12 13.21 50.39 -3.11
N LYS A 13 12.82 51.53 -2.57
CA LYS A 13 12.38 51.63 -1.16
C LYS A 13 10.86 51.44 -1.14
N VAL A 14 10.37 50.62 -0.22
CA VAL A 14 8.92 50.33 -0.18
C VAL A 14 8.37 50.63 1.21
N ALA A 15 7.19 51.26 1.24
CA ALA A 15 6.47 51.57 2.49
C ALA A 15 5.11 50.85 2.45
N VAL A 16 4.59 50.49 3.61
CA VAL A 16 3.28 49.79 3.67
C VAL A 16 2.40 50.57 4.65
N ALA A 17 1.29 51.09 4.13
CA ALA A 17 0.30 51.81 4.95
C ALA A 17 -0.77 50.79 5.36
N GLY A 18 -0.83 50.48 6.64
CA GLY A 18 -1.73 49.44 7.11
C GLY A 18 -0.92 48.20 7.45
N ALA A 19 0.26 48.42 8.02
CA ALA A 19 1.20 47.31 8.25
C ALA A 19 0.77 46.43 9.42
N SER A 20 -0.06 46.96 10.31
CA SER A 20 -0.50 46.24 11.54
C SER A 20 -1.67 45.29 11.28
N GLY A 21 -2.13 45.16 10.04
CA GLY A 21 -3.27 44.29 9.74
C GLY A 21 -2.86 43.07 8.98
N TYR A 22 -3.83 42.32 8.50
CA TYR A 22 -3.56 41.06 7.78
C TYR A 22 -2.95 41.33 6.41
N ALA A 23 -3.58 42.16 5.60
CA ALA A 23 -3.08 42.45 4.24
C ALA A 23 -1.66 42.98 4.33
N GLY A 24 -1.40 43.89 5.26
CA GLY A 24 -0.05 44.45 5.38
C GLY A 24 0.95 43.38 5.79
N GLY A 25 0.65 42.69 6.88
CA GLY A 25 1.51 41.61 7.38
C GLY A 25 1.84 40.62 6.30
N GLU A 26 0.86 40.17 5.53
CA GLU A 26 1.14 39.19 4.45
C GLU A 26 2.01 39.84 3.38
N ILE A 27 1.83 41.14 3.11
CA ILE A 27 2.72 41.80 2.11
C ILE A 27 4.15 41.70 2.63
N LEU A 28 4.37 42.12 3.87
CA LEU A 28 5.71 42.06 4.51
C LEU A 28 6.27 40.64 4.45
N ARG A 29 5.46 39.64 4.76
CA ARG A 29 5.92 38.23 4.73
C ARG A 29 6.42 37.87 3.34
N LEU A 30 5.74 38.30 2.30
CA LEU A 30 6.18 37.99 0.93
C LEU A 30 7.39 38.85 0.55
N LEU A 31 7.52 40.04 1.13
CA LEU A 31 8.67 40.91 0.81
C LEU A 31 9.93 40.35 1.45
N LEU A 32 9.83 39.84 2.68
CA LEU A 32 11.00 39.28 3.38
C LEU A 32 11.59 38.08 2.64
N GLY A 33 10.77 37.29 1.95
CA GLY A 33 11.28 36.16 1.18
C GLY A 33 11.37 36.49 -0.28
N HIS A 34 11.47 37.77 -0.63
CA HIS A 34 11.58 38.17 -2.05
C HIS A 34 13.05 38.16 -2.48
N PRO A 35 13.36 37.80 -3.73
CA PRO A 35 14.74 37.74 -4.16
C PRO A 35 15.31 39.16 -4.13
N ALA A 36 14.53 40.13 -4.58
CA ALA A 36 15.03 41.52 -4.59
C ALA A 36 15.38 41.97 -3.17
N TYR A 37 14.68 41.43 -2.17
CA TYR A 37 15.02 41.82 -0.81
C TYR A 37 16.29 41.12 -0.37
N ALA A 38 16.52 39.93 -0.89
CA ALA A 38 17.68 39.15 -0.49
C ALA A 38 18.97 39.73 -1.05
N ASP A 39 18.91 40.60 -2.07
CA ASP A 39 20.12 41.14 -2.66
C ASP A 39 20.25 42.66 -2.53
N GLY A 40 19.39 43.31 -1.74
CA GLY A 40 19.43 44.75 -1.57
C GLY A 40 18.71 45.57 -2.63
N ARG A 41 18.14 44.95 -3.66
CA ARG A 41 17.39 45.72 -4.67
C ARG A 41 16.07 46.27 -4.13
N LEU A 42 15.64 45.85 -2.94
CA LEU A 42 14.37 46.27 -2.34
C LEU A 42 14.61 46.42 -0.83
N ARG A 43 14.63 47.64 -0.35
CA ARG A 43 14.63 47.87 1.09
C ARG A 43 13.20 48.00 1.60
N ILE A 44 13.04 47.72 2.87
CA ILE A 44 11.75 47.78 3.53
C ILE A 44 11.79 49.05 4.37
N GLY A 45 11.19 50.12 3.83
CA GLY A 45 11.11 51.40 4.49
C GLY A 45 10.11 51.49 5.64
N ALA A 46 9.12 52.35 5.49
CA ALA A 46 8.28 52.70 6.63
C ALA A 46 7.08 51.76 6.72
N LEU A 47 6.66 51.53 7.96
CA LEU A 47 5.52 50.68 8.28
C LEU A 47 4.55 51.52 9.10
N THR A 48 3.36 51.75 8.53
CA THR A 48 2.43 52.66 9.19
C THR A 48 1.08 51.99 9.46
N ALA A 49 0.36 52.60 10.41
CA ALA A 49 -0.98 52.21 10.78
C ALA A 49 -1.63 53.42 11.43
N ALA A 50 -2.96 53.44 11.43
CA ALA A 50 -3.72 54.53 12.03
C ALA A 50 -3.44 54.62 13.53
N THR A 51 -4.04 53.74 14.30
CA THR A 51 -3.79 53.66 15.73
C THR A 51 -2.41 53.03 15.97
N SER A 52 -2.14 52.69 17.22
CA SER A 52 -0.98 51.91 17.68
C SER A 52 0.34 52.33 17.06
N ALA A 53 0.52 53.62 16.81
CA ALA A 53 1.83 54.12 16.43
C ALA A 53 2.76 54.09 17.64
N GLY A 54 4.04 53.84 17.37
CA GLY A 54 5.05 53.79 18.42
C GLY A 54 5.25 52.44 19.05
N SER A 55 4.28 51.54 18.95
CA SER A 55 4.50 50.15 19.32
C SER A 55 5.36 49.48 18.25
N THR A 56 5.68 48.22 18.49
CA THR A 56 6.57 47.47 17.61
C THR A 56 5.75 46.55 16.71
N LEU A 57 6.29 46.27 15.52
CA LEU A 57 5.59 45.41 14.58
C LEU A 57 5.39 44.00 15.13
N GLY A 58 6.30 43.51 15.97
CA GLY A 58 6.14 42.19 16.55
C GLY A 58 4.95 42.06 17.48
N GLU A 59 4.52 43.17 18.09
CA GLU A 59 3.30 43.15 18.87
C GLU A 59 2.07 42.89 18.03
N HIS A 60 2.16 43.03 16.72
CA HIS A 60 1.05 42.70 15.84
C HIS A 60 1.31 41.48 14.97
N HIS A 61 2.54 41.29 14.50
CA HIS A 61 2.88 40.13 13.67
C HIS A 61 4.08 39.39 14.27
N PRO A 62 3.90 38.63 15.35
CA PRO A 62 5.02 37.86 15.90
C PRO A 62 5.59 36.78 14.96
N HIS A 63 4.97 36.53 13.80
CA HIS A 63 5.49 35.59 12.82
C HIS A 63 6.54 36.20 11.91
N LEU A 64 6.73 37.51 12.02
CA LEU A 64 7.62 38.28 11.15
C LEU A 64 8.77 38.74 12.03
N THR A 65 9.49 37.80 12.63
CA THR A 65 10.51 38.16 13.60
C THR A 65 11.69 38.94 13.01
N PRO A 66 12.04 38.78 11.72
CA PRO A 66 13.05 39.68 11.14
C PRO A 66 12.69 41.14 11.24
N LEU A 67 11.40 41.48 11.23
CA LEU A 67 10.98 42.88 11.29
C LEU A 67 10.47 43.28 12.67
N ALA A 68 10.53 42.39 13.66
CA ALA A 68 9.77 42.61 14.89
C ALA A 68 10.21 43.88 15.61
N HIS A 69 11.45 44.29 15.40
CA HIS A 69 11.97 45.45 16.09
C HIS A 69 11.42 46.77 15.53
N ARG A 70 10.94 46.79 14.28
CA ARG A 70 10.50 48.03 13.63
C ARG A 70 9.35 48.71 14.36
N VAL A 71 9.57 49.95 14.76
CA VAL A 71 8.52 50.78 15.34
C VAL A 71 7.53 51.22 14.27
N VAL A 72 6.23 51.11 14.58
CA VAL A 72 5.19 51.48 13.64
C VAL A 72 5.01 53.00 13.68
N GLU A 73 4.93 53.62 12.52
CA GLU A 73 4.78 55.06 12.46
C GLU A 73 3.36 55.46 12.07
N PRO A 74 2.98 56.72 12.35
CA PRO A 74 1.68 57.24 11.87
C PRO A 74 1.54 57.25 10.34
N THR A 75 0.30 57.04 9.90
CA THR A 75 -0.06 57.08 8.48
C THR A 75 -0.30 58.52 8.02
N GLU A 76 0.77 59.19 7.62
CA GLU A 76 0.71 60.47 6.95
C GLU A 76 1.36 60.32 5.58
N ALA A 77 1.01 61.21 4.65
CA ALA A 77 1.61 61.18 3.32
C ALA A 77 3.07 61.62 3.37
N ALA A 78 3.46 62.38 4.40
CA ALA A 78 4.85 62.67 4.75
C ALA A 78 5.66 61.39 4.91
N VAL A 79 5.47 60.72 6.06
CA VAL A 79 6.08 59.43 6.41
C VAL A 79 6.20 58.55 5.18
N LEU A 80 5.14 58.51 4.38
CA LEU A 80 5.11 57.66 3.19
C LEU A 80 5.93 58.22 2.04
N GLY A 81 6.31 59.49 2.09
CA GLY A 81 7.05 60.09 1.01
C GLY A 81 8.45 59.55 0.92
N GLY A 82 9.07 59.79 -0.22
CA GLY A 82 10.42 59.25 -0.39
C GLY A 82 10.41 57.75 -0.33
N HIS A 83 9.47 57.12 -1.02
CA HIS A 83 9.48 55.70 -1.24
C HIS A 83 9.10 55.48 -2.68
N ASP A 84 9.90 54.68 -3.39
CA ASP A 84 9.60 54.39 -4.78
C ASP A 84 8.29 53.63 -4.94
N ALA A 85 7.97 52.81 -3.95
CA ALA A 85 6.70 52.07 -3.99
C ALA A 85 6.06 52.16 -2.62
N VAL A 86 4.75 52.40 -2.57
CA VAL A 86 4.04 52.41 -1.27
C VAL A 86 2.83 51.49 -1.38
N PHE A 87 2.68 50.57 -0.43
CA PHE A 87 1.52 49.65 -0.40
C PHE A 87 0.46 50.19 0.56
N LEU A 88 -0.78 50.29 0.11
CA LEU A 88 -1.87 50.77 0.97
C LEU A 88 -2.68 49.57 1.44
N ALA A 89 -2.35 49.07 2.63
CA ALA A 89 -3.00 47.87 3.20
C ALA A 89 -4.32 48.28 3.85
N LEU A 90 -5.33 48.51 3.02
CA LEU A 90 -6.70 48.85 3.45
C LEU A 90 -7.62 48.09 2.51
N PRO A 91 -7.94 46.79 2.76
CA PRO A 91 -8.80 46.02 1.88
C PRO A 91 -10.27 46.29 2.19
N HIS A 92 -10.53 46.95 3.32
CA HIS A 92 -11.90 47.33 3.73
C HIS A 92 -11.96 48.84 3.93
N GLY A 93 -10.81 49.50 3.89
CA GLY A 93 -10.69 50.96 4.12
C GLY A 93 -10.84 51.76 2.85
N HIS A 94 -10.62 53.08 2.93
CA HIS A 94 -10.69 54.04 1.79
C HIS A 94 -9.37 54.82 1.69
N SER A 95 -8.63 54.63 0.60
CA SER A 95 -7.26 55.22 0.47
C SER A 95 -7.15 56.36 -0.55
N ALA A 96 -8.23 56.77 -1.20
CA ALA A 96 -8.18 57.82 -2.25
C ALA A 96 -7.52 59.11 -1.76
N VAL A 97 -7.76 59.53 -0.53
CA VAL A 97 -7.18 60.80 -0.01
C VAL A 97 -5.66 60.77 -0.17
N LEU A 98 -5.02 59.80 0.46
CA LEU A 98 -3.54 59.71 0.48
C LEU A 98 -2.96 59.60 -0.92
N ALA A 99 -3.54 58.73 -1.72
CA ALA A 99 -3.02 58.43 -3.05
C ALA A 99 -2.79 59.69 -3.86
N GLN A 100 -3.52 60.76 -3.57
CA GLN A 100 -3.43 62.01 -4.32
C GLN A 100 -2.65 63.09 -3.58
N GLN A 101 -1.89 62.63 -2.58
CA GLN A 101 -1.02 63.50 -1.74
C GLN A 101 0.41 62.98 -1.82
N LEU A 102 0.62 61.91 -2.60
CA LEU A 102 1.93 61.30 -2.81
C LEU A 102 2.39 61.68 -4.21
N SER A 103 3.69 61.78 -4.41
CA SER A 103 4.20 62.15 -5.75
C SER A 103 3.65 61.14 -6.74
N PRO A 104 3.09 61.55 -7.89
CA PRO A 104 2.66 60.62 -8.92
C PRO A 104 3.71 59.79 -9.69
N GLU A 105 4.99 59.87 -9.30
CA GLU A 105 6.11 59.04 -9.81
C GLU A 105 6.20 57.80 -8.91
N THR A 106 5.40 57.72 -7.86
CA THR A 106 5.38 56.56 -6.93
C THR A 106 4.53 55.43 -7.51
N LEU A 107 5.00 54.20 -7.30
CA LEU A 107 4.22 53.02 -7.70
C LEU A 107 3.25 52.80 -6.56
N ILE A 108 1.96 53.06 -6.78
CA ILE A 108 0.97 52.90 -5.70
C ILE A 108 0.18 51.62 -5.94
N ILE A 109 0.23 50.73 -4.95
CA ILE A 109 -0.54 49.46 -4.95
C ILE A 109 -1.63 49.62 -3.89
N ASP A 110 -2.87 49.78 -4.32
CA ASP A 110 -4.01 49.89 -3.41
C ASP A 110 -4.66 48.51 -3.29
N CYS A 111 -4.67 47.98 -2.07
CA CYS A 111 -5.35 46.72 -1.79
C CYS A 111 -6.84 46.92 -1.62
N GLY A 112 -7.24 48.11 -1.18
CA GLY A 112 -8.63 48.46 -1.01
C GLY A 112 -9.41 48.58 -2.32
N ALA A 113 -10.66 49.01 -2.18
CA ALA A 113 -11.53 49.01 -3.35
C ALA A 113 -11.56 50.35 -4.11
N ASP A 114 -11.03 51.44 -3.55
CA ASP A 114 -11.27 52.81 -4.07
C ASP A 114 -11.13 52.94 -5.58
N PHE A 115 -10.12 52.29 -6.16
CA PHE A 115 -9.82 52.46 -7.58
C PHE A 115 -10.07 51.20 -8.39
N ARG A 116 -10.99 50.33 -7.96
CA ARG A 116 -11.29 49.13 -8.73
C ARG A 116 -12.33 49.35 -9.82
N LEU A 117 -13.37 50.15 -9.55
CA LEU A 117 -14.59 50.12 -10.35
C LEU A 117 -14.62 51.17 -11.45
N THR A 118 -14.95 50.76 -12.66
CA THR A 118 -15.01 51.65 -13.81
C THR A 118 -16.44 52.15 -14.09
N ASP A 119 -17.23 52.33 -13.04
CA ASP A 119 -18.51 53.02 -13.16
C ASP A 119 -18.78 53.79 -11.87
N ALA A 120 -18.88 55.11 -11.97
CA ALA A 120 -19.13 55.92 -10.78
C ALA A 120 -20.47 55.60 -10.16
N ALA A 121 -21.45 55.25 -10.98
CA ALA A 121 -22.80 55.06 -10.46
C ALA A 121 -22.86 53.81 -9.60
N VAL A 122 -22.43 52.68 -10.16
CA VAL A 122 -22.25 51.44 -9.40
C VAL A 122 -21.53 51.70 -8.08
N TRP A 123 -20.49 52.54 -8.10
CA TRP A 123 -19.71 52.78 -6.88
C TRP A 123 -20.54 53.48 -5.81
N GLU A 124 -21.26 54.54 -6.19
CA GLU A 124 -21.95 55.32 -5.18
C GLU A 124 -23.03 54.49 -4.51
N ARG A 125 -23.66 53.61 -5.28
CA ARG A 125 -24.70 52.72 -4.76
C ARG A 125 -24.15 51.73 -3.73
N PHE A 126 -23.04 51.05 -4.05
CA PHE A 126 -22.55 50.04 -3.13
C PHE A 126 -21.61 50.57 -2.05
N TYR A 127 -21.08 51.80 -2.19
CA TYR A 127 -20.10 52.32 -1.24
C TYR A 127 -20.46 53.65 -0.61
N GLY A 128 -21.48 54.35 -1.13
CA GLY A 128 -21.98 55.55 -0.48
C GLY A 128 -20.92 56.60 -0.31
N SER A 129 -20.27 56.95 -1.42
CA SER A 129 -19.12 57.85 -1.44
C SER A 129 -18.86 58.20 -2.89
N SER A 130 -18.16 59.32 -3.09
CA SER A 130 -17.86 59.80 -4.44
C SER A 130 -16.76 58.96 -5.08
N HIS A 131 -17.05 58.42 -6.27
CA HIS A 131 -16.10 57.62 -7.05
C HIS A 131 -14.79 58.37 -7.30
N ALA A 132 -13.66 57.70 -7.02
CA ALA A 132 -12.35 58.32 -7.12
C ALA A 132 -11.54 57.86 -8.33
N GLY A 133 -12.04 56.93 -9.13
CA GLY A 133 -11.32 56.64 -10.35
C GLY A 133 -11.09 55.16 -10.55
N SER A 134 -10.20 54.83 -11.48
CA SER A 134 -10.08 53.48 -12.00
C SER A 134 -8.65 53.23 -12.47
N TRP A 135 -7.87 52.42 -11.67
CA TRP A 135 -6.50 51.98 -11.90
C TRP A 135 -6.48 50.63 -12.57
N PRO A 136 -5.35 50.22 -13.13
CA PRO A 136 -5.26 48.84 -13.66
C PRO A 136 -5.55 47.78 -12.59
N TYR A 137 -6.52 46.93 -12.90
CA TYR A 137 -6.83 45.76 -12.07
C TYR A 137 -5.62 44.83 -12.00
N GLY A 138 -5.08 44.67 -10.81
CA GLY A 138 -3.95 43.79 -10.62
C GLY A 138 -4.31 42.33 -10.62
N LEU A 139 -4.88 41.83 -11.72
CA LEU A 139 -5.20 40.43 -11.91
C LEU A 139 -4.62 39.97 -13.24
N PRO A 140 -3.29 39.86 -13.32
CA PRO A 140 -2.63 39.66 -14.63
C PRO A 140 -3.24 38.56 -15.51
N GLU A 141 -3.94 37.58 -14.94
CA GLU A 141 -4.42 36.44 -15.70
C GLU A 141 -5.56 36.81 -16.69
N LEU A 142 -6.40 37.79 -16.35
CA LEU A 142 -7.53 38.15 -17.22
C LEU A 142 -7.06 38.77 -18.52
N PRO A 143 -7.73 38.47 -19.64
CA PRO A 143 -7.31 39.02 -20.94
C PRO A 143 -7.01 40.51 -20.84
N GLY A 144 -5.94 40.93 -21.50
CA GLY A 144 -5.53 42.33 -21.46
C GLY A 144 -5.37 42.98 -20.10
N ALA A 145 -5.23 42.17 -19.05
CA ALA A 145 -4.90 42.70 -17.73
C ALA A 145 -3.39 42.81 -17.52
N ARG A 146 -2.64 41.83 -18.03
CA ARG A 146 -1.20 41.81 -17.83
C ARG A 146 -0.50 42.94 -18.58
N ASP A 147 -1.08 43.39 -19.71
CA ASP A 147 -0.46 44.41 -20.56
C ASP A 147 -0.52 45.79 -19.92
N GLN A 148 -1.71 46.24 -19.52
CA GLN A 148 -1.87 47.52 -18.83
C GLN A 148 -1.01 47.63 -17.58
N LEU A 149 -0.51 46.50 -17.10
CA LEU A 149 0.28 46.46 -15.89
C LEU A 149 1.75 46.67 -16.17
N ARG A 150 2.28 46.07 -17.24
CA ARG A 150 3.70 46.17 -17.59
C ARG A 150 4.16 47.62 -17.51
N GLY A 151 4.95 47.96 -16.51
CA GLY A 151 5.39 49.33 -16.33
C GLY A 151 4.48 50.21 -15.51
N THR A 152 3.24 49.79 -15.22
CA THR A 152 2.25 50.70 -14.63
C THR A 152 2.68 51.17 -13.25
N ARG A 153 2.45 52.44 -12.96
CA ARG A 153 2.79 53.00 -11.66
C ARG A 153 1.56 53.15 -10.77
N ARG A 154 0.46 52.51 -11.17
CA ARG A 154 -0.81 52.61 -10.40
C ARG A 154 -1.50 51.25 -10.46
N ILE A 155 -1.77 50.65 -9.30
CA ILE A 155 -2.41 49.30 -9.31
C ILE A 155 -3.63 49.27 -8.40
N ALA A 156 -4.72 48.71 -8.89
CA ALA A 156 -5.92 48.50 -8.06
C ALA A 156 -5.89 47.01 -7.75
N VAL A 157 -5.79 46.63 -6.49
CA VAL A 157 -5.74 45.17 -6.20
C VAL A 157 -7.16 44.63 -6.10
N PRO A 158 -7.49 43.51 -6.76
CA PRO A 158 -8.82 42.96 -6.72
C PRO A 158 -9.21 42.40 -5.34
N GLY A 159 -10.50 42.25 -5.10
CA GLY A 159 -10.96 41.67 -3.82
C GLY A 159 -10.77 40.17 -3.84
N CYS A 160 -10.72 39.54 -2.67
CA CYS A 160 -10.49 38.09 -2.63
C CYS A 160 -11.57 37.35 -3.43
N TYR A 161 -12.82 37.52 -3.06
CA TYR A 161 -13.93 36.82 -3.76
C TYR A 161 -13.87 37.11 -5.25
N PRO A 162 -13.83 38.38 -5.68
CA PRO A 162 -13.76 38.73 -7.10
C PRO A 162 -12.66 37.96 -7.83
N THR A 163 -11.46 37.90 -7.26
CA THR A 163 -10.37 37.18 -7.95
C THR A 163 -10.72 35.72 -8.20
N ALA A 164 -11.36 35.07 -7.23
CA ALA A 164 -11.70 33.64 -7.36
C ALA A 164 -12.75 33.41 -8.45
N ALA A 165 -13.92 34.00 -8.26
CA ALA A 165 -15.04 33.85 -9.21
C ALA A 165 -14.57 34.17 -10.63
N LEU A 166 -13.93 35.32 -10.80
CA LEU A 166 -13.43 35.73 -12.14
C LEU A 166 -12.53 34.65 -12.72
N LEU A 167 -11.60 34.13 -11.92
CA LEU A 167 -10.65 33.12 -12.40
C LEU A 167 -11.35 31.84 -12.86
N ALA A 168 -12.46 31.48 -12.23
CA ALA A 168 -13.11 30.21 -12.60
C ALA A 168 -14.12 30.39 -13.72
N LEU A 169 -14.62 31.59 -13.96
CA LEU A 169 -15.71 31.70 -14.97
C LEU A 169 -15.26 32.31 -16.29
N PHE A 170 -14.34 33.27 -16.26
CA PHE A 170 -14.06 34.02 -17.48
C PHE A 170 -13.63 33.20 -18.69
N PRO A 171 -12.82 32.14 -18.60
CA PRO A 171 -12.42 31.46 -19.85
C PRO A 171 -13.61 30.94 -20.65
N ALA A 172 -14.74 30.72 -19.98
CA ALA A 172 -15.93 30.13 -20.58
C ALA A 172 -16.97 31.16 -21.01
N LEU A 173 -17.16 32.23 -20.24
CA LEU A 173 -17.89 33.37 -20.74
C LEU A 173 -17.20 33.94 -21.98
N ALA A 174 -15.87 34.06 -21.90
CA ALA A 174 -15.06 34.66 -22.98
C ALA A 174 -15.21 33.90 -24.28
N ALA A 175 -15.37 32.58 -24.21
CA ALA A 175 -15.51 31.78 -25.45
C ALA A 175 -16.98 31.58 -25.81
N ASP A 176 -17.89 32.32 -25.19
CA ASP A 176 -19.35 32.20 -25.44
C ASP A 176 -19.76 30.74 -25.30
N LEU A 177 -19.35 30.09 -24.20
CA LEU A 177 -19.69 28.66 -24.00
C LEU A 177 -20.48 28.54 -22.70
N ILE A 178 -21.07 29.64 -22.23
CA ILE A 178 -21.98 29.72 -21.05
C ILE A 178 -22.78 31.02 -21.16
N GLU A 179 -23.94 31.11 -20.50
CA GLU A 179 -24.76 32.33 -20.56
C GLU A 179 -24.19 33.35 -19.58
N PRO A 180 -24.51 34.65 -19.71
CA PRO A 180 -23.98 35.67 -18.81
C PRO A 180 -24.76 35.83 -17.50
N ALA A 181 -25.48 34.80 -17.07
CA ALA A 181 -26.14 34.84 -15.77
C ALA A 181 -25.43 33.81 -14.87
N VAL A 182 -24.50 34.27 -14.02
CA VAL A 182 -23.62 33.39 -13.26
C VAL A 182 -24.00 33.42 -11.79
N THR A 183 -23.94 32.25 -11.14
CA THR A 183 -24.08 32.12 -9.69
C THR A 183 -22.73 31.77 -9.06
N VAL A 184 -22.42 32.46 -7.97
CA VAL A 184 -21.16 32.28 -7.27
C VAL A 184 -21.48 32.21 -5.79
N VAL A 185 -21.15 31.08 -5.16
CA VAL A 185 -21.23 30.90 -3.72
C VAL A 185 -19.85 30.53 -3.21
N ALA A 186 -19.29 31.38 -2.36
CA ALA A 186 -17.90 31.28 -1.97
C ALA A 186 -17.81 31.16 -0.47
N VAL A 187 -17.00 30.18 0.01
CA VAL A 187 -16.66 30.10 1.43
C VAL A 187 -15.31 30.78 1.61
N SER A 188 -15.11 31.35 2.79
CA SER A 188 -13.90 32.10 3.03
C SER A 188 -13.53 32.00 4.50
N GLY A 189 -12.22 31.99 4.77
CA GLY A 189 -11.76 32.16 6.13
C GLY A 189 -12.01 33.57 6.64
N THR A 190 -11.98 33.73 7.96
CA THR A 190 -12.29 34.94 8.70
C THR A 190 -11.24 36.03 8.53
N SER A 191 -10.14 35.74 7.84
CA SER A 191 -9.09 36.73 7.73
C SER A 191 -9.42 37.78 6.67
N GLY A 192 -10.20 37.40 5.66
CA GLY A 192 -10.70 38.37 4.71
C GLY A 192 -11.58 39.41 5.37
N ALA A 193 -12.11 39.12 6.54
CA ALA A 193 -12.87 40.10 7.29
C ALA A 193 -11.98 41.06 8.03
N GLY A 194 -10.69 41.04 7.78
CA GLY A 194 -9.81 42.00 8.39
C GLY A 194 -9.67 41.79 9.88
N ARG A 195 -8.96 42.72 10.48
CA ARG A 195 -8.50 42.51 11.84
C ARG A 195 -9.24 43.38 12.85
N ALA A 196 -10.36 43.98 12.45
CA ALA A 196 -11.14 44.79 13.38
C ALA A 196 -11.83 43.89 14.40
N ALA A 197 -11.58 44.16 15.68
CA ALA A 197 -12.15 43.32 16.73
C ALA A 197 -13.65 43.57 16.82
N THR A 198 -14.44 42.72 16.18
CA THR A 198 -15.88 42.73 16.34
C THR A 198 -16.35 41.39 16.87
N THR A 199 -17.35 41.44 17.77
CA THR A 199 -17.91 40.26 18.43
C THR A 199 -18.15 39.11 17.46
N ASP A 200 -18.88 39.36 16.41
CA ASP A 200 -19.14 38.22 15.53
C ASP A 200 -17.91 37.71 14.81
N LEU A 201 -16.72 38.20 15.12
CA LEU A 201 -15.50 37.65 14.55
C LEU A 201 -14.60 37.04 15.63
N LEU A 202 -15.09 36.90 16.86
CA LEU A 202 -14.35 36.19 17.90
C LEU A 202 -14.30 34.70 17.60
N GLY A 203 -13.23 34.05 18.10
CA GLY A 203 -12.99 32.64 17.82
C GLY A 203 -14.10 31.73 18.30
N ALA A 204 -14.60 31.98 19.52
CA ALA A 204 -15.77 31.27 20.02
C ALA A 204 -16.93 31.29 19.03
N GLU A 205 -17.21 32.46 18.44
CA GLU A 205 -18.28 32.58 17.44
C GLU A 205 -17.95 31.85 16.15
N VAL A 206 -16.77 32.05 15.59
CA VAL A 206 -16.63 31.54 14.24
C VAL A 206 -16.31 30.07 14.24
N ILE A 207 -15.68 29.57 15.31
CA ILE A 207 -15.36 28.16 15.40
C ILE A 207 -16.66 27.39 15.57
N GLY A 208 -16.82 26.34 14.74
CA GLY A 208 -17.98 25.47 14.83
C GLY A 208 -19.26 26.07 14.33
N SER A 209 -19.16 26.97 13.35
CA SER A 209 -20.32 27.64 12.79
C SER A 209 -19.97 28.02 11.36
N ALA A 210 -21.01 28.38 10.63
CA ALA A 210 -20.87 28.84 9.26
C ALA A 210 -22.15 29.62 8.98
N ARG A 211 -21.98 30.87 8.51
CA ARG A 211 -23.11 31.75 8.27
C ARG A 211 -22.90 32.49 6.96
N ALA A 212 -23.98 32.62 6.20
CA ALA A 212 -23.92 33.45 4.98
C ALA A 212 -24.03 34.89 5.44
N TYR A 213 -23.43 35.82 4.71
CA TYR A 213 -23.57 37.22 5.16
C TYR A 213 -23.72 38.12 3.95
N ASN A 214 -24.33 39.29 4.17
CA ASN A 214 -24.60 40.32 3.12
C ASN A 214 -25.14 39.59 1.90
N ILE A 215 -26.34 38.99 1.96
CA ILE A 215 -26.84 38.22 0.78
C ILE A 215 -27.76 39.06 -0.11
N ALA A 216 -28.13 38.47 -1.26
CA ALA A 216 -29.05 38.96 -2.31
C ALA A 216 -28.43 40.10 -3.13
N GLY A 217 -27.16 40.00 -3.45
CA GLY A 217 -26.48 41.00 -4.29
C GLY A 217 -26.21 42.30 -3.55
N VAL A 218 -26.23 42.29 -2.21
CA VAL A 218 -25.96 43.55 -1.45
C VAL A 218 -24.47 43.60 -1.09
N HIS A 219 -23.70 42.63 -1.53
CA HIS A 219 -22.25 42.59 -1.23
C HIS A 219 -21.47 43.35 -2.31
N ARG A 220 -20.81 44.40 -1.88
CA ARG A 220 -19.93 45.23 -2.73
C ARG A 220 -19.01 44.45 -3.67
N HIS A 221 -18.86 43.14 -3.50
CA HIS A 221 -18.07 42.39 -4.48
C HIS A 221 -18.90 41.87 -5.65
N THR A 222 -20.23 41.81 -5.49
CA THR A 222 -21.11 41.45 -6.60
C THR A 222 -20.86 42.26 -7.87
N PRO A 223 -20.84 43.61 -7.84
CA PRO A 223 -20.66 44.35 -9.10
C PRO A 223 -19.27 44.24 -9.66
N GLU A 224 -18.29 43.93 -8.81
CA GLU A 224 -16.92 43.76 -9.25
C GLU A 224 -16.78 42.48 -10.07
N ILE A 225 -17.52 41.42 -9.70
CA ILE A 225 -17.48 40.19 -10.51
C ILE A 225 -18.20 40.42 -11.82
N ALA A 226 -19.36 41.07 -11.77
CA ALA A 226 -20.03 41.55 -12.98
C ALA A 226 -19.09 42.39 -13.82
N GLN A 227 -18.42 43.37 -13.19
CA GLN A 227 -17.51 44.23 -13.94
C GLN A 227 -16.46 43.40 -14.68
N GLY A 228 -15.69 42.59 -13.95
CA GLY A 228 -14.62 41.84 -14.58
C GLY A 228 -15.12 40.86 -15.61
N LEU A 229 -16.27 40.24 -15.35
CA LEU A 229 -16.84 39.33 -16.34
C LEU A 229 -17.23 40.05 -17.63
N ARG A 230 -17.68 41.32 -17.53
CA ARG A 230 -18.25 41.98 -18.72
C ARG A 230 -17.18 42.30 -19.76
N ALA A 231 -15.94 42.49 -19.32
CA ALA A 231 -14.81 42.71 -20.21
C ALA A 231 -14.50 41.51 -21.09
N VAL A 232 -15.17 40.36 -20.94
CA VAL A 232 -14.88 39.22 -21.79
C VAL A 232 -16.07 38.83 -22.65
N THR A 233 -17.10 39.68 -22.71
CA THR A 233 -18.30 39.37 -23.48
C THR A 233 -18.97 40.70 -23.89
N ASP A 234 -20.17 40.60 -24.48
CA ASP A 234 -20.95 41.75 -24.92
C ASP A 234 -22.29 41.87 -24.22
N ARG A 235 -22.93 40.75 -23.89
CA ARG A 235 -24.14 40.77 -23.10
C ARG A 235 -23.87 41.49 -21.79
N ASP A 236 -24.94 42.02 -21.18
CA ASP A 236 -24.84 42.33 -19.77
C ASP A 236 -24.61 41.03 -19.02
N VAL A 237 -24.17 41.13 -17.77
CA VAL A 237 -23.94 39.93 -16.97
C VAL A 237 -24.61 40.09 -15.61
N SER A 238 -25.35 39.06 -15.20
CA SER A 238 -26.16 39.01 -13.98
C SER A 238 -25.47 38.06 -13.00
N VAL A 239 -25.06 38.60 -11.85
CA VAL A 239 -24.24 37.87 -10.89
C VAL A 239 -25.04 37.67 -9.60
N SER A 240 -25.35 36.41 -9.31
CA SER A 240 -25.92 36.05 -7.99
C SER A 240 -24.73 35.63 -7.12
N PHE A 241 -24.26 36.52 -6.25
CA PHE A 241 -23.06 36.23 -5.42
C PHE A 241 -23.43 36.08 -3.95
N THR A 242 -23.02 34.97 -3.36
CA THR A 242 -23.32 34.67 -1.94
C THR A 242 -22.02 34.30 -1.22
N PRO A 243 -21.61 35.04 -0.19
CA PRO A 243 -20.41 34.74 0.56
C PRO A 243 -20.75 34.03 1.88
N VAL A 244 -19.91 33.09 2.30
CA VAL A 244 -20.15 32.36 3.58
C VAL A 244 -18.87 32.36 4.41
N LEU A 245 -19.02 32.56 5.71
CA LEU A 245 -17.86 32.53 6.63
C LEU A 245 -17.74 31.11 7.18
N ILE A 246 -16.55 30.53 7.15
CA ILE A 246 -16.40 29.15 7.68
C ILE A 246 -15.24 29.15 8.68
N PRO A 247 -15.18 28.19 9.63
CA PRO A 247 -14.11 28.13 10.61
C PRO A 247 -12.71 27.85 10.05
N ALA A 248 -12.10 28.87 9.44
CA ALA A 248 -10.74 28.81 8.89
C ALA A 248 -10.19 30.23 8.91
N SER A 249 -8.86 30.39 9.03
CA SER A 249 -8.26 31.73 9.08
C SER A 249 -7.93 32.20 7.67
N ARG A 250 -7.65 31.28 6.77
CA ARG A 250 -7.33 31.63 5.37
C ARG A 250 -8.09 30.70 4.43
N GLY A 251 -8.34 31.14 3.20
CA GLY A 251 -8.97 30.25 2.22
C GLY A 251 -10.22 30.79 1.56
N ILE A 252 -10.32 30.58 0.25
CA ILE A 252 -11.52 30.96 -0.53
C ILE A 252 -11.78 29.86 -1.56
N LEU A 253 -12.93 29.19 -1.44
CA LEU A 253 -13.30 28.17 -2.44
C LEU A 253 -14.62 28.62 -3.07
N ALA A 254 -14.55 29.15 -4.29
CA ALA A 254 -15.78 29.65 -4.93
C ALA A 254 -16.40 28.58 -5.81
N THR A 255 -17.71 28.37 -5.65
CA THR A 255 -18.49 27.46 -6.50
C THR A 255 -19.26 28.36 -7.46
N CYS A 256 -18.94 28.26 -8.75
CA CYS A 256 -19.50 29.12 -9.79
C CYS A 256 -20.29 28.28 -10.78
N THR A 257 -21.59 28.59 -10.90
CA THR A 257 -22.47 27.90 -11.84
C THR A 257 -23.03 28.89 -12.84
N ALA A 258 -23.47 28.33 -13.97
CA ALA A 258 -23.98 29.06 -15.11
C ALA A 258 -24.56 28.04 -16.08
N ARG A 259 -25.74 28.35 -16.64
CA ARG A 259 -26.38 27.45 -17.58
C ARG A 259 -25.67 27.51 -18.94
N THR A 260 -25.62 26.38 -19.61
CA THR A 260 -24.91 26.22 -20.88
C THR A 260 -25.58 25.08 -21.64
N ARG A 261 -25.28 24.98 -22.93
CA ARG A 261 -25.50 23.74 -23.66
C ARG A 261 -24.22 23.28 -24.37
N SER A 262 -23.07 23.85 -24.01
CA SER A 262 -21.80 23.34 -24.51
C SER A 262 -21.54 21.92 -23.99
N PRO A 263 -20.80 21.11 -24.74
CA PRO A 263 -20.28 19.85 -24.17
C PRO A 263 -19.04 20.12 -23.35
N LEU A 264 -18.81 19.25 -22.36
CA LEU A 264 -17.71 19.43 -21.41
C LEU A 264 -16.37 19.51 -22.14
N SER A 265 -16.15 18.65 -23.15
CA SER A 265 -14.86 18.61 -23.80
C SER A 265 -14.54 19.93 -24.48
N GLN A 266 -15.57 20.62 -24.95
CA GLN A 266 -15.35 21.95 -25.49
C GLN A 266 -14.96 22.90 -24.37
N LEU A 267 -15.64 22.77 -23.23
CA LEU A 267 -15.41 23.66 -22.10
C LEU A 267 -14.03 23.46 -21.52
N ARG A 268 -13.62 22.20 -21.29
CA ARG A 268 -12.27 21.94 -20.81
C ARG A 268 -11.24 22.50 -21.80
N ALA A 269 -11.53 22.37 -23.10
CA ALA A 269 -10.69 22.98 -24.13
C ALA A 269 -10.49 24.47 -23.89
N ALA A 270 -11.58 25.18 -23.60
CA ALA A 270 -11.47 26.59 -23.25
C ALA A 270 -10.46 26.79 -22.12
N TYR A 271 -10.60 26.01 -21.03
CA TYR A 271 -9.83 26.30 -19.82
C TYR A 271 -8.35 25.98 -19.99
N GLU A 272 -8.03 24.90 -20.68
CA GLU A 272 -6.62 24.65 -20.98
C GLU A 272 -6.03 25.78 -21.82
N LYS A 273 -6.77 26.23 -22.85
CA LYS A 273 -6.27 27.31 -23.70
C LYS A 273 -6.06 28.59 -22.90
N ALA A 274 -7.03 28.92 -22.04
CA ALA A 274 -6.93 30.13 -21.24
C ALA A 274 -5.79 30.08 -20.23
N TYR A 275 -5.27 28.86 -19.92
CA TYR A 275 -4.45 28.68 -18.73
C TYR A 275 -3.20 27.82 -18.90
N HIS A 276 -2.79 27.47 -20.12
CA HIS A 276 -1.66 26.55 -20.27
C HIS A 276 -0.32 27.21 -19.98
N ALA A 277 -0.23 28.53 -20.19
CA ALA A 277 0.98 29.29 -19.92
C ALA A 277 0.80 30.25 -18.75
N GLU A 278 -0.19 30.02 -17.90
CA GLU A 278 -0.38 30.83 -16.71
C GLU A 278 0.26 30.10 -15.52
N PRO A 279 1.42 30.56 -15.04
CA PRO A 279 2.14 29.80 -14.01
C PRO A 279 1.47 29.76 -12.65
N PHE A 280 0.64 30.74 -12.30
CA PHE A 280 -0.05 30.72 -11.01
C PHE A 280 -1.38 29.99 -11.06
N ILE A 281 -1.74 29.40 -12.19
CA ILE A 281 -3.07 28.83 -12.35
C ILE A 281 -2.92 27.38 -12.75
N TYR A 282 -3.53 26.50 -11.94
CA TYR A 282 -3.36 25.06 -12.05
C TYR A 282 -4.73 24.43 -12.29
N LEU A 283 -4.87 23.76 -13.42
CA LEU A 283 -6.07 22.97 -13.69
C LEU A 283 -5.93 21.60 -13.04
N MET A 284 -6.96 21.20 -12.30
CA MET A 284 -6.97 19.88 -11.67
C MET A 284 -7.07 18.79 -12.74
N PRO A 285 -6.27 17.74 -12.66
CA PRO A 285 -6.48 16.60 -13.55
C PRO A 285 -7.92 16.11 -13.48
N GLU A 286 -8.36 15.42 -14.53
CA GLU A 286 -9.68 14.81 -14.59
C GLU A 286 -10.03 14.11 -13.29
N GLY A 287 -11.20 14.42 -12.74
CA GLY A 287 -11.65 13.73 -11.54
C GLY A 287 -11.09 14.26 -10.23
N GLN A 288 -10.26 15.30 -10.26
CA GLN A 288 -9.76 15.92 -9.05
C GLN A 288 -10.43 17.27 -8.85
N LEU A 289 -10.56 17.66 -7.59
CA LEU A 289 -11.18 18.91 -7.23
C LEU A 289 -10.22 19.72 -6.35
N PRO A 290 -10.28 21.04 -6.40
CA PRO A 290 -9.39 21.82 -5.55
C PRO A 290 -9.84 21.73 -4.10
N ARG A 291 -8.93 22.13 -3.19
CA ARG A 291 -9.24 22.33 -1.78
C ARG A 291 -8.47 23.56 -1.32
N THR A 292 -8.97 24.23 -0.29
CA THR A 292 -8.28 25.47 0.09
C THR A 292 -6.94 25.16 0.74
N GLY A 293 -6.91 24.20 1.66
CA GLY A 293 -5.64 23.80 2.26
C GLY A 293 -4.51 23.56 1.27
N ALA A 294 -4.83 23.15 0.04
CA ALA A 294 -3.76 22.90 -0.92
C ALA A 294 -3.07 24.16 -1.41
N VAL A 295 -3.59 25.36 -1.14
CA VAL A 295 -3.00 26.56 -1.71
C VAL A 295 -2.63 27.60 -0.66
N ILE A 296 -3.11 27.48 0.58
CA ILE A 296 -2.69 28.33 1.72
C ILE A 296 -1.19 28.63 1.63
N GLY A 297 -0.83 29.92 1.79
CA GLY A 297 0.55 30.34 1.66
C GLY A 297 1.01 30.60 0.23
N SER A 298 0.43 29.94 -0.77
CA SER A 298 0.88 30.02 -2.14
C SER A 298 0.09 31.07 -2.92
N ASN A 299 0.73 31.63 -3.94
CA ASN A 299 0.02 32.49 -4.86
C ASN A 299 -0.78 31.74 -5.90
N ALA A 300 -1.14 30.49 -5.62
CA ALA A 300 -1.74 29.65 -6.66
C ALA A 300 -3.26 29.73 -6.61
N ALA A 301 -3.87 29.29 -7.70
CA ALA A 301 -5.30 29.02 -7.75
C ALA A 301 -5.46 27.64 -8.32
N HIS A 302 -6.36 26.86 -7.73
CA HIS A 302 -6.67 25.53 -8.23
C HIS A 302 -8.08 25.53 -8.79
N ILE A 303 -8.25 24.95 -9.98
CA ILE A 303 -9.45 25.13 -10.80
C ILE A 303 -9.91 23.80 -11.35
N ALA A 304 -11.20 23.52 -11.19
CA ALA A 304 -11.86 22.39 -11.85
C ALA A 304 -13.08 22.92 -12.55
N VAL A 305 -13.55 22.18 -13.57
CA VAL A 305 -14.79 22.51 -14.28
C VAL A 305 -15.52 21.24 -14.63
N ALA A 306 -16.85 21.30 -14.55
CA ALA A 306 -17.73 20.16 -14.81
C ALA A 306 -19.02 20.65 -15.45
N VAL A 307 -19.82 19.70 -15.96
CA VAL A 307 -21.14 19.99 -16.49
C VAL A 307 -22.17 19.15 -15.76
N ASP A 308 -23.06 19.80 -15.02
CA ASP A 308 -24.31 19.17 -14.62
C ASP A 308 -25.20 19.09 -15.86
N GLU A 309 -25.40 17.89 -16.40
CA GLU A 309 -26.16 17.78 -17.64
C GLU A 309 -27.66 17.74 -17.37
N ASP A 310 -28.11 16.90 -16.43
CA ASP A 310 -29.52 16.86 -16.04
C ASP A 310 -30.04 18.21 -15.57
N ALA A 311 -29.14 19.16 -15.26
CA ALA A 311 -29.50 20.52 -14.88
C ALA A 311 -29.09 21.54 -15.93
N GLN A 312 -28.45 21.12 -17.02
CA GLN A 312 -27.97 22.00 -18.07
C GLN A 312 -27.17 23.16 -17.45
N THR A 313 -26.33 22.83 -16.47
CA THR A 313 -25.55 23.84 -15.76
C THR A 313 -24.06 23.55 -15.92
N PHE A 314 -23.27 24.62 -15.96
CA PHE A 314 -21.81 24.51 -15.96
C PHE A 314 -21.30 24.93 -14.59
N VAL A 315 -20.42 24.09 -14.02
CA VAL A 315 -19.91 24.23 -12.67
C VAL A 315 -18.40 24.41 -12.74
N ALA A 316 -17.90 25.46 -12.07
CA ALA A 316 -16.47 25.72 -11.91
C ALA A 316 -16.13 25.91 -10.43
N ILE A 317 -14.97 25.39 -10.01
CA ILE A 317 -14.46 25.52 -8.64
C ILE A 317 -13.08 26.16 -8.70
N ALA A 318 -12.90 27.20 -7.91
CA ALA A 318 -11.59 27.86 -7.81
C ALA A 318 -11.22 27.88 -6.34
N ALA A 319 -9.96 27.63 -6.03
CA ALA A 319 -9.52 27.67 -4.62
C ALA A 319 -8.23 28.46 -4.54
N ILE A 320 -8.24 29.54 -3.78
CA ILE A 320 -7.00 30.36 -3.60
C ILE A 320 -6.91 30.76 -2.14
N ASP A 321 -5.77 31.33 -1.79
CA ASP A 321 -5.58 31.88 -0.43
C ASP A 321 -6.09 33.31 -0.54
N ASN A 322 -6.91 33.74 0.40
CA ASN A 322 -7.50 35.10 0.35
C ASN A 322 -6.47 36.19 0.66
N LEU A 323 -5.35 35.85 1.29
CA LEU A 323 -4.32 36.86 1.64
C LEU A 323 -3.18 36.84 0.63
N VAL A 324 -3.06 35.79 -0.15
CA VAL A 324 -1.94 35.74 -1.13
C VAL A 324 -2.48 36.13 -2.51
N LYS A 325 -3.02 35.18 -3.25
CA LYS A 325 -3.56 35.46 -4.61
C LYS A 325 -4.71 36.44 -4.53
N GLY A 326 -5.52 36.36 -3.48
CA GLY A 326 -6.64 37.29 -3.30
C GLY A 326 -6.17 38.63 -2.81
N THR A 327 -4.93 38.75 -2.31
CA THR A 327 -4.51 40.09 -1.83
C THR A 327 -3.02 40.37 -2.06
N ALA A 328 -2.18 40.06 -1.08
CA ALA A 328 -0.79 40.46 -1.09
C ALA A 328 -0.03 39.79 -2.20
N GLY A 329 -0.41 38.55 -2.53
CA GLY A 329 0.23 37.88 -3.65
C GLY A 329 -0.03 38.58 -4.97
N ALA A 330 -1.32 38.90 -5.23
CA ALA A 330 -1.67 39.73 -6.38
C ALA A 330 -0.97 41.07 -6.32
N ALA A 331 -0.97 41.71 -5.14
CA ALA A 331 -0.30 43.00 -5.04
C ALA A 331 1.16 42.87 -5.44
N VAL A 332 1.85 41.86 -4.90
CA VAL A 332 3.26 41.67 -5.22
C VAL A 332 3.42 41.19 -6.66
N GLN A 333 2.48 40.36 -7.14
CA GLN A 333 2.58 39.86 -8.51
C GLN A 333 2.47 41.00 -9.51
N SER A 334 1.67 42.01 -9.17
CA SER A 334 1.56 43.17 -10.01
C SER A 334 2.63 44.20 -9.71
N MET A 335 3.28 44.13 -8.54
CA MET A 335 4.49 44.93 -8.33
C MET A 335 5.63 44.44 -9.20
N ASN A 336 5.72 43.12 -9.43
CA ASN A 336 6.80 42.61 -10.27
C ASN A 336 6.61 43.07 -11.70
N LEU A 337 5.36 43.01 -12.21
CA LEU A 337 5.03 43.49 -13.55
C LEU A 337 5.19 44.99 -13.64
N ALA A 338 5.04 45.70 -12.53
CA ALA A 338 5.13 47.15 -12.54
C ALA A 338 6.57 47.66 -12.53
N LEU A 339 7.50 46.92 -11.92
CA LEU A 339 8.91 47.28 -11.93
C LEU A 339 9.71 46.49 -12.97
N GLY A 340 9.03 45.82 -13.90
CA GLY A 340 9.70 45.04 -14.95
C GLY A 340 10.50 43.84 -14.47
N TRP A 341 10.27 43.38 -13.23
CA TRP A 341 10.90 42.22 -12.61
C TRP A 341 10.16 40.96 -13.00
N PRO A 342 10.76 39.78 -12.85
CA PRO A 342 10.06 38.54 -13.18
C PRO A 342 8.75 38.42 -12.39
N GLU A 343 7.68 38.04 -13.10
CA GLU A 343 6.35 38.06 -12.51
C GLU A 343 6.26 37.13 -11.30
N THR A 344 6.91 35.98 -11.36
CA THR A 344 6.81 35.04 -10.24
C THR A 344 7.78 35.36 -9.11
N ASP A 345 8.53 36.45 -9.18
CA ASP A 345 9.47 36.75 -8.09
C ASP A 345 8.73 36.95 -6.77
N GLY A 346 9.03 36.09 -5.81
CA GLY A 346 8.50 36.18 -4.46
C GLY A 346 7.30 35.29 -4.21
N LEU A 347 6.80 34.63 -5.24
CA LEU A 347 5.51 33.97 -5.19
C LEU A 347 5.70 32.48 -5.41
N SER A 348 5.41 31.68 -4.40
CA SER A 348 5.47 30.25 -4.56
C SER A 348 4.16 29.75 -5.13
N VAL A 349 4.22 28.60 -5.77
CA VAL A 349 2.99 27.92 -6.25
C VAL A 349 2.68 26.76 -5.31
N VAL A 350 3.56 26.49 -4.34
CA VAL A 350 3.42 25.36 -3.40
C VAL A 350 2.81 25.85 -2.09
N GLY A 351 1.72 25.23 -1.68
CA GLY A 351 1.02 25.62 -0.44
C GLY A 351 1.58 24.92 0.77
N VAL A 352 1.20 25.39 1.94
CA VAL A 352 1.67 24.79 3.21
C VAL A 352 0.55 23.92 3.77
N ALA A 353 0.46 22.67 3.32
CA ALA A 353 -0.55 21.74 3.84
C ALA A 353 0.16 20.63 4.60
N PRO A 354 -0.46 19.97 5.60
CA PRO A 354 -1.76 20.38 6.12
C PRO A 354 -1.65 21.44 7.22
N ALA B 11 26.03 17.42 -8.03
CA ALA B 11 24.56 17.29 -8.17
C ALA B 11 24.10 16.13 -7.29
N THR B 12 23.21 16.43 -6.34
CA THR B 12 22.74 15.39 -5.40
C THR B 12 21.32 14.94 -5.74
N LYS B 13 21.16 13.71 -6.21
CA LYS B 13 19.82 13.16 -6.49
C LYS B 13 19.29 12.71 -5.13
N VAL B 14 18.10 13.17 -4.73
CA VAL B 14 17.61 12.79 -3.38
C VAL B 14 16.40 11.88 -3.49
N ALA B 15 16.28 10.87 -2.66
CA ALA B 15 15.07 10.05 -2.78
C ALA B 15 14.20 10.26 -1.53
N VAL B 16 12.94 9.86 -1.57
CA VAL B 16 12.12 10.05 -0.35
C VAL B 16 11.28 8.80 -0.14
N ALA B 17 11.55 8.08 0.94
CA ALA B 17 10.75 6.88 1.27
C ALA B 17 9.53 7.34 2.05
N GLY B 18 8.36 6.80 1.75
CA GLY B 18 7.13 7.21 2.43
C GLY B 18 6.79 8.65 2.09
N ALA B 19 6.97 9.03 0.83
CA ALA B 19 6.67 10.39 0.39
C ALA B 19 5.21 10.75 0.56
N SER B 20 4.34 9.76 0.59
CA SER B 20 2.91 10.07 0.61
C SER B 20 2.40 10.42 2.01
N GLY B 21 3.29 10.53 3.00
CA GLY B 21 2.90 10.94 4.33
C GLY B 21 3.16 12.42 4.60
N TYR B 22 2.62 12.89 5.71
CA TYR B 22 2.83 14.26 6.16
C TYR B 22 4.30 14.59 6.25
N ALA B 23 5.11 13.68 6.80
CA ALA B 23 6.53 13.92 6.90
C ALA B 23 7.14 14.09 5.53
N GLY B 24 6.82 13.16 4.61
CA GLY B 24 7.40 13.23 3.28
C GLY B 24 6.95 14.47 2.51
N GLY B 25 5.64 14.72 2.48
CA GLY B 25 5.16 15.94 1.88
C GLY B 25 5.91 17.17 2.34
N GLU B 26 6.28 17.19 3.63
CA GLU B 26 6.94 18.39 4.11
C GLU B 26 8.39 18.44 3.68
N ILE B 27 9.02 17.30 3.35
CA ILE B 27 10.40 17.37 2.89
C ILE B 27 10.46 17.90 1.47
N LEU B 28 9.52 17.44 0.62
CA LEU B 28 9.51 17.84 -0.79
C LEU B 28 9.17 19.32 -0.94
N ARG B 29 8.28 19.79 -0.10
CA ARG B 29 7.90 21.23 -0.10
C ARG B 29 9.15 22.03 0.23
N LEU B 30 9.90 21.58 1.22
CA LEU B 30 11.11 22.32 1.64
C LEU B 30 12.16 22.17 0.55
N LEU B 31 12.22 21.01 -0.08
CA LEU B 31 13.22 20.78 -1.14
C LEU B 31 12.93 21.72 -2.32
N LEU B 32 11.66 21.95 -2.66
CA LEU B 32 11.35 22.84 -3.81
C LEU B 32 11.78 24.27 -3.52
N GLY B 33 11.75 24.72 -2.28
CA GLY B 33 12.15 26.11 -1.99
C GLY B 33 13.63 26.21 -1.73
N HIS B 34 14.31 25.07 -1.64
CA HIS B 34 15.77 25.07 -1.39
C HIS B 34 16.47 25.77 -2.55
N PRO B 35 17.49 26.62 -2.30
CA PRO B 35 18.15 27.35 -3.38
C PRO B 35 19.03 26.48 -4.29
N ALA B 36 19.40 25.29 -3.82
CA ALA B 36 20.20 24.34 -4.61
C ALA B 36 19.30 23.53 -5.53
N TYR B 37 17.98 23.66 -5.34
CA TYR B 37 17.03 22.99 -6.26
C TYR B 37 16.68 23.95 -7.39
N ALA B 38 17.06 25.22 -7.24
CA ALA B 38 16.82 26.20 -8.30
C ALA B 38 18.03 26.16 -9.23
N ASP B 39 19.23 26.27 -8.65
CA ASP B 39 20.50 26.26 -9.41
C ASP B 39 20.78 24.85 -9.93
N GLY B 40 20.13 23.84 -9.37
CA GLY B 40 20.27 22.47 -9.91
C GLY B 40 21.33 21.60 -9.26
N ARG B 41 21.78 21.91 -8.04
CA ARG B 41 22.80 21.05 -7.39
C ARG B 41 22.09 19.90 -6.69
N LEU B 42 20.78 20.02 -6.49
CA LEU B 42 19.94 19.00 -5.83
C LEU B 42 18.87 18.59 -6.84
N ARG B 43 18.47 17.32 -6.81
CA ARG B 43 17.42 16.82 -7.72
C ARG B 43 16.56 15.80 -6.97
N ILE B 44 15.24 15.88 -7.12
CA ILE B 44 14.32 14.95 -6.41
C ILE B 44 14.26 13.65 -7.21
N GLY B 45 14.80 12.58 -6.65
CA GLY B 45 14.84 11.28 -7.33
C GLY B 45 13.57 10.49 -7.15
N ALA B 46 13.68 9.31 -6.54
CA ALA B 46 12.55 8.39 -6.36
C ALA B 46 11.61 8.80 -5.23
N LEU B 47 10.34 8.47 -5.38
CA LEU B 47 9.33 8.78 -4.35
C LEU B 47 8.67 7.45 -3.98
N THR B 48 9.21 6.76 -2.99
CA THR B 48 8.67 5.43 -2.61
C THR B 48 7.41 5.59 -1.76
N ALA B 49 6.43 4.73 -2.02
CA ALA B 49 5.15 4.72 -1.29
C ALA B 49 4.72 3.27 -1.15
N ALA B 50 4.77 2.77 0.08
CA ALA B 50 4.43 1.37 0.39
C ALA B 50 3.12 0.93 -0.27
N THR B 51 1.99 1.51 0.10
CA THR B 51 0.69 0.99 -0.42
C THR B 51 0.16 1.76 -1.61
N SER B 52 0.98 2.52 -2.33
CA SER B 52 0.32 3.20 -3.48
C SER B 52 1.28 3.39 -4.66
N ALA B 53 2.13 2.41 -4.94
CA ALA B 53 3.00 2.57 -6.12
C ALA B 53 2.10 2.55 -7.36
N GLY B 54 2.32 3.47 -8.30
CA GLY B 54 1.50 3.49 -9.51
C GLY B 54 0.52 4.63 -9.49
N SER B 55 0.43 5.34 -8.38
CA SER B 55 -0.49 6.51 -8.35
C SER B 55 0.33 7.77 -8.58
N THR B 56 -0.36 8.89 -8.74
CA THR B 56 0.30 10.20 -8.97
C THR B 56 0.50 10.88 -7.63
N LEU B 57 1.66 11.47 -7.41
CA LEU B 57 1.95 12.19 -6.14
C LEU B 57 0.84 13.20 -5.90
N GLY B 58 0.41 13.88 -6.96
CA GLY B 58 -0.67 14.84 -6.79
C GLY B 58 -1.89 14.26 -6.10
N GLU B 59 -2.18 12.98 -6.37
CA GLU B 59 -3.28 12.34 -5.65
C GLU B 59 -3.08 12.43 -4.14
N HIS B 60 -1.83 12.37 -3.67
CA HIS B 60 -1.52 12.38 -2.24
C HIS B 60 -1.23 13.79 -1.70
N HIS B 61 -0.55 14.63 -2.47
CA HIS B 61 -0.11 15.96 -2.03
C HIS B 61 -0.55 17.02 -3.04
N PRO B 62 -1.83 17.36 -3.06
CA PRO B 62 -2.29 18.41 -3.98
C PRO B 62 -1.65 19.77 -3.73
N HIS B 63 -0.84 19.92 -2.70
CA HIS B 63 -0.15 21.18 -2.49
C HIS B 63 1.18 21.23 -3.21
N LEU B 64 1.67 20.08 -3.68
CA LEU B 64 2.97 19.97 -4.35
C LEU B 64 2.70 19.82 -5.84
N THR B 65 2.41 20.94 -6.49
CA THR B 65 1.98 20.84 -7.89
C THR B 65 3.17 20.76 -8.84
N PRO B 66 4.34 21.42 -8.56
CA PRO B 66 5.56 21.12 -9.35
C PRO B 66 5.93 19.64 -9.46
N LEU B 67 5.41 18.76 -8.59
CA LEU B 67 5.67 17.34 -8.71
C LEU B 67 4.39 16.51 -8.74
N ALA B 68 3.27 17.11 -9.12
CA ALA B 68 2.00 16.35 -9.11
C ALA B 68 2.08 15.13 -10.03
N HIS B 69 2.81 15.26 -11.13
CA HIS B 69 2.88 14.21 -12.18
C HIS B 69 3.67 12.99 -11.72
N ARG B 70 4.62 13.16 -10.81
CA ARG B 70 5.50 12.04 -10.38
C ARG B 70 4.71 10.79 -9.95
N VAL B 71 5.28 9.63 -10.26
CA VAL B 71 4.63 8.34 -9.93
C VAL B 71 5.21 7.81 -8.62
N VAL B 72 4.36 7.28 -7.74
CA VAL B 72 4.86 6.71 -6.46
C VAL B 72 5.29 5.26 -6.76
N GLU B 73 6.47 4.91 -6.29
CA GLU B 73 7.03 3.59 -6.55
C GLU B 73 6.98 2.75 -5.28
N PRO B 74 7.12 1.43 -5.40
CA PRO B 74 7.20 0.62 -4.18
C PRO B 74 8.46 0.99 -3.40
N THR B 75 8.39 0.81 -2.09
CA THR B 75 9.51 1.09 -1.19
C THR B 75 10.47 -0.10 -1.24
N GLU B 76 11.50 0.00 -2.09
CA GLU B 76 12.50 -1.06 -2.24
C GLU B 76 13.89 -0.43 -2.34
N ALA B 77 14.91 -1.20 -1.97
CA ALA B 77 16.25 -0.62 -1.92
C ALA B 77 16.82 -0.34 -3.31
N ALA B 78 16.30 -1.01 -4.35
CA ALA B 78 16.77 -0.74 -5.71
C ALA B 78 16.19 0.57 -6.24
N VAL B 79 14.90 0.80 -5.96
CA VAL B 79 14.26 2.08 -6.28
C VAL B 79 15.06 3.24 -5.70
N LEU B 80 15.64 3.05 -4.52
CA LEU B 80 16.35 4.13 -3.84
C LEU B 80 17.82 4.22 -4.24
N GLY B 81 18.48 3.07 -4.44
CA GLY B 81 19.88 3.02 -4.77
C GLY B 81 20.24 3.91 -5.94
N GLY B 82 21.49 4.36 -5.99
CA GLY B 82 21.87 5.31 -7.01
C GLY B 82 21.48 6.72 -6.65
N HIS B 83 21.15 6.96 -5.39
CA HIS B 83 20.86 8.28 -4.86
C HIS B 83 21.94 8.68 -3.87
N ASP B 84 22.38 9.93 -3.95
CA ASP B 84 23.36 10.46 -3.01
C ASP B 84 22.75 10.64 -1.63
N ALA B 85 21.43 10.88 -1.54
CA ALA B 85 20.76 11.13 -0.28
C ALA B 85 19.42 10.42 -0.25
N VAL B 86 19.02 9.93 0.93
CA VAL B 86 17.75 9.20 1.08
C VAL B 86 17.07 9.63 2.38
N PHE B 87 15.97 10.35 2.26
CA PHE B 87 15.16 10.72 3.44
C PHE B 87 14.24 9.55 3.73
N LEU B 88 14.27 9.03 4.95
CA LEU B 88 13.37 7.90 5.29
C LEU B 88 12.29 8.41 6.24
N ALA B 89 11.03 8.31 5.83
CA ALA B 89 9.90 8.79 6.64
C ALA B 89 8.80 7.73 6.63
N LEU B 90 9.06 6.56 7.19
CA LEU B 90 8.05 5.47 7.13
C LEU B 90 6.89 5.76 8.09
N PRO B 91 5.70 5.17 7.84
CA PRO B 91 4.49 5.41 8.66
C PRO B 91 4.64 5.24 10.18
N HIS B 92 5.46 4.28 10.60
CA HIS B 92 5.72 4.09 12.05
C HIS B 92 7.23 3.93 12.20
N GLY B 93 8.01 4.64 11.38
CA GLY B 93 9.48 4.49 11.43
C GLY B 93 9.84 3.04 11.24
N HIS B 94 10.63 2.49 12.15
CA HIS B 94 11.05 1.06 12.08
C HIS B 94 11.64 0.83 10.68
N SER B 95 12.69 1.57 10.35
CA SER B 95 13.31 1.52 9.02
C SER B 95 14.75 0.99 9.11
N ALA B 96 15.10 0.38 10.24
CA ALA B 96 16.47 -0.15 10.43
C ALA B 96 16.74 -1.19 9.34
N VAL B 97 15.77 -2.08 9.14
CA VAL B 97 15.81 -3.15 8.12
C VAL B 97 16.17 -2.53 6.77
N LEU B 98 15.29 -1.69 6.25
CA LEU B 98 15.48 -1.04 4.92
C LEU B 98 16.79 -0.24 4.89
N ALA B 99 17.13 0.46 5.98
CA ALA B 99 18.39 1.22 6.04
C ALA B 99 19.57 0.31 5.69
N GLN B 100 19.63 -0.87 6.31
CA GLN B 100 20.71 -1.84 6.10
C GLN B 100 20.87 -2.21 4.62
N GLN B 101 19.83 -2.02 3.81
CA GLN B 101 19.87 -2.45 2.41
C GLN B 101 20.43 -1.41 1.46
N LEU B 102 21.13 -0.41 1.98
CA LEU B 102 21.55 0.75 1.21
C LEU B 102 23.07 0.87 1.19
N SER B 103 23.56 1.55 0.16
CA SER B 103 24.99 1.73 0.02
C SER B 103 25.52 2.63 1.12
N PRO B 104 26.51 2.19 1.90
CA PRO B 104 27.10 3.06 2.94
C PRO B 104 27.57 4.42 2.44
N GLU B 105 27.79 4.54 1.13
CA GLU B 105 28.18 5.82 0.55
C GLU B 105 27.11 6.88 0.75
N THR B 106 25.85 6.45 0.89
CA THR B 106 24.71 7.35 0.79
C THR B 106 24.43 8.09 2.10
N LEU B 107 24.05 9.37 1.97
CA LEU B 107 23.48 10.16 3.05
C LEU B 107 22.11 9.60 3.41
N ILE B 108 21.94 9.13 4.64
CA ILE B 108 20.65 8.59 5.06
C ILE B 108 20.14 9.46 6.21
N ILE B 109 18.93 9.99 6.03
CA ILE B 109 18.31 10.90 6.99
C ILE B 109 17.03 10.20 7.45
N ASP B 110 17.06 9.64 8.66
CA ASP B 110 15.94 8.86 9.15
C ASP B 110 15.02 9.75 10.00
N CYS B 111 13.79 9.96 9.52
CA CYS B 111 12.76 10.59 10.33
C CYS B 111 12.11 9.63 11.31
N GLY B 112 12.52 8.38 11.35
CA GLY B 112 12.05 7.44 12.34
C GLY B 112 12.88 7.48 13.60
N ALA B 113 12.57 6.56 14.50
CA ALA B 113 13.18 6.48 15.81
C ALA B 113 14.34 5.49 15.94
N ASP B 114 14.55 4.58 14.97
CA ASP B 114 15.39 3.42 15.24
C ASP B 114 16.81 3.80 15.66
N PHE B 115 17.36 4.86 15.06
CA PHE B 115 18.74 5.28 15.29
C PHE B 115 18.84 6.52 16.16
N ARG B 116 17.84 6.78 17.01
CA ARG B 116 17.86 7.93 17.91
C ARG B 116 18.55 7.66 19.25
N LEU B 117 18.22 6.54 19.91
CA LEU B 117 18.55 6.33 21.32
C LEU B 117 19.88 5.62 21.52
N THR B 118 20.70 6.13 22.44
CA THR B 118 22.04 5.60 22.69
C THR B 118 22.10 4.56 23.80
N ASP B 119 20.97 4.04 24.24
CA ASP B 119 20.89 3.15 25.39
C ASP B 119 20.03 1.98 24.95
N ALA B 120 20.67 0.85 24.62
CA ALA B 120 19.98 -0.25 23.96
C ALA B 120 18.89 -0.86 24.84
N ALA B 121 19.09 -0.88 26.17
CA ALA B 121 18.05 -1.42 27.04
C ALA B 121 16.85 -0.49 27.06
N VAL B 122 17.10 0.82 27.13
CA VAL B 122 16.05 1.81 27.01
C VAL B 122 15.25 1.58 25.74
N TRP B 123 15.96 1.50 24.60
CA TRP B 123 15.27 1.26 23.33
C TRP B 123 14.36 0.04 23.41
N GLU B 124 14.88 -1.06 23.97
CA GLU B 124 14.10 -2.30 24.03
C GLU B 124 12.85 -2.12 24.87
N ARG B 125 12.98 -1.44 26.00
CA ARG B 125 11.89 -1.33 26.96
C ARG B 125 10.71 -0.55 26.38
N PHE B 126 10.99 0.58 25.73
CA PHE B 126 9.94 1.49 25.27
C PHE B 126 9.31 1.04 23.95
N TYR B 127 10.13 0.54 23.03
CA TYR B 127 9.63 0.09 21.74
C TYR B 127 9.33 -1.40 21.72
N GLY B 128 10.18 -2.23 22.33
CA GLY B 128 10.01 -3.67 22.30
C GLY B 128 10.56 -4.26 21.04
N SER B 129 11.87 -4.10 20.81
CA SER B 129 12.48 -4.51 19.55
C SER B 129 13.98 -4.44 19.66
N SER B 130 14.65 -5.06 18.71
CA SER B 130 16.09 -4.91 18.58
C SER B 130 16.46 -3.45 18.72
N HIS B 131 17.51 -3.18 19.48
CA HIS B 131 18.23 -1.93 19.31
C HIS B 131 19.11 -2.04 18.09
N ALA B 132 18.94 -1.12 17.15
CA ALA B 132 19.72 -1.10 15.92
C ALA B 132 20.90 -0.13 15.98
N GLY B 133 21.04 0.64 17.04
CA GLY B 133 22.12 1.59 17.19
C GLY B 133 21.68 3.04 17.20
N SER B 134 22.67 3.92 17.04
CA SER B 134 22.39 5.35 17.17
C SER B 134 23.24 6.15 16.20
N TRP B 135 22.60 6.92 15.32
CA TRP B 135 23.37 7.80 14.42
C TRP B 135 23.36 9.22 15.00
N PRO B 136 24.10 10.18 14.41
CA PRO B 136 24.09 11.54 14.91
C PRO B 136 22.66 12.08 14.96
N TYR B 137 22.30 12.66 16.11
CA TYR B 137 20.98 13.26 16.36
C TYR B 137 20.90 14.57 15.60
N GLY B 138 19.82 14.78 14.85
CA GLY B 138 19.66 15.98 14.01
C GLY B 138 19.13 17.21 14.71
N LEU B 139 19.67 17.56 15.87
CA LEU B 139 19.27 18.79 16.58
C LEU B 139 20.52 19.65 16.65
N PRO B 140 20.90 20.32 15.55
CA PRO B 140 22.13 21.07 15.51
C PRO B 140 22.19 22.13 16.60
N GLU B 141 21.15 22.27 17.43
CA GLU B 141 21.28 23.41 18.32
C GLU B 141 21.79 23.01 19.69
N LEU B 142 21.52 21.75 20.09
CA LEU B 142 22.13 21.01 21.20
C LEU B 142 23.64 21.21 21.31
N PRO B 143 24.18 21.26 22.53
CA PRO B 143 25.65 21.32 22.67
C PRO B 143 26.33 20.12 22.02
N GLY B 144 27.41 20.40 21.29
CA GLY B 144 28.22 19.37 20.68
C GLY B 144 27.56 18.48 19.66
N ALA B 145 26.34 18.82 19.21
CA ALA B 145 25.66 18.00 18.21
C ALA B 145 25.89 18.47 16.79
N ARG B 146 26.08 19.79 16.61
CA ARG B 146 26.27 20.34 15.27
C ARG B 146 27.52 19.76 14.61
N ASP B 147 28.57 19.56 15.42
CA ASP B 147 29.84 19.03 14.91
C ASP B 147 29.68 17.60 14.43
N GLN B 148 29.05 16.74 15.24
CA GLN B 148 28.66 15.39 14.84
C GLN B 148 27.89 15.32 13.53
N LEU B 149 27.59 16.48 12.94
CA LEU B 149 26.70 16.59 11.80
C LEU B 149 27.41 17.01 10.53
N ARG B 150 28.35 17.96 10.59
CA ARG B 150 29.16 18.34 9.44
C ARG B 150 29.79 17.13 8.75
N GLY B 151 29.33 16.82 7.53
CA GLY B 151 29.93 15.76 6.74
C GLY B 151 29.43 14.37 7.03
N THR B 152 28.69 14.17 8.12
CA THR B 152 28.03 12.91 8.37
C THR B 152 27.31 12.36 7.14
N ARG B 153 27.00 11.07 7.15
CA ARG B 153 26.22 10.41 6.13
C ARG B 153 25.08 9.63 6.75
N ARG B 154 25.05 9.58 8.08
CA ARG B 154 23.95 9.07 8.86
C ARG B 154 23.42 10.23 9.68
N ILE B 155 22.09 10.29 9.83
CA ILE B 155 21.45 11.36 10.64
C ILE B 155 20.16 10.77 11.21
N ALA B 156 19.98 10.86 12.53
CA ALA B 156 18.72 10.38 13.13
C ALA B 156 17.88 11.61 13.43
N VAL B 157 16.74 11.77 12.76
CA VAL B 157 15.90 12.98 13.00
C VAL B 157 15.21 12.85 14.35
N PRO B 158 15.23 13.91 15.15
CA PRO B 158 14.61 13.91 16.46
C PRO B 158 13.09 13.95 16.35
N GLY B 159 12.41 13.57 17.43
CA GLY B 159 10.94 13.63 17.49
C GLY B 159 10.45 15.06 17.61
N CYS B 160 9.21 15.31 17.25
CA CYS B 160 8.70 16.70 17.32
C CYS B 160 8.73 17.17 18.77
N TYR B 161 8.20 16.35 19.68
CA TYR B 161 8.10 16.73 21.10
C TYR B 161 9.46 16.97 21.74
N PRO B 162 10.44 16.07 21.61
CA PRO B 162 11.75 16.27 22.21
C PRO B 162 12.46 17.51 21.69
N THR B 163 12.27 17.84 20.42
CA THR B 163 12.91 19.05 19.86
C THR B 163 12.48 20.27 20.68
N ALA B 164 11.19 20.40 20.96
CA ALA B 164 10.67 21.55 21.71
C ALA B 164 11.04 21.46 23.19
N ALA B 165 10.82 20.31 23.82
CA ALA B 165 11.15 20.16 25.25
C ALA B 165 12.63 20.41 25.48
N LEU B 166 13.49 19.90 24.61
CA LEU B 166 14.95 20.07 24.82
C LEU B 166 15.36 21.50 24.51
N LEU B 167 14.63 22.18 23.63
CA LEU B 167 15.01 23.57 23.31
C LEU B 167 14.46 24.48 24.41
N ALA B 168 13.47 24.03 25.15
CA ALA B 168 13.01 24.90 26.25
C ALA B 168 13.83 24.59 27.49
N LEU B 169 14.35 23.37 27.62
CA LEU B 169 14.92 23.05 28.94
C LEU B 169 16.44 22.99 28.98
N PHE B 170 17.11 22.66 27.87
CA PHE B 170 18.57 22.43 27.93
C PHE B 170 19.35 23.58 28.56
N PRO B 171 19.16 24.84 28.14
CA PRO B 171 19.98 25.90 28.70
C PRO B 171 19.88 26.10 30.21
N ALA B 172 18.76 25.80 30.84
CA ALA B 172 18.66 26.00 32.30
C ALA B 172 19.49 24.92 32.99
N LEU B 173 19.36 23.69 32.54
CA LEU B 173 20.08 22.51 33.09
C LEU B 173 21.58 22.66 32.81
N ALA B 174 21.93 23.07 31.60
CA ALA B 174 23.34 23.21 31.18
C ALA B 174 24.12 24.17 32.08
N ALA B 175 23.48 25.22 32.59
CA ALA B 175 24.16 26.15 33.53
C ALA B 175 23.80 25.77 34.96
N ASP B 176 23.20 24.59 35.15
CA ASP B 176 22.77 24.11 36.48
C ASP B 176 21.94 25.19 37.17
N LEU B 177 20.77 25.49 36.61
CA LEU B 177 19.92 26.54 37.22
C LEU B 177 18.57 25.92 37.56
N ILE B 178 18.38 24.65 37.26
CA ILE B 178 17.14 23.96 37.61
C ILE B 178 17.50 22.59 38.17
N GLU B 179 16.56 22.00 38.92
CA GLU B 179 16.66 20.60 39.30
C GLU B 179 16.69 19.76 38.03
N PRO B 180 17.05 18.49 38.11
CA PRO B 180 17.04 17.65 36.91
C PRO B 180 15.76 16.86 36.81
N ALA B 181 14.73 17.28 37.54
CA ALA B 181 13.43 16.63 37.48
C ALA B 181 12.45 17.61 36.81
N VAL B 182 12.08 17.30 35.55
CA VAL B 182 11.37 18.19 34.66
C VAL B 182 10.00 17.61 34.30
N THR B 183 8.99 18.50 34.18
CA THR B 183 7.66 18.19 33.68
C THR B 183 7.43 18.88 32.33
N VAL B 184 6.86 18.15 31.39
CA VAL B 184 6.59 18.68 30.06
C VAL B 184 5.18 18.33 29.69
N VAL B 185 4.36 19.35 29.49
CA VAL B 185 3.02 19.20 28.92
C VAL B 185 3.04 19.92 27.58
N ALA B 186 2.82 19.16 26.51
CA ALA B 186 2.99 19.65 25.15
C ALA B 186 1.71 19.39 24.41
N VAL B 187 1.10 20.46 23.88
CA VAL B 187 -0.07 20.35 22.99
C VAL B 187 0.40 20.29 21.55
N SER B 188 -0.33 19.54 20.73
CA SER B 188 0.15 19.37 19.35
C SER B 188 -1.01 19.17 18.39
N GLY B 189 -0.78 19.54 17.13
CA GLY B 189 -1.75 19.32 16.05
C GLY B 189 -1.72 17.87 15.64
N THR B 190 -2.73 17.40 14.92
CA THR B 190 -2.87 15.97 14.54
C THR B 190 -1.95 15.52 13.40
N SER B 191 -1.06 16.36 12.89
CA SER B 191 -0.13 15.94 11.82
C SER B 191 1.10 15.26 12.43
N GLY B 192 1.24 15.29 13.75
CA GLY B 192 2.33 14.62 14.44
C GLY B 192 1.97 13.17 14.68
N ALA B 193 0.70 12.83 14.52
CA ALA B 193 0.23 11.45 14.73
C ALA B 193 0.20 10.69 13.40
N GLY B 194 0.84 11.23 12.37
CA GLY B 194 0.92 10.52 11.08
C GLY B 194 -0.32 10.67 10.24
N ARG B 195 -0.36 9.95 9.12
CA ARG B 195 -1.46 10.03 8.14
C ARG B 195 -2.25 8.73 8.12
N ALA B 196 -1.94 7.81 9.03
CA ALA B 196 -2.63 6.51 9.10
C ALA B 196 -4.09 6.74 9.52
N ALA B 197 -5.03 6.43 8.63
CA ALA B 197 -6.47 6.64 8.87
C ALA B 197 -6.99 5.79 10.02
N THR B 198 -7.32 6.44 11.13
CA THR B 198 -7.91 5.77 12.30
C THR B 198 -9.14 6.56 12.72
N THR B 199 -10.08 5.92 13.40
CA THR B 199 -11.36 6.56 13.79
C THR B 199 -11.19 7.70 14.80
N ASP B 200 -10.10 7.75 15.56
CA ASP B 200 -9.95 8.82 16.58
C ASP B 200 -9.12 9.97 16.00
N LEU B 201 -8.67 9.86 14.76
CA LEU B 201 -7.89 10.94 14.13
C LEU B 201 -8.77 11.66 13.12
N LEU B 202 -10.06 11.35 13.10
CA LEU B 202 -10.97 11.97 12.15
C LEU B 202 -11.33 13.38 12.58
N GLY B 203 -11.46 14.26 11.57
CA GLY B 203 -11.86 15.62 11.83
C GLY B 203 -13.05 15.73 12.77
N ALA B 204 -14.02 14.85 12.63
CA ALA B 204 -15.17 15.00 13.52
C ALA B 204 -14.80 14.71 14.97
N GLU B 205 -13.79 13.85 15.20
CA GLU B 205 -13.31 13.52 16.55
C GLU B 205 -12.34 14.57 17.09
N VAL B 206 -11.38 14.98 16.27
CA VAL B 206 -10.40 15.95 16.74
C VAL B 206 -11.06 17.32 16.96
N ILE B 207 -11.73 17.86 15.93
CA ILE B 207 -12.39 19.17 16.02
C ILE B 207 -13.28 19.23 17.25
N GLY B 208 -13.18 20.32 18.00
CA GLY B 208 -13.96 20.51 19.20
C GLY B 208 -13.38 19.89 20.46
N SER B 209 -12.20 19.24 20.37
CA SER B 209 -11.76 18.39 21.46
C SER B 209 -10.26 18.48 21.68
N ALA B 210 -9.89 18.33 22.94
CA ALA B 210 -8.52 18.08 23.35
C ALA B 210 -8.52 16.82 24.20
N ARG B 211 -7.55 15.92 23.97
CA ARG B 211 -7.34 14.81 24.91
C ARG B 211 -5.85 14.53 25.11
N ALA B 212 -5.42 14.33 26.35
CA ALA B 212 -4.10 13.72 26.57
C ALA B 212 -4.13 12.25 26.19
N TYR B 213 -3.04 11.79 25.61
CA TYR B 213 -2.87 10.38 25.26
C TYR B 213 -1.49 9.88 25.74
N ASN B 214 -1.37 8.53 25.80
CA ASN B 214 -0.14 7.78 26.16
C ASN B 214 0.63 8.46 27.28
N ILE B 215 0.00 8.54 28.45
CA ILE B 215 0.46 9.43 29.50
C ILE B 215 1.36 8.67 30.48
N ALA B 216 2.05 9.42 31.34
CA ALA B 216 2.75 8.89 32.51
C ALA B 216 3.81 7.86 32.12
N GLY B 217 4.83 8.34 31.41
CA GLY B 217 5.94 7.50 31.03
C GLY B 217 5.70 6.59 29.84
N VAL B 218 4.45 6.30 29.49
CA VAL B 218 4.16 5.46 28.33
C VAL B 218 4.56 6.07 26.98
N HIS B 219 4.84 7.36 26.85
CA HIS B 219 5.09 7.91 25.52
C HIS B 219 6.55 7.70 25.10
N ARG B 220 6.75 7.16 23.90
CA ARG B 220 8.06 6.74 23.40
C ARG B 220 9.02 7.89 23.18
N HIS B 221 8.66 9.09 23.61
CA HIS B 221 9.53 10.24 23.53
C HIS B 221 9.96 10.70 24.90
N THR B 222 9.45 10.03 25.93
CA THR B 222 9.87 10.38 27.30
C THR B 222 11.37 10.10 27.40
N PRO B 223 11.83 8.91 26.98
CA PRO B 223 13.24 8.57 27.05
C PRO B 223 14.11 9.52 26.22
N GLU B 224 13.61 9.87 25.04
CA GLU B 224 14.33 10.77 24.10
C GLU B 224 14.61 12.10 24.77
N ILE B 225 13.62 12.63 25.48
CA ILE B 225 13.79 13.92 26.20
C ILE B 225 14.84 13.69 27.28
N ALA B 226 14.70 12.57 28.00
CA ALA B 226 15.61 12.23 29.11
C ALA B 226 17.04 12.10 28.60
N GLN B 227 17.20 11.47 27.45
CA GLN B 227 18.55 11.22 26.89
C GLN B 227 19.22 12.54 26.50
N GLY B 228 18.49 13.44 25.86
CA GLY B 228 19.11 14.70 25.43
C GLY B 228 19.39 15.61 26.60
N LEU B 229 18.59 15.50 27.66
CA LEU B 229 18.82 16.37 28.83
C LEU B 229 20.08 15.88 29.55
N ARG B 230 20.21 14.57 29.67
CA ARG B 230 21.38 13.99 30.37
C ARG B 230 22.67 14.50 29.73
N ALA B 231 22.64 14.70 28.42
CA ALA B 231 23.86 15.08 27.73
C ALA B 231 24.35 16.49 28.08
N VAL B 232 23.72 17.21 29.00
CA VAL B 232 24.13 18.58 29.31
C VAL B 232 24.38 18.79 30.79
N THR B 233 23.91 17.90 31.67
CA THR B 233 24.20 17.99 33.08
C THR B 233 24.80 16.66 33.55
N ASP B 234 25.48 16.73 34.69
CA ASP B 234 26.16 15.53 35.18
C ASP B 234 25.30 14.72 36.14
N ARG B 235 24.21 15.28 36.67
CA ARG B 235 23.24 14.55 37.48
C ARG B 235 22.31 13.74 36.56
N ASP B 236 21.32 13.07 37.14
CA ASP B 236 20.41 12.22 36.40
C ASP B 236 19.03 12.87 36.37
N VAL B 237 18.29 12.65 35.27
CA VAL B 237 17.10 13.44 34.98
C VAL B 237 15.89 12.54 34.92
N SER B 238 14.78 13.02 35.47
CA SER B 238 13.50 12.38 35.24
C SER B 238 12.63 13.31 34.40
N VAL B 239 11.73 12.70 33.65
CA VAL B 239 10.91 13.40 32.68
C VAL B 239 9.49 12.94 32.95
N SER B 240 8.64 13.86 33.40
CA SER B 240 7.20 13.62 33.34
C SER B 240 6.76 14.27 32.04
N PHE B 241 6.34 13.45 31.09
CA PHE B 241 5.94 13.97 29.77
C PHE B 241 4.48 13.62 29.51
N THR B 242 3.70 14.65 29.19
CA THR B 242 2.27 14.48 28.87
C THR B 242 2.00 15.18 27.54
N PRO B 243 1.53 14.47 26.51
CA PRO B 243 1.25 15.07 25.23
C PRO B 243 -0.27 15.28 25.11
N VAL B 244 -0.68 16.42 24.56
CA VAL B 244 -2.13 16.70 24.40
C VAL B 244 -2.44 17.03 22.94
N LEU B 245 -3.41 16.31 22.37
CA LEU B 245 -3.86 16.52 20.98
C LEU B 245 -4.90 17.63 20.97
N ILE B 246 -4.70 18.64 20.13
CA ILE B 246 -5.66 19.77 20.08
C ILE B 246 -6.13 19.97 18.64
N PRO B 247 -7.23 20.68 18.39
CA PRO B 247 -7.74 20.87 17.05
C PRO B 247 -6.89 21.78 16.17
N ALA B 248 -5.79 21.26 15.65
CA ALA B 248 -4.94 22.05 14.74
C ALA B 248 -4.22 21.10 13.80
N SER B 249 -3.84 21.54 12.61
CA SER B 249 -3.12 20.58 11.75
C SER B 249 -1.64 20.59 12.15
N ARG B 250 -1.06 21.74 12.41
CA ARG B 250 0.36 21.72 12.78
C ARG B 250 0.60 22.47 14.09
N GLY B 251 1.80 22.34 14.63
CA GLY B 251 2.23 23.09 15.82
C GLY B 251 2.30 22.30 17.11
N ILE B 252 3.31 22.62 17.91
CA ILE B 252 3.49 22.09 19.26
C ILE B 252 3.78 23.27 20.16
N LEU B 253 3.08 23.37 21.28
CA LEU B 253 3.37 24.36 22.32
C LEU B 253 3.82 23.59 23.56
N ALA B 254 5.12 23.61 23.84
CA ALA B 254 5.67 22.87 24.98
C ALA B 254 5.72 23.73 26.24
N THR B 255 4.97 23.33 27.25
CA THR B 255 5.05 23.90 28.59
C THR B 255 6.01 23.05 29.46
N CYS B 256 7.14 23.65 29.86
CA CYS B 256 8.23 22.94 30.57
C CYS B 256 8.53 23.57 31.92
N THR B 257 8.56 22.76 32.97
CA THR B 257 8.80 23.27 34.31
C THR B 257 9.82 22.40 35.04
N ALA B 258 10.44 23.01 36.03
CA ALA B 258 11.38 22.30 36.88
C ALA B 258 11.65 23.18 38.09
N ARG B 259 11.95 22.53 39.24
CA ARG B 259 12.18 23.30 40.46
C ARG B 259 13.40 24.18 40.28
N THR B 260 13.36 25.38 40.84
CA THR B 260 14.24 26.45 40.42
C THR B 260 15.27 26.78 41.48
N ARG B 261 16.48 27.08 40.98
CA ARG B 261 17.68 27.26 41.78
C ARG B 261 18.24 28.67 41.68
N SER B 262 17.45 29.69 41.36
CA SER B 262 18.11 30.88 40.83
C SER B 262 17.10 31.99 40.58
N PRO B 263 17.59 33.22 40.51
CA PRO B 263 16.76 34.31 40.01
C PRO B 263 16.52 34.15 38.53
N LEU B 264 15.46 34.81 38.06
CA LEU B 264 15.13 34.82 36.65
C LEU B 264 16.24 35.47 35.83
N SER B 265 16.92 36.47 36.39
CA SER B 265 17.96 37.15 35.63
C SER B 265 19.07 36.17 35.27
N GLN B 266 19.39 35.28 36.21
CA GLN B 266 20.33 34.19 35.93
C GLN B 266 19.79 33.25 34.86
N LEU B 267 18.47 33.01 34.87
CA LEU B 267 17.95 32.07 33.90
C LEU B 267 17.86 32.68 32.50
N ARG B 268 17.43 33.95 32.41
CA ARG B 268 17.36 34.63 31.11
C ARG B 268 18.75 34.75 30.50
N ALA B 269 19.77 35.06 31.31
CA ALA B 269 21.13 35.18 30.79
C ALA B 269 21.60 33.86 30.20
N ALA B 270 21.35 32.77 30.93
CA ALA B 270 21.64 31.43 30.42
C ALA B 270 20.99 31.21 29.06
N TYR B 271 19.81 31.78 28.83
CA TYR B 271 19.16 31.54 27.55
C TYR B 271 19.63 32.48 26.47
N GLU B 272 19.88 33.74 26.80
CA GLU B 272 20.31 34.65 25.76
C GLU B 272 21.73 34.33 25.31
N LYS B 273 22.56 33.85 26.24
CA LYS B 273 23.91 33.40 25.87
C LYS B 273 23.85 32.16 24.99
N ALA B 274 23.05 31.18 25.40
CA ALA B 274 23.00 29.93 24.66
C ALA B 274 22.47 30.11 23.27
N TYR B 275 21.56 31.05 23.06
CA TYR B 275 20.80 31.08 21.81
C TYR B 275 21.15 32.25 20.92
N HIS B 276 21.78 33.31 21.44
CA HIS B 276 21.88 34.56 20.70
C HIS B 276 22.53 34.38 19.34
N ALA B 277 23.37 33.35 19.19
CA ALA B 277 23.99 33.04 17.91
C ALA B 277 23.30 31.88 17.17
N GLU B 278 22.09 31.48 17.59
CA GLU B 278 21.30 30.46 16.91
C GLU B 278 20.18 31.11 16.10
N PRO B 279 20.23 31.10 14.76
CA PRO B 279 19.30 31.91 13.98
C PRO B 279 17.91 31.32 13.88
N PHE B 280 17.71 30.07 14.29
CA PHE B 280 16.39 29.46 14.28
C PHE B 280 15.69 29.58 15.63
N ILE B 281 16.45 29.94 16.65
CA ILE B 281 15.85 30.07 18.01
C ILE B 281 15.56 31.55 18.25
N TYR B 282 14.31 31.88 18.51
CA TYR B 282 13.92 33.28 18.76
C TYR B 282 13.49 33.41 20.22
N LEU B 283 14.18 34.27 20.96
CA LEU B 283 13.83 34.52 22.38
C LEU B 283 12.75 35.59 22.38
N MET B 284 11.62 35.32 23.01
CA MET B 284 10.56 36.34 23.00
C MET B 284 11.03 37.56 23.78
N PRO B 285 10.63 38.77 23.37
CA PRO B 285 10.97 39.98 24.10
C PRO B 285 10.20 40.19 25.41
N GLU B 286 10.52 41.28 26.08
CA GLU B 286 9.88 41.68 27.36
C GLU B 286 8.36 41.61 27.21
N GLY B 287 7.71 40.76 28.01
CA GLY B 287 6.24 40.70 28.06
C GLY B 287 5.57 39.86 26.99
N GLN B 288 6.32 39.25 26.08
CA GLN B 288 5.63 38.45 25.06
C GLN B 288 5.80 36.97 25.38
N LEU B 289 4.98 36.14 24.75
CA LEU B 289 5.03 34.67 24.93
C LEU B 289 4.90 34.04 23.55
N PRO B 290 5.33 32.79 23.38
CA PRO B 290 5.26 32.16 22.08
C PRO B 290 3.86 31.66 21.77
N ARG B 291 3.58 31.51 20.48
CA ARG B 291 2.31 30.95 19.99
C ARG B 291 2.66 30.09 18.79
N THR B 292 1.96 29.00 18.61
CA THR B 292 2.28 28.11 17.49
C THR B 292 2.03 28.79 16.16
N GLY B 293 1.04 29.69 16.09
CA GLY B 293 0.66 30.31 14.82
C GLY B 293 1.75 31.21 14.25
N ALA B 294 2.60 31.77 15.11
CA ALA B 294 3.78 32.53 14.63
C ALA B 294 4.82 31.68 13.91
N VAL B 295 4.95 30.38 14.23
CA VAL B 295 6.06 29.59 13.68
C VAL B 295 5.61 28.67 12.56
N ILE B 296 4.32 28.64 12.23
CA ILE B 296 3.81 27.69 11.24
C ILE B 296 4.52 27.86 9.91
N GLY B 297 5.12 26.76 9.43
CA GLY B 297 5.82 26.71 8.16
C GLY B 297 7.19 27.34 8.15
N SER B 298 7.59 28.04 9.21
CA SER B 298 8.98 28.41 9.41
C SER B 298 9.65 27.35 10.28
N ASN B 299 10.96 27.36 10.23
CA ASN B 299 11.78 26.46 11.00
C ASN B 299 12.22 27.08 12.31
N ALA B 300 11.53 28.13 12.76
CA ALA B 300 11.93 28.77 13.99
C ALA B 300 11.26 28.07 15.17
N ALA B 301 11.83 28.32 16.33
CA ALA B 301 11.25 27.95 17.60
C ALA B 301 11.23 29.21 18.42
N HIS B 302 10.13 29.46 19.12
CA HIS B 302 10.02 30.67 19.90
C HIS B 302 9.99 30.24 21.36
N ILE B 303 10.82 30.90 22.16
CA ILE B 303 11.06 30.48 23.53
C ILE B 303 10.85 31.68 24.41
N ALA B 304 10.19 31.45 25.54
CA ALA B 304 10.15 32.40 26.64
C ALA B 304 10.32 31.62 27.93
N VAL B 305 10.85 32.29 28.95
CA VAL B 305 11.16 31.69 30.23
C VAL B 305 10.74 32.66 31.34
N ALA B 306 10.35 32.11 32.46
CA ALA B 306 9.94 32.90 33.61
C ALA B 306 10.11 32.03 34.85
N VAL B 307 9.99 32.68 36.01
CA VAL B 307 10.05 31.99 37.30
C VAL B 307 8.75 32.26 38.07
N ASP B 308 8.16 31.18 38.60
CA ASP B 308 7.03 31.20 39.54
C ASP B 308 7.62 31.11 40.95
N GLU B 309 7.80 32.28 41.58
CA GLU B 309 8.50 32.34 42.86
C GLU B 309 7.72 31.59 43.95
N ASP B 310 6.41 31.83 44.05
CA ASP B 310 5.59 31.20 45.10
C ASP B 310 5.75 29.69 45.11
N ALA B 311 5.82 29.07 43.94
CA ALA B 311 5.89 27.63 43.83
C ALA B 311 7.31 27.10 43.61
N GLN B 312 8.31 27.98 43.61
CA GLN B 312 9.71 27.60 43.36
C GLN B 312 9.81 26.71 42.12
N THR B 313 9.20 27.17 41.03
CA THR B 313 9.20 26.46 39.76
C THR B 313 9.63 27.39 38.65
N PHE B 314 10.52 26.90 37.78
CA PHE B 314 10.93 27.53 36.54
C PHE B 314 9.94 27.12 35.44
N VAL B 315 9.62 28.05 34.54
CA VAL B 315 8.72 27.71 33.44
C VAL B 315 9.37 28.11 32.14
N ALA B 316 9.55 27.15 31.25
CA ALA B 316 9.90 27.40 29.86
C ALA B 316 8.72 27.03 28.97
N ILE B 317 8.53 27.86 27.95
CA ILE B 317 7.47 27.65 26.93
C ILE B 317 8.15 27.65 25.57
N ALA B 318 7.92 26.61 24.76
CA ALA B 318 8.54 26.57 23.43
C ALA B 318 7.48 26.27 22.36
N ALA B 319 7.59 26.96 21.23
CA ALA B 319 6.68 26.79 20.09
C ALA B 319 7.50 26.46 18.85
N ILE B 320 7.09 25.44 18.11
CA ILE B 320 7.76 25.03 16.85
C ILE B 320 6.71 24.45 15.91
N ASP B 321 7.00 24.42 14.62
CA ASP B 321 6.08 23.73 13.70
C ASP B 321 6.51 22.27 13.79
N ASN B 322 5.63 21.38 14.21
CA ASN B 322 5.98 19.95 14.40
C ASN B 322 6.48 19.31 13.10
N LEU B 323 5.92 19.69 11.96
CA LEU B 323 6.33 19.13 10.66
C LEU B 323 7.54 19.88 10.13
N VAL B 324 8.00 20.93 10.79
CA VAL B 324 9.16 21.61 10.22
C VAL B 324 10.35 21.45 11.17
N LYS B 325 10.41 22.24 12.25
CA LYS B 325 11.51 22.11 13.20
C LYS B 325 11.47 20.79 13.98
N GLY B 326 10.34 20.11 14.04
CA GLY B 326 10.32 18.80 14.64
C GLY B 326 10.39 17.66 13.64
N THR B 327 10.62 17.94 12.36
CA THR B 327 10.73 16.88 11.37
C THR B 327 11.58 17.29 10.19
N ALA B 328 10.95 17.89 9.18
CA ALA B 328 11.59 18.07 7.88
C ALA B 328 12.60 19.19 7.90
N GLY B 329 12.44 20.14 8.81
CA GLY B 329 13.31 21.29 8.84
C GLY B 329 14.61 20.91 9.48
N ALA B 330 14.55 20.32 10.68
CA ALA B 330 15.73 19.67 11.25
C ALA B 330 16.34 18.73 10.23
N ALA B 331 15.49 17.97 9.50
CA ALA B 331 16.00 17.06 8.49
C ALA B 331 16.79 17.80 7.41
N VAL B 332 16.25 18.88 6.88
CA VAL B 332 16.93 19.63 5.83
C VAL B 332 18.02 20.50 6.42
N GLN B 333 17.84 20.95 7.67
CA GLN B 333 18.86 21.74 8.34
C GLN B 333 20.09 20.88 8.63
N SER B 334 19.88 19.62 8.94
CA SER B 334 20.99 18.69 9.05
C SER B 334 21.60 18.42 7.68
N MET B 335 20.76 18.01 6.71
CA MET B 335 21.25 17.75 5.35
C MET B 335 22.02 18.94 4.80
N ASN B 336 21.77 20.15 5.30
CA ASN B 336 22.62 21.27 4.89
C ASN B 336 24.03 21.10 5.46
N LEU B 337 24.14 20.69 6.72
CA LEU B 337 25.45 20.54 7.35
C LEU B 337 26.17 19.27 6.88
N ALA B 338 25.41 18.25 6.48
CA ALA B 338 25.99 17.03 5.95
C ALA B 338 26.80 17.28 4.70
N LEU B 339 26.42 18.31 3.92
CA LEU B 339 27.03 18.60 2.63
C LEU B 339 27.72 19.96 2.63
N GLY B 340 28.08 20.50 3.79
CA GLY B 340 28.78 21.78 3.83
C GLY B 340 28.08 22.98 3.23
N TRP B 341 26.78 22.86 2.91
CA TRP B 341 26.00 24.02 2.50
C TRP B 341 25.64 24.86 3.71
N PRO B 342 25.29 26.14 3.50
CA PRO B 342 24.84 26.96 4.63
C PRO B 342 23.63 26.35 5.34
N GLU B 343 23.68 26.38 6.68
CA GLU B 343 22.67 25.69 7.49
C GLU B 343 21.27 26.19 7.18
N THR B 344 21.13 27.47 6.86
CA THR B 344 19.85 28.15 6.72
C THR B 344 19.23 27.97 5.34
N ASP B 345 19.98 27.44 4.38
CA ASP B 345 19.48 27.25 3.03
C ASP B 345 18.14 26.51 3.01
N GLY B 346 17.15 27.13 2.36
CA GLY B 346 15.84 26.55 2.20
C GLY B 346 14.93 26.62 3.41
N LEU B 347 15.43 27.17 4.52
CA LEU B 347 14.64 27.17 5.76
C LEU B 347 14.44 28.60 6.24
N SER B 348 13.21 29.08 6.26
CA SER B 348 12.91 30.46 6.68
C SER B 348 12.58 30.51 8.18
N VAL B 349 12.75 31.67 8.80
CA VAL B 349 12.39 31.85 10.22
C VAL B 349 11.08 32.65 10.29
N VAL B 350 10.45 32.88 9.14
CA VAL B 350 9.19 33.66 9.02
C VAL B 350 8.01 32.69 8.96
N GLY B 351 7.02 32.88 9.81
CA GLY B 351 5.85 31.97 9.83
C GLY B 351 4.74 32.44 8.93
N VAL B 352 3.85 31.51 8.56
CA VAL B 352 2.71 31.85 7.69
C VAL B 352 1.52 32.11 8.61
N ALA B 353 1.39 33.35 9.06
CA ALA B 353 0.29 33.74 9.97
C ALA B 353 -0.61 34.76 9.26
N PRO B 354 -1.92 34.77 9.54
CA PRO B 354 -2.50 33.94 10.57
C PRO B 354 -3.09 32.63 10.01
N ALA C 11 -43.13 30.01 41.03
CA ALA C 11 -43.32 30.92 42.18
C ALA C 11 -42.01 31.66 42.43
N THR C 12 -40.91 31.08 41.95
CA THR C 12 -39.55 31.63 42.14
C THR C 12 -39.13 32.32 40.84
N LYS C 13 -39.07 33.65 40.84
CA LYS C 13 -38.72 34.43 39.63
C LYS C 13 -37.24 34.78 39.69
N VAL C 14 -36.51 34.51 38.61
CA VAL C 14 -35.03 34.72 38.53
C VAL C 14 -34.66 35.75 37.45
N ALA C 15 -33.70 36.61 37.75
CA ALA C 15 -33.21 37.62 36.79
C ALA C 15 -31.76 37.31 36.43
N VAL C 16 -31.33 37.77 35.27
CA VAL C 16 -29.94 37.49 34.85
C VAL C 16 -29.21 38.79 34.52
N ALA C 17 -28.20 39.10 35.34
CA ALA C 17 -27.32 40.21 35.06
C ALA C 17 -26.10 39.70 34.29
N GLY C 18 -25.86 40.28 33.12
CA GLY C 18 -24.88 39.77 32.21
C GLY C 18 -25.43 38.88 31.12
N ALA C 19 -26.74 38.93 30.88
CA ALA C 19 -27.41 37.96 30.03
C ALA C 19 -26.81 37.88 28.63
N SER C 20 -26.16 38.96 28.19
CA SER C 20 -25.58 38.96 26.86
C SER C 20 -24.21 38.28 26.81
N GLY C 21 -23.59 38.04 27.96
CA GLY C 21 -22.34 37.31 27.97
C GLY C 21 -22.42 35.83 27.57
N TYR C 22 -21.27 35.14 27.57
CA TYR C 22 -21.27 33.71 27.28
C TYR C 22 -21.85 32.92 28.43
N ALA C 23 -21.50 33.30 29.67
CA ALA C 23 -22.05 32.65 30.85
C ALA C 23 -23.56 32.82 30.94
N GLY C 24 -24.03 34.08 30.85
CA GLY C 24 -25.45 34.34 30.91
C GLY C 24 -26.22 33.66 29.80
N GLY C 25 -25.61 33.49 28.64
CA GLY C 25 -26.28 32.74 27.59
C GLY C 25 -26.39 31.26 27.91
N GLU C 26 -25.41 30.75 28.69
CA GLU C 26 -25.39 29.37 29.13
C GLU C 26 -26.22 29.14 30.38
N ILE C 27 -26.34 30.14 31.25
CA ILE C 27 -27.38 30.06 32.27
C ILE C 27 -28.76 29.94 31.63
N LEU C 28 -29.08 30.85 30.69
CA LEU C 28 -30.41 30.83 30.08
C LEU C 28 -30.66 29.57 29.25
N ARG C 29 -29.63 28.98 28.64
CA ARG C 29 -29.84 27.70 27.96
C ARG C 29 -30.25 26.62 28.95
N LEU C 30 -29.55 26.55 30.09
CA LEU C 30 -29.88 25.50 31.06
C LEU C 30 -31.21 25.80 31.71
N LEU C 31 -31.46 27.07 32.08
CA LEU C 31 -32.73 27.39 32.72
C LEU C 31 -33.88 27.00 31.82
N LEU C 32 -33.67 27.01 30.51
CA LEU C 32 -34.74 26.66 29.59
C LEU C 32 -34.99 25.15 29.53
N GLY C 33 -33.98 24.34 29.83
CA GLY C 33 -34.11 22.87 29.85
C GLY C 33 -34.55 22.30 31.17
N HIS C 34 -34.71 23.15 32.16
CA HIS C 34 -35.02 22.75 33.53
C HIS C 34 -36.44 22.21 33.64
N PRO C 35 -36.64 21.15 34.43
CA PRO C 35 -38.01 20.69 34.69
C PRO C 35 -38.85 21.76 35.38
N ALA C 36 -38.31 22.41 36.40
CA ALA C 36 -39.03 23.48 37.07
C ALA C 36 -39.30 24.69 36.17
N TYR C 37 -38.71 24.74 34.99
CA TYR C 37 -39.15 25.75 34.04
C TYR C 37 -40.22 25.19 33.12
N ALA C 38 -40.20 23.87 32.87
CA ALA C 38 -41.27 23.25 32.10
C ALA C 38 -42.59 23.28 32.86
N ASP C 39 -42.58 22.90 34.14
CA ASP C 39 -43.78 22.92 34.97
C ASP C 39 -44.12 24.30 35.51
N GLY C 40 -43.37 25.33 35.15
CA GLY C 40 -43.69 26.68 35.57
C GLY C 40 -43.30 27.04 36.99
N ARG C 41 -42.59 26.15 37.71
CA ARG C 41 -42.09 26.50 39.04
C ARG C 41 -41.14 27.70 38.99
N LEU C 42 -40.41 27.82 37.89
CA LEU C 42 -39.32 28.78 37.76
C LEU C 42 -39.67 29.79 36.68
N ARG C 43 -39.48 31.07 36.99
CA ARG C 43 -39.89 32.13 36.09
C ARG C 43 -38.68 32.93 35.62
N ILE C 44 -38.41 32.90 34.32
CA ILE C 44 -37.32 33.68 33.76
C ILE C 44 -37.78 35.14 33.71
N GLY C 45 -37.32 35.94 34.66
CA GLY C 45 -37.61 37.36 34.76
C GLY C 45 -36.71 38.24 33.93
N ALA C 46 -36.16 39.28 34.57
CA ALA C 46 -35.45 40.34 33.85
C ALA C 46 -34.06 39.90 33.39
N LEU C 47 -33.80 40.13 32.11
CA LEU C 47 -32.53 39.80 31.48
C LEU C 47 -31.76 41.10 31.25
N THR C 48 -30.76 41.39 32.07
CA THR C 48 -30.08 42.68 31.96
C THR C 48 -28.66 42.53 31.41
N ALA C 49 -28.19 43.61 30.78
CA ALA C 49 -26.85 43.71 30.23
C ALA C 49 -26.30 45.10 30.51
N ALA C 50 -24.99 45.23 30.39
CA ALA C 50 -24.34 46.48 30.77
C ALA C 50 -24.58 47.58 29.73
N THR C 51 -24.33 47.27 28.46
CA THR C 51 -24.31 48.28 27.41
C THR C 51 -25.41 48.13 26.38
N SER C 52 -25.85 46.91 26.11
CA SER C 52 -26.84 46.69 25.07
C SER C 52 -28.27 46.68 25.60
N ALA C 53 -28.49 47.25 26.78
CA ALA C 53 -29.85 47.54 27.21
C ALA C 53 -30.60 48.23 26.09
N GLY C 54 -31.69 47.61 25.62
CA GLY C 54 -32.47 48.11 24.51
C GLY C 54 -32.62 47.12 23.38
N SER C 55 -31.72 46.14 23.31
CA SER C 55 -31.67 45.11 22.29
C SER C 55 -32.56 43.94 22.68
N THR C 56 -32.86 43.10 21.69
CA THR C 56 -33.48 41.81 21.94
C THR C 56 -32.40 40.77 22.27
N LEU C 57 -32.81 39.68 22.96
CA LEU C 57 -31.83 38.66 23.29
C LEU C 57 -31.29 38.01 22.03
N GLY C 58 -32.16 37.72 21.07
CA GLY C 58 -31.75 37.04 19.84
C GLY C 58 -30.72 37.79 19.02
N GLU C 59 -30.37 38.99 19.41
CA GLU C 59 -29.26 39.62 18.72
C GLU C 59 -27.94 39.06 19.21
N HIS C 60 -27.82 38.91 20.54
CA HIS C 60 -26.66 38.33 21.18
C HIS C 60 -26.65 36.80 21.10
N HIS C 61 -27.76 36.13 21.42
CA HIS C 61 -27.81 34.68 21.63
C HIS C 61 -28.82 34.03 20.68
N PRO C 62 -28.53 33.95 19.38
CA PRO C 62 -29.46 33.32 18.44
C PRO C 62 -29.66 31.81 18.58
N HIS C 63 -29.13 31.23 19.63
CA HIS C 63 -29.44 29.84 19.92
C HIS C 63 -30.56 29.74 20.95
N LEU C 64 -30.86 30.85 21.61
CA LEU C 64 -31.93 30.93 22.60
C LEU C 64 -33.23 31.41 21.98
N THR C 65 -33.64 30.81 20.87
CA THR C 65 -34.78 31.34 20.14
C THR C 65 -36.06 31.45 20.98
N PRO C 66 -36.37 30.56 21.91
CA PRO C 66 -37.51 30.82 22.79
C PRO C 66 -37.52 32.22 23.39
N LEU C 67 -36.38 32.76 23.82
CA LEU C 67 -36.37 34.07 24.47
C LEU C 67 -35.87 35.16 23.51
N ALA C 68 -35.93 34.93 22.19
CA ALA C 68 -35.35 35.86 21.24
C ALA C 68 -36.04 37.22 21.30
N HIS C 69 -37.33 37.23 21.57
CA HIS C 69 -38.07 38.48 21.59
C HIS C 69 -37.67 39.35 22.76
N ARG C 70 -37.11 38.78 23.81
CA ARG C 70 -36.98 39.52 25.06
C ARG C 70 -36.17 40.79 24.84
N VAL C 71 -36.40 41.78 25.69
CA VAL C 71 -35.72 43.07 25.61
C VAL C 71 -34.72 43.13 26.75
N VAL C 72 -33.47 43.51 26.44
CA VAL C 72 -32.42 43.53 27.45
C VAL C 72 -32.49 44.87 28.18
N GLU C 73 -32.38 44.83 29.50
CA GLU C 73 -32.61 45.94 30.40
C GLU C 73 -31.33 46.46 31.00
N PRO C 74 -31.30 47.71 31.43
CA PRO C 74 -30.16 48.20 32.22
C PRO C 74 -29.86 47.33 33.44
N THR C 75 -28.71 47.55 34.09
CA THR C 75 -28.27 46.68 35.18
C THR C 75 -28.18 47.48 36.49
N GLU C 76 -29.32 47.66 37.14
CA GLU C 76 -29.37 48.22 38.49
C GLU C 76 -30.43 47.50 39.31
N ALA C 77 -30.45 47.77 40.61
CA ALA C 77 -31.41 47.10 41.48
C ALA C 77 -32.85 47.44 41.15
N ALA C 78 -33.08 48.61 40.52
CA ALA C 78 -34.42 48.98 40.07
C ALA C 78 -35.02 47.95 39.12
N VAL C 79 -34.19 47.13 38.48
CA VAL C 79 -34.69 46.09 37.59
C VAL C 79 -34.57 44.69 38.21
N LEU C 80 -33.68 44.51 39.18
CA LEU C 80 -33.42 43.18 39.72
C LEU C 80 -34.19 42.90 41.00
N GLY C 81 -34.86 43.91 41.57
CA GLY C 81 -35.71 43.66 42.72
C GLY C 81 -36.86 42.76 42.38
N GLY C 82 -37.49 42.21 43.42
CA GLY C 82 -38.65 41.35 43.20
C GLY C 82 -38.38 40.14 42.35
N HIS C 83 -37.15 39.64 42.37
CA HIS C 83 -36.83 38.31 41.86
C HIS C 83 -36.39 37.47 43.04
N ASP C 84 -36.64 36.16 42.97
CA ASP C 84 -36.27 35.30 44.08
C ASP C 84 -34.82 34.86 43.99
N ALA C 85 -34.38 34.44 42.80
CA ALA C 85 -32.98 34.22 42.49
C ALA C 85 -32.49 35.30 41.53
N VAL C 86 -31.19 35.57 41.58
CA VAL C 86 -30.55 36.50 40.64
C VAL C 86 -29.18 35.96 40.30
N PHE C 87 -28.95 35.68 39.03
CA PHE C 87 -27.64 35.31 38.53
C PHE C 87 -26.86 36.56 38.15
N LEU C 88 -25.64 36.70 38.67
CA LEU C 88 -24.73 37.76 38.22
C LEU C 88 -23.63 37.09 37.42
N ALA C 89 -23.73 37.20 36.10
CA ALA C 89 -22.68 36.79 35.17
C ALA C 89 -21.84 37.99 34.78
N LEU C 90 -21.31 38.62 35.81
CA LEU C 90 -20.62 39.89 35.69
C LEU C 90 -19.13 39.71 35.87
N PRO C 91 -18.32 40.60 35.29
CA PRO C 91 -16.92 40.74 35.72
C PRO C 91 -16.84 41.11 37.20
N HIS C 92 -15.64 41.01 37.75
CA HIS C 92 -15.47 41.30 39.17
C HIS C 92 -15.66 42.80 39.44
N GLY C 93 -15.85 43.13 40.72
CA GLY C 93 -16.07 44.49 41.14
C GLY C 93 -17.51 44.97 41.05
N HIS C 94 -18.27 44.42 40.10
CA HIS C 94 -19.68 44.78 39.98
C HIS C 94 -20.57 43.95 40.89
N SER C 95 -20.31 42.63 41.00
CA SER C 95 -21.16 41.81 41.84
C SER C 95 -21.11 42.23 43.31
N ALA C 96 -20.02 42.84 43.73
CA ALA C 96 -19.89 43.24 45.15
C ALA C 96 -20.87 44.36 45.48
N VAL C 97 -20.79 45.46 44.72
CA VAL C 97 -21.70 46.57 44.92
C VAL C 97 -23.13 46.15 44.66
N LEU C 98 -23.35 45.30 43.65
CA LEU C 98 -24.70 44.97 43.22
C LEU C 98 -25.40 44.07 44.24
N ALA C 99 -24.69 43.11 44.81
CA ALA C 99 -25.27 42.25 45.83
C ALA C 99 -25.84 43.08 46.98
N GLN C 100 -24.97 43.88 47.61
CA GLN C 100 -25.34 44.75 48.72
C GLN C 100 -26.62 45.56 48.47
N GLN C 101 -27.02 45.73 47.21
CA GLN C 101 -28.21 46.51 46.81
C GLN C 101 -29.50 45.71 46.75
N LEU C 102 -29.47 44.38 46.95
CA LEU C 102 -30.63 43.54 46.80
C LEU C 102 -31.06 42.93 48.12
N SER C 103 -32.36 42.70 48.26
CA SER C 103 -32.93 42.34 49.55
C SER C 103 -32.32 41.03 50.05
N PRO C 104 -31.83 41.00 51.31
CA PRO C 104 -30.96 39.90 51.76
C PRO C 104 -31.65 38.54 51.81
N GLU C 105 -32.91 38.50 51.37
CA GLU C 105 -33.63 37.25 51.25
C GLU C 105 -33.56 36.68 49.84
N THR C 106 -33.10 37.46 48.87
CA THR C 106 -33.04 37.00 47.49
C THR C 106 -31.77 36.18 47.25
N LEU C 107 -31.93 35.05 46.55
CA LEU C 107 -30.80 34.20 46.16
C LEU C 107 -29.95 34.96 45.16
N ILE C 108 -28.77 35.35 45.59
CA ILE C 108 -27.76 35.87 44.68
C ILE C 108 -26.82 34.71 44.38
N ILE C 109 -26.64 34.43 43.10
CA ILE C 109 -25.69 33.44 42.60
C ILE C 109 -24.71 34.18 41.69
N ASP C 110 -23.46 34.29 42.13
CA ASP C 110 -22.44 35.09 41.45
C ASP C 110 -21.49 34.19 40.67
N CYS C 111 -21.41 34.40 39.35
CA CYS C 111 -20.38 33.79 38.52
C CYS C 111 -19.07 34.55 38.57
N GLY C 112 -19.07 35.74 39.12
CA GLY C 112 -17.86 36.49 39.25
C GLY C 112 -17.00 35.91 40.35
N ALA C 113 -15.82 36.50 40.49
CA ALA C 113 -14.88 36.07 41.50
C ALA C 113 -15.08 36.76 42.83
N ASP C 114 -15.89 37.83 42.88
CA ASP C 114 -15.83 38.74 44.02
C ASP C 114 -15.95 38.01 45.35
N PHE C 115 -16.70 36.92 45.40
CA PHE C 115 -17.00 36.26 46.67
C PHE C 115 -16.38 34.87 46.80
N ARG C 116 -15.39 34.53 45.95
CA ARG C 116 -14.80 33.19 45.95
C ARG C 116 -13.78 33.01 47.07
N LEU C 117 -12.97 34.02 47.34
CA LEU C 117 -11.77 33.86 48.16
C LEU C 117 -12.05 34.03 49.65
N THR C 118 -11.39 33.18 50.46
CA THR C 118 -11.50 33.27 51.91
C THR C 118 -10.40 34.11 52.52
N ASP C 119 -9.27 34.22 51.87
CA ASP C 119 -8.16 34.99 52.40
C ASP C 119 -8.19 36.38 51.76
N ALA C 120 -8.36 37.41 52.58
CA ALA C 120 -8.49 38.77 52.06
C ALA C 120 -7.18 39.28 51.48
N ALA C 121 -6.07 38.98 52.13
CA ALA C 121 -4.79 39.46 51.62
C ALA C 121 -4.40 38.76 50.33
N VAL C 122 -4.96 37.59 50.07
CA VAL C 122 -4.76 36.88 48.81
C VAL C 122 -5.59 37.52 47.70
N TRP C 123 -6.86 37.81 47.98
CA TRP C 123 -7.66 38.55 47.02
C TRP C 123 -6.95 39.82 46.59
N GLU C 124 -6.34 40.52 47.55
CA GLU C 124 -5.79 41.83 47.25
C GLU C 124 -4.60 41.75 46.31
N ARG C 125 -3.80 40.67 46.44
CA ARG C 125 -2.59 40.52 45.63
C ARG C 125 -2.88 40.11 44.20
N PHE C 126 -3.95 39.34 43.97
CA PHE C 126 -4.25 38.87 42.63
C PHE C 126 -5.30 39.70 41.89
N TYR C 127 -6.15 40.45 42.59
CA TYR C 127 -7.22 41.19 41.92
C TYR C 127 -7.14 42.69 42.00
N GLY C 128 -6.51 43.26 43.04
CA GLY C 128 -6.29 44.69 43.13
C GLY C 128 -7.48 45.53 43.57
N SER C 129 -8.56 44.91 44.05
CA SER C 129 -9.63 45.60 44.75
C SER C 129 -9.72 44.98 46.15
N SER C 130 -10.64 45.51 46.97
CA SER C 130 -10.74 45.09 48.36
C SER C 130 -11.63 43.86 48.48
N HIS C 131 -11.26 42.98 49.38
CA HIS C 131 -12.03 41.76 49.60
C HIS C 131 -13.46 42.08 50.01
N ALA C 132 -14.41 41.53 49.28
CA ALA C 132 -15.82 41.74 49.63
C ALA C 132 -16.16 40.77 50.74
N GLY C 133 -15.61 39.56 50.65
CA GLY C 133 -15.90 38.52 51.64
C GLY C 133 -16.19 37.21 50.96
N SER C 134 -16.35 36.14 51.72
CA SER C 134 -16.56 34.81 51.10
C SER C 134 -18.02 34.36 51.20
N TRP C 135 -18.51 33.75 50.14
CA TRP C 135 -19.84 33.09 50.11
C TRP C 135 -19.61 31.60 49.90
N PRO C 136 -20.63 30.75 50.10
CA PRO C 136 -20.50 29.32 49.82
C PRO C 136 -19.96 29.07 48.41
N TYR C 137 -18.94 28.22 48.31
CA TYR C 137 -18.31 27.90 47.01
C TYR C 137 -19.23 26.97 46.24
N GLY C 138 -19.49 27.28 44.97
CA GLY C 138 -20.41 26.47 44.15
C GLY C 138 -19.76 25.25 43.53
N LEU C 139 -19.27 24.33 44.35
CA LEU C 139 -18.67 23.09 43.81
C LEU C 139 -19.11 21.93 44.69
N PRO C 140 -20.34 21.42 44.54
CA PRO C 140 -20.89 20.38 45.41
C PRO C 140 -19.98 19.21 45.75
N GLU C 141 -19.20 18.70 44.79
CA GLU C 141 -18.29 17.56 45.00
C GLU C 141 -17.20 17.88 46.03
N LEU C 142 -16.77 19.14 46.14
CA LEU C 142 -15.76 19.54 47.14
C LEU C 142 -16.29 19.15 48.52
N PRO C 143 -15.58 18.33 49.29
CA PRO C 143 -16.01 17.95 50.62
C PRO C 143 -16.38 19.15 51.50
N GLY C 144 -17.57 19.08 52.10
CA GLY C 144 -18.07 20.12 53.02
C GLY C 144 -18.79 21.23 52.30
N ALA C 145 -18.85 21.17 50.97
CA ALA C 145 -19.49 22.27 50.22
C ALA C 145 -20.99 21.99 50.09
N ARG C 146 -21.37 20.76 49.74
CA ARG C 146 -22.80 20.41 49.54
C ARG C 146 -23.60 20.82 50.79
N ASP C 147 -23.11 20.43 51.97
CA ASP C 147 -23.77 20.79 53.25
C ASP C 147 -23.89 22.31 53.34
N GLN C 148 -22.85 23.05 52.98
CA GLN C 148 -22.88 24.52 53.07
C GLN C 148 -23.91 25.13 52.12
N LEU C 149 -24.14 24.51 50.96
CA LEU C 149 -25.05 25.14 49.96
C LEU C 149 -26.51 24.77 50.19
N ARG C 150 -26.76 23.71 50.96
CA ARG C 150 -28.17 23.30 51.17
C ARG C 150 -28.94 24.47 51.78
N GLY C 151 -29.91 25.01 51.05
CA GLY C 151 -30.79 26.11 51.48
C GLY C 151 -30.07 27.43 51.66
N THR C 152 -28.93 27.60 51.01
CA THR C 152 -28.18 28.87 51.18
C THR C 152 -28.79 29.91 50.27
N ARG C 153 -28.57 31.17 50.62
CA ARG C 153 -29.08 32.27 49.82
C ARG C 153 -27.95 33.09 49.18
N ARG C 154 -26.76 32.50 49.11
CA ARG C 154 -25.61 33.10 48.45
C ARG C 154 -24.79 31.98 47.82
N ILE C 155 -24.32 32.21 46.60
CA ILE C 155 -23.46 31.27 45.90
C ILE C 155 -22.38 32.05 45.18
N ALA C 156 -21.12 31.65 45.39
CA ALA C 156 -20.01 32.06 44.53
C ALA C 156 -19.63 30.83 43.70
N VAL C 157 -19.88 30.88 42.41
CA VAL C 157 -19.57 29.79 41.47
C VAL C 157 -18.06 29.77 41.21
N PRO C 158 -17.42 28.61 41.08
CA PRO C 158 -15.97 28.58 40.90
C PRO C 158 -15.55 29.13 39.53
N GLY C 159 -14.25 29.41 39.40
CA GLY C 159 -13.68 29.57 38.08
C GLY C 159 -13.64 28.27 37.30
N CYS C 160 -13.43 28.38 35.99
CA CYS C 160 -13.49 27.18 35.16
C CYS C 160 -12.29 26.28 35.41
N TYR C 161 -11.09 26.83 35.33
CA TYR C 161 -9.87 26.05 35.58
C TYR C 161 -9.82 25.42 36.98
N PRO C 162 -10.06 26.16 38.08
CA PRO C 162 -10.08 25.50 39.40
C PRO C 162 -11.04 24.35 39.51
N THR C 163 -12.14 24.37 38.77
CA THR C 163 -13.09 23.27 38.84
C THR C 163 -12.47 22.02 38.27
N ALA C 164 -11.70 22.18 37.19
CA ALA C 164 -11.05 21.03 36.60
C ALA C 164 -9.93 20.51 37.49
N ALA C 165 -9.24 21.44 38.18
CA ALA C 165 -8.04 21.11 38.93
C ALA C 165 -8.40 20.46 40.25
N LEU C 166 -9.41 21.00 40.95
CA LEU C 166 -9.86 20.40 42.20
C LEU C 166 -10.42 19.01 41.96
N LEU C 167 -11.31 18.85 40.98
CA LEU C 167 -11.83 17.53 40.65
C LEU C 167 -10.71 16.53 40.38
N ALA C 168 -9.67 16.97 39.68
CA ALA C 168 -8.60 16.05 39.30
C ALA C 168 -7.74 15.67 40.51
N LEU C 169 -7.54 16.59 41.44
CA LEU C 169 -6.46 16.51 42.40
C LEU C 169 -6.91 16.28 43.83
N PHE C 170 -8.13 16.74 44.23
CA PHE C 170 -8.41 16.78 45.65
C PHE C 170 -8.48 15.39 46.29
N PRO C 171 -9.10 14.37 45.66
CA PRO C 171 -9.15 13.06 46.33
C PRO C 171 -7.78 12.57 46.79
N ALA C 172 -6.86 12.42 45.82
CA ALA C 172 -5.51 11.92 46.11
C ALA C 172 -4.79 12.76 47.17
N LEU C 173 -5.02 14.07 47.21
CA LEU C 173 -4.43 14.85 48.29
C LEU C 173 -5.25 14.74 49.58
N ALA C 174 -6.57 14.46 49.49
CA ALA C 174 -7.37 14.32 50.70
C ALA C 174 -7.06 13.02 51.41
N ALA C 175 -6.59 12.03 50.67
CA ALA C 175 -6.13 10.80 51.27
C ALA C 175 -4.62 10.81 51.47
N ASP C 176 -3.99 11.99 51.38
CA ASP C 176 -2.56 12.16 51.64
C ASP C 176 -1.72 11.16 50.85
N LEU C 177 -2.11 10.91 49.60
CA LEU C 177 -1.40 9.97 48.73
C LEU C 177 -0.52 10.67 47.69
N ILE C 178 -0.37 11.99 47.76
CA ILE C 178 0.47 12.76 46.86
C ILE C 178 1.08 13.91 47.65
N GLU C 179 2.02 14.56 47.08
CA GLU C 179 2.60 15.68 47.81
C GLU C 179 1.88 17.00 47.51
N PRO C 180 1.83 17.94 48.48
CA PRO C 180 0.99 19.14 48.33
C PRO C 180 1.61 20.23 47.46
N ALA C 181 2.57 19.86 46.63
CA ALA C 181 3.01 20.68 45.51
C ALA C 181 2.53 20.02 44.22
N VAL C 182 1.69 20.75 43.46
CA VAL C 182 1.09 20.22 42.24
C VAL C 182 1.43 21.14 41.07
N THR C 183 1.73 20.56 39.92
CA THR C 183 1.75 21.31 38.67
C THR C 183 0.41 21.09 37.95
N VAL C 184 -0.17 22.17 37.44
CA VAL C 184 -1.35 22.06 36.58
C VAL C 184 -1.05 22.80 35.28
N VAL C 185 -1.30 22.12 34.15
CA VAL C 185 -1.29 22.72 32.81
C VAL C 185 -2.61 22.36 32.13
N ALA C 186 -3.44 23.37 31.83
CA ALA C 186 -4.79 23.12 31.30
C ALA C 186 -4.96 23.86 29.99
N VAL C 187 -5.35 23.12 28.95
CA VAL C 187 -5.83 23.70 27.71
C VAL C 187 -7.27 24.14 27.89
N SER C 188 -7.65 25.26 27.26
CA SER C 188 -9.04 25.71 27.29
C SER C 188 -9.47 26.34 25.98
N GLY C 189 -10.76 26.19 25.67
CA GLY C 189 -11.33 26.83 24.52
C GLY C 189 -11.62 28.31 24.77
N THR C 190 -11.79 29.04 23.67
CA THR C 190 -11.89 30.52 23.67
C THR C 190 -13.11 31.13 24.38
N SER C 191 -14.12 30.38 24.83
CA SER C 191 -15.25 31.09 25.48
C SER C 191 -14.97 31.43 26.94
N GLY C 192 -13.87 30.93 27.49
CA GLY C 192 -13.45 31.26 28.87
C GLY C 192 -12.88 32.66 28.92
N ALA C 193 -12.42 33.17 27.78
CA ALA C 193 -11.88 34.53 27.64
C ALA C 193 -13.01 35.55 27.73
N GLY C 194 -14.22 35.16 27.35
CA GLY C 194 -15.35 36.10 27.45
C GLY C 194 -15.81 36.55 26.09
N ARG C 195 -16.83 37.40 26.06
CA ARG C 195 -17.39 37.90 24.78
C ARG C 195 -16.79 39.25 24.46
N ALA C 196 -15.97 39.78 25.35
CA ALA C 196 -15.32 41.09 25.09
C ALA C 196 -14.41 40.91 23.88
N ALA C 197 -14.63 41.69 22.81
CA ALA C 197 -13.83 41.47 21.60
C ALA C 197 -12.47 42.14 21.73
N THR C 198 -11.42 41.36 21.51
CA THR C 198 -10.08 41.88 21.35
C THR C 198 -9.47 41.21 20.13
N THR C 199 -8.21 41.50 19.88
CA THR C 199 -7.60 40.95 18.68
C THR C 199 -7.04 39.57 18.92
N ASP C 200 -6.70 39.24 20.17
CA ASP C 200 -6.25 37.90 20.53
C ASP C 200 -7.36 36.86 20.46
N LEU C 201 -8.61 37.29 20.48
CA LEU C 201 -9.69 36.32 20.44
C LEU C 201 -10.36 36.27 19.09
N LEU C 202 -9.78 36.94 18.12
CA LEU C 202 -10.36 36.91 16.76
C LEU C 202 -10.21 35.49 16.24
N GLY C 203 -11.17 35.04 15.45
CA GLY C 203 -11.15 33.69 14.90
C GLY C 203 -9.86 33.39 14.16
N ALA C 204 -9.39 34.34 13.34
CA ALA C 204 -8.15 34.18 12.56
C ALA C 204 -6.93 34.05 13.47
N GLU C 205 -6.94 34.66 14.64
CA GLU C 205 -5.76 34.57 15.53
C GLU C 205 -5.76 33.23 16.29
N VAL C 206 -6.92 32.77 16.73
CA VAL C 206 -6.95 31.53 17.56
C VAL C 206 -7.00 30.29 16.68
N ILE C 207 -7.52 30.40 15.47
CA ILE C 207 -7.56 29.19 14.61
C ILE C 207 -6.15 28.83 14.21
N GLY C 208 -5.81 27.55 14.32
CA GLY C 208 -4.50 27.06 13.96
C GLY C 208 -3.37 27.59 14.82
N SER C 209 -3.60 27.81 16.12
CA SER C 209 -2.54 28.29 17.00
C SER C 209 -2.91 27.97 18.45
N ALA C 210 -1.91 27.53 19.24
CA ALA C 210 -2.05 27.44 20.69
C ALA C 210 -1.07 28.43 21.25
N ARG C 211 -1.26 28.75 22.51
CA ARG C 211 -0.39 29.66 23.23
C ARG C 211 -0.79 29.63 24.69
N ALA C 212 0.20 29.76 25.55
CA ALA C 212 0.00 29.80 26.99
C ALA C 212 0.04 31.26 27.38
N TYR C 213 -0.50 31.59 28.53
CA TYR C 213 -0.67 33.00 28.86
C TYR C 213 -0.77 33.10 30.37
N ASN C 214 -0.54 34.31 30.89
CA ASN C 214 -0.54 34.57 32.34
C ASN C 214 0.16 33.44 33.10
N ILE C 215 1.41 33.19 32.74
CA ILE C 215 2.09 32.01 33.28
C ILE C 215 2.85 32.31 34.57
N ALA C 216 3.51 31.30 35.12
CA ALA C 216 4.43 31.47 36.25
C ALA C 216 3.72 32.09 37.45
N GLY C 217 2.52 31.60 37.75
CA GLY C 217 1.81 31.95 38.95
C GLY C 217 0.97 33.22 38.91
N VAL C 218 1.00 34.01 37.84
CA VAL C 218 0.24 35.25 37.89
C VAL C 218 -1.26 35.04 37.65
N HIS C 219 -1.63 33.95 37.00
CA HIS C 219 -3.08 33.72 36.74
C HIS C 219 -3.88 33.72 38.04
N ARG C 220 -5.03 34.38 38.04
CA ARG C 220 -5.88 34.56 39.23
C ARG C 220 -6.46 33.25 39.77
N HIS C 221 -6.54 32.18 38.99
CA HIS C 221 -7.09 30.90 39.46
C HIS C 221 -6.11 30.15 40.35
N THR C 222 -4.84 30.50 40.28
CA THR C 222 -3.79 29.80 41.05
C THR C 222 -4.20 29.73 42.52
N PRO C 223 -4.46 30.85 43.22
CA PRO C 223 -4.90 30.80 44.60
C PRO C 223 -6.18 29.99 44.80
N GLU C 224 -7.11 30.05 43.86
CA GLU C 224 -8.37 29.28 43.95
C GLU C 224 -8.00 27.80 43.97
N ILE C 225 -7.11 27.35 43.10
CA ILE C 225 -6.72 25.94 43.14
C ILE C 225 -6.14 25.60 44.51
N ALA C 226 -5.24 26.44 45.02
CA ALA C 226 -4.61 26.16 46.32
C ALA C 226 -5.59 26.31 47.47
N GLN C 227 -6.45 27.33 47.43
CA GLN C 227 -7.46 27.50 48.47
C GLN C 227 -8.33 26.26 48.61
N GLY C 228 -8.70 25.65 47.50
CA GLY C 228 -9.48 24.44 47.55
C GLY C 228 -8.66 23.20 47.76
N LEU C 229 -7.35 23.28 47.57
CA LEU C 229 -6.50 22.14 47.91
C LEU C 229 -6.17 22.16 49.40
N ARG C 230 -5.94 23.35 49.97
CA ARG C 230 -5.75 23.49 51.41
C ARG C 230 -6.97 23.04 52.21
N ALA C 231 -8.14 23.04 51.60
CA ALA C 231 -9.38 22.65 52.26
C ALA C 231 -9.52 21.14 52.47
N VAL C 232 -8.50 20.33 52.17
CA VAL C 232 -8.50 18.90 52.52
C VAL C 232 -7.09 18.42 52.87
N THR C 233 -6.23 19.32 53.33
CA THR C 233 -4.88 18.93 53.72
C THR C 233 -4.38 19.83 54.84
N ASP C 234 -3.40 19.32 55.59
CA ASP C 234 -2.75 20.09 56.64
C ASP C 234 -1.37 20.59 56.25
N ARG C 235 -0.84 20.18 55.09
CA ARG C 235 0.46 20.60 54.62
C ARG C 235 0.35 21.89 53.80
N ASP C 236 1.47 22.60 53.68
CA ASP C 236 1.49 23.80 52.84
C ASP C 236 1.30 23.41 51.38
N VAL C 237 0.52 24.19 50.64
CA VAL C 237 0.11 23.84 49.29
C VAL C 237 0.74 24.80 48.29
N SER C 238 1.40 24.22 47.28
CA SER C 238 2.10 24.94 46.22
C SER C 238 1.47 24.59 44.89
N VAL C 239 1.22 25.60 44.04
CA VAL C 239 0.51 25.43 42.77
C VAL C 239 1.29 26.16 41.69
N SER C 240 1.73 25.43 40.66
CA SER C 240 2.25 26.04 39.43
C SER C 240 1.18 25.85 38.37
N PHE C 241 0.56 26.95 37.95
CA PHE C 241 -0.57 26.88 37.03
C PHE C 241 -0.18 27.50 35.70
N THR C 242 -0.51 26.81 34.63
CA THR C 242 -0.20 27.29 33.30
C THR C 242 -1.42 26.97 32.47
N PRO C 243 -2.12 27.99 31.94
CA PRO C 243 -3.21 27.75 30.98
C PRO C 243 -2.80 28.00 29.55
N VAL C 244 -3.35 27.18 28.67
CA VAL C 244 -3.03 27.27 27.23
C VAL C 244 -4.33 27.47 26.48
N LEU C 245 -4.31 28.34 25.47
CA LEU C 245 -5.52 28.63 24.67
C LEU C 245 -5.43 27.83 23.38
N ILE C 246 -6.44 27.04 23.08
CA ILE C 246 -6.41 26.18 21.86
C ILE C 246 -7.60 26.52 20.98
N PRO C 247 -7.60 26.12 19.69
CA PRO C 247 -8.69 26.41 18.78
C PRO C 247 -9.99 25.65 19.04
N ALA C 248 -10.67 25.95 20.14
CA ALA C 248 -11.94 25.32 20.49
C ALA C 248 -12.82 26.37 21.15
N SER C 249 -14.13 26.23 21.09
CA SER C 249 -14.99 27.27 21.68
C SER C 249 -15.28 26.93 23.14
N ARG C 250 -15.37 25.65 23.43
CA ARG C 250 -15.64 25.24 24.83
C ARG C 250 -14.69 24.12 25.20
N GLY C 251 -14.54 23.88 26.49
CA GLY C 251 -13.73 22.71 26.88
C GLY C 251 -12.52 23.08 27.69
N ILE C 252 -12.14 22.17 28.58
CA ILE C 252 -10.94 22.34 29.43
C ILE C 252 -10.38 20.96 29.71
N LEU C 253 -9.17 20.69 29.26
CA LEU C 253 -8.45 19.47 29.60
C LEU C 253 -7.35 19.85 30.59
N ALA C 254 -7.54 19.49 31.85
CA ALA C 254 -6.52 19.77 32.87
C ALA C 254 -5.61 18.54 33.04
N THR C 255 -4.30 18.77 32.92
CA THR C 255 -3.28 17.76 33.19
C THR C 255 -2.59 18.11 34.50
N CYS C 256 -2.86 17.31 35.52
CA CYS C 256 -2.45 17.60 36.89
C CYS C 256 -1.37 16.61 37.34
N THR C 257 -0.26 17.14 37.83
CA THR C 257 0.78 16.26 38.32
C THR C 257 1.20 16.63 39.73
N ALA C 258 1.65 15.61 40.46
CA ALA C 258 2.30 15.79 41.75
C ALA C 258 3.22 14.61 42.02
N ARG C 259 4.31 14.91 42.75
CA ARG C 259 5.19 13.87 43.30
C ARG C 259 4.40 12.97 44.23
N THR C 260 4.50 11.66 43.99
CA THR C 260 3.85 10.69 44.82
C THR C 260 4.83 9.59 45.17
N ARG C 261 4.40 8.71 46.07
CA ARG C 261 5.09 7.46 46.35
C ARG C 261 4.13 6.31 46.54
N SER C 262 2.83 6.58 46.68
CA SER C 262 1.86 5.54 46.96
C SER C 262 1.45 4.84 45.68
N PRO C 263 0.85 3.65 45.78
CA PRO C 263 0.64 2.83 44.58
C PRO C 263 -0.60 3.25 43.81
N LEU C 264 -0.66 2.75 42.57
CA LEU C 264 -1.80 3.04 41.70
C LEU C 264 -3.09 2.51 42.29
N SER C 265 -3.07 1.26 42.79
CA SER C 265 -4.29 0.62 43.28
C SER C 265 -4.89 1.40 44.43
N GLN C 266 -4.10 2.29 45.03
CA GLN C 266 -4.55 3.06 46.18
C GLN C 266 -4.99 4.47 45.77
N LEU C 267 -4.29 5.07 44.82
CA LEU C 267 -4.80 6.26 44.16
C LEU C 267 -6.14 5.98 43.48
N ARG C 268 -6.21 4.92 42.67
CA ARG C 268 -7.46 4.48 42.03
C ARG C 268 -8.59 4.34 43.04
N ALA C 269 -8.44 3.41 43.99
CA ALA C 269 -9.52 3.08 44.91
C ALA C 269 -9.96 4.29 45.71
N ALA C 270 -9.09 5.29 45.89
CA ALA C 270 -9.48 6.50 46.59
C ALA C 270 -10.35 7.42 45.74
N TYR C 271 -10.19 7.39 44.42
CA TYR C 271 -11.01 8.24 43.57
C TYR C 271 -12.42 7.66 43.46
N GLU C 272 -12.53 6.35 43.23
CA GLU C 272 -13.88 5.82 43.09
C GLU C 272 -14.62 5.81 44.43
N LYS C 273 -13.91 5.86 45.56
CA LYS C 273 -14.64 6.10 46.81
C LYS C 273 -15.13 7.53 46.86
N ALA C 274 -14.31 8.50 46.41
CA ALA C 274 -14.74 9.90 46.42
C ALA C 274 -15.91 10.15 45.47
N TYR C 275 -16.03 9.36 44.38
CA TYR C 275 -16.96 9.70 43.30
C TYR C 275 -17.95 8.60 42.91
N HIS C 276 -17.87 7.41 43.51
CA HIS C 276 -18.78 6.32 43.11
C HIS C 276 -20.24 6.70 43.30
N ALA C 277 -20.53 7.64 44.20
CA ALA C 277 -21.87 8.17 44.35
C ALA C 277 -22.06 9.54 43.71
N GLU C 278 -20.99 10.18 43.20
CA GLU C 278 -21.14 11.52 42.62
C GLU C 278 -21.68 11.39 41.22
N PRO C 279 -22.88 11.93 40.94
CA PRO C 279 -23.52 11.68 39.64
C PRO C 279 -22.82 12.34 38.47
N PHE C 280 -22.17 13.51 38.67
CA PHE C 280 -21.56 14.26 37.58
C PHE C 280 -20.11 13.91 37.33
N ILE C 281 -19.43 13.32 38.31
CA ILE C 281 -18.03 12.90 38.17
C ILE C 281 -18.01 11.46 37.72
N TYR C 282 -17.33 11.21 36.61
CA TYR C 282 -17.22 9.93 35.95
C TYR C 282 -15.73 9.59 35.86
N LEU C 283 -15.35 8.40 36.33
CA LEU C 283 -13.99 7.90 36.17
C LEU C 283 -13.88 7.08 34.90
N MET C 284 -12.86 7.36 34.10
CA MET C 284 -12.73 6.59 32.86
C MET C 284 -12.48 5.12 33.19
N PRO C 285 -13.15 4.20 32.47
CA PRO C 285 -12.73 2.80 32.50
C PRO C 285 -11.25 2.61 32.25
N GLU C 286 -10.72 1.45 32.64
CA GLU C 286 -9.30 1.19 32.49
C GLU C 286 -8.94 1.25 31.01
N GLY C 287 -7.86 1.98 30.71
CA GLY C 287 -7.44 2.18 29.33
C GLY C 287 -8.27 3.19 28.58
N GLN C 288 -8.87 4.14 29.27
CA GLN C 288 -9.53 5.27 28.64
C GLN C 288 -8.99 6.54 29.26
N LEU C 289 -8.96 7.59 28.47
CA LEU C 289 -8.56 8.91 28.95
C LEU C 289 -9.67 9.89 28.59
N PRO C 290 -9.80 10.98 29.33
CA PRO C 290 -10.89 11.93 29.04
C PRO C 290 -10.61 12.76 27.80
N ARG C 291 -11.70 13.19 27.16
CA ARG C 291 -11.60 14.16 26.06
C ARG C 291 -12.63 15.24 26.31
N THR C 292 -12.22 16.50 26.15
CA THR C 292 -13.17 17.64 26.25
C THR C 292 -14.43 17.42 25.41
N GLY C 293 -14.25 16.99 24.14
CA GLY C 293 -15.34 16.61 23.27
C GLY C 293 -16.49 15.86 23.91
N ALA C 294 -16.17 14.99 24.86
CA ALA C 294 -17.12 14.03 25.41
C ALA C 294 -18.03 14.65 26.44
N VAL C 295 -17.60 15.75 27.08
CA VAL C 295 -18.35 16.42 28.14
C VAL C 295 -19.02 17.73 27.68
N ILE C 296 -18.92 18.07 26.40
CA ILE C 296 -19.32 19.40 25.94
C ILE C 296 -20.83 19.50 25.91
N GLY C 297 -21.35 20.51 26.58
CA GLY C 297 -22.78 20.68 26.70
C GLY C 297 -23.38 19.92 27.86
N SER C 298 -22.54 19.32 28.68
CA SER C 298 -23.02 18.53 29.84
C SER C 298 -22.41 19.07 31.12
N ASN C 299 -22.88 18.57 32.25
CA ASN C 299 -22.39 19.02 33.57
C ASN C 299 -21.44 17.96 34.12
N ALA C 300 -20.90 17.13 33.24
CA ALA C 300 -20.00 16.04 33.68
C ALA C 300 -18.54 16.48 33.74
N ALA C 301 -17.71 15.59 34.26
CA ALA C 301 -16.24 15.72 34.33
C ALA C 301 -15.71 14.32 34.07
N HIS C 302 -14.93 14.10 33.02
CA HIS C 302 -14.37 12.75 32.80
C HIS C 302 -12.99 12.79 33.43
N ILE C 303 -12.67 11.84 34.28
CA ILE C 303 -11.38 11.91 35.02
C ILE C 303 -10.67 10.57 34.99
N ALA C 304 -9.37 10.60 34.67
CA ALA C 304 -8.50 9.45 34.69
C ALA C 304 -7.34 9.72 35.63
N VAL C 305 -6.85 8.65 36.26
CA VAL C 305 -5.68 8.72 37.14
C VAL C 305 -4.65 7.70 36.68
N ALA C 306 -3.39 8.07 36.81
CA ALA C 306 -2.30 7.16 36.51
C ALA C 306 -1.06 7.59 37.30
N VAL C 307 -0.03 6.76 37.30
CA VAL C 307 1.22 7.06 37.99
C VAL C 307 2.38 6.94 37.00
N ASP C 308 3.30 7.91 37.06
CA ASP C 308 4.58 7.85 36.37
C ASP C 308 5.63 7.28 37.33
N GLU C 309 6.06 6.04 37.10
CA GLU C 309 7.00 5.44 38.05
C GLU C 309 8.43 5.96 37.84
N ASP C 310 8.92 5.95 36.61
CA ASP C 310 10.30 6.41 36.41
C ASP C 310 10.50 7.86 36.79
N ALA C 311 9.43 8.56 37.16
CA ALA C 311 9.50 9.94 37.61
C ALA C 311 8.78 10.17 38.92
N GLN C 312 8.14 9.14 39.49
CA GLN C 312 7.55 9.21 40.83
C GLN C 312 6.45 10.27 40.88
N THR C 313 5.70 10.39 39.80
CA THR C 313 4.70 11.43 39.66
C THR C 313 3.31 10.83 39.47
N PHE C 314 2.35 11.37 40.20
CA PHE C 314 0.94 11.12 39.97
C PHE C 314 0.46 12.07 38.86
N VAL C 315 -0.24 11.54 37.87
CA VAL C 315 -0.91 12.35 36.87
C VAL C 315 -2.41 12.11 36.99
N ALA C 316 -3.15 13.18 37.20
CA ALA C 316 -4.61 13.16 37.05
C ALA C 316 -4.97 14.05 35.86
N ILE C 317 -5.81 13.52 34.98
CA ILE C 317 -6.35 14.25 33.85
C ILE C 317 -7.84 14.46 34.09
N ALA C 318 -8.33 15.64 33.69
CA ALA C 318 -9.70 15.98 33.95
C ALA C 318 -10.26 16.78 32.76
N ALA C 319 -11.53 16.51 32.44
CA ALA C 319 -12.19 17.09 31.28
C ALA C 319 -13.55 17.62 31.71
N ILE C 320 -13.70 18.94 31.71
CA ILE C 320 -14.99 19.58 31.89
C ILE C 320 -15.27 20.47 30.69
N ASP C 321 -16.49 21.03 30.68
CA ASP C 321 -16.91 22.11 29.80
C ASP C 321 -16.71 23.41 30.58
N ASN C 322 -15.87 24.30 30.07
CA ASN C 322 -15.66 25.57 30.75
C ASN C 322 -16.97 26.33 30.97
N LEU C 323 -17.93 26.20 30.07
CA LEU C 323 -19.15 26.99 30.20
C LEU C 323 -20.20 26.32 31.07
N VAL C 324 -20.27 24.99 31.11
CA VAL C 324 -21.27 24.30 31.92
C VAL C 324 -20.77 24.03 33.35
N LYS C 325 -20.08 22.89 33.55
CA LYS C 325 -19.61 22.53 34.88
C LYS C 325 -18.61 23.55 35.41
N GLY C 326 -17.85 24.18 34.52
CA GLY C 326 -16.96 25.23 34.94
C GLY C 326 -17.60 26.58 35.20
N THR C 327 -18.85 26.80 34.76
CA THR C 327 -19.55 28.07 35.00
C THR C 327 -21.03 27.89 35.33
N ALA C 328 -21.83 27.73 34.29
CA ALA C 328 -23.28 27.83 34.39
C ALA C 328 -23.88 26.60 35.05
N GLY C 329 -23.49 25.41 34.61
CA GLY C 329 -23.97 24.20 35.25
C GLY C 329 -23.77 24.26 36.75
N ALA C 330 -22.57 24.65 37.15
CA ALA C 330 -22.25 24.79 38.55
C ALA C 330 -23.22 25.72 39.24
N ALA C 331 -23.63 26.78 38.55
CA ALA C 331 -24.56 27.73 39.11
C ALA C 331 -25.93 27.10 39.37
N VAL C 332 -26.45 26.38 38.36
CA VAL C 332 -27.78 25.78 38.44
C VAL C 332 -27.79 24.60 39.41
N GLN C 333 -26.76 23.76 39.33
CA GLN C 333 -26.54 22.72 40.33
C GLN C 333 -26.62 23.29 41.74
N SER C 334 -25.74 24.24 42.05
CA SER C 334 -25.80 24.83 43.38
C SER C 334 -27.06 25.66 43.59
N MET C 335 -27.77 26.04 42.53
CA MET C 335 -29.07 26.66 42.73
C MET C 335 -30.06 25.62 43.25
N ASN C 336 -30.15 24.48 42.56
CA ASN C 336 -30.97 23.38 43.01
C ASN C 336 -30.79 23.10 44.51
N LEU C 337 -29.54 22.96 44.98
CA LEU C 337 -29.35 22.78 46.41
C LEU C 337 -29.82 23.98 47.23
N ALA C 338 -29.85 25.18 46.64
CA ALA C 338 -30.27 26.36 47.39
C ALA C 338 -31.78 26.45 47.56
N LEU C 339 -32.56 25.88 46.64
CA LEU C 339 -34.02 25.90 46.74
C LEU C 339 -34.59 24.53 47.07
N GLY C 340 -33.74 23.56 47.44
CA GLY C 340 -34.17 22.23 47.84
C GLY C 340 -34.58 21.33 46.71
N TRP C 341 -34.33 21.71 45.47
CA TRP C 341 -34.68 20.88 44.36
C TRP C 341 -33.66 19.76 44.22
N PRO C 342 -33.97 18.72 43.45
CA PRO C 342 -32.97 17.68 43.18
C PRO C 342 -31.71 18.30 42.57
N GLU C 343 -30.55 17.89 43.08
CA GLU C 343 -29.30 18.49 42.60
C GLU C 343 -29.17 18.37 41.08
N THR C 344 -29.44 17.19 40.52
CA THR C 344 -29.30 16.99 39.09
C THR C 344 -30.50 17.48 38.30
N ASP C 345 -31.34 18.33 38.90
CA ASP C 345 -32.45 18.94 38.18
C ASP C 345 -31.90 19.73 37.01
N GLY C 346 -32.05 19.21 35.80
CA GLY C 346 -31.74 19.97 34.62
C GLY C 346 -30.30 19.97 34.16
N LEU C 347 -29.47 19.03 34.63
CA LEU C 347 -28.05 19.03 34.29
C LEU C 347 -27.62 17.65 33.80
N SER C 348 -27.80 17.43 32.50
CA SER C 348 -27.45 16.15 31.82
C SER C 348 -25.96 15.82 31.93
N VAL C 349 -25.67 14.52 31.87
CA VAL C 349 -24.26 14.04 31.92
C VAL C 349 -23.87 13.56 30.53
N VAL C 350 -24.76 13.68 29.56
CA VAL C 350 -24.46 13.24 28.17
C VAL C 350 -24.01 14.45 27.37
N GLY C 351 -22.80 14.42 26.85
CA GLY C 351 -22.26 15.55 26.08
C GLY C 351 -22.63 15.46 24.62
N VAL C 352 -22.65 16.60 23.94
CA VAL C 352 -23.02 16.61 22.51
C VAL C 352 -21.75 16.36 21.71
N ALA C 353 -21.62 15.16 21.15
CA ALA C 353 -20.43 14.81 20.37
C ALA C 353 -20.86 14.08 19.10
N PRO C 354 -20.07 14.12 18.01
CA PRO C 354 -18.79 14.79 17.99
C PRO C 354 -18.87 16.31 17.75
N ALA D 11 -44.14 -0.15 28.24
CA ALA D 11 -44.12 -0.88 26.94
C ALA D 11 -43.09 -0.25 26.01
N THR D 12 -43.24 -0.48 24.72
CA THR D 12 -42.39 0.06 23.61
C THR D 12 -40.89 -0.16 23.81
N LYS D 13 -40.40 -1.33 23.43
CA LYS D 13 -38.96 -1.66 23.52
C LYS D 13 -38.27 -1.08 22.29
N VAL D 14 -37.05 -0.56 22.42
CA VAL D 14 -36.33 0.10 21.29
C VAL D 14 -34.97 -0.54 21.02
N ALA D 15 -34.68 -0.78 19.75
CA ALA D 15 -33.40 -1.36 19.31
C ALA D 15 -32.75 -0.38 18.36
N VAL D 16 -31.43 -0.42 18.25
CA VAL D 16 -30.70 0.50 17.35
C VAL D 16 -29.67 -0.31 16.55
N ALA D 17 -29.86 -0.41 15.24
CA ALA D 17 -28.90 -1.18 14.42
C ALA D 17 -27.81 -0.26 13.88
N GLY D 18 -26.56 -0.52 14.23
CA GLY D 18 -25.43 0.31 13.75
C GLY D 18 -25.07 1.35 14.79
N ALA D 19 -25.34 1.05 16.06
CA ALA D 19 -25.05 1.98 17.15
C ALA D 19 -23.59 2.41 17.20
N SER D 20 -22.73 1.80 16.39
CA SER D 20 -21.31 2.18 16.33
C SER D 20 -21.10 3.61 15.78
N GLY D 21 -21.81 3.98 14.71
CA GLY D 21 -21.58 5.22 13.97
C GLY D 21 -22.24 6.48 14.53
N TYR D 22 -21.93 7.61 13.88
CA TYR D 22 -22.36 8.95 14.34
C TYR D 22 -23.87 9.04 14.55
N ALA D 23 -24.63 8.40 13.68
CA ALA D 23 -26.11 8.43 13.77
C ALA D 23 -26.59 7.67 15.00
N GLY D 24 -26.15 6.41 15.13
CA GLY D 24 -26.54 5.58 16.28
C GLY D 24 -26.33 6.32 17.58
N GLY D 25 -25.13 6.85 17.79
CA GLY D 25 -24.86 7.59 19.02
C GLY D 25 -25.83 8.72 19.18
N GLU D 26 -25.99 9.52 18.13
CA GLU D 26 -26.92 10.67 18.17
C GLU D 26 -28.32 10.18 18.52
N ILE D 27 -28.78 9.11 17.87
CA ILE D 27 -30.15 8.60 18.20
C ILE D 27 -30.20 8.24 19.68
N LEU D 28 -29.19 7.51 20.15
CA LEU D 28 -29.13 7.12 21.58
C LEU D 28 -29.12 8.37 22.46
N ARG D 29 -28.36 9.40 22.08
CA ARG D 29 -28.29 10.66 22.85
C ARG D 29 -29.69 11.24 23.00
N LEU D 30 -30.48 11.25 21.93
CA LEU D 30 -31.86 11.81 21.96
C LEU D 30 -32.74 10.94 22.83
N LEU D 31 -32.67 9.62 22.63
CA LEU D 31 -33.48 8.63 23.40
C LEU D 31 -33.20 8.79 24.89
N LEU D 32 -31.93 8.98 25.26
CA LEU D 32 -31.56 9.21 26.68
C LEU D 32 -32.27 10.46 27.21
N GLY D 33 -32.44 11.50 26.40
CA GLY D 33 -33.17 12.70 26.84
C GLY D 33 -34.65 12.58 26.56
N HIS D 34 -35.09 11.56 25.82
CA HIS D 34 -36.52 11.47 25.57
C HIS D 34 -37.29 11.35 26.88
N PRO D 35 -38.39 12.09 27.06
CA PRO D 35 -39.18 11.98 28.30
C PRO D 35 -39.87 10.63 28.50
N ALA D 36 -40.04 9.83 27.44
CA ALA D 36 -40.56 8.47 27.61
C ALA D 36 -39.53 7.55 28.24
N TYR D 37 -38.25 7.92 28.19
CA TYR D 37 -37.21 7.16 28.86
C TYR D 37 -37.20 7.44 30.35
N ALA D 38 -37.49 8.68 30.75
CA ALA D 38 -37.54 9.01 32.16
C ALA D 38 -38.65 8.22 32.86
N ASP D 39 -39.88 8.32 32.36
CA ASP D 39 -41.05 7.72 33.01
C ASP D 39 -41.24 6.25 32.65
N GLY D 40 -40.36 5.69 31.80
CA GLY D 40 -40.28 4.27 31.57
C GLY D 40 -40.97 3.77 30.31
N ARG D 41 -41.79 4.59 29.67
CA ARG D 41 -42.55 4.16 28.51
C ARG D 41 -41.65 3.78 27.33
N LEU D 42 -40.33 3.85 27.52
CA LEU D 42 -39.38 3.49 26.47
C LEU D 42 -38.13 2.92 27.10
N ARG D 43 -37.61 1.85 26.51
CA ARG D 43 -36.45 1.16 27.06
C ARG D 43 -35.43 0.93 25.95
N ILE D 44 -34.18 1.28 26.21
CA ILE D 44 -33.11 1.11 25.23
C ILE D 44 -32.65 -0.33 25.31
N GLY D 45 -32.78 -1.05 24.19
CA GLY D 45 -32.50 -2.47 24.14
C GLY D 45 -31.22 -2.79 23.42
N ALA D 46 -31.31 -3.61 22.38
CA ALA D 46 -30.11 -4.15 21.74
C ALA D 46 -29.43 -3.07 20.90
N LEU D 47 -28.18 -2.77 21.22
CA LEU D 47 -27.37 -1.78 20.52
C LEU D 47 -26.50 -2.56 19.55
N THR D 48 -27.02 -2.80 18.36
CA THR D 48 -26.36 -3.75 17.47
C THR D 48 -25.41 -3.03 16.52
N ALA D 49 -24.47 -3.81 15.97
CA ALA D 49 -23.47 -3.28 15.04
C ALA D 49 -22.71 -4.42 14.38
N ALA D 50 -22.69 -4.44 13.05
CA ALA D 50 -21.74 -5.27 12.34
C ALA D 50 -20.32 -4.88 12.70
N THR D 51 -19.98 -3.61 12.48
CA THR D 51 -18.68 -3.08 12.87
C THR D 51 -18.41 -3.37 14.34
N SER D 52 -17.28 -4.07 14.61
CA SER D 52 -16.79 -4.34 15.96
C SER D 52 -17.92 -4.78 16.88
N ALA D 53 -18.43 -5.97 16.63
CA ALA D 53 -19.33 -6.60 17.59
C ALA D 53 -18.49 -7.26 18.69
N GLY D 54 -18.85 -6.98 19.95
CA GLY D 54 -18.11 -7.53 21.07
C GLY D 54 -17.76 -6.51 22.14
N SER D 55 -17.62 -5.22 21.77
CA SER D 55 -17.10 -4.20 22.65
C SER D 55 -18.20 -3.48 23.43
N THR D 56 -17.79 -2.57 24.30
CA THR D 56 -18.73 -1.67 24.99
C THR D 56 -19.00 -0.43 24.13
N LEU D 57 -20.21 0.12 24.27
CA LEU D 57 -20.56 1.37 23.59
C LEU D 57 -19.52 2.44 23.88
N GLY D 58 -19.17 2.62 25.17
CA GLY D 58 -18.26 3.67 25.58
C GLY D 58 -16.98 3.72 24.76
N GLU D 59 -16.48 2.56 24.33
CA GLU D 59 -15.33 2.54 23.44
C GLU D 59 -15.63 3.24 22.11
N HIS D 60 -16.89 3.49 21.80
CA HIS D 60 -17.27 4.21 20.60
C HIS D 60 -18.02 5.52 20.84
N HIS D 61 -18.71 5.69 21.98
CA HIS D 61 -19.51 6.90 22.21
C HIS D 61 -19.28 7.42 23.62
N PRO D 62 -18.04 7.86 23.93
CA PRO D 62 -17.71 8.26 25.30
C PRO D 62 -18.53 9.39 25.92
N HIS D 63 -19.49 9.93 25.20
CA HIS D 63 -20.41 10.90 25.77
C HIS D 63 -21.67 10.25 26.30
N LEU D 64 -22.01 9.05 25.82
CA LEU D 64 -23.22 8.34 26.25
C LEU D 64 -22.91 7.45 27.46
N THR D 65 -22.49 8.07 28.54
CA THR D 65 -21.93 7.25 29.60
C THR D 65 -23.00 6.49 30.38
N PRO D 66 -24.27 6.92 30.39
CA PRO D 66 -25.32 6.03 30.93
C PRO D 66 -25.38 4.64 30.26
N LEU D 67 -24.76 4.47 29.09
CA LEU D 67 -24.79 3.23 28.32
C LEU D 67 -23.37 2.86 27.89
N ALA D 68 -22.38 3.34 28.63
CA ALA D 68 -20.99 2.96 28.34
C ALA D 68 -20.69 1.51 28.66
N HIS D 69 -21.49 0.86 29.52
CA HIS D 69 -21.28 -0.53 29.92
C HIS D 69 -21.87 -1.52 28.93
N ARG D 70 -22.98 -1.15 28.28
CA ARG D 70 -23.66 -1.99 27.32
C ARG D 70 -22.66 -2.58 26.33
N VAL D 71 -23.03 -3.71 25.73
CA VAL D 71 -22.13 -4.46 24.88
C VAL D 71 -22.76 -4.59 23.51
N VAL D 72 -21.95 -4.43 22.48
CA VAL D 72 -22.43 -4.37 21.10
C VAL D 72 -22.59 -5.81 20.60
N GLU D 73 -23.83 -6.28 20.60
CA GLU D 73 -24.20 -7.49 19.89
C GLU D 73 -24.10 -7.23 18.38
N PRO D 74 -23.97 -8.28 17.57
CA PRO D 74 -23.95 -8.08 16.11
C PRO D 74 -25.35 -7.79 15.58
N THR D 75 -25.41 -7.18 14.40
CA THR D 75 -26.70 -6.86 13.78
C THR D 75 -27.29 -8.13 13.18
N GLU D 76 -28.25 -8.74 13.87
CA GLU D 76 -28.93 -9.93 13.38
C GLU D 76 -30.43 -9.79 13.58
N ALA D 77 -31.19 -10.40 12.66
CA ALA D 77 -32.63 -10.48 12.81
C ALA D 77 -33.01 -10.96 14.21
N ALA D 78 -32.35 -12.04 14.67
CA ALA D 78 -32.62 -12.59 15.99
C ALA D 78 -32.48 -11.53 17.07
N VAL D 79 -31.48 -10.65 16.93
CA VAL D 79 -31.18 -9.67 17.97
C VAL D 79 -32.25 -8.57 18.01
N LEU D 80 -32.64 -8.07 16.84
CA LEU D 80 -33.68 -7.04 16.78
C LEU D 80 -35.06 -7.60 17.06
N GLY D 81 -35.23 -8.91 16.92
CA GLY D 81 -36.51 -9.54 17.22
C GLY D 81 -36.97 -9.23 18.64
N GLY D 82 -38.28 -9.24 18.82
CA GLY D 82 -38.82 -8.86 20.11
C GLY D 82 -38.49 -7.44 20.47
N HIS D 83 -38.63 -6.52 19.53
CA HIS D 83 -38.53 -5.09 19.80
C HIS D 83 -39.71 -4.36 19.19
N ASP D 84 -40.41 -3.58 20.01
CA ASP D 84 -41.51 -2.79 19.47
C ASP D 84 -41.03 -1.68 18.52
N ALA D 85 -39.71 -1.50 18.31
CA ALA D 85 -39.18 -0.42 17.47
C ALA D 85 -37.70 -0.61 17.15
N VAL D 86 -37.34 -0.55 15.87
CA VAL D 86 -35.97 -0.83 15.41
C VAL D 86 -35.43 0.35 14.62
N PHE D 87 -34.39 1.00 15.16
CA PHE D 87 -33.66 2.06 14.45
C PHE D 87 -32.56 1.43 13.59
N LEU D 88 -32.48 1.86 12.33
CA LEU D 88 -31.58 1.31 11.32
C LEU D 88 -30.67 2.41 10.75
N ALA D 89 -29.52 2.61 11.37
CA ALA D 89 -28.53 3.60 10.94
C ALA D 89 -27.30 2.90 10.36
N LEU D 90 -27.48 2.28 9.20
CA LEU D 90 -26.44 1.53 8.53
C LEU D 90 -26.32 1.97 7.08
N PRO D 91 -25.30 1.52 6.36
CA PRO D 91 -25.20 1.81 4.92
C PRO D 91 -26.43 1.32 4.15
N HIS D 92 -26.54 1.82 2.92
CA HIS D 92 -27.61 1.41 2.02
C HIS D 92 -27.55 -0.08 1.74
N GLY D 93 -28.72 -0.67 1.50
CA GLY D 93 -28.82 -2.03 1.03
C GLY D 93 -29.20 -3.02 2.12
N HIS D 94 -28.83 -2.74 3.36
CA HIS D 94 -29.06 -3.69 4.44
C HIS D 94 -30.37 -3.46 5.15
N SER D 95 -30.96 -2.26 5.02
CA SER D 95 -32.31 -2.06 5.50
C SER D 95 -33.34 -2.70 4.59
N ALA D 96 -32.99 -2.94 3.32
CA ALA D 96 -33.84 -3.76 2.46
C ALA D 96 -33.83 -5.21 2.94
N VAL D 97 -32.65 -5.69 3.36
CA VAL D 97 -32.50 -7.06 3.82
C VAL D 97 -33.24 -7.27 5.14
N LEU D 98 -33.02 -6.37 6.09
CA LEU D 98 -33.43 -6.64 7.46
C LEU D 98 -34.88 -6.28 7.72
N ALA D 99 -35.41 -5.26 7.05
CA ALA D 99 -36.84 -5.02 7.11
C ALA D 99 -37.60 -6.30 6.75
N GLN D 100 -37.08 -7.07 5.80
CA GLN D 100 -37.68 -8.34 5.43
C GLN D 100 -37.56 -9.39 6.53
N GLN D 101 -36.61 -9.24 7.45
CA GLN D 101 -36.40 -10.26 8.48
C GLN D 101 -37.06 -9.91 9.80
N LEU D 102 -37.84 -8.84 9.87
CA LEU D 102 -38.49 -8.41 11.11
C LEU D 102 -40.00 -8.29 10.92
N SER D 103 -40.72 -8.43 12.03
CA SER D 103 -42.17 -8.51 12.00
C SER D 103 -42.77 -7.23 11.43
N PRO D 104 -43.60 -7.32 10.40
CA PRO D 104 -44.14 -6.13 9.73
C PRO D 104 -44.89 -5.15 10.63
N GLU D 105 -44.95 -5.50 11.92
CA GLU D 105 -45.65 -4.68 12.94
C GLU D 105 -44.60 -3.92 13.75
N THR D 106 -43.35 -4.38 13.70
CA THR D 106 -42.28 -3.64 14.42
C THR D 106 -42.05 -2.32 13.69
N LEU D 107 -41.95 -1.23 14.45
CA LEU D 107 -41.71 0.10 13.84
C LEU D 107 -40.29 0.14 13.30
N ILE D 108 -40.13 0.19 11.98
CA ILE D 108 -38.75 0.28 11.44
C ILE D 108 -38.47 1.70 10.96
N ILE D 109 -37.58 2.40 11.66
CA ILE D 109 -37.12 3.72 11.25
C ILE D 109 -35.77 3.54 10.58
N ASP D 110 -35.69 3.73 9.27
CA ASP D 110 -34.44 3.56 8.57
C ASP D 110 -33.77 4.91 8.30
N CYS D 111 -32.53 5.06 8.79
CA CYS D 111 -31.66 6.18 8.47
C CYS D 111 -30.89 6.02 7.16
N GLY D 112 -31.04 4.89 6.47
CA GLY D 112 -30.38 4.70 5.21
C GLY D 112 -31.17 5.28 4.07
N ALA D 113 -30.73 4.94 2.86
CA ALA D 113 -31.32 5.50 1.66
C ALA D 113 -32.44 4.65 1.06
N ASP D 114 -32.57 3.40 1.48
CA ASP D 114 -33.28 2.41 0.68
C ASP D 114 -34.73 2.81 0.39
N PHE D 115 -35.49 3.22 1.41
CA PHE D 115 -36.93 3.40 1.26
C PHE D 115 -37.35 4.86 1.09
N ARG D 116 -36.48 5.70 0.53
CA ARG D 116 -36.80 7.12 0.37
C ARG D 116 -37.27 7.47 -1.04
N LEU D 117 -36.65 6.90 -2.06
CA LEU D 117 -36.94 7.25 -3.46
C LEU D 117 -38.19 6.50 -3.92
N THR D 118 -39.29 7.22 -4.18
CA THR D 118 -40.49 6.58 -4.69
C THR D 118 -40.47 6.42 -6.22
N ASP D 119 -39.33 6.66 -6.87
CA ASP D 119 -39.08 6.31 -8.25
C ASP D 119 -38.03 5.20 -8.30
N ALA D 120 -38.12 4.34 -9.32
CA ALA D 120 -37.30 3.13 -9.35
C ALA D 120 -36.12 3.20 -10.31
N ALA D 121 -36.30 3.73 -11.51
CA ALA D 121 -35.16 3.90 -12.39
C ALA D 121 -34.17 4.91 -11.83
N VAL D 122 -34.65 5.93 -11.13
CA VAL D 122 -33.77 6.92 -10.49
C VAL D 122 -32.90 6.25 -9.43
N TRP D 123 -33.49 5.36 -8.60
CA TRP D 123 -32.74 4.77 -7.49
C TRP D 123 -31.60 3.89 -8.00
N GLU D 124 -31.90 2.95 -8.91
CA GLU D 124 -30.83 2.17 -9.51
C GLU D 124 -29.82 3.07 -10.20
N ARG D 125 -30.27 4.24 -10.68
CA ARG D 125 -29.41 5.11 -11.47
C ARG D 125 -28.17 5.54 -10.70
N PHE D 126 -28.35 5.92 -9.43
CA PHE D 126 -27.26 6.50 -8.65
C PHE D 126 -26.74 5.56 -7.56
N TYR D 127 -27.36 4.40 -7.37
CA TYR D 127 -26.89 3.40 -6.41
C TYR D 127 -26.48 2.08 -7.04
N GLY D 128 -27.06 1.71 -8.17
CA GLY D 128 -26.82 0.40 -8.75
C GLY D 128 -27.50 -0.75 -8.03
N SER D 129 -28.29 -0.47 -6.98
CA SER D 129 -29.05 -1.51 -6.30
C SER D 129 -30.23 -1.91 -7.18
N SER D 130 -31.29 -2.39 -6.57
CA SER D 130 -32.61 -2.46 -7.17
C SER D 130 -33.60 -2.06 -6.09
N HIS D 131 -34.63 -1.34 -6.49
CA HIS D 131 -35.31 -0.42 -5.57
C HIS D 131 -36.13 -1.17 -4.53
N ALA D 132 -35.77 -1.00 -3.25
CA ALA D 132 -36.45 -1.69 -2.16
C ALA D 132 -37.92 -1.27 -2.09
N GLY D 133 -38.19 0.02 -2.14
CA GLY D 133 -39.55 0.48 -2.08
C GLY D 133 -39.62 1.91 -1.59
N SER D 134 -40.63 2.21 -0.80
CA SER D 134 -40.98 3.59 -0.45
C SER D 134 -41.68 3.59 0.89
N TRP D 135 -41.07 4.22 1.88
CA TRP D 135 -41.69 4.42 3.18
C TRP D 135 -42.00 5.90 3.38
N PRO D 136 -42.96 6.25 4.23
CA PRO D 136 -43.36 7.67 4.37
C PRO D 136 -42.18 8.55 4.76
N TYR D 137 -42.02 9.66 4.03
CA TYR D 137 -40.84 10.51 4.17
C TYR D 137 -40.87 11.20 5.54
N GLY D 138 -39.95 10.78 6.42
CA GLY D 138 -39.80 11.37 7.74
C GLY D 138 -39.40 12.83 7.73
N LEU D 139 -40.22 13.67 7.09
CA LEU D 139 -40.04 15.12 7.09
C LEU D 139 -41.37 15.75 7.52
N PRO D 140 -41.67 15.71 8.79
CA PRO D 140 -43.01 16.11 9.26
C PRO D 140 -43.40 17.55 8.96
N GLU D 141 -42.54 18.30 8.26
CA GLU D 141 -42.89 19.64 7.80
C GLU D 141 -43.12 19.72 6.30
N LEU D 142 -42.75 18.70 5.53
CA LEU D 142 -43.23 18.58 4.16
C LEU D 142 -44.75 18.41 4.18
N PRO D 143 -45.51 19.25 3.49
CA PRO D 143 -46.96 19.32 3.72
C PRO D 143 -47.63 18.07 3.16
N GLY D 144 -48.36 17.36 4.02
CA GLY D 144 -48.89 16.04 3.76
C GLY D 144 -48.13 14.91 4.46
N ALA D 145 -46.83 15.09 4.69
CA ALA D 145 -46.02 14.03 5.31
C ALA D 145 -46.42 13.77 6.77
N ARG D 146 -46.90 14.79 7.47
CA ARG D 146 -47.30 14.62 8.89
C ARG D 146 -48.41 13.57 9.01
N ASP D 147 -49.38 13.60 8.10
CA ASP D 147 -50.52 12.65 8.16
C ASP D 147 -50.12 11.24 7.73
N GLN D 148 -48.99 11.07 7.03
CA GLN D 148 -48.60 9.70 6.61
C GLN D 148 -47.70 9.04 7.65
N LEU D 149 -47.49 9.68 8.79
CA LEU D 149 -46.59 9.11 9.82
C LEU D 149 -47.35 9.02 11.15
N ARG D 150 -48.56 9.55 11.20
CA ARG D 150 -49.33 9.51 12.46
C ARG D 150 -49.85 8.08 12.69
N GLY D 151 -49.02 7.20 13.25
CA GLY D 151 -49.43 5.81 13.53
C GLY D 151 -48.79 4.82 12.57
N THR D 152 -47.78 5.24 11.82
CA THR D 152 -47.10 4.36 10.83
C THR D 152 -46.16 3.37 11.52
N ARG D 153 -45.64 2.39 10.77
CA ARG D 153 -44.68 1.44 11.36
C ARG D 153 -43.47 1.33 10.43
N ARG D 154 -43.54 1.95 9.25
CA ARG D 154 -42.38 1.96 8.34
C ARG D 154 -42.03 3.42 8.10
N ILE D 155 -40.76 3.80 8.31
CA ILE D 155 -40.29 5.21 8.14
C ILE D 155 -38.92 5.23 7.46
N ALA D 156 -38.75 6.09 6.46
CA ALA D 156 -37.44 6.32 5.82
C ALA D 156 -37.06 7.76 6.18
N VAL D 157 -35.99 7.96 6.94
CA VAL D 157 -35.66 9.33 7.33
C VAL D 157 -34.75 9.93 6.25
N PRO D 158 -34.81 11.24 6.05
CA PRO D 158 -34.18 11.85 4.86
C PRO D 158 -32.66 12.01 4.98
N GLY D 159 -32.04 12.26 3.84
CA GLY D 159 -30.66 12.70 3.81
C GLY D 159 -30.50 14.08 4.41
N CYS D 160 -29.29 14.35 4.91
CA CYS D 160 -29.06 15.60 5.62
C CYS D 160 -29.22 16.83 4.73
N TYR D 161 -28.54 16.84 3.57
CA TYR D 161 -28.66 17.99 2.67
C TYR D 161 -30.09 18.18 2.15
N PRO D 162 -30.79 17.15 1.63
CA PRO D 162 -32.19 17.34 1.26
C PRO D 162 -33.04 17.96 2.34
N THR D 163 -32.89 17.51 3.59
CA THR D 163 -33.64 18.11 4.68
C THR D 163 -33.50 19.62 4.70
N ALA D 164 -32.32 20.12 4.35
CA ALA D 164 -32.04 21.55 4.46
C ALA D 164 -32.50 22.30 3.22
N ALA D 165 -32.25 21.73 2.04
CA ALA D 165 -32.69 22.35 0.81
C ALA D 165 -34.21 22.44 0.76
N LEU D 166 -34.92 21.32 0.99
CA LEU D 166 -36.37 21.32 0.89
C LEU D 166 -37.01 22.23 1.93
N LEU D 167 -36.35 22.39 3.07
CA LEU D 167 -36.89 23.35 4.04
C LEU D 167 -36.74 24.77 3.53
N ALA D 168 -35.62 25.06 2.87
CA ALA D 168 -35.32 26.39 2.37
C ALA D 168 -36.11 26.74 1.11
N LEU D 169 -36.58 25.74 0.37
CA LEU D 169 -37.01 25.90 -1.00
C LEU D 169 -38.48 25.58 -1.23
N PHE D 170 -39.07 24.64 -0.48
CA PHE D 170 -40.40 24.20 -0.83
C PHE D 170 -41.43 25.31 -0.72
N PRO D 171 -41.54 26.08 0.37
CA PRO D 171 -42.71 26.96 0.53
C PRO D 171 -42.82 28.00 -0.57
N ALA D 172 -41.71 28.32 -1.23
CA ALA D 172 -41.69 29.28 -2.32
C ALA D 172 -41.97 28.62 -3.65
N LEU D 173 -41.44 27.41 -3.86
CA LEU D 173 -41.83 26.63 -5.03
C LEU D 173 -43.26 26.12 -4.91
N ALA D 174 -43.78 25.99 -3.69
CA ALA D 174 -45.13 25.46 -3.49
C ALA D 174 -46.17 26.45 -4.00
N ALA D 175 -46.02 27.73 -3.66
CA ALA D 175 -46.85 28.81 -4.15
C ALA D 175 -46.36 29.36 -5.49
N ASP D 176 -45.40 28.66 -6.11
CA ASP D 176 -44.84 29.05 -7.40
C ASP D 176 -44.55 30.54 -7.48
N LEU D 177 -43.80 31.03 -6.48
CA LEU D 177 -43.11 32.30 -6.59
C LEU D 177 -41.71 32.14 -7.15
N ILE D 178 -41.30 30.91 -7.49
CA ILE D 178 -39.97 30.71 -8.04
C ILE D 178 -40.07 29.74 -9.21
N GLU D 179 -39.07 29.81 -10.11
CA GLU D 179 -38.99 28.82 -11.18
C GLU D 179 -38.43 27.51 -10.65
N PRO D 180 -38.81 26.40 -11.25
CA PRO D 180 -38.35 25.10 -10.75
C PRO D 180 -36.93 24.71 -11.16
N ALA D 181 -36.12 25.66 -11.62
CA ALA D 181 -34.69 25.42 -11.84
C ALA D 181 -33.94 26.02 -10.66
N VAL D 182 -33.60 25.15 -9.70
CA VAL D 182 -32.95 25.59 -8.45
C VAL D 182 -31.48 25.19 -8.42
N THR D 183 -30.69 26.00 -7.73
CA THR D 183 -29.23 25.75 -7.53
C THR D 183 -29.03 25.75 -6.04
N VAL D 184 -28.28 24.78 -5.53
CA VAL D 184 -28.06 24.75 -4.06
C VAL D 184 -26.61 24.37 -3.79
N VAL D 185 -25.89 25.25 -3.12
CA VAL D 185 -24.52 24.88 -2.67
C VAL D 185 -24.63 24.93 -1.16
N ALA D 186 -24.28 23.83 -0.50
CA ALA D 186 -24.44 23.77 0.97
C ALA D 186 -23.12 23.38 1.61
N VAL D 187 -22.75 24.08 2.67
CA VAL D 187 -21.50 23.74 3.38
C VAL D 187 -21.91 22.81 4.52
N SER D 188 -21.07 21.83 4.83
CA SER D 188 -21.40 20.87 5.91
C SER D 188 -20.14 20.52 6.68
N GLY D 189 -20.32 20.00 7.88
CA GLY D 189 -19.20 19.54 8.71
C GLY D 189 -18.75 18.15 8.31
N THR D 190 -17.67 17.65 8.90
CA THR D 190 -17.12 16.31 8.57
C THR D 190 -17.99 15.17 9.09
N SER D 191 -18.86 15.43 10.06
CA SER D 191 -19.68 14.38 10.71
C SER D 191 -20.78 13.76 9.82
N GLY D 192 -21.06 14.31 8.65
CA GLY D 192 -22.08 13.70 7.78
C GLY D 192 -21.45 12.67 6.87
N ALA D 193 -20.12 12.62 6.86
CA ALA D 193 -19.36 11.70 5.99
C ALA D 193 -19.16 10.34 6.67
N GLY D 194 -19.65 10.16 7.89
CA GLY D 194 -19.54 8.86 8.56
C GLY D 194 -18.25 8.67 9.33
N ARG D 195 -18.14 7.56 10.07
CA ARG D 195 -16.94 7.29 10.89
C ARG D 195 -15.95 6.40 10.13
N ALA D 196 -16.30 5.96 8.93
CA ALA D 196 -15.36 5.10 8.18
C ALA D 196 -14.05 5.85 7.95
N ALA D 197 -13.05 5.63 8.79
CA ALA D 197 -11.81 6.36 8.69
C ALA D 197 -11.17 6.27 7.31
N THR D 198 -11.30 7.32 6.52
CA THR D 198 -10.57 7.44 5.28
C THR D 198 -9.56 8.59 5.39
N THR D 199 -8.60 8.58 4.47
CA THR D 199 -7.46 9.49 4.57
C THR D 199 -7.88 10.94 4.42
N ASP D 200 -8.84 11.21 3.53
CA ASP D 200 -9.30 12.57 3.30
C ASP D 200 -10.26 13.06 4.38
N LEU D 201 -10.79 12.18 5.22
CA LEU D 201 -11.53 12.62 6.38
C LEU D 201 -10.64 12.88 7.60
N LEU D 202 -9.32 12.80 7.45
CA LEU D 202 -8.40 12.99 8.58
C LEU D 202 -8.45 14.42 9.10
N GLY D 203 -8.21 14.56 10.40
CA GLY D 203 -8.26 15.87 11.03
C GLY D 203 -7.26 16.85 10.46
N ALA D 204 -6.05 16.39 10.18
CA ALA D 204 -5.08 17.38 9.75
C ALA D 204 -5.47 17.94 8.40
N GLU D 205 -6.10 17.12 7.56
CA GLU D 205 -6.38 17.55 6.21
C GLU D 205 -7.64 18.40 6.17
N VAL D 206 -8.68 18.02 6.95
CA VAL D 206 -9.90 18.79 6.96
C VAL D 206 -9.79 20.05 7.80
N ILE D 207 -8.74 20.19 8.61
CA ILE D 207 -8.60 21.44 9.36
C ILE D 207 -7.92 22.45 8.47
N GLY D 208 -8.48 23.65 8.41
CA GLY D 208 -8.03 24.72 7.54
C GLY D 208 -8.24 24.48 6.06
N SER D 209 -9.30 23.78 5.70
CA SER D 209 -9.52 23.45 4.28
C SER D 209 -11.02 23.34 4.00
N ALA D 210 -11.43 23.80 2.81
CA ALA D 210 -12.79 23.66 2.29
C ALA D 210 -12.69 23.12 0.87
N ARG D 211 -13.43 22.05 0.57
CA ARG D 211 -13.38 21.53 -0.79
C ARG D 211 -14.76 21.10 -1.26
N ALA D 212 -15.02 21.31 -2.55
CA ALA D 212 -16.23 20.81 -3.19
C ALA D 212 -16.05 19.35 -3.56
N TYR D 213 -17.14 18.60 -3.54
CA TYR D 213 -17.09 17.16 -3.85
C TYR D 213 -18.42 16.72 -4.44
N ASN D 214 -18.37 15.68 -5.29
CA ASN D 214 -19.57 15.02 -5.83
C ASN D 214 -20.49 16.02 -6.54
N ILE D 215 -19.86 16.85 -7.38
CA ILE D 215 -20.50 17.98 -8.05
C ILE D 215 -21.10 17.53 -9.38
N ALA D 216 -21.71 18.49 -10.11
CA ALA D 216 -22.39 18.22 -11.38
C ALA D 216 -23.51 17.20 -11.20
N GLY D 217 -24.33 17.42 -10.16
CA GLY D 217 -25.51 16.63 -9.89
C GLY D 217 -25.30 15.12 -9.77
N VAL D 218 -24.11 14.65 -9.38
CA VAL D 218 -23.89 13.21 -9.18
C VAL D 218 -23.96 12.80 -7.72
N HIS D 219 -24.10 13.76 -6.80
CA HIS D 219 -24.31 13.37 -5.42
C HIS D 219 -25.72 12.84 -5.24
N ARG D 220 -25.85 11.62 -4.70
CA ARG D 220 -27.15 10.96 -4.60
C ARG D 220 -28.17 11.71 -3.75
N HIS D 221 -27.81 12.87 -3.21
CA HIS D 221 -28.81 13.74 -2.61
C HIS D 221 -29.43 14.67 -3.64
N THR D 222 -28.83 14.76 -4.84
CA THR D 222 -29.42 15.55 -5.92
C THR D 222 -30.83 15.08 -6.24
N PRO D 223 -31.07 13.83 -6.68
CA PRO D 223 -32.45 13.42 -6.97
C PRO D 223 -33.36 13.45 -5.76
N GLU D 224 -32.84 13.30 -4.54
CA GLU D 224 -33.73 13.34 -3.39
C GLU D 224 -34.28 14.73 -3.16
N ILE D 225 -33.49 15.77 -3.46
CA ILE D 225 -33.99 17.15 -3.42
C ILE D 225 -35.07 17.33 -4.48
N ALA D 226 -34.81 16.83 -5.70
CA ALA D 226 -35.80 16.80 -6.77
C ALA D 226 -37.12 16.21 -6.30
N GLN D 227 -37.07 14.96 -5.80
CA GLN D 227 -38.26 14.24 -5.39
C GLN D 227 -39.11 15.06 -4.43
N GLY D 228 -38.48 15.63 -3.41
CA GLY D 228 -39.23 16.47 -2.50
C GLY D 228 -39.87 17.67 -3.18
N LEU D 229 -39.27 18.15 -4.27
CA LEU D 229 -39.68 19.43 -4.87
C LEU D 229 -40.83 19.27 -5.88
N ARG D 230 -40.81 18.21 -6.70
CA ARG D 230 -41.99 17.88 -7.50
C ARG D 230 -43.24 17.71 -6.64
N ALA D 231 -43.10 17.18 -5.43
CA ALA D 231 -44.24 17.03 -4.51
C ALA D 231 -44.98 18.34 -4.25
N VAL D 232 -44.41 19.48 -4.63
CA VAL D 232 -45.06 20.78 -4.43
C VAL D 232 -45.14 21.60 -5.72
N THR D 233 -44.69 21.07 -6.85
CA THR D 233 -44.88 21.76 -8.13
C THR D 233 -45.25 20.72 -9.19
N ASP D 234 -46.21 21.08 -10.03
CA ASP D 234 -46.49 20.29 -11.21
C ASP D 234 -45.47 20.52 -12.31
N ARG D 235 -44.59 21.52 -12.15
CA ARG D 235 -43.67 21.89 -13.20
C ARG D 235 -42.47 20.95 -13.22
N ASP D 236 -41.50 21.29 -14.09
CA ASP D 236 -40.35 20.43 -14.36
C ASP D 236 -39.14 20.92 -13.56
N VAL D 237 -38.80 20.18 -12.51
CA VAL D 237 -37.75 20.57 -11.58
C VAL D 237 -36.40 20.12 -12.11
N SER D 238 -35.38 20.94 -11.90
CA SER D 238 -33.99 20.60 -12.22
C SER D 238 -33.10 21.23 -11.18
N VAL D 239 -32.32 20.41 -10.49
CA VAL D 239 -31.57 20.86 -9.32
C VAL D 239 -30.08 20.70 -9.60
N SER D 240 -29.34 21.81 -9.38
CA SER D 240 -27.87 21.85 -9.47
C SER D 240 -27.31 21.88 -8.05
N PHE D 241 -26.79 20.73 -7.60
CA PHE D 241 -26.39 20.54 -6.20
C PHE D 241 -24.88 20.43 -6.10
N THR D 242 -24.29 21.27 -5.26
CA THR D 242 -22.89 21.13 -4.92
C THR D 242 -22.72 21.06 -3.40
N PRO D 243 -22.07 20.02 -2.88
CA PRO D 243 -21.71 20.03 -1.44
C PRO D 243 -20.26 20.44 -1.23
N VAL D 244 -20.04 21.21 -0.16
CA VAL D 244 -18.71 21.65 0.24
C VAL D 244 -18.52 21.28 1.70
N LEU D 245 -17.33 20.74 2.03
CA LEU D 245 -16.97 20.33 3.38
C LEU D 245 -16.04 21.33 4.02
N ILE D 246 -16.30 21.63 5.28
CA ILE D 246 -15.62 22.75 5.95
C ILE D 246 -15.13 22.27 7.31
N PRO D 247 -14.20 23.05 7.95
CA PRO D 247 -13.61 22.61 9.24
C PRO D 247 -14.54 22.73 10.44
N ALA D 248 -15.52 21.85 10.49
CA ALA D 248 -16.50 21.84 11.56
C ALA D 248 -16.95 20.39 11.69
N SER D 249 -17.56 20.04 12.82
CA SER D 249 -17.98 18.64 12.87
C SER D 249 -19.47 18.48 12.60
N ARG D 250 -20.33 19.28 13.22
CA ARG D 250 -21.75 19.28 12.93
C ARG D 250 -22.14 20.54 12.19
N GLY D 251 -23.28 20.46 11.49
CA GLY D 251 -23.90 21.62 10.89
C GLY D 251 -24.03 21.57 9.37
N ILE D 252 -25.18 22.05 8.87
CA ILE D 252 -25.34 22.30 7.44
C ILE D 252 -25.93 23.69 7.21
N LEU D 253 -25.23 24.51 6.41
CA LEU D 253 -25.71 25.81 5.93
C LEU D 253 -25.97 25.69 4.43
N ALA D 254 -27.23 25.71 4.05
CA ALA D 254 -27.61 25.56 2.64
C ALA D 254 -27.98 26.92 2.04
N THR D 255 -27.24 27.31 0.99
CA THR D 255 -27.53 28.52 0.22
C THR D 255 -28.26 28.08 -1.06
N CYS D 256 -29.55 28.40 -1.13
CA CYS D 256 -30.42 27.92 -2.22
C CYS D 256 -31.00 29.11 -2.97
N THR D 257 -30.66 29.22 -4.25
CA THR D 257 -31.16 30.37 -5.05
C THR D 257 -31.96 29.89 -6.25
N ALA D 258 -32.80 30.75 -6.80
CA ALA D 258 -33.61 30.36 -7.96
C ALA D 258 -34.10 31.61 -8.68
N ARG D 259 -34.22 31.53 -10.00
CA ARG D 259 -34.74 32.65 -10.83
C ARG D 259 -36.13 33.01 -10.31
N THR D 260 -36.37 34.26 -9.95
CA THR D 260 -37.72 34.60 -9.48
C THR D 260 -38.21 35.88 -10.15
N ARG D 261 -39.45 36.28 -9.85
CA ARG D 261 -40.02 37.54 -10.39
C ARG D 261 -41.15 38.00 -9.48
N SER D 262 -41.32 37.34 -8.34
CA SER D 262 -42.34 37.73 -7.35
C SER D 262 -41.71 38.73 -6.40
N PRO D 263 -42.46 39.62 -5.74
CA PRO D 263 -41.84 40.58 -4.85
C PRO D 263 -41.43 39.88 -3.55
N LEU D 264 -40.44 40.44 -2.85
CA LEU D 264 -39.93 39.81 -1.59
C LEU D 264 -41.09 39.58 -0.64
N SER D 265 -41.93 40.60 -0.44
CA SER D 265 -43.12 40.57 0.43
C SER D 265 -43.99 39.34 0.13
N GLN D 266 -44.22 39.06 -1.14
CA GLN D 266 -45.00 37.87 -1.58
C GLN D 266 -44.30 36.60 -1.11
N LEU D 267 -42.97 36.56 -1.18
CA LEU D 267 -42.25 35.33 -0.78
C LEU D 267 -42.17 35.26 0.74
N ARG D 268 -41.83 36.37 1.39
CA ARG D 268 -41.70 36.45 2.86
C ARG D 268 -42.95 35.85 3.50
N ALA D 269 -44.13 36.39 3.18
CA ALA D 269 -45.41 35.94 3.77
C ALA D 269 -45.72 34.46 3.46
N ALA D 270 -45.27 33.93 2.32
CA ALA D 270 -45.51 32.51 2.02
C ALA D 270 -44.86 31.65 3.10
N TYR D 271 -43.63 31.99 3.46
CA TYR D 271 -42.87 31.24 4.48
C TYR D 271 -43.53 31.41 5.84
N GLU D 272 -43.92 32.63 6.18
CA GLU D 272 -44.55 32.83 7.50
C GLU D 272 -45.83 32.00 7.55
N LYS D 273 -46.47 31.78 6.41
CA LYS D 273 -47.66 30.95 6.40
C LYS D 273 -47.29 29.49 6.62
N ALA D 274 -46.35 28.98 5.82
CA ALA D 274 -45.96 27.57 5.91
C ALA D 274 -45.44 27.19 7.31
N TYR D 275 -44.80 28.11 8.03
CA TYR D 275 -44.05 27.75 9.22
C TYR D 275 -44.46 28.45 10.52
N HIS D 276 -45.50 29.29 10.53
CA HIS D 276 -45.84 30.05 11.75
C HIS D 276 -46.11 29.13 12.93
N ALA D 277 -46.78 28.00 12.68
CA ALA D 277 -47.04 27.00 13.71
C ALA D 277 -46.14 25.78 13.57
N GLU D 278 -44.98 25.92 12.94
CA GLU D 278 -43.94 24.90 13.01
C GLU D 278 -43.01 25.18 14.19
N PRO D 279 -43.01 24.33 15.22
CA PRO D 279 -42.20 24.63 16.40
C PRO D 279 -40.69 24.47 16.17
N PHE D 280 -40.27 23.72 15.14
CA PHE D 280 -38.86 23.50 14.84
C PHE D 280 -38.29 24.42 13.78
N ILE D 281 -39.13 25.01 12.93
CA ILE D 281 -38.70 25.85 11.81
C ILE D 281 -38.87 27.30 12.22
N TYR D 282 -37.73 28.01 12.33
CA TYR D 282 -37.65 29.37 12.83
C TYR D 282 -37.27 30.31 11.69
N LEU D 283 -38.14 31.27 11.42
CA LEU D 283 -37.87 32.31 10.43
C LEU D 283 -37.00 33.39 11.06
N MET D 284 -35.82 33.62 10.49
CA MET D 284 -34.97 34.66 11.02
C MET D 284 -35.69 36.00 10.96
N PRO D 285 -35.63 36.84 12.04
CA PRO D 285 -36.15 38.22 11.94
C PRO D 285 -35.58 38.96 10.74
N GLU D 286 -36.21 40.06 10.30
CA GLU D 286 -35.80 40.71 9.05
C GLU D 286 -34.33 41.15 9.14
N GLY D 287 -33.54 40.76 8.14
CA GLY D 287 -32.13 41.09 8.16
C GLY D 287 -31.30 40.41 9.22
N GLN D 288 -31.75 39.27 9.75
CA GLN D 288 -30.92 38.35 10.49
C GLN D 288 -30.64 37.13 9.61
N LEU D 289 -29.58 36.42 9.95
CA LEU D 289 -29.32 35.35 9.01
C LEU D 289 -29.11 34.06 9.77
N PRO D 290 -29.41 32.92 9.15
CA PRO D 290 -29.12 31.63 9.81
C PRO D 290 -27.63 31.49 10.03
N ARG D 291 -27.26 30.76 11.08
CA ARG D 291 -25.88 30.34 11.28
C ARG D 291 -25.90 28.96 11.95
N THR D 292 -25.08 28.04 11.43
CA THR D 292 -25.16 26.65 11.91
C THR D 292 -24.83 26.54 13.39
N GLY D 293 -23.93 27.37 13.90
CA GLY D 293 -23.63 27.27 15.30
C GLY D 293 -24.81 27.44 16.23
N ALA D 294 -25.88 28.06 15.76
CA ALA D 294 -27.04 28.40 16.58
C ALA D 294 -28.01 27.24 16.75
N VAL D 295 -27.89 26.23 15.89
CA VAL D 295 -28.81 25.11 15.84
C VAL D 295 -28.15 23.81 16.27
N ILE D 296 -26.83 23.79 16.45
CA ILE D 296 -26.11 22.55 16.68
C ILE D 296 -26.51 21.93 18.01
N GLY D 297 -26.77 20.61 17.99
CA GLY D 297 -27.34 19.91 19.12
C GLY D 297 -28.83 20.09 19.30
N SER D 298 -29.52 20.70 18.32
CA SER D 298 -30.92 21.04 18.42
C SER D 298 -31.63 20.49 17.22
N ASN D 299 -32.95 20.34 17.33
CA ASN D 299 -33.73 19.89 16.20
C ASN D 299 -34.24 21.05 15.34
N ALA D 300 -33.64 22.23 15.45
CA ALA D 300 -34.08 23.42 14.75
C ALA D 300 -33.61 23.47 13.30
N ALA D 301 -34.43 24.11 12.47
CA ALA D 301 -33.97 24.69 11.22
C ALA D 301 -34.13 26.19 11.37
N HIS D 302 -33.07 26.93 11.06
CA HIS D 302 -33.12 28.39 11.04
C HIS D 302 -33.11 28.81 9.58
N ILE D 303 -34.07 29.68 9.20
CA ILE D 303 -34.32 29.97 7.79
C ILE D 303 -34.58 31.46 7.56
N ALA D 304 -34.05 31.95 6.43
CA ALA D 304 -34.14 33.34 5.98
C ALA D 304 -34.25 33.35 4.45
N VAL D 305 -34.98 34.34 3.93
CA VAL D 305 -35.07 34.54 2.48
C VAL D 305 -34.99 36.01 2.15
N ALA D 306 -34.53 36.27 0.94
CA ALA D 306 -34.46 37.59 0.36
C ALA D 306 -34.53 37.42 -1.15
N VAL D 307 -34.43 38.52 -1.88
CA VAL D 307 -34.49 38.52 -3.35
C VAL D 307 -33.34 39.36 -3.88
N ASP D 308 -32.61 38.81 -4.86
CA ASP D 308 -31.60 39.57 -5.60
C ASP D 308 -32.27 40.23 -6.82
N GLU D 309 -32.50 41.54 -6.75
CA GLU D 309 -33.23 42.21 -7.81
C GLU D 309 -32.42 42.31 -9.11
N ASP D 310 -31.18 42.81 -9.03
CA ASP D 310 -30.36 42.90 -10.24
C ASP D 310 -30.20 41.54 -10.91
N ALA D 311 -30.18 40.46 -10.14
CA ALA D 311 -30.05 39.13 -10.71
C ALA D 311 -31.38 38.40 -10.79
N GLN D 312 -32.44 38.97 -10.21
CA GLN D 312 -33.81 38.41 -10.31
C GLN D 312 -33.80 36.96 -9.84
N THR D 313 -33.12 36.75 -8.73
CA THR D 313 -32.95 35.46 -8.07
C THR D 313 -33.57 35.55 -6.67
N PHE D 314 -34.34 34.52 -6.32
CA PHE D 314 -34.74 34.27 -4.95
C PHE D 314 -33.59 33.59 -4.21
N VAL D 315 -33.26 34.06 -3.01
CA VAL D 315 -32.19 33.51 -2.18
C VAL D 315 -32.78 33.00 -0.88
N ALA D 316 -32.48 31.74 -0.55
CA ALA D 316 -32.91 31.05 0.67
C ALA D 316 -31.73 30.38 1.38
N ILE D 317 -31.55 30.71 2.65
CA ILE D 317 -30.51 30.13 3.50
C ILE D 317 -31.17 29.29 4.59
N ALA D 318 -30.67 28.07 4.80
CA ALA D 318 -31.21 27.20 5.84
C ALA D 318 -30.09 26.54 6.64
N ALA D 319 -30.11 26.72 7.96
CA ALA D 319 -29.15 26.10 8.87
C ALA D 319 -29.80 24.98 9.69
N ILE D 320 -29.36 23.73 9.47
CA ILE D 320 -29.71 22.63 10.38
C ILE D 320 -28.45 22.09 11.03
N ASP D 321 -28.61 21.52 12.23
CA ASP D 321 -27.68 20.50 12.73
C ASP D 321 -27.85 19.25 11.88
N ASN D 322 -26.79 18.89 11.15
CA ASN D 322 -26.84 17.74 10.25
C ASN D 322 -27.17 16.45 11.01
N LEU D 323 -26.69 16.31 12.24
CA LEU D 323 -26.88 15.03 12.92
C LEU D 323 -28.21 14.97 13.63
N VAL D 324 -28.67 16.07 14.24
CA VAL D 324 -29.97 16.06 14.88
C VAL D 324 -31.06 16.21 13.82
N LYS D 325 -31.36 17.45 13.41
CA LYS D 325 -32.51 17.67 12.52
C LYS D 325 -32.33 17.03 11.14
N GLY D 326 -31.09 16.79 10.72
CA GLY D 326 -30.84 16.18 9.43
C GLY D 326 -30.83 14.67 9.41
N THR D 327 -30.78 14.02 10.57
CA THR D 327 -30.86 12.56 10.61
C THR D 327 -31.56 12.06 11.87
N ALA D 328 -30.83 12.07 12.99
CA ALA D 328 -31.31 11.42 14.19
C ALA D 328 -32.53 12.13 14.76
N GLY D 329 -32.52 13.47 14.78
CA GLY D 329 -33.65 14.19 15.34
C GLY D 329 -34.93 14.01 14.53
N ALA D 330 -34.79 13.83 13.21
CA ALA D 330 -35.95 13.57 12.37
C ALA D 330 -36.45 12.15 12.61
N ALA D 331 -35.55 11.16 12.56
CA ALA D 331 -35.81 9.81 13.03
C ALA D 331 -36.63 9.82 14.32
N VAL D 332 -36.11 10.48 15.37
CA VAL D 332 -36.83 10.56 16.65
C VAL D 332 -38.16 11.30 16.47
N GLN D 333 -38.17 12.34 15.63
CA GLN D 333 -39.38 13.14 15.44
C GLN D 333 -40.51 12.33 14.80
N SER D 334 -40.18 11.55 13.76
CA SER D 334 -41.15 10.69 13.08
C SER D 334 -41.75 9.66 14.04
N MET D 335 -40.91 8.98 14.83
CA MET D 335 -41.44 7.97 15.73
C MET D 335 -42.32 8.58 16.81
N ASN D 336 -41.97 9.78 17.31
CA ASN D 336 -42.88 10.53 18.17
C ASN D 336 -44.27 10.58 17.58
N LEU D 337 -44.37 10.89 16.28
CA LEU D 337 -45.66 10.85 15.57
C LEU D 337 -46.13 9.42 15.34
N ALA D 338 -45.20 8.49 15.11
CA ALA D 338 -45.58 7.09 14.93
C ALA D 338 -46.30 6.53 16.17
N LEU D 339 -45.82 6.87 17.37
CA LEU D 339 -46.35 6.32 18.61
C LEU D 339 -47.42 7.20 19.22
N GLY D 340 -47.91 8.21 18.51
CA GLY D 340 -48.93 9.07 19.10
C GLY D 340 -48.48 9.82 20.32
N TRP D 341 -47.18 9.90 20.56
CA TRP D 341 -46.63 10.81 21.53
C TRP D 341 -46.51 12.20 20.92
N PRO D 342 -46.60 13.25 21.74
CA PRO D 342 -46.34 14.60 21.22
C PRO D 342 -45.06 14.61 20.41
N GLU D 343 -45.09 15.32 19.28
CA GLU D 343 -44.01 15.28 18.31
C GLU D 343 -42.77 16.07 18.76
N THR D 344 -42.93 17.02 19.68
CA THR D 344 -41.82 17.81 20.23
C THR D 344 -41.08 17.09 21.35
N ASP D 345 -41.46 15.87 21.70
CA ASP D 345 -40.84 15.19 22.84
C ASP D 345 -39.40 14.78 22.52
N GLY D 346 -38.49 15.12 23.43
CA GLY D 346 -37.09 14.74 23.31
C GLY D 346 -36.30 15.47 22.24
N LEU D 347 -36.87 16.50 21.63
CA LEU D 347 -36.18 17.31 20.64
C LEU D 347 -36.36 18.77 20.99
N SER D 348 -35.27 19.48 21.22
CA SER D 348 -35.28 20.87 21.66
C SER D 348 -34.95 21.80 20.50
N VAL D 349 -35.32 23.06 20.66
CA VAL D 349 -34.96 24.10 19.69
C VAL D 349 -33.86 25.01 20.21
N VAL D 350 -33.32 24.76 21.40
CA VAL D 350 -32.20 25.52 21.96
C VAL D 350 -30.90 24.84 21.59
N GLY D 351 -30.14 25.45 20.68
CA GLY D 351 -28.84 24.91 20.31
C GLY D 351 -27.81 25.04 21.41
N VAL D 352 -26.73 24.32 21.26
CA VAL D 352 -25.61 24.41 22.18
C VAL D 352 -24.60 25.34 21.52
N ALA D 353 -24.50 26.56 22.01
CA ALA D 353 -23.59 27.52 21.40
C ALA D 353 -23.12 28.46 22.49
N PRO D 354 -21.89 29.00 22.39
CA PRO D 354 -20.87 28.82 21.34
C PRO D 354 -20.25 27.45 21.34
N ALA E 11 42.00 -1.77 -33.73
CA ALA E 11 41.45 -0.72 -34.60
C ALA E 11 40.12 -0.23 -34.05
N THR E 12 39.26 -1.15 -33.62
CA THR E 12 37.95 -0.76 -33.04
C THR E 12 38.00 -0.97 -31.52
N LYS E 13 37.93 0.13 -30.77
CA LYS E 13 37.94 0.07 -29.28
C LYS E 13 36.49 0.22 -28.79
N VAL E 14 35.90 -0.86 -28.29
CA VAL E 14 34.48 -0.88 -27.85
C VAL E 14 34.36 -0.72 -26.33
N ALA E 15 33.41 0.10 -25.89
CA ALA E 15 33.17 0.32 -24.45
C ALA E 15 31.74 -0.12 -24.15
N VAL E 16 31.47 -0.56 -22.92
CA VAL E 16 30.11 -1.05 -22.58
C VAL E 16 29.60 -0.37 -21.31
N ALA E 17 28.50 0.36 -21.45
CA ALA E 17 27.86 1.05 -20.31
C ALA E 17 26.69 0.18 -19.92
N GLY E 18 26.52 -0.03 -18.62
CA GLY E 18 25.53 -0.97 -18.13
C GLY E 18 26.01 -2.39 -18.17
N ALA E 19 27.31 -2.59 -18.06
CA ALA E 19 27.92 -3.90 -18.25
C ALA E 19 27.57 -4.91 -17.14
N SER E 20 26.91 -4.49 -16.06
CA SER E 20 26.50 -5.42 -15.00
C SER E 20 25.05 -5.88 -15.15
N GLY E 21 24.29 -5.30 -16.06
CA GLY E 21 22.91 -5.71 -16.22
C GLY E 21 22.83 -6.91 -17.13
N TYR E 22 21.60 -7.37 -17.33
CA TYR E 22 21.39 -8.50 -18.22
C TYR E 22 21.84 -8.16 -19.64
N ALA E 23 21.18 -7.19 -20.28
CA ALA E 23 21.46 -6.87 -21.68
C ALA E 23 22.95 -6.69 -21.93
N GLY E 24 23.61 -5.86 -21.11
CA GLY E 24 25.04 -5.66 -21.30
C GLY E 24 25.85 -6.93 -21.11
N GLY E 25 25.29 -7.93 -20.44
CA GLY E 25 25.98 -9.20 -20.31
C GLY E 25 25.87 -10.04 -21.56
N GLU E 26 24.68 -10.06 -22.15
CA GLU E 26 24.51 -10.79 -23.39
C GLU E 26 25.27 -10.15 -24.54
N ILE E 27 25.46 -8.83 -24.51
CA ILE E 27 26.34 -8.22 -25.51
C ILE E 27 27.74 -8.82 -25.40
N LEU E 28 28.33 -8.72 -24.23
CA LEU E 28 29.72 -9.14 -24.06
C LEU E 28 29.93 -10.57 -24.51
N ARG E 29 28.99 -11.47 -24.19
CA ARG E 29 29.08 -12.84 -24.66
C ARG E 29 29.23 -12.88 -26.18
N LEU E 30 28.37 -12.13 -26.88
CA LEU E 30 28.45 -12.07 -28.34
C LEU E 30 29.79 -11.51 -28.78
N LEU E 31 30.24 -10.41 -28.16
CA LEU E 31 31.44 -9.72 -28.64
C LEU E 31 32.67 -10.58 -28.47
N LEU E 32 32.67 -11.47 -27.48
CA LEU E 32 33.83 -12.33 -27.24
C LEU E 32 33.99 -13.37 -28.35
N GLY E 33 32.89 -13.76 -28.99
CA GLY E 33 32.96 -14.70 -30.09
C GLY E 33 32.82 -14.05 -31.46
N HIS E 34 32.97 -12.74 -31.51
CA HIS E 34 32.81 -12.02 -32.77
C HIS E 34 34.11 -12.08 -33.54
N PRO E 35 34.06 -12.39 -34.85
CA PRO E 35 35.31 -12.60 -35.59
C PRO E 35 36.28 -11.43 -35.49
N ALA E 36 35.76 -10.20 -35.42
CA ALA E 36 36.61 -9.03 -35.29
C ALA E 36 37.41 -9.03 -34.00
N TYR E 37 36.93 -9.73 -32.98
CA TYR E 37 37.67 -9.83 -31.72
C TYR E 37 38.76 -10.89 -31.81
N ALA E 38 38.56 -11.93 -32.63
CA ALA E 38 39.51 -13.03 -32.70
C ALA E 38 40.73 -12.68 -33.53
N ASP E 39 40.53 -11.96 -34.65
CA ASP E 39 41.67 -11.53 -35.45
C ASP E 39 42.25 -10.20 -34.97
N GLY E 40 41.57 -9.49 -34.08
CA GLY E 40 42.11 -8.32 -33.43
C GLY E 40 41.64 -6.96 -33.93
N ARG E 41 40.60 -6.90 -34.77
CA ARG E 41 40.09 -5.60 -35.20
C ARG E 41 39.05 -5.02 -34.25
N LEU E 42 38.70 -5.75 -33.19
CA LEU E 42 37.80 -5.24 -32.16
C LEU E 42 38.34 -5.64 -30.78
N ARG E 43 38.65 -4.63 -29.95
CA ARG E 43 39.02 -4.82 -28.55
C ARG E 43 37.86 -4.48 -27.62
N ILE E 44 37.80 -5.20 -26.50
CA ILE E 44 36.90 -4.89 -25.40
C ILE E 44 37.61 -3.85 -24.55
N GLY E 45 37.18 -2.59 -24.68
CA GLY E 45 37.75 -1.51 -23.90
C GLY E 45 37.13 -1.36 -22.52
N ALA E 46 36.79 -0.13 -22.17
CA ALA E 46 36.22 0.17 -20.86
C ALA E 46 34.84 -0.46 -20.70
N LEU E 47 34.60 -1.07 -19.55
CA LEU E 47 33.27 -1.52 -19.17
C LEU E 47 32.85 -0.78 -17.91
N THR E 48 31.61 -0.31 -17.89
CA THR E 48 31.15 0.59 -16.84
C THR E 48 29.73 0.23 -16.44
N ALA E 49 29.41 0.44 -15.16
CA ALA E 49 28.07 0.24 -14.64
C ALA E 49 27.77 1.33 -13.62
N ALA E 50 26.52 1.37 -13.16
CA ALA E 50 26.01 2.44 -12.30
C ALA E 50 26.73 2.43 -10.96
N THR E 51 26.10 1.88 -9.93
CA THR E 51 26.88 1.47 -8.78
C THR E 51 27.53 0.13 -9.16
N SER E 52 28.21 -0.48 -8.19
CA SER E 52 29.10 -1.62 -8.41
C SER E 52 30.41 -1.20 -9.07
N ALA E 53 30.78 0.06 -8.90
CA ALA E 53 32.07 0.53 -9.40
C ALA E 53 33.19 -0.02 -8.54
N GLY E 54 34.26 -0.49 -9.19
CA GLY E 54 35.43 -1.05 -8.54
C GLY E 54 35.44 -2.56 -8.44
N SER E 55 34.27 -3.19 -8.57
CA SER E 55 34.17 -4.64 -8.55
C SER E 55 34.79 -5.23 -9.83
N THR E 56 34.78 -6.55 -9.92
CA THR E 56 35.18 -7.23 -11.13
C THR E 56 33.95 -7.71 -11.89
N LEU E 57 34.15 -7.99 -13.19
CA LEU E 57 33.06 -8.49 -14.01
C LEU E 57 32.52 -9.83 -13.50
N GLY E 58 33.41 -10.69 -12.97
CA GLY E 58 32.98 -11.98 -12.48
C GLY E 58 31.90 -11.91 -11.43
N GLU E 59 32.00 -10.94 -10.52
CA GLU E 59 30.97 -10.76 -9.50
C GLU E 59 29.58 -10.60 -10.09
N HIS E 60 29.48 -10.19 -11.34
CA HIS E 60 28.18 -9.91 -11.97
C HIS E 60 27.79 -10.89 -13.06
N HIS E 61 28.74 -11.35 -13.87
CA HIS E 61 28.45 -12.30 -14.95
C HIS E 61 29.42 -13.45 -14.81
N PRO E 62 29.09 -14.43 -13.97
CA PRO E 62 30.02 -15.55 -13.77
C PRO E 62 30.19 -16.41 -15.02
N HIS E 63 29.37 -16.21 -16.06
CA HIS E 63 29.53 -16.99 -17.28
C HIS E 63 30.57 -16.42 -18.24
N LEU E 64 31.22 -15.30 -17.91
CA LEU E 64 32.08 -14.62 -18.87
C LEU E 64 33.54 -14.79 -18.47
N THR E 65 33.92 -16.02 -18.16
CA THR E 65 35.23 -16.29 -17.56
C THR E 65 36.40 -15.60 -18.23
N PRO E 66 36.45 -15.43 -19.56
CA PRO E 66 37.54 -14.62 -20.13
C PRO E 66 37.56 -13.16 -19.70
N LEU E 67 36.47 -12.62 -19.14
CA LEU E 67 36.46 -11.23 -18.70
C LEU E 67 36.30 -11.07 -17.18
N ALA E 68 36.37 -12.17 -16.42
CA ALA E 68 36.11 -12.14 -14.98
C ALA E 68 37.05 -11.18 -14.24
N HIS E 69 38.22 -10.91 -14.79
CA HIS E 69 39.16 -10.05 -14.09
C HIS E 69 39.01 -8.58 -14.44
N ARG E 70 38.17 -8.22 -15.41
CA ARG E 70 38.02 -6.82 -15.78
C ARG E 70 37.35 -6.05 -14.64
N VAL E 71 37.85 -4.83 -14.37
CA VAL E 71 37.25 -3.95 -13.38
C VAL E 71 36.14 -3.14 -14.02
N VAL E 72 35.00 -3.07 -13.34
CA VAL E 72 33.91 -2.19 -13.75
C VAL E 72 34.28 -0.76 -13.37
N GLU E 73 34.35 0.13 -14.35
CA GLU E 73 34.44 1.57 -14.08
C GLU E 73 33.04 2.14 -13.89
N PRO E 74 32.92 3.39 -13.41
CA PRO E 74 31.61 4.04 -13.40
C PRO E 74 31.36 4.70 -14.74
N THR E 75 30.08 4.78 -15.11
CA THR E 75 29.71 5.30 -16.42
C THR E 75 29.72 6.82 -16.39
N GLU E 76 30.73 7.44 -17.02
CA GLU E 76 30.71 8.85 -17.32
C GLU E 76 31.39 9.09 -18.66
N ALA E 77 30.98 10.18 -19.35
CA ALA E 77 31.43 10.44 -20.71
C ALA E 77 32.94 10.49 -20.86
N ALA E 78 33.67 10.66 -19.75
CA ALA E 78 35.13 10.80 -19.77
C ALA E 78 35.87 9.47 -19.81
N VAL E 79 35.32 8.41 -19.20
CA VAL E 79 35.88 7.09 -19.41
C VAL E 79 35.36 6.49 -20.72
N LEU E 80 34.07 6.71 -21.01
CA LEU E 80 33.45 6.10 -22.18
C LEU E 80 33.77 6.83 -23.47
N GLY E 81 34.08 8.11 -23.41
CA GLY E 81 34.70 8.78 -24.54
C GLY E 81 36.03 8.14 -24.89
N GLY E 82 36.59 8.56 -26.01
CA GLY E 82 37.83 7.96 -26.46
C GLY E 82 37.72 6.55 -27.00
N HIS E 83 36.52 5.98 -27.07
CA HIS E 83 36.24 4.76 -27.80
C HIS E 83 35.47 5.09 -29.08
N ASP E 84 35.65 4.25 -30.10
CA ASP E 84 34.91 4.41 -31.34
C ASP E 84 33.59 3.66 -31.35
N ALA E 85 33.43 2.67 -30.48
CA ALA E 85 32.16 1.98 -30.28
C ALA E 85 31.82 2.08 -28.80
N VAL E 86 30.64 2.62 -28.49
CA VAL E 86 30.17 2.74 -27.11
C VAL E 86 28.76 2.16 -27.07
N PHE E 87 28.59 1.07 -26.30
CA PHE E 87 27.31 0.41 -26.12
C PHE E 87 26.68 0.91 -24.82
N LEU E 88 25.46 1.44 -24.94
CA LEU E 88 24.72 1.96 -23.78
C LEU E 88 23.64 0.97 -23.41
N ALA E 89 23.89 0.14 -22.40
CA ALA E 89 22.96 -0.93 -21.99
C ALA E 89 22.05 -0.45 -20.86
N LEU E 90 20.85 0.01 -21.19
CA LEU E 90 19.91 0.54 -20.17
C LEU E 90 18.49 0.44 -20.71
N PRO E 91 17.95 -0.75 -21.01
CA PRO E 91 16.55 -0.88 -21.49
C PRO E 91 15.46 -0.05 -20.77
N HIS E 92 15.56 0.11 -19.45
CA HIS E 92 14.63 0.94 -18.65
C HIS E 92 15.24 2.34 -18.51
N GLY E 93 16.58 2.42 -18.56
CA GLY E 93 17.31 3.69 -18.36
C GLY E 93 17.18 4.68 -19.52
N HIS E 94 17.54 5.95 -19.27
CA HIS E 94 17.53 7.05 -20.27
C HIS E 94 18.95 7.63 -20.29
N SER E 95 19.60 7.63 -21.48
CA SER E 95 21.06 7.96 -21.59
C SER E 95 21.41 9.08 -22.58
N ALA E 96 20.52 10.03 -22.82
CA ALA E 96 20.74 11.11 -23.81
C ALA E 96 21.85 12.02 -23.33
N VAL E 97 21.91 12.23 -22.02
CA VAL E 97 22.96 13.10 -21.42
C VAL E 97 24.34 12.52 -21.77
N LEU E 98 24.48 11.20 -21.68
CA LEU E 98 25.75 10.51 -22.06
C LEU E 98 25.94 10.57 -23.57
N ALA E 99 24.92 10.27 -24.39
CA ALA E 99 25.24 10.30 -25.81
C ALA E 99 25.59 11.71 -26.28
N GLN E 100 25.01 12.74 -25.67
CA GLN E 100 25.13 14.08 -26.21
C GLN E 100 26.44 14.76 -25.85
N GLN E 101 27.34 14.11 -25.13
CA GLN E 101 28.66 14.68 -24.92
C GLN E 101 29.76 13.70 -25.33
N LEU E 102 29.52 12.95 -26.41
CA LEU E 102 30.54 12.11 -27.04
C LEU E 102 30.65 12.51 -28.52
N SER E 103 31.76 12.11 -29.15
CA SER E 103 32.03 12.47 -30.53
C SER E 103 30.93 11.93 -31.44
N PRO E 104 30.46 12.72 -32.42
CA PRO E 104 29.54 12.16 -33.44
C PRO E 104 30.19 11.08 -34.30
N GLU E 105 31.51 10.89 -34.20
CA GLU E 105 32.25 9.86 -34.93
C GLU E 105 32.41 8.57 -34.14
N THR E 106 31.82 8.46 -32.95
CA THR E 106 31.76 7.22 -32.19
C THR E 106 30.38 6.58 -32.39
N LEU E 107 30.36 5.34 -32.87
CA LEU E 107 29.07 4.66 -33.01
C LEU E 107 28.50 4.34 -31.62
N ILE E 108 27.37 4.96 -31.30
CA ILE E 108 26.69 4.84 -30.02
C ILE E 108 25.49 3.91 -30.22
N ILE E 109 25.48 2.80 -29.50
CA ILE E 109 24.44 1.77 -29.61
C ILE E 109 23.71 1.70 -28.27
N ASP E 110 22.53 2.30 -28.20
CA ASP E 110 21.73 2.24 -27.00
C ASP E 110 20.60 1.23 -27.18
N CYS E 111 20.47 0.30 -26.23
CA CYS E 111 19.31 -0.58 -26.13
C CYS E 111 18.18 0.03 -25.31
N GLY E 112 18.42 1.24 -24.81
CA GLY E 112 17.39 1.97 -24.07
C GLY E 112 16.39 2.54 -25.05
N ALA E 113 15.17 2.81 -24.58
CA ALA E 113 14.11 3.37 -25.46
C ALA E 113 14.32 4.87 -25.73
N ASP E 114 15.17 5.52 -24.93
CA ASP E 114 15.55 6.96 -24.99
C ASP E 114 15.43 7.59 -26.38
N PHE E 115 16.05 7.01 -27.41
CA PHE E 115 15.96 7.58 -28.78
C PHE E 115 15.21 6.61 -29.71
N ARG E 116 14.32 5.79 -29.18
CA ARG E 116 13.66 4.80 -30.07
C ARG E 116 12.51 5.43 -30.85
N LEU E 117 11.51 6.00 -30.17
CA LEU E 117 10.31 6.51 -30.90
C LEU E 117 10.51 7.93 -31.45
N THR E 118 9.82 8.22 -32.55
CA THR E 118 9.97 9.49 -33.31
C THR E 118 8.73 10.38 -33.19
N ASP E 119 7.97 10.24 -32.11
CA ASP E 119 6.79 11.10 -31.88
C ASP E 119 6.85 11.55 -30.42
N ALA E 120 7.63 12.60 -30.15
CA ALA E 120 7.88 13.20 -28.81
C ALA E 120 6.64 13.17 -27.93
N ALA E 121 5.51 13.68 -28.43
CA ALA E 121 4.20 13.65 -27.75
C ALA E 121 3.99 12.28 -27.12
N VAL E 122 4.05 11.23 -27.93
CA VAL E 122 3.86 9.83 -27.41
C VAL E 122 4.89 9.55 -26.32
N TRP E 123 6.16 9.78 -26.64
CA TRP E 123 7.29 9.51 -25.72
C TRP E 123 6.99 10.03 -24.32
N GLU E 124 6.86 11.35 -24.16
CA GLU E 124 6.61 11.81 -22.81
C GLU E 124 5.32 11.23 -22.25
N ARG E 125 4.37 10.86 -23.11
CA ARG E 125 3.16 10.20 -22.64
C ARG E 125 3.52 8.92 -21.89
N PHE E 126 4.31 8.05 -22.52
CA PHE E 126 4.60 6.76 -21.93
C PHE E 126 5.84 6.75 -21.05
N TYR E 127 6.72 7.75 -21.17
CA TYR E 127 7.94 7.79 -20.37
C TYR E 127 8.05 8.99 -19.44
N GLY E 128 7.18 9.99 -19.58
CA GLY E 128 7.15 11.14 -18.68
C GLY E 128 8.37 12.04 -18.67
N SER E 129 8.90 12.38 -19.85
CA SER E 129 10.16 13.11 -19.93
C SER E 129 10.13 14.05 -21.14
N SER E 130 11.31 14.43 -21.63
CA SER E 130 11.48 15.29 -22.80
C SER E 130 12.15 14.47 -23.89
N HIS E 131 11.34 14.02 -24.86
CA HIS E 131 11.82 13.27 -26.02
C HIS E 131 13.17 13.75 -26.48
N ALA E 132 14.11 12.81 -26.58
CA ALA E 132 15.47 13.09 -27.04
C ALA E 132 15.60 13.00 -28.55
N GLY E 133 14.62 12.41 -29.21
CA GLY E 133 14.63 12.27 -30.65
C GLY E 133 14.38 10.85 -31.09
N SER E 134 14.97 10.48 -32.21
CA SER E 134 15.05 9.10 -32.64
C SER E 134 16.47 8.84 -33.12
N TRP E 135 16.76 7.58 -33.38
CA TRP E 135 17.98 7.15 -34.04
C TRP E 135 17.62 5.96 -34.93
N PRO E 136 18.47 5.60 -35.88
CA PRO E 136 18.13 4.47 -36.76
C PRO E 136 17.79 3.20 -35.99
N TYR E 137 16.56 2.75 -36.20
CA TYR E 137 16.03 1.53 -35.56
C TYR E 137 16.89 0.31 -35.89
N GLY E 138 17.30 -0.41 -34.84
CA GLY E 138 18.21 -1.55 -34.98
C GLY E 138 17.57 -2.88 -35.34
N LEU E 139 16.41 -2.84 -36.03
CA LEU E 139 15.71 -4.02 -36.55
C LEU E 139 15.93 -4.13 -38.06
N PRO E 140 17.03 -4.75 -38.53
CA PRO E 140 17.34 -4.71 -39.97
C PRO E 140 16.44 -5.57 -40.84
N GLU E 141 15.51 -6.33 -40.27
CA GLU E 141 14.49 -7.03 -41.04
C GLU E 141 13.27 -6.16 -41.30
N LEU E 142 13.32 -4.88 -40.91
CA LEU E 142 12.22 -3.95 -41.09
C LEU E 142 12.44 -3.12 -42.35
N PRO E 143 11.41 -2.97 -43.19
CA PRO E 143 11.59 -2.27 -44.47
C PRO E 143 12.15 -0.86 -44.28
N GLY E 144 13.17 -0.54 -45.09
CA GLY E 144 13.87 0.72 -45.00
C GLY E 144 14.91 0.80 -43.91
N ALA E 145 15.01 -0.22 -43.05
CA ALA E 145 15.87 -0.10 -41.89
C ALA E 145 17.33 -0.32 -42.27
N ARG E 146 17.61 -1.48 -42.85
CA ARG E 146 18.99 -1.96 -42.99
C ARG E 146 19.89 -0.95 -43.70
N ASP E 147 19.34 -0.19 -44.63
CA ASP E 147 20.17 0.82 -45.28
C ASP E 147 20.37 2.05 -44.41
N GLN E 148 19.45 2.31 -43.47
CA GLN E 148 19.69 3.42 -42.57
C GLN E 148 20.64 3.05 -41.45
N LEU E 149 20.91 1.77 -41.26
CA LEU E 149 21.97 1.31 -40.36
C LEU E 149 23.33 1.25 -41.06
N ARG E 150 23.33 1.04 -42.38
CA ARG E 150 24.56 0.99 -43.16
C ARG E 150 25.39 2.25 -42.94
N GLY E 151 26.55 2.10 -42.31
CA GLY E 151 27.42 3.22 -42.05
C GLY E 151 26.88 4.23 -41.07
N THR E 152 25.87 3.87 -40.28
CA THR E 152 25.32 4.80 -39.30
C THR E 152 26.27 4.91 -38.10
N ARG E 153 26.14 6.01 -37.36
CA ARG E 153 26.91 6.19 -36.14
C ARG E 153 26.05 6.33 -34.89
N ARG E 154 24.73 6.20 -35.03
CA ARG E 154 23.79 6.19 -33.92
C ARG E 154 22.77 5.11 -34.22
N ILE E 155 22.48 4.27 -33.23
CA ILE E 155 21.51 3.20 -33.38
C ILE E 155 20.65 3.16 -32.12
N ALA E 156 19.36 2.96 -32.35
CA ALA E 156 18.35 2.79 -31.29
C ALA E 156 17.87 1.35 -31.40
N VAL E 157 18.41 0.44 -30.60
CA VAL E 157 17.97 -0.98 -30.68
C VAL E 157 16.55 -1.02 -30.12
N PRO E 158 15.62 -1.79 -30.71
CA PRO E 158 14.25 -1.81 -30.26
C PRO E 158 14.04 -2.62 -29.00
N GLY E 159 12.83 -2.59 -28.49
CA GLY E 159 12.51 -3.33 -27.27
C GLY E 159 12.37 -4.81 -27.57
N CYS E 160 12.56 -5.61 -26.54
CA CYS E 160 12.42 -7.08 -26.63
C CYS E 160 11.11 -7.43 -27.31
N TYR E 161 9.98 -7.04 -26.72
CA TYR E 161 8.61 -7.40 -27.19
C TYR E 161 8.30 -6.89 -28.60
N PRO E 162 8.55 -5.61 -28.92
CA PRO E 162 8.25 -5.10 -30.25
C PRO E 162 8.86 -5.96 -31.36
N THR E 163 10.11 -6.36 -31.21
CA THR E 163 10.86 -7.16 -32.22
C THR E 163 10.16 -8.47 -32.60
N ALA E 164 9.44 -9.12 -31.70
CA ALA E 164 8.84 -10.41 -32.11
C ALA E 164 7.42 -10.21 -32.65
N ALA E 165 6.74 -9.14 -32.24
CA ALA E 165 5.37 -8.96 -32.74
C ALA E 165 5.41 -8.46 -34.18
N LEU E 166 6.31 -7.52 -34.45
CA LEU E 166 6.41 -6.95 -35.79
C LEU E 166 6.75 -8.02 -36.83
N LEU E 167 7.92 -8.68 -36.67
CA LEU E 167 8.31 -9.80 -37.52
C LEU E 167 7.23 -10.88 -37.63
N ALA E 168 6.23 -10.87 -36.74
CA ALA E 168 5.08 -11.76 -36.88
C ALA E 168 3.93 -11.16 -37.68
N LEU E 169 3.92 -9.86 -37.94
CA LEU E 169 2.76 -9.25 -38.60
C LEU E 169 3.09 -8.36 -39.80
N PHE E 170 4.24 -7.68 -39.79
CA PHE E 170 4.50 -6.69 -40.82
C PHE E 170 4.49 -7.24 -42.24
N PRO E 171 4.85 -8.49 -42.54
CA PRO E 171 4.69 -8.95 -43.93
C PRO E 171 3.24 -9.08 -44.37
N ALA E 172 2.34 -9.44 -43.45
CA ALA E 172 0.93 -9.54 -43.79
C ALA E 172 0.27 -8.17 -43.86
N LEU E 173 0.69 -7.22 -43.02
CA LEU E 173 0.12 -5.88 -43.00
C LEU E 173 0.77 -4.95 -44.03
N ALA E 174 2.02 -5.23 -44.42
CA ALA E 174 2.60 -4.53 -45.56
C ALA E 174 1.83 -4.86 -46.83
N ALA E 175 1.65 -6.16 -47.11
CA ALA E 175 0.92 -6.66 -48.25
C ALA E 175 -0.60 -6.42 -48.13
N ASP E 176 -1.05 -5.62 -47.17
CA ASP E 176 -2.46 -5.26 -47.03
C ASP E 176 -3.35 -6.51 -46.98
N LEU E 177 -2.81 -7.62 -46.50
CA LEU E 177 -3.58 -8.85 -46.40
C LEU E 177 -4.26 -9.05 -45.05
N ILE E 178 -4.06 -8.13 -44.09
CA ILE E 178 -4.65 -8.25 -42.75
C ILE E 178 -5.07 -6.87 -42.25
N GLU E 179 -6.18 -6.83 -41.50
CA GLU E 179 -6.69 -5.56 -40.99
C GLU E 179 -5.68 -4.90 -40.05
N PRO E 180 -5.62 -3.56 -40.04
CA PRO E 180 -4.66 -2.88 -39.14
C PRO E 180 -5.16 -2.78 -37.71
N ALA E 181 -6.01 -3.73 -37.31
CA ALA E 181 -6.46 -3.89 -35.93
C ALA E 181 -5.86 -5.20 -35.40
N VAL E 182 -4.79 -5.10 -34.59
CA VAL E 182 -3.95 -6.24 -34.21
C VAL E 182 -4.05 -6.53 -32.71
N THR E 183 -4.09 -7.83 -32.38
CA THR E 183 -4.02 -8.33 -31.01
C THR E 183 -2.71 -9.10 -30.82
N VAL E 184 -1.97 -8.79 -29.76
CA VAL E 184 -0.72 -9.48 -29.50
C VAL E 184 -0.61 -9.84 -28.02
N VAL E 185 -0.56 -11.13 -27.71
CA VAL E 185 -0.24 -11.66 -26.39
C VAL E 185 1.12 -12.35 -26.48
N ALA E 186 2.05 -11.93 -25.62
CA ALA E 186 3.44 -12.40 -25.66
C ALA E 186 3.89 -12.85 -24.27
N VAL E 187 4.00 -14.17 -24.07
CA VAL E 187 4.69 -14.70 -22.90
C VAL E 187 6.17 -14.37 -23.01
N SER E 188 6.79 -14.10 -21.86
CA SER E 188 8.21 -13.83 -21.82
C SER E 188 8.83 -14.55 -20.63
N GLY E 189 10.16 -14.53 -20.58
CA GLY E 189 10.88 -14.91 -19.41
C GLY E 189 11.28 -13.72 -18.57
N THR E 190 11.53 -13.97 -17.30
CA THR E 190 11.70 -12.88 -16.36
C THR E 190 12.94 -12.03 -16.65
N SER E 191 13.83 -12.45 -17.56
CA SER E 191 15.02 -11.65 -17.79
C SER E 191 14.74 -10.38 -18.60
N GLY E 192 13.56 -10.27 -19.21
CA GLY E 192 13.20 -9.03 -19.85
C GLY E 192 12.93 -7.91 -18.85
N ALA E 193 12.66 -8.27 -17.60
CA ALA E 193 12.37 -7.32 -16.54
C ALA E 193 13.63 -6.91 -15.78
N GLY E 194 14.81 -7.09 -16.37
CA GLY E 194 16.05 -6.58 -15.80
C GLY E 194 16.54 -7.23 -14.52
N ARG E 195 17.75 -6.85 -14.12
CA ARG E 195 18.36 -7.39 -12.91
C ARG E 195 17.86 -6.73 -11.64
N ALA E 196 16.83 -5.90 -11.74
CA ALA E 196 16.36 -5.16 -10.58
C ALA E 196 15.82 -6.12 -9.53
N ALA E 197 16.42 -6.11 -8.36
CA ALA E 197 16.01 -7.03 -7.30
C ALA E 197 14.74 -6.48 -6.65
N THR E 198 13.59 -7.01 -7.05
CA THR E 198 12.33 -6.76 -6.35
C THR E 198 11.60 -8.09 -6.18
N THR E 199 10.62 -8.10 -5.28
CA THR E 199 10.11 -9.36 -4.77
C THR E 199 9.22 -10.11 -5.78
N ASP E 200 8.56 -9.42 -6.70
CA ASP E 200 7.74 -10.14 -7.68
C ASP E 200 8.56 -10.66 -8.85
N LEU E 201 9.84 -10.34 -8.89
CA LEU E 201 10.81 -11.00 -9.75
C LEU E 201 11.67 -12.04 -9.00
N LEU E 202 11.25 -12.43 -7.78
CA LEU E 202 11.96 -13.45 -7.04
C LEU E 202 11.62 -14.81 -7.60
N GLY E 203 12.61 -15.71 -7.57
CA GLY E 203 12.43 -17.02 -8.16
C GLY E 203 11.34 -17.82 -7.52
N ALA E 204 11.16 -17.69 -6.22
CA ALA E 204 10.08 -18.43 -5.55
C ALA E 204 8.72 -18.00 -6.06
N GLU E 205 8.52 -16.69 -6.25
CA GLU E 205 7.20 -16.18 -6.63
C GLU E 205 6.89 -16.48 -8.09
N VAL E 206 7.88 -16.44 -8.98
CA VAL E 206 7.58 -16.69 -10.38
C VAL E 206 7.60 -18.18 -10.74
N ILE E 207 8.38 -19.02 -10.04
CA ILE E 207 8.36 -20.45 -10.34
C ILE E 207 6.99 -21.00 -9.98
N GLY E 208 6.40 -21.74 -10.91
CA GLY E 208 5.04 -22.23 -10.77
C GLY E 208 3.96 -21.26 -11.21
N SER E 209 4.30 -20.00 -11.54
CA SER E 209 3.32 -18.93 -11.68
C SER E 209 3.47 -18.18 -12.99
N ALA E 210 2.35 -17.95 -13.68
CA ALA E 210 2.25 -17.01 -14.80
C ALA E 210 1.21 -15.96 -14.49
N ARG E 211 1.50 -14.72 -14.92
CA ARG E 211 0.62 -13.59 -14.73
C ARG E 211 0.83 -12.61 -15.89
N ALA E 212 -0.24 -11.93 -16.30
CA ALA E 212 -0.11 -10.81 -17.23
C ALA E 212 0.03 -9.51 -16.45
N TYR E 213 0.82 -8.59 -17.00
CA TYR E 213 1.19 -7.38 -16.29
C TYR E 213 1.16 -6.20 -17.24
N ASN E 214 0.87 -5.01 -16.70
CA ASN E 214 0.76 -3.77 -17.47
C ASN E 214 -0.12 -3.99 -18.72
N ILE E 215 -1.34 -4.41 -18.44
CA ILE E 215 -2.31 -4.73 -19.49
C ILE E 215 -3.04 -3.49 -20.01
N ALA E 216 -3.87 -3.69 -21.05
CA ALA E 216 -4.70 -2.65 -21.67
C ALA E 216 -3.88 -1.43 -22.08
N GLY E 217 -2.92 -1.67 -22.97
CA GLY E 217 -2.14 -0.64 -23.64
C GLY E 217 -1.43 0.42 -22.82
N VAL E 218 -0.99 0.11 -21.59
CA VAL E 218 -0.18 1.04 -20.83
C VAL E 218 1.30 0.65 -20.81
N HIS E 219 1.64 -0.47 -21.41
CA HIS E 219 3.03 -0.90 -21.53
C HIS E 219 3.74 -0.07 -22.61
N ARG E 220 4.97 0.37 -22.29
CA ARG E 220 5.78 1.24 -23.15
C ARG E 220 6.15 0.60 -24.49
N HIS E 221 5.78 -0.67 -24.70
CA HIS E 221 6.00 -1.37 -25.94
C HIS E 221 4.76 -1.46 -26.82
N THR E 222 3.58 -1.04 -26.33
CA THR E 222 2.42 -0.96 -27.24
C THR E 222 2.64 0.09 -28.33
N PRO E 223 3.11 1.31 -28.06
CA PRO E 223 3.27 2.29 -29.14
C PRO E 223 4.56 2.14 -29.93
N GLU E 224 5.43 1.21 -29.52
CA GLU E 224 6.56 0.80 -30.35
C GLU E 224 6.13 -0.22 -31.38
N ILE E 225 5.11 -1.02 -31.08
CA ILE E 225 4.50 -1.86 -32.10
C ILE E 225 3.57 -1.01 -32.98
N ALA E 226 3.00 0.06 -32.43
CA ALA E 226 2.22 0.99 -33.25
C ALA E 226 3.14 1.79 -34.19
N GLN E 227 4.17 2.44 -33.63
CA GLN E 227 5.16 3.14 -34.46
C GLN E 227 5.60 2.28 -35.65
N GLY E 228 6.01 1.04 -35.38
CA GLY E 228 6.56 0.21 -36.43
C GLY E 228 5.56 -0.34 -37.41
N LEU E 229 4.28 -0.43 -37.02
CA LEU E 229 3.24 -0.89 -37.94
C LEU E 229 2.73 0.21 -38.88
N ARG E 230 2.79 1.47 -38.45
CA ARG E 230 2.39 2.62 -39.27
C ARG E 230 3.40 2.94 -40.35
N ALA E 231 4.57 2.30 -40.34
CA ALA E 231 5.61 2.57 -41.34
C ALA E 231 5.42 1.77 -42.62
N VAL E 232 4.84 0.58 -42.52
CA VAL E 232 4.57 -0.28 -43.68
C VAL E 232 3.09 -0.28 -44.08
N THR E 233 2.27 0.55 -43.44
CA THR E 233 0.89 0.77 -43.82
C THR E 233 0.65 2.27 -43.95
N ASP E 234 -0.46 2.64 -44.58
CA ASP E 234 -0.95 4.01 -44.50
C ASP E 234 -2.15 4.11 -43.58
N ARG E 235 -2.65 2.98 -43.08
CA ARG E 235 -3.80 2.92 -42.20
C ARG E 235 -3.47 3.45 -40.81
N ASP E 236 -4.51 3.79 -40.06
CA ASP E 236 -4.41 3.89 -38.61
C ASP E 236 -4.33 2.49 -38.04
N VAL E 237 -3.22 2.15 -37.40
CA VAL E 237 -3.06 0.83 -36.79
C VAL E 237 -3.49 0.91 -35.34
N SER E 238 -4.11 -0.16 -34.83
CA SER E 238 -4.52 -0.29 -33.44
C SER E 238 -3.89 -1.53 -32.81
N VAL E 239 -2.96 -1.32 -31.88
CA VAL E 239 -2.23 -2.39 -31.20
C VAL E 239 -2.80 -2.59 -29.79
N SER E 240 -3.42 -3.75 -29.57
CA SER E 240 -3.92 -4.16 -28.24
C SER E 240 -2.91 -5.13 -27.61
N PHE E 241 -1.86 -4.60 -26.99
CA PHE E 241 -0.74 -5.40 -26.41
C PHE E 241 -1.11 -6.00 -25.06
N THR E 242 -0.62 -7.22 -24.78
CA THR E 242 -0.84 -7.88 -23.47
C THR E 242 0.35 -8.78 -23.15
N PRO E 243 1.33 -8.35 -22.33
CA PRO E 243 2.45 -9.21 -21.97
C PRO E 243 2.11 -10.12 -20.79
N VAL E 244 2.68 -11.32 -20.78
CA VAL E 244 2.50 -12.35 -19.71
C VAL E 244 3.87 -12.94 -19.37
N LEU E 245 4.25 -12.90 -18.09
CA LEU E 245 5.54 -13.52 -17.70
C LEU E 245 5.25 -14.92 -17.21
N ILE E 246 6.05 -15.89 -17.65
CA ILE E 246 5.87 -17.32 -17.27
C ILE E 246 7.16 -17.81 -16.61
N PRO E 247 7.14 -18.98 -15.97
CA PRO E 247 8.33 -19.53 -15.32
C PRO E 247 9.40 -19.90 -16.34
N ALA E 248 10.18 -18.92 -16.80
CA ALA E 248 11.23 -19.21 -17.78
C ALA E 248 12.24 -18.09 -17.71
N SER E 249 13.50 -18.39 -17.99
CA SER E 249 14.51 -17.33 -17.88
C SER E 249 14.43 -16.42 -19.10
N ARG E 250 14.54 -17.00 -20.30
CA ARG E 250 14.57 -16.27 -21.56
C ARG E 250 13.38 -16.70 -22.39
N GLY E 251 13.22 -16.06 -23.55
CA GLY E 251 12.23 -16.48 -24.53
C GLY E 251 10.93 -15.69 -24.55
N ILE E 252 10.51 -15.25 -25.74
CA ILE E 252 9.25 -14.52 -25.98
C ILE E 252 8.47 -15.24 -27.09
N LEU E 253 7.29 -15.77 -26.76
CA LEU E 253 6.45 -16.46 -27.75
C LEU E 253 5.23 -15.59 -28.10
N ALA E 254 5.40 -14.76 -29.13
CA ALA E 254 4.38 -13.84 -29.59
C ALA E 254 3.24 -14.58 -30.31
N THR E 255 2.03 -14.45 -29.81
CA THR E 255 0.83 -14.85 -30.51
C THR E 255 0.20 -13.59 -31.11
N CYS E 256 0.25 -13.44 -32.44
CA CYS E 256 -0.20 -12.21 -33.09
C CYS E 256 -1.41 -12.52 -33.96
N THR E 257 -2.55 -11.90 -33.64
CA THR E 257 -3.73 -12.00 -34.48
C THR E 257 -4.08 -10.63 -35.07
N ALA E 258 -4.75 -10.68 -36.22
CA ALA E 258 -5.46 -9.56 -36.82
C ALA E 258 -6.54 -10.16 -37.70
N ARG E 259 -7.59 -9.40 -37.99
CA ARG E 259 -8.69 -9.90 -38.85
C ARG E 259 -8.26 -9.82 -40.33
N THR E 260 -8.74 -10.76 -41.13
CA THR E 260 -8.40 -10.78 -42.58
C THR E 260 -9.30 -11.77 -43.31
N ARG E 261 -9.52 -11.55 -44.61
CA ARG E 261 -10.34 -12.46 -45.44
C ARG E 261 -9.48 -12.97 -46.59
N SER E 262 -8.16 -12.96 -46.40
CA SER E 262 -7.21 -13.43 -47.44
C SER E 262 -7.13 -14.95 -47.43
N PRO E 263 -6.61 -15.60 -48.49
CA PRO E 263 -6.50 -17.05 -48.53
C PRO E 263 -5.24 -17.53 -47.82
N LEU E 264 -5.25 -18.78 -47.35
CA LEU E 264 -4.10 -19.32 -46.59
C LEU E 264 -2.77 -19.24 -47.36
N SER E 265 -2.75 -19.51 -48.67
CA SER E 265 -1.45 -19.56 -49.39
C SER E 265 -0.93 -18.18 -49.80
N GLN E 266 -1.82 -17.22 -50.00
CA GLN E 266 -1.29 -15.87 -50.33
C GLN E 266 -0.53 -15.41 -49.10
N LEU E 267 -1.15 -15.55 -47.93
CA LEU E 267 -0.56 -15.23 -46.63
C LEU E 267 0.86 -15.81 -46.58
N ARG E 268 0.96 -17.13 -46.67
CA ARG E 268 2.27 -17.82 -46.61
C ARG E 268 3.23 -17.18 -47.61
N ALA E 269 2.81 -17.08 -48.87
CA ALA E 269 3.64 -16.52 -49.96
C ALA E 269 4.16 -15.13 -49.59
N ALA E 270 3.32 -14.28 -49.02
CA ALA E 270 3.74 -12.92 -48.60
C ALA E 270 4.97 -13.00 -47.70
N TYR E 271 4.93 -13.90 -46.72
CA TYR E 271 6.04 -14.08 -45.75
C TYR E 271 7.25 -14.73 -46.43
N GLU E 272 7.00 -15.61 -47.38
CA GLU E 272 8.11 -16.38 -47.96
C GLU E 272 9.13 -15.50 -48.66
N LYS E 273 8.75 -14.34 -49.18
CA LYS E 273 9.75 -13.44 -49.73
C LYS E 273 9.91 -12.16 -48.94
N ALA E 274 9.20 -12.03 -47.82
CA ALA E 274 9.71 -11.14 -46.80
C ALA E 274 10.95 -11.76 -46.17
N TYR E 275 11.03 -13.10 -46.16
CA TYR E 275 12.00 -13.80 -45.33
C TYR E 275 12.79 -14.88 -46.07
N HIS E 276 12.76 -14.91 -47.41
CA HIS E 276 13.59 -15.87 -48.14
C HIS E 276 15.06 -15.51 -48.02
N ALA E 277 15.38 -14.23 -48.14
CA ALA E 277 16.74 -13.75 -48.03
C ALA E 277 17.03 -13.15 -46.67
N GLU E 278 16.27 -13.53 -45.65
CA GLU E 278 16.57 -13.07 -44.31
C GLU E 278 17.16 -14.21 -43.49
N PRO E 279 18.40 -14.06 -43.03
CA PRO E 279 19.12 -15.20 -42.45
C PRO E 279 18.67 -15.51 -41.04
N PHE E 280 18.39 -14.46 -40.27
CA PHE E 280 17.91 -14.60 -38.90
C PHE E 280 16.41 -14.88 -38.81
N ILE E 281 15.69 -14.91 -39.94
CA ILE E 281 14.28 -15.27 -39.94
C ILE E 281 14.12 -16.65 -40.54
N TYR E 282 13.25 -17.45 -39.94
CA TYR E 282 13.02 -18.84 -40.35
C TYR E 282 11.51 -19.08 -40.41
N LEU E 283 11.03 -19.50 -41.58
CA LEU E 283 9.62 -19.81 -41.77
C LEU E 283 9.42 -21.28 -41.50
N MET E 284 8.60 -21.59 -40.52
CA MET E 284 8.50 -22.96 -40.07
C MET E 284 7.82 -23.82 -41.12
N PRO E 285 8.29 -25.05 -41.34
CA PRO E 285 7.56 -26.00 -42.20
C PRO E 285 6.11 -26.11 -41.77
N GLU E 286 5.17 -25.79 -42.66
CA GLU E 286 3.76 -25.90 -42.30
C GLU E 286 3.46 -27.25 -41.69
N GLY E 287 2.96 -27.24 -40.45
CA GLY E 287 2.82 -28.41 -39.62
C GLY E 287 3.60 -28.33 -38.32
N GLN E 288 4.71 -27.59 -38.34
CA GLN E 288 5.47 -27.25 -37.14
C GLN E 288 5.14 -25.81 -36.72
N LEU E 289 5.24 -25.58 -35.42
CA LEU E 289 4.92 -24.31 -34.77
C LEU E 289 6.15 -23.86 -33.99
N PRO E 290 6.40 -22.55 -33.87
CA PRO E 290 7.59 -22.11 -33.11
C PRO E 290 7.51 -22.54 -31.65
N ARG E 291 8.69 -22.64 -31.02
CA ARG E 291 8.81 -22.91 -29.59
C ARG E 291 10.01 -22.13 -29.08
N THR E 292 9.85 -21.46 -27.93
CA THR E 292 10.93 -20.58 -27.45
C THR E 292 12.20 -21.35 -27.21
N GLY E 293 12.08 -22.61 -26.79
CA GLY E 293 13.25 -23.45 -26.61
C GLY E 293 14.11 -23.49 -27.85
N ALA E 294 13.50 -23.48 -29.03
CA ALA E 294 14.26 -23.57 -30.26
C ALA E 294 15.14 -22.36 -30.48
N VAL E 295 14.95 -21.33 -29.67
CA VAL E 295 15.45 -20.00 -29.99
C VAL E 295 16.47 -19.50 -28.98
N ILE E 296 16.43 -19.99 -27.73
CA ILE E 296 17.31 -19.50 -26.68
C ILE E 296 18.74 -19.54 -27.16
N GLY E 297 19.48 -18.47 -26.89
CA GLY E 297 20.85 -18.41 -27.31
C GLY E 297 21.06 -18.10 -28.77
N SER E 298 19.99 -17.94 -29.54
CA SER E 298 20.08 -17.66 -30.96
C SER E 298 19.67 -16.22 -31.23
N ASN E 299 20.30 -15.62 -32.26
CA ASN E 299 19.76 -14.42 -32.91
C ASN E 299 18.59 -14.75 -33.83
N ALA E 300 18.14 -16.01 -33.86
CA ALA E 300 17.09 -16.46 -34.74
C ALA E 300 15.70 -16.01 -34.27
N ALA E 301 14.76 -16.06 -35.20
CA ALA E 301 13.35 -15.78 -34.94
C ALA E 301 12.54 -16.75 -35.78
N HIS E 302 11.84 -17.66 -35.11
CA HIS E 302 11.17 -18.80 -35.76
C HIS E 302 9.68 -18.47 -35.87
N ILE E 303 9.17 -18.43 -37.11
CA ILE E 303 7.84 -17.89 -37.40
C ILE E 303 6.99 -18.92 -38.12
N ALA E 304 5.72 -19.02 -37.71
CA ALA E 304 4.69 -19.78 -38.40
C ALA E 304 3.42 -18.92 -38.46
N VAL E 305 2.59 -19.17 -39.47
CA VAL E 305 1.37 -18.39 -39.73
C VAL E 305 0.21 -19.35 -39.95
N ALA E 306 -0.98 -18.93 -39.55
CA ALA E 306 -2.19 -19.73 -39.73
C ALA E 306 -3.37 -18.81 -40.01
N VAL E 307 -4.56 -19.42 -40.14
CA VAL E 307 -5.83 -18.72 -40.36
C VAL E 307 -6.94 -19.48 -39.64
N ASP E 308 -7.59 -18.80 -38.69
CA ASP E 308 -8.85 -19.26 -38.11
C ASP E 308 -9.97 -19.02 -39.14
N GLU E 309 -10.51 -20.10 -39.71
CA GLU E 309 -11.56 -19.98 -40.72
C GLU E 309 -12.81 -19.37 -40.12
N ASP E 310 -13.33 -19.99 -39.05
CA ASP E 310 -14.60 -19.56 -38.48
C ASP E 310 -14.52 -18.16 -37.87
N ALA E 311 -13.35 -17.72 -37.46
CA ALA E 311 -13.19 -16.40 -36.86
C ALA E 311 -12.63 -15.37 -37.83
N GLN E 312 -12.38 -15.76 -39.09
CA GLN E 312 -11.73 -14.89 -40.07
C GLN E 312 -10.54 -14.17 -39.46
N THR E 313 -9.57 -14.98 -39.01
CA THR E 313 -8.48 -14.59 -38.12
C THR E 313 -7.14 -15.12 -38.63
N PHE E 314 -6.13 -14.25 -38.68
CA PHE E 314 -4.77 -14.63 -39.06
C PHE E 314 -3.91 -14.67 -37.81
N VAL E 315 -3.57 -15.89 -37.37
CA VAL E 315 -2.72 -16.09 -36.18
C VAL E 315 -1.27 -16.05 -36.64
N ALA E 316 -0.45 -15.26 -35.95
CA ALA E 316 0.99 -15.14 -36.29
C ALA E 316 1.81 -15.45 -35.05
N ILE E 317 2.17 -16.72 -34.86
CA ILE E 317 3.00 -17.16 -33.70
C ILE E 317 4.47 -16.96 -34.04
N ALA E 318 5.16 -16.20 -33.20
CA ALA E 318 6.60 -15.94 -33.35
C ALA E 318 7.33 -16.39 -32.08
N ALA E 319 8.66 -16.32 -32.07
CA ALA E 319 9.44 -16.77 -30.90
C ALA E 319 10.87 -16.24 -31.00
N ILE E 320 11.31 -15.43 -30.04
CA ILE E 320 12.73 -14.99 -30.06
C ILE E 320 13.30 -15.12 -28.65
N ASP E 321 14.55 -14.70 -28.48
CA ASP E 321 15.20 -14.66 -27.15
C ASP E 321 15.45 -13.18 -26.90
N ASN E 322 14.81 -12.63 -25.87
CA ASN E 322 14.94 -11.21 -25.53
C ASN E 322 16.39 -10.73 -25.52
N LEU E 323 17.32 -11.45 -24.90
CA LEU E 323 18.71 -10.93 -24.82
C LEU E 323 19.40 -10.90 -26.18
N VAL E 324 19.03 -11.79 -27.09
CA VAL E 324 19.76 -11.82 -28.39
C VAL E 324 19.14 -10.88 -29.42
N LYS E 325 18.22 -11.38 -30.23
CA LYS E 325 17.63 -10.54 -31.29
C LYS E 325 16.86 -9.40 -30.65
N GLY E 326 16.11 -9.71 -29.59
CA GLY E 326 15.27 -8.70 -28.92
C GLY E 326 16.04 -7.54 -28.35
N THR E 327 17.32 -7.75 -28.02
CA THR E 327 18.18 -6.72 -27.41
C THR E 327 19.60 -6.79 -27.96
N ALA E 328 20.44 -7.66 -27.36
CA ALA E 328 21.89 -7.60 -27.54
C ALA E 328 22.39 -8.16 -28.88
N GLY E 329 21.74 -9.18 -29.43
CA GLY E 329 22.07 -9.63 -30.77
C GLY E 329 21.64 -8.65 -31.85
N ALA E 330 20.49 -7.97 -31.65
CA ALA E 330 20.10 -6.91 -32.58
C ALA E 330 21.10 -5.75 -32.55
N ALA E 331 21.69 -5.48 -31.38
CA ALA E 331 22.64 -4.38 -31.29
C ALA E 331 23.95 -4.72 -31.98
N VAL E 332 24.31 -6.00 -32.06
CA VAL E 332 25.54 -6.39 -32.74
C VAL E 332 25.29 -6.56 -34.24
N GLN E 333 24.10 -7.04 -34.61
CA GLN E 333 23.64 -6.96 -35.99
C GLN E 333 23.82 -5.56 -36.54
N SER E 334 23.41 -4.55 -35.77
CA SER E 334 23.46 -3.17 -36.23
C SER E 334 24.85 -2.56 -36.09
N MET E 335 25.64 -3.02 -35.12
CA MET E 335 27.06 -2.63 -35.07
C MET E 335 27.81 -3.16 -36.30
N ASN E 336 27.57 -4.42 -36.69
CA ASN E 336 28.10 -4.96 -37.94
C ASN E 336 27.71 -4.10 -39.15
N LEU E 337 26.41 -3.75 -39.26
CA LEU E 337 25.93 -2.96 -40.40
C LEU E 337 26.56 -1.57 -40.43
N ALA E 338 26.72 -0.95 -39.27
CA ALA E 338 27.28 0.38 -39.18
C ALA E 338 28.79 0.42 -39.40
N LEU E 339 29.51 -0.68 -39.16
CA LEU E 339 30.96 -0.69 -39.31
C LEU E 339 31.43 -1.19 -40.67
N GLY E 340 30.57 -1.87 -41.42
CA GLY E 340 30.94 -2.39 -42.72
C GLY E 340 31.34 -3.84 -42.75
N TRP E 341 31.08 -4.61 -41.63
CA TRP E 341 31.36 -6.01 -41.43
C TRP E 341 30.14 -6.87 -41.81
N PRO E 342 30.34 -8.14 -42.16
CA PRO E 342 29.20 -9.03 -42.42
C PRO E 342 28.17 -8.98 -41.30
N GLU E 343 26.90 -8.80 -41.70
CA GLU E 343 25.80 -8.69 -40.73
C GLU E 343 25.71 -9.91 -39.81
N THR E 344 26.12 -11.09 -40.31
CA THR E 344 26.05 -12.32 -39.55
C THR E 344 27.28 -12.56 -38.68
N ASP E 345 28.22 -11.60 -38.63
CA ASP E 345 29.49 -11.77 -37.93
C ASP E 345 29.25 -11.84 -36.44
N GLY E 346 29.52 -12.99 -35.84
CA GLY E 346 29.25 -13.20 -34.43
C GLY E 346 27.81 -13.50 -34.07
N LEU E 347 26.91 -13.66 -35.04
CA LEU E 347 25.51 -13.99 -34.78
C LEU E 347 25.20 -15.35 -35.39
N SER E 348 24.64 -16.25 -34.59
CA SER E 348 24.31 -17.61 -35.02
C SER E 348 22.81 -17.85 -34.93
N VAL E 349 22.30 -18.74 -35.77
CA VAL E 349 20.87 -19.02 -35.84
C VAL E 349 20.50 -20.31 -35.11
N VAL E 350 21.46 -21.00 -34.51
CA VAL E 350 21.25 -22.31 -33.89
C VAL E 350 20.93 -22.11 -32.41
N GLY E 351 19.75 -22.54 -31.99
CA GLY E 351 19.42 -22.46 -30.58
C GLY E 351 20.25 -23.41 -29.73
N VAL E 352 20.37 -23.07 -28.45
CA VAL E 352 20.94 -23.99 -27.46
C VAL E 352 19.77 -24.62 -26.73
N ALA E 353 19.42 -25.83 -27.12
CA ALA E 353 18.22 -26.52 -26.63
C ALA E 353 18.62 -27.96 -26.33
N PRO E 354 17.89 -28.64 -25.43
CA PRO E 354 16.73 -28.13 -24.70
C PRO E 354 17.12 -27.42 -23.41
N ALA F 11 39.68 -33.00 -46.75
CA ALA F 11 38.41 -32.76 -46.04
C ALA F 11 38.04 -34.01 -45.24
N THR F 12 37.22 -33.87 -44.20
CA THR F 12 36.82 -35.03 -43.37
C THR F 12 35.30 -35.08 -43.28
N LYS F 13 34.71 -36.19 -43.72
CA LYS F 13 33.23 -36.32 -43.73
C LYS F 13 32.77 -36.92 -42.40
N VAL F 14 31.64 -36.43 -41.88
CA VAL F 14 31.13 -36.85 -40.55
C VAL F 14 29.71 -37.41 -40.65
N ALA F 15 29.40 -38.34 -39.75
CA ALA F 15 28.08 -38.97 -39.64
C ALA F 15 27.70 -39.05 -38.16
N VAL F 16 26.41 -39.09 -37.85
CA VAL F 16 25.98 -39.18 -36.41
C VAL F 16 24.87 -40.21 -36.27
N ALA F 17 25.09 -41.23 -35.45
CA ALA F 17 24.05 -42.23 -35.14
C ALA F 17 23.30 -41.69 -33.91
N GLY F 18 22.02 -42.02 -33.75
CA GLY F 18 21.26 -41.35 -32.71
C GLY F 18 21.17 -39.84 -32.88
N ALA F 19 21.12 -39.36 -34.11
CA ALA F 19 21.10 -37.90 -34.23
C ALA F 19 19.73 -37.31 -33.93
N SER F 20 18.81 -38.08 -33.32
CA SER F 20 17.52 -37.55 -32.93
C SER F 20 17.34 -37.44 -31.41
N GLY F 21 18.28 -37.93 -30.61
CA GLY F 21 18.23 -37.73 -29.17
C GLY F 21 18.98 -36.49 -28.77
N TYR F 22 19.01 -36.23 -27.45
CA TYR F 22 19.64 -35.00 -26.97
C TYR F 22 21.14 -34.98 -27.28
N ALA F 23 21.85 -36.08 -27.00
CA ALA F 23 23.28 -36.09 -27.33
C ALA F 23 23.49 -35.77 -28.81
N GLY F 24 22.86 -36.56 -29.69
CA GLY F 24 23.01 -36.31 -31.11
C GLY F 24 22.74 -34.87 -31.47
N GLY F 25 21.65 -34.30 -30.95
CA GLY F 25 21.33 -32.92 -31.22
C GLY F 25 22.49 -31.98 -30.95
N GLU F 26 23.14 -32.14 -29.80
CA GLU F 26 24.21 -31.21 -29.43
C GLU F 26 25.52 -31.49 -30.16
N ILE F 27 25.79 -32.72 -30.57
CA ILE F 27 26.96 -32.91 -31.42
C ILE F 27 26.76 -32.15 -32.72
N LEU F 28 25.55 -32.18 -33.25
CA LEU F 28 25.25 -31.39 -34.44
C LEU F 28 25.44 -29.89 -34.18
N ARG F 29 24.82 -29.35 -33.13
CA ARG F 29 24.99 -27.92 -32.82
C ARG F 29 26.44 -27.54 -32.72
N LEU F 30 27.25 -28.41 -32.10
CA LEU F 30 28.66 -28.08 -31.90
C LEU F 30 29.44 -28.18 -33.20
N LEU F 31 29.11 -29.18 -34.04
CA LEU F 31 29.70 -29.25 -35.37
C LEU F 31 29.31 -28.05 -36.24
N LEU F 32 28.00 -27.69 -36.28
CA LEU F 32 27.59 -26.54 -37.10
C LEU F 32 28.38 -25.28 -36.77
N GLY F 33 29.00 -25.23 -35.60
CA GLY F 33 29.84 -24.10 -35.22
C GLY F 33 31.34 -24.34 -35.26
N HIS F 34 31.78 -25.51 -35.70
CA HIS F 34 33.20 -25.78 -35.71
C HIS F 34 33.90 -24.87 -36.71
N PRO F 35 35.11 -24.39 -36.42
CA PRO F 35 35.88 -23.70 -37.45
C PRO F 35 36.23 -24.60 -38.64
N ALA F 36 36.16 -25.93 -38.46
CA ALA F 36 36.43 -26.84 -39.56
C ALA F 36 35.22 -27.05 -40.45
N TYR F 37 34.01 -26.94 -39.89
CA TYR F 37 32.82 -26.85 -40.72
C TYR F 37 32.88 -25.63 -41.63
N ALA F 38 33.34 -24.50 -41.07
CA ALA F 38 33.18 -23.18 -41.69
C ALA F 38 34.05 -23.02 -42.94
N ASP F 39 35.34 -23.39 -42.85
CA ASP F 39 36.26 -23.31 -43.99
C ASP F 39 36.23 -24.56 -44.88
N GLY F 40 35.55 -25.62 -44.45
CA GLY F 40 35.27 -26.77 -45.30
C GLY F 40 35.93 -28.06 -44.87
N ARG F 41 37.03 -28.00 -44.13
CA ARG F 41 37.79 -29.21 -43.80
C ARG F 41 36.94 -30.29 -43.15
N LEU F 42 35.72 -29.94 -42.70
CA LEU F 42 34.81 -30.91 -42.10
C LEU F 42 33.41 -30.75 -42.71
N ARG F 43 32.87 -31.87 -43.18
CA ARG F 43 31.54 -31.93 -43.76
C ARG F 43 30.65 -32.87 -42.96
N ILE F 44 29.37 -32.52 -42.88
CA ILE F 44 28.37 -33.32 -42.16
C ILE F 44 27.69 -34.26 -43.15
N GLY F 45 27.63 -35.54 -42.81
CA GLY F 45 26.99 -36.50 -43.70
C GLY F 45 25.73 -37.16 -43.17
N ALA F 46 25.77 -38.48 -42.99
CA ALA F 46 24.57 -39.23 -42.62
C ALA F 46 24.16 -38.98 -41.17
N LEU F 47 22.86 -38.75 -40.97
CA LEU F 47 22.24 -38.64 -39.65
C LEU F 47 21.29 -39.81 -39.52
N THR F 48 21.48 -40.64 -38.50
CA THR F 48 20.71 -41.86 -38.42
C THR F 48 20.08 -42.01 -37.05
N ALA F 49 19.03 -42.83 -37.01
CA ALA F 49 18.33 -43.16 -35.79
C ALA F 49 17.68 -44.51 -36.00
N ALA F 50 17.14 -45.08 -34.93
CA ALA F 50 16.55 -46.43 -35.00
C ALA F 50 15.12 -46.43 -35.57
N THR F 51 14.13 -46.21 -34.72
CA THR F 51 12.71 -46.35 -35.10
C THR F 51 12.12 -45.12 -35.79
N SER F 52 12.84 -44.40 -36.66
CA SER F 52 12.20 -43.21 -37.26
C SER F 52 12.91 -42.79 -38.55
N ALA F 53 13.39 -43.75 -39.34
CA ALA F 53 14.07 -43.37 -40.61
C ALA F 53 13.02 -42.79 -41.56
N GLY F 54 13.33 -41.67 -42.21
CA GLY F 54 12.37 -41.09 -43.15
C GLY F 54 12.00 -39.70 -42.71
N SER F 55 12.04 -39.45 -41.40
CA SER F 55 11.68 -38.13 -40.83
C SER F 55 12.78 -37.10 -41.10
N THR F 56 12.41 -35.83 -41.04
CA THR F 56 13.42 -34.77 -41.25
C THR F 56 13.94 -34.34 -39.87
N LEU F 57 15.16 -33.78 -39.80
CA LEU F 57 15.74 -33.37 -38.51
C LEU F 57 14.79 -32.42 -37.79
N GLY F 58 14.21 -31.45 -38.50
CA GLY F 58 13.22 -30.50 -37.95
C GLY F 58 12.17 -31.12 -37.04
N GLU F 59 11.64 -32.30 -37.37
CA GLU F 59 10.67 -33.03 -36.52
C GLU F 59 11.26 -33.38 -35.14
N HIS F 60 12.58 -33.57 -35.00
CA HIS F 60 13.17 -33.92 -33.68
C HIS F 60 14.00 -32.78 -33.10
N HIS F 61 14.59 -31.94 -33.95
CA HIS F 61 15.43 -30.86 -33.40
C HIS F 61 15.17 -29.56 -34.13
N PRO F 62 14.12 -28.78 -33.76
CA PRO F 62 13.85 -27.49 -34.37
C PRO F 62 14.82 -26.32 -34.10
N HIS F 63 15.93 -26.54 -33.40
CA HIS F 63 16.89 -25.44 -33.17
C HIS F 63 17.99 -25.51 -34.21
N LEU F 64 18.05 -26.61 -34.96
CA LEU F 64 19.08 -26.77 -36.01
C LEU F 64 18.48 -26.43 -37.38
N THR F 65 18.05 -25.19 -37.56
CA THR F 65 17.43 -24.72 -38.81
C THR F 65 18.32 -25.11 -39.99
N PRO F 66 19.62 -24.79 -39.97
CA PRO F 66 20.52 -25.15 -41.07
C PRO F 66 20.53 -26.62 -41.54
N LEU F 67 20.21 -27.58 -40.67
CA LEU F 67 20.12 -28.99 -41.05
C LEU F 67 18.68 -29.45 -40.85
N ALA F 68 17.71 -28.55 -40.84
CA ALA F 68 16.35 -29.02 -40.57
C ALA F 68 15.80 -29.85 -41.71
N HIS F 69 16.46 -29.83 -42.86
CA HIS F 69 16.00 -30.45 -44.09
C HIS F 69 16.54 -31.86 -44.33
N ARG F 70 17.62 -32.29 -43.66
CA ARG F 70 18.10 -33.63 -43.88
C ARG F 70 17.06 -34.62 -43.39
N VAL F 71 16.98 -35.74 -44.09
CA VAL F 71 16.05 -36.82 -43.75
C VAL F 71 16.82 -37.86 -42.95
N VAL F 72 16.17 -38.44 -41.94
CA VAL F 72 16.86 -39.35 -41.03
C VAL F 72 16.82 -40.76 -41.61
N GLU F 73 18.01 -41.35 -41.77
CA GLU F 73 18.30 -42.67 -42.31
C GLU F 73 18.40 -43.69 -41.19
N PRO F 74 18.13 -44.96 -41.41
CA PRO F 74 18.26 -45.94 -40.32
C PRO F 74 19.71 -46.03 -39.90
N THR F 75 19.91 -46.50 -38.67
CA THR F 75 21.26 -46.75 -38.17
C THR F 75 21.65 -48.16 -38.57
N GLU F 76 22.46 -48.25 -39.62
CA GLU F 76 23.05 -49.50 -40.08
C GLU F 76 24.43 -49.22 -40.66
N ALA F 77 25.29 -50.25 -40.62
CA ALA F 77 26.66 -50.11 -41.09
C ALA F 77 26.75 -49.57 -42.51
N ALA F 78 25.72 -49.83 -43.33
CA ALA F 78 25.75 -49.42 -44.72
C ALA F 78 25.69 -47.90 -44.88
N VAL F 79 24.96 -47.22 -43.99
CA VAL F 79 24.89 -45.77 -44.11
C VAL F 79 26.05 -45.10 -43.36
N LEU F 80 26.53 -45.72 -42.28
CA LEU F 80 27.69 -45.20 -41.57
C LEU F 80 29.01 -45.52 -42.26
N GLY F 81 28.99 -46.40 -43.27
CA GLY F 81 30.17 -46.61 -44.07
C GLY F 81 30.54 -45.37 -44.86
N GLY F 82 31.79 -45.34 -45.32
CA GLY F 82 32.25 -44.26 -46.16
C GLY F 82 32.37 -42.91 -45.50
N HIS F 83 32.26 -42.84 -44.17
CA HIS F 83 32.43 -41.59 -43.43
C HIS F 83 33.71 -41.68 -42.62
N ASP F 84 34.56 -40.67 -42.75
CA ASP F 84 35.82 -40.65 -42.01
C ASP F 84 35.59 -40.88 -40.51
N ALA F 85 34.76 -40.05 -39.89
CA ALA F 85 34.42 -40.23 -38.48
C ALA F 85 32.93 -40.46 -38.29
N VAL F 86 32.63 -41.28 -37.31
CA VAL F 86 31.22 -41.61 -36.98
C VAL F 86 31.00 -41.34 -35.50
N PHE F 87 29.96 -40.57 -35.20
CA PHE F 87 29.64 -40.25 -33.79
C PHE F 87 28.51 -41.18 -33.35
N LEU F 88 28.80 -42.09 -32.44
CA LEU F 88 27.69 -42.91 -31.91
C LEU F 88 27.14 -42.10 -30.75
N ALA F 89 26.26 -41.14 -31.04
CA ALA F 89 25.72 -40.21 -30.03
C ALA F 89 24.57 -40.80 -29.22
N LEU F 90 24.78 -41.94 -28.57
CA LEU F 90 23.77 -42.59 -27.72
C LEU F 90 24.47 -42.87 -26.39
N PRO F 91 24.32 -42.02 -25.35
CA PRO F 91 24.98 -42.24 -24.06
C PRO F 91 24.38 -43.37 -23.23
N HIS F 92 23.21 -43.87 -23.60
CA HIS F 92 22.61 -45.03 -22.92
C HIS F 92 22.44 -46.12 -23.98
N GLY F 93 23.39 -46.20 -24.91
CA GLY F 93 23.22 -47.04 -26.11
C GLY F 93 23.83 -48.43 -26.21
N HIS F 94 25.06 -48.66 -25.74
CA HIS F 94 25.79 -49.95 -25.91
C HIS F 94 25.92 -50.27 -27.40
N SER F 95 26.83 -49.57 -28.09
CA SER F 95 27.00 -49.70 -29.55
C SER F 95 28.20 -50.56 -29.93
N ALA F 96 28.56 -51.56 -29.14
CA ALA F 96 29.72 -52.41 -29.45
C ALA F 96 29.51 -53.14 -30.78
N VAL F 97 28.33 -53.74 -30.94
CA VAL F 97 28.00 -54.54 -32.15
C VAL F 97 27.97 -53.68 -33.41
N LEU F 98 27.66 -52.40 -33.31
CA LEU F 98 27.62 -51.58 -34.54
C LEU F 98 29.05 -51.14 -34.86
N ALA F 99 29.90 -51.12 -33.85
CA ALA F 99 31.29 -50.68 -34.08
C ALA F 99 31.98 -51.73 -34.93
N GLN F 100 31.95 -52.97 -34.43
CA GLN F 100 32.53 -54.17 -35.07
C GLN F 100 32.28 -54.12 -36.58
N GLN F 101 31.24 -53.42 -36.99
CA GLN F 101 30.86 -53.35 -38.40
C GLN F 101 31.34 -52.08 -39.09
N LEU F 102 32.18 -51.27 -38.44
CA LEU F 102 32.76 -50.10 -39.08
C LEU F 102 34.25 -50.29 -39.30
N SER F 103 34.72 -49.78 -40.39
CA SER F 103 36.11 -49.89 -40.79
C SER F 103 37.02 -49.62 -39.60
N PRO F 104 38.16 -50.30 -39.51
CA PRO F 104 39.14 -49.96 -38.47
C PRO F 104 39.78 -48.60 -38.70
N GLU F 105 39.77 -48.11 -39.93
CA GLU F 105 40.41 -46.84 -40.21
C GLU F 105 39.55 -45.65 -39.88
N THR F 106 38.25 -45.85 -39.66
CA THR F 106 37.37 -44.74 -39.35
C THR F 106 37.48 -44.41 -37.86
N LEU F 107 37.50 -43.11 -37.56
CA LEU F 107 37.48 -42.62 -36.19
C LEU F 107 36.07 -42.74 -35.63
N ILE F 108 35.87 -43.62 -34.65
CA ILE F 108 34.57 -43.80 -34.02
C ILE F 108 34.63 -43.26 -32.61
N ILE F 109 33.64 -42.41 -32.28
CA ILE F 109 33.53 -41.74 -31.00
C ILE F 109 32.22 -42.18 -30.37
N ASP F 110 32.30 -42.95 -29.28
CA ASP F 110 31.10 -43.49 -28.64
C ASP F 110 30.77 -42.65 -27.43
N CYS F 111 29.62 -41.98 -27.49
CA CYS F 111 29.06 -41.32 -26.32
C CYS F 111 28.60 -42.31 -25.28
N GLY F 112 28.41 -43.57 -25.67
CA GLY F 112 27.95 -44.61 -24.78
C GLY F 112 29.06 -45.19 -23.91
N ALA F 113 28.79 -46.36 -23.35
CA ALA F 113 29.61 -46.87 -22.28
C ALA F 113 30.38 -48.14 -22.62
N ASP F 114 30.13 -48.78 -23.76
CA ASP F 114 30.64 -50.12 -23.98
C ASP F 114 32.16 -50.20 -23.94
N PHE F 115 32.85 -49.07 -24.11
CA PHE F 115 34.29 -49.05 -24.27
C PHE F 115 34.98 -48.18 -23.24
N ARG F 116 34.31 -47.85 -22.13
CA ARG F 116 34.92 -46.96 -21.15
C ARG F 116 35.72 -47.70 -20.11
N LEU F 117 35.16 -48.81 -19.62
CA LEU F 117 35.70 -49.51 -18.48
C LEU F 117 36.74 -50.53 -18.91
N THR F 118 37.76 -50.70 -18.07
CA THR F 118 38.91 -51.52 -18.41
C THR F 118 38.99 -52.79 -17.56
N ASP F 119 37.85 -53.27 -17.07
CA ASP F 119 37.80 -54.48 -16.26
C ASP F 119 36.54 -55.24 -16.67
N ALA F 120 36.73 -56.38 -17.33
CA ALA F 120 35.58 -57.15 -17.79
C ALA F 120 34.68 -57.62 -16.64
N ALA F 121 35.26 -57.96 -15.49
CA ALA F 121 34.44 -58.54 -14.42
C ALA F 121 33.55 -57.49 -13.76
N VAL F 122 34.03 -56.26 -13.60
CA VAL F 122 33.17 -55.19 -13.12
C VAL F 122 32.10 -54.87 -14.17
N TRP F 123 32.51 -54.76 -15.42
CA TRP F 123 31.57 -54.35 -16.46
C TRP F 123 30.35 -55.25 -16.50
N GLU F 124 30.55 -56.57 -16.35
CA GLU F 124 29.37 -57.43 -16.37
C GLU F 124 28.70 -57.51 -15.01
N ARG F 125 29.32 -56.97 -13.95
CA ARG F 125 28.62 -56.89 -12.68
C ARG F 125 27.58 -55.79 -12.69
N PHE F 126 27.92 -54.63 -13.27
CA PHE F 126 27.03 -53.48 -13.30
C PHE F 126 26.10 -53.47 -14.50
N TYR F 127 26.61 -53.81 -15.68
CA TYR F 127 25.80 -53.78 -16.89
C TYR F 127 25.17 -55.13 -17.22
N GLY F 128 25.76 -56.23 -16.80
CA GLY F 128 25.20 -57.54 -17.11
C GLY F 128 25.32 -57.92 -18.57
N SER F 129 26.42 -57.55 -19.22
CA SER F 129 26.61 -57.80 -20.63
C SER F 129 28.08 -58.10 -20.92
N SER F 130 28.32 -58.77 -22.03
CA SER F 130 29.67 -59.22 -22.34
C SER F 130 30.56 -58.01 -22.62
N HIS F 131 31.59 -57.84 -21.79
CA HIS F 131 32.52 -56.73 -21.92
C HIS F 131 33.06 -56.62 -23.33
N ALA F 132 32.91 -55.45 -23.90
CA ALA F 132 33.37 -55.23 -25.26
C ALA F 132 34.82 -54.80 -25.33
N GLY F 133 35.49 -54.64 -24.20
CA GLY F 133 36.81 -54.07 -24.20
C GLY F 133 36.80 -52.62 -23.73
N SER F 134 37.83 -51.89 -24.15
CA SER F 134 38.05 -50.52 -23.69
C SER F 134 38.51 -49.70 -24.88
N TRP F 135 38.29 -48.39 -24.80
CA TRP F 135 38.84 -47.46 -25.76
C TRP F 135 39.47 -46.32 -24.99
N PRO F 136 40.32 -45.52 -25.65
CA PRO F 136 40.85 -44.31 -25.00
C PRO F 136 39.77 -43.43 -24.40
N TYR F 137 39.83 -43.21 -23.08
CA TYR F 137 38.88 -42.35 -22.39
C TYR F 137 38.99 -40.93 -22.90
N GLY F 138 37.83 -40.34 -23.21
CA GLY F 138 37.73 -38.99 -23.80
C GLY F 138 37.71 -37.86 -22.80
N LEU F 139 38.51 -37.95 -21.75
CA LEU F 139 38.57 -36.87 -20.75
C LEU F 139 39.98 -36.28 -20.83
N PRO F 140 40.27 -35.31 -21.72
CA PRO F 140 41.61 -34.74 -21.85
C PRO F 140 42.34 -34.28 -20.59
N GLU F 141 41.62 -33.78 -19.59
CA GLU F 141 42.27 -33.28 -18.35
C GLU F 141 42.71 -34.41 -17.43
N LEU F 142 42.27 -35.64 -17.65
CA LEU F 142 42.74 -36.76 -16.81
C LEU F 142 44.22 -36.98 -17.14
N PRO F 143 45.09 -37.25 -16.16
CA PRO F 143 46.50 -37.47 -16.47
C PRO F 143 46.61 -38.77 -17.27
N GLY F 144 47.34 -38.72 -18.39
CA GLY F 144 47.55 -39.92 -19.23
C GLY F 144 46.57 -39.99 -20.38
N ALA F 145 45.36 -39.46 -20.18
CA ALA F 145 44.30 -39.53 -21.20
C ALA F 145 44.68 -38.80 -22.49
N ARG F 146 45.17 -37.57 -22.40
CA ARG F 146 45.45 -36.81 -23.65
C ARG F 146 46.45 -37.53 -24.55
N ASP F 147 47.46 -38.17 -23.98
CA ASP F 147 48.48 -38.84 -24.84
C ASP F 147 47.85 -40.02 -25.59
N GLN F 148 46.85 -40.70 -25.03
CA GLN F 148 46.21 -41.79 -25.76
C GLN F 148 45.15 -41.27 -26.73
N LEU F 149 44.73 -40.00 -26.58
CA LEU F 149 43.76 -39.43 -27.51
C LEU F 149 44.41 -38.89 -28.77
N ARG F 150 45.73 -38.65 -28.73
CA ARG F 150 46.40 -37.93 -29.81
C ARG F 150 46.50 -38.83 -31.03
N GLY F 151 45.71 -38.52 -32.06
CA GLY F 151 45.73 -39.25 -33.31
C GLY F 151 44.98 -40.56 -33.31
N THR F 152 44.07 -40.77 -32.37
CA THR F 152 43.44 -42.07 -32.20
C THR F 152 42.34 -42.29 -33.22
N ARG F 153 41.90 -43.54 -33.33
CA ARG F 153 40.75 -43.92 -34.13
C ARG F 153 39.57 -44.37 -33.27
N ARG F 154 39.74 -44.50 -31.96
CA ARG F 154 38.67 -44.91 -31.06
C ARG F 154 38.66 -44.00 -29.84
N ILE F 155 37.48 -43.42 -29.56
CA ILE F 155 37.24 -42.58 -28.40
C ILE F 155 36.00 -43.10 -27.67
N ALA F 156 36.15 -43.34 -26.39
CA ALA F 156 35.04 -43.73 -25.51
C ALA F 156 34.75 -42.51 -24.63
N VAL F 157 33.68 -41.79 -24.96
CA VAL F 157 33.33 -40.54 -24.26
C VAL F 157 32.86 -40.86 -22.85
N PRO F 158 33.30 -40.12 -21.83
CA PRO F 158 32.89 -40.40 -20.44
C PRO F 158 31.43 -40.06 -20.18
N GLY F 159 30.85 -40.76 -19.20
CA GLY F 159 29.54 -40.41 -18.71
C GLY F 159 29.49 -39.01 -18.10
N CYS F 160 28.28 -38.50 -17.92
CA CYS F 160 28.16 -37.11 -17.50
C CYS F 160 28.59 -36.95 -16.05
N TYR F 161 28.13 -37.82 -15.17
CA TYR F 161 28.48 -37.66 -13.77
C TYR F 161 29.98 -37.86 -13.52
N PRO F 162 30.63 -38.93 -14.02
CA PRO F 162 32.07 -39.05 -13.77
C PRO F 162 32.88 -37.88 -14.30
N THR F 163 32.50 -37.28 -15.41
CA THR F 163 33.26 -36.14 -15.90
C THR F 163 33.37 -35.04 -14.85
N ALA F 164 32.32 -34.84 -14.05
CA ALA F 164 32.26 -33.75 -13.09
C ALA F 164 32.92 -34.12 -11.77
N ALA F 165 32.67 -35.35 -11.29
CA ALA F 165 33.26 -35.84 -10.07
C ALA F 165 34.75 -36.09 -10.21
N LEU F 166 35.18 -36.67 -11.34
CA LEU F 166 36.61 -36.85 -11.57
C LEU F 166 37.32 -35.51 -11.65
N LEU F 167 36.72 -34.54 -12.34
CA LEU F 167 37.32 -33.22 -12.42
C LEU F 167 37.40 -32.56 -11.04
N ALA F 168 36.56 -32.99 -10.11
CA ALA F 168 36.58 -32.39 -8.79
C ALA F 168 37.41 -33.19 -7.79
N LEU F 169 37.75 -34.42 -8.09
CA LEU F 169 38.44 -35.23 -7.12
C LEU F 169 39.85 -35.64 -7.50
N PHE F 170 40.13 -35.89 -8.79
CA PHE F 170 41.44 -36.45 -9.14
C PHE F 170 42.63 -35.58 -8.74
N PRO F 171 42.56 -34.25 -8.74
CA PRO F 171 43.76 -33.51 -8.30
C PRO F 171 44.07 -33.65 -6.82
N ALA F 172 43.04 -33.69 -5.95
CA ALA F 172 43.29 -33.93 -4.53
C ALA F 172 43.81 -35.33 -4.30
N LEU F 173 43.13 -36.35 -4.83
CA LEU F 173 43.58 -37.72 -4.69
C LEU F 173 44.92 -37.98 -5.39
N ALA F 174 45.27 -37.16 -6.40
CA ALA F 174 46.54 -37.37 -7.08
C ALA F 174 47.72 -37.05 -6.17
N ALA F 175 47.60 -36.01 -5.35
CA ALA F 175 48.67 -35.56 -4.47
C ALA F 175 48.71 -36.33 -3.15
N ASP F 176 47.72 -37.21 -2.91
CA ASP F 176 47.56 -37.95 -1.64
C ASP F 176 47.13 -37.03 -0.50
N LEU F 177 46.39 -35.97 -0.80
CA LEU F 177 45.90 -35.02 0.18
C LEU F 177 44.56 -35.39 0.81
N ILE F 178 43.88 -36.42 0.30
CA ILE F 178 42.58 -36.84 0.83
C ILE F 178 42.52 -38.36 0.89
N GLU F 179 41.59 -38.86 1.69
CA GLU F 179 41.39 -40.30 1.79
C GLU F 179 40.74 -40.83 0.51
N PRO F 180 40.95 -42.13 0.20
CA PRO F 180 40.45 -42.65 -1.09
C PRO F 180 38.98 -43.06 -1.02
N ALA F 181 38.28 -42.62 0.01
CA ALA F 181 36.88 -42.98 0.25
C ALA F 181 36.06 -41.69 0.09
N VAL F 182 35.55 -41.48 -1.12
CA VAL F 182 34.82 -40.27 -1.47
C VAL F 182 33.33 -40.56 -1.52
N THR F 183 32.53 -39.63 -1.03
CA THR F 183 31.12 -39.59 -1.41
C THR F 183 30.91 -38.48 -2.44
N VAL F 184 30.02 -38.72 -3.40
CA VAL F 184 29.58 -37.68 -4.34
C VAL F 184 28.07 -37.75 -4.49
N VAL F 185 27.41 -36.62 -4.31
CA VAL F 185 26.01 -36.53 -4.66
C VAL F 185 25.80 -35.32 -5.56
N ALA F 186 25.38 -35.59 -6.78
CA ALA F 186 25.34 -34.56 -7.82
C ALA F 186 23.91 -34.34 -8.30
N VAL F 187 23.61 -33.09 -8.60
CA VAL F 187 22.30 -32.72 -9.13
C VAL F 187 22.44 -32.49 -10.62
N SER F 188 21.42 -32.92 -11.36
CA SER F 188 21.47 -33.03 -12.80
C SER F 188 20.21 -32.45 -13.41
N GLY F 189 20.34 -31.90 -14.60
CA GLY F 189 19.18 -31.64 -15.41
C GLY F 189 18.71 -32.91 -16.07
N THR F 190 17.41 -32.97 -16.37
CA THR F 190 16.75 -34.19 -16.80
C THR F 190 17.14 -34.65 -18.20
N SER F 191 17.84 -33.80 -18.97
CA SER F 191 18.20 -34.20 -20.33
C SER F 191 19.19 -35.35 -20.36
N GLY F 192 20.09 -35.43 -19.38
CA GLY F 192 21.02 -36.53 -19.29
C GLY F 192 20.38 -37.88 -19.04
N ALA F 193 19.07 -37.92 -18.86
CA ALA F 193 18.34 -39.16 -18.75
C ALA F 193 17.87 -39.65 -20.11
N GLY F 194 18.17 -38.93 -21.16
CA GLY F 194 17.77 -39.44 -22.44
C GLY F 194 16.41 -38.93 -22.87
N ARG F 195 16.25 -38.83 -24.18
CA ARG F 195 15.02 -38.38 -24.80
C ARG F 195 14.08 -39.56 -24.99
N ALA F 196 14.12 -40.50 -24.07
CA ALA F 196 13.23 -41.65 -24.13
C ALA F 196 12.00 -41.32 -23.29
N ALA F 197 10.83 -41.38 -23.92
CA ALA F 197 9.61 -41.03 -23.21
C ALA F 197 9.27 -42.13 -22.21
N THR F 198 9.38 -41.83 -20.92
CA THR F 198 8.71 -42.60 -19.88
C THR F 198 8.04 -41.64 -18.93
N THR F 199 6.97 -42.12 -18.27
CA THR F 199 6.12 -41.24 -17.46
C THR F 199 6.90 -40.50 -16.37
N ASP F 200 7.86 -41.17 -15.72
CA ASP F 200 8.54 -40.55 -14.59
C ASP F 200 9.46 -39.39 -14.97
N LEU F 201 9.67 -39.14 -16.26
CA LEU F 201 10.38 -37.94 -16.71
C LEU F 201 9.46 -36.97 -17.45
N LEU F 202 8.15 -37.07 -17.24
CA LEU F 202 7.20 -36.09 -17.79
C LEU F 202 7.43 -34.71 -17.18
N GLY F 203 7.12 -33.67 -17.96
CA GLY F 203 7.26 -32.30 -17.47
C GLY F 203 6.55 -32.10 -16.15
N ALA F 204 5.28 -32.51 -16.10
CA ALA F 204 4.51 -32.37 -14.86
C ALA F 204 5.18 -33.11 -13.71
N GLU F 205 5.75 -34.28 -13.98
CA GLU F 205 6.34 -35.07 -12.91
C GLU F 205 7.63 -34.46 -12.38
N VAL F 206 8.43 -33.85 -13.24
CA VAL F 206 9.73 -33.37 -12.79
C VAL F 206 9.70 -31.89 -12.46
N ILE F 207 8.79 -31.11 -13.08
CA ILE F 207 8.73 -29.70 -12.74
C ILE F 207 8.35 -29.57 -11.27
N GLY F 208 9.04 -28.65 -10.58
CA GLY F 208 8.94 -28.48 -9.14
C GLY F 208 8.92 -29.79 -8.39
N SER F 209 10.01 -30.57 -8.49
CA SER F 209 10.21 -31.81 -7.75
C SER F 209 11.66 -32.28 -7.89
N ALA F 210 12.24 -32.75 -6.79
CA ALA F 210 13.59 -33.30 -6.78
C ALA F 210 13.55 -34.70 -6.19
N ARG F 211 14.24 -35.65 -6.84
CA ARG F 211 14.34 -37.00 -6.30
C ARG F 211 15.72 -37.58 -6.54
N ALA F 212 16.26 -38.25 -5.53
CA ALA F 212 17.43 -39.10 -5.71
C ALA F 212 17.02 -40.41 -6.38
N TYR F 213 17.91 -40.95 -7.20
CA TYR F 213 17.64 -42.21 -7.86
C TYR F 213 18.92 -43.03 -7.91
N ASN F 214 18.75 -44.34 -8.08
CA ASN F 214 19.86 -45.28 -8.29
C ASN F 214 20.87 -45.14 -7.15
N ILE F 215 20.38 -45.37 -5.94
CA ILE F 215 21.11 -44.99 -4.76
C ILE F 215 21.83 -46.21 -4.21
N ALA F 216 22.78 -45.97 -3.31
CA ALA F 216 23.48 -47.03 -2.61
C ALA F 216 24.32 -47.87 -3.58
N GLY F 217 25.05 -47.18 -4.47
CA GLY F 217 26.01 -47.77 -5.39
C GLY F 217 25.43 -48.43 -6.64
N VAL F 218 24.13 -48.48 -6.81
CA VAL F 218 23.55 -49.27 -7.90
C VAL F 218 23.55 -48.54 -9.24
N HIS F 219 24.29 -47.43 -9.34
CA HIS F 219 24.32 -46.62 -10.55
C HIS F 219 25.61 -46.88 -11.30
N ARG F 220 25.49 -47.40 -12.50
CA ARG F 220 26.61 -47.84 -13.30
C ARG F 220 27.64 -46.73 -13.63
N HIS F 221 27.54 -45.56 -13.00
CA HIS F 221 28.59 -44.52 -13.19
C HIS F 221 29.52 -44.56 -11.98
N THR F 222 29.18 -45.35 -10.97
CA THR F 222 29.98 -45.46 -9.73
C THR F 222 31.35 -46.02 -10.07
N PRO F 223 31.45 -47.25 -10.60
CA PRO F 223 32.72 -47.83 -11.03
C PRO F 223 33.49 -46.88 -11.95
N GLU F 224 32.82 -46.25 -12.90
CA GLU F 224 33.43 -45.27 -13.83
C GLU F 224 34.20 -44.22 -13.01
N ILE F 225 33.60 -43.67 -11.96
CA ILE F 225 34.35 -42.70 -11.13
C ILE F 225 35.49 -43.46 -10.45
N ALA F 226 35.19 -44.60 -9.84
CA ALA F 226 36.20 -45.41 -9.13
C ALA F 226 37.39 -45.68 -10.04
N GLN F 227 37.13 -46.26 -11.21
CA GLN F 227 38.19 -46.59 -12.18
C GLN F 227 39.03 -45.34 -12.43
N GLY F 228 38.39 -44.22 -12.74
CA GLY F 228 39.11 -42.96 -13.03
C GLY F 228 39.91 -42.47 -11.86
N LEU F 229 39.44 -42.71 -10.63
CA LEU F 229 40.16 -42.26 -9.41
C LEU F 229 41.21 -43.31 -9.04
N ARG F 230 41.14 -44.50 -9.61
CA ARG F 230 42.14 -45.54 -9.25
C ARG F 230 43.31 -45.49 -10.24
N ALA F 231 43.31 -44.54 -11.16
CA ALA F 231 44.41 -44.37 -12.11
C ALA F 231 45.29 -43.21 -11.64
N VAL F 232 45.02 -42.68 -10.46
CA VAL F 232 45.80 -41.53 -9.92
C VAL F 232 46.21 -41.85 -8.48
N THR F 233 46.07 -43.10 -8.08
CA THR F 233 46.48 -43.55 -6.72
C THR F 233 46.50 -45.07 -6.73
N ASP F 234 47.35 -45.65 -5.89
CA ASP F 234 47.42 -47.13 -5.80
C ASP F 234 46.70 -47.57 -4.51
N ARG F 235 46.15 -46.61 -3.77
CA ARG F 235 45.40 -46.93 -2.54
C ARG F 235 44.02 -47.44 -2.96
N ASP F 236 43.34 -48.23 -2.13
CA ASP F 236 42.07 -48.76 -2.60
C ASP F 236 40.98 -47.69 -2.48
N VAL F 237 40.19 -47.55 -3.55
CA VAL F 237 39.23 -46.46 -3.72
C VAL F 237 37.83 -46.99 -3.44
N SER F 238 37.07 -46.26 -2.63
CA SER F 238 35.63 -46.51 -2.53
C SER F 238 34.86 -45.26 -2.95
N VAL F 239 33.68 -45.47 -3.55
CA VAL F 239 32.85 -44.38 -4.06
C VAL F 239 31.40 -44.58 -3.62
N SER F 240 30.89 -43.64 -2.83
CA SER F 240 29.47 -43.50 -2.56
C SER F 240 28.94 -42.41 -3.50
N PHE F 241 28.09 -42.79 -4.44
CA PHE F 241 27.62 -41.88 -5.46
C PHE F 241 26.11 -41.78 -5.39
N THR F 242 25.57 -40.56 -5.24
CA THR F 242 24.13 -40.33 -5.26
C THR F 242 23.74 -39.29 -6.32
N PRO F 243 23.08 -39.69 -7.40
CA PRO F 243 22.56 -38.70 -8.34
C PRO F 243 21.16 -38.23 -7.93
N VAL F 244 20.91 -36.94 -8.10
CA VAL F 244 19.60 -36.39 -7.80
C VAL F 244 19.09 -35.62 -9.00
N LEU F 245 17.88 -35.96 -9.44
CA LEU F 245 17.22 -35.28 -10.56
C LEU F 245 16.54 -34.00 -10.09
N ILE F 246 16.74 -32.90 -10.81
CA ILE F 246 16.18 -31.61 -10.43
C ILE F 246 15.46 -30.97 -11.62
N PRO F 247 14.53 -30.01 -11.37
CA PRO F 247 13.77 -29.37 -12.51
C PRO F 247 14.56 -28.32 -13.28
N ALA F 248 15.50 -28.81 -14.09
CA ALA F 248 16.27 -28.03 -15.03
C ALA F 248 16.39 -28.85 -16.31
N SER F 249 16.70 -28.19 -17.43
CA SER F 249 16.90 -29.04 -18.59
C SER F 249 18.34 -29.53 -18.69
N ARG F 250 19.32 -28.67 -18.47
CA ARG F 250 20.71 -29.06 -18.48
C ARG F 250 21.34 -28.80 -17.11
N GLY F 251 22.65 -29.05 -17.01
CA GLY F 251 23.40 -28.74 -15.80
C GLY F 251 23.68 -29.92 -14.88
N ILE F 252 24.91 -29.97 -14.36
CA ILE F 252 25.32 -30.90 -13.30
C ILE F 252 26.17 -30.11 -12.31
N LEU F 253 25.80 -30.17 -11.03
CA LEU F 253 26.56 -29.53 -9.95
C LEU F 253 27.00 -30.64 -9.01
N ALA F 254 28.26 -31.05 -9.10
CA ALA F 254 28.74 -32.18 -8.29
C ALA F 254 29.32 -31.68 -6.98
N THR F 255 28.86 -32.26 -5.89
CA THR F 255 29.36 -31.97 -4.56
C THR F 255 30.11 -33.21 -4.05
N CYS F 256 31.42 -33.05 -3.89
CA CYS F 256 32.33 -34.16 -3.61
C CYS F 256 32.98 -33.98 -2.25
N THR F 257 32.88 -35.00 -1.42
CA THR F 257 33.50 -35.03 -0.11
C THR F 257 34.36 -36.28 0.06
N ALA F 258 35.28 -36.19 1.02
CA ALA F 258 36.28 -37.18 1.41
C ALA F 258 37.01 -36.64 2.64
N ARG F 259 37.39 -37.56 3.53
CA ARG F 259 38.17 -37.17 4.70
C ARG F 259 39.50 -36.57 4.25
N THR F 260 39.89 -35.47 4.88
CA THR F 260 41.05 -34.72 4.44
C THR F 260 42.11 -34.67 5.54
N ARG F 261 43.35 -34.78 5.08
CA ARG F 261 44.51 -34.93 5.93
C ARG F 261 45.35 -33.67 6.00
N SER F 262 45.10 -32.70 5.13
CA SER F 262 46.02 -31.63 4.77
C SER F 262 45.29 -30.30 4.95
N PRO F 263 46.02 -29.18 4.83
CA PRO F 263 45.34 -27.87 4.86
C PRO F 263 44.92 -27.34 3.50
N LEU F 264 43.87 -26.51 3.52
CA LEU F 264 43.32 -25.85 2.33
C LEU F 264 44.44 -25.30 1.45
N SER F 265 45.47 -24.75 2.08
CA SER F 265 46.62 -24.20 1.38
C SER F 265 47.22 -25.21 0.40
N GLN F 266 47.42 -26.46 0.86
CA GLN F 266 48.03 -27.49 0.03
C GLN F 266 47.08 -28.08 -1.01
N LEU F 267 45.77 -28.03 -0.78
CA LEU F 267 44.81 -28.53 -1.77
C LEU F 267 44.54 -27.48 -2.86
N ARG F 268 44.35 -26.21 -2.50
CA ARG F 268 44.26 -25.18 -3.52
C ARG F 268 45.51 -25.19 -4.41
N ALA F 269 46.68 -25.44 -3.82
CA ALA F 269 47.91 -25.44 -4.59
C ALA F 269 48.02 -26.66 -5.49
N ALA F 270 47.50 -27.80 -5.03
CA ALA F 270 47.50 -28.98 -5.88
C ALA F 270 46.59 -28.77 -7.08
N TYR F 271 45.42 -28.17 -6.86
CA TYR F 271 44.50 -27.88 -7.96
C TYR F 271 45.10 -26.85 -8.90
N GLU F 272 45.59 -25.74 -8.34
CA GLU F 272 46.08 -24.62 -9.15
C GLU F 272 47.03 -25.08 -10.24
N LYS F 273 47.98 -25.95 -9.88
CA LYS F 273 48.97 -26.42 -10.84
C LYS F 273 48.46 -27.57 -11.70
N ALA F 274 47.32 -28.17 -11.33
CA ALA F 274 46.70 -29.17 -12.18
C ALA F 274 45.89 -28.54 -13.30
N TYR F 275 45.32 -27.37 -13.06
CA TYR F 275 44.33 -26.79 -13.95
C TYR F 275 44.77 -25.44 -14.51
N HIS F 276 45.99 -25.02 -14.24
CA HIS F 276 46.40 -23.69 -14.70
C HIS F 276 46.62 -23.67 -16.21
N ALA F 277 47.12 -24.77 -16.78
CA ALA F 277 47.31 -24.85 -18.22
C ALA F 277 46.13 -25.53 -18.93
N GLU F 278 44.96 -25.56 -18.31
CA GLU F 278 43.77 -26.22 -18.87
C GLU F 278 42.70 -25.20 -19.27
N PRO F 279 42.44 -25.02 -20.56
CA PRO F 279 41.55 -23.95 -21.03
C PRO F 279 40.07 -24.19 -20.81
N PHE F 280 39.69 -25.36 -20.31
CA PHE F 280 38.30 -25.66 -20.04
C PHE F 280 37.95 -25.65 -18.57
N ILE F 281 38.89 -26.03 -17.71
CA ILE F 281 38.68 -26.06 -16.27
C ILE F 281 39.00 -24.68 -15.72
N TYR F 282 38.04 -24.10 -15.01
CA TYR F 282 38.17 -22.77 -14.41
C TYR F 282 38.03 -22.92 -12.90
N LEU F 283 39.01 -22.45 -12.16
CA LEU F 283 39.01 -22.56 -10.72
C LEU F 283 38.40 -21.30 -10.14
N MET F 284 37.28 -21.43 -9.44
CA MET F 284 36.58 -20.25 -8.93
C MET F 284 37.49 -19.45 -8.00
N PRO F 285 37.46 -18.13 -8.06
CA PRO F 285 38.26 -17.34 -7.12
C PRO F 285 37.77 -17.61 -5.71
N GLU F 286 38.71 -17.68 -4.77
CA GLU F 286 38.35 -17.77 -3.36
C GLU F 286 37.33 -16.69 -3.06
N GLY F 287 36.16 -17.11 -2.60
CA GLY F 287 35.03 -16.23 -2.41
C GLY F 287 33.84 -16.57 -3.26
N GLN F 288 34.04 -17.25 -4.40
CA GLN F 288 32.97 -17.60 -5.32
C GLN F 288 32.89 -19.11 -5.46
N LEU F 289 31.68 -19.60 -5.73
CA LEU F 289 31.31 -21.00 -5.91
C LEU F 289 30.76 -21.22 -7.32
N PRO F 290 30.82 -22.46 -7.83
CA PRO F 290 30.34 -22.71 -9.20
C PRO F 290 28.81 -22.76 -9.25
N ARG F 291 28.24 -22.31 -10.37
CA ARG F 291 26.82 -22.54 -10.64
C ARG F 291 26.65 -23.09 -12.04
N THR F 292 25.69 -24.02 -12.22
CA THR F 292 25.50 -24.62 -13.54
C THR F 292 25.03 -23.60 -14.57
N GLY F 293 24.33 -22.56 -14.15
CA GLY F 293 23.89 -21.54 -15.11
C GLY F 293 25.05 -20.85 -15.81
N ALA F 294 26.17 -20.69 -15.10
CA ALA F 294 27.33 -20.04 -15.70
C ALA F 294 28.01 -20.89 -16.76
N VAL F 295 27.74 -22.20 -16.84
CA VAL F 295 28.45 -23.05 -17.80
C VAL F 295 27.54 -23.62 -18.88
N ILE F 296 26.21 -23.37 -18.82
CA ILE F 296 25.28 -23.85 -19.84
C ILE F 296 25.80 -23.53 -21.23
N GLY F 297 25.70 -24.50 -22.14
CA GLY F 297 26.06 -24.24 -23.52
C GLY F 297 27.51 -23.96 -23.79
N SER F 298 28.34 -23.89 -22.75
CA SER F 298 29.78 -23.91 -22.86
C SER F 298 30.29 -25.31 -22.54
N ASN F 299 31.54 -25.56 -22.94
CA ASN F 299 32.26 -26.77 -22.60
C ASN F 299 33.04 -26.62 -21.29
N ALA F 300 32.58 -25.71 -20.46
CA ALA F 300 33.39 -25.39 -19.28
C ALA F 300 32.99 -26.22 -18.07
N ALA F 301 33.89 -26.24 -17.11
CA ALA F 301 33.69 -26.88 -15.81
C ALA F 301 34.19 -25.87 -14.79
N HIS F 302 33.31 -25.38 -13.92
CA HIS F 302 33.73 -24.43 -12.88
C HIS F 302 33.99 -25.24 -11.62
N ILE F 303 35.16 -25.05 -10.99
CA ILE F 303 35.47 -25.87 -9.78
C ILE F 303 35.86 -24.97 -8.60
N ALA F 304 35.65 -25.47 -7.39
CA ALA F 304 36.02 -24.80 -6.13
C ALA F 304 36.29 -25.88 -5.09
N VAL F 305 37.26 -25.65 -4.20
CA VAL F 305 37.58 -26.66 -3.14
C VAL F 305 37.48 -25.99 -1.78
N ALA F 306 37.20 -26.77 -0.74
CA ALA F 306 37.13 -26.18 0.62
C ALA F 306 37.51 -27.24 1.65
N VAL F 307 37.58 -26.83 2.92
CA VAL F 307 38.00 -27.76 4.00
C VAL F 307 37.13 -27.51 5.22
N ASP F 308 36.23 -28.44 5.52
CA ASP F 308 35.40 -28.31 6.75
C ASP F 308 36.23 -28.86 7.90
N GLU F 309 37.08 -28.02 8.50
CA GLU F 309 37.96 -28.41 9.62
C GLU F 309 37.18 -29.16 10.70
N ASP F 310 36.02 -28.63 11.12
CA ASP F 310 35.16 -29.25 12.16
C ASP F 310 34.88 -30.73 11.86
N ALA F 311 34.63 -31.12 10.61
CA ALA F 311 34.41 -32.54 10.27
C ALA F 311 35.61 -33.09 9.52
N GLN F 312 36.66 -32.26 9.34
CA GLN F 312 37.89 -32.63 8.60
C GLN F 312 37.50 -33.32 7.30
N THR F 313 36.69 -32.62 6.50
CA THR F 313 36.18 -33.15 5.22
C THR F 313 36.61 -32.23 4.09
N PHE F 314 36.96 -32.83 2.96
CA PHE F 314 37.38 -32.06 1.76
C PHE F 314 36.13 -31.83 0.92
N VAL F 315 35.86 -30.58 0.57
CA VAL F 315 34.67 -30.28 -0.26
C VAL F 315 35.18 -29.85 -1.62
N ALA F 316 34.62 -30.43 -2.68
CA ALA F 316 35.01 -30.01 -4.04
C ALA F 316 33.72 -29.88 -4.84
N ILE F 317 33.53 -28.74 -5.49
CA ILE F 317 32.28 -28.45 -6.21
C ILE F 317 32.60 -28.28 -7.69
N ALA F 318 31.85 -28.96 -8.55
CA ALA F 318 32.10 -28.91 -9.99
C ALA F 318 30.81 -28.65 -10.76
N ALA F 319 30.80 -27.63 -11.60
CA ALA F 319 29.69 -27.38 -12.52
C ALA F 319 30.15 -27.65 -13.94
N ILE F 320 29.39 -28.45 -14.68
CA ILE F 320 29.55 -28.62 -16.13
C ILE F 320 28.18 -28.48 -16.78
N ASP F 321 28.18 -28.44 -18.11
CA ASP F 321 26.99 -28.74 -18.92
C ASP F 321 26.98 -30.24 -19.21
N ASN F 322 25.95 -30.94 -18.70
CA ASN F 322 25.84 -32.39 -18.90
C ASN F 322 25.79 -32.79 -20.37
N LEU F 323 25.47 -31.84 -21.27
CA LEU F 323 25.38 -32.12 -22.69
C LEU F 323 26.57 -31.60 -23.48
N VAL F 324 27.43 -30.79 -22.88
CA VAL F 324 28.61 -30.31 -23.58
C VAL F 324 29.85 -30.99 -23.01
N LYS F 325 30.46 -30.43 -21.96
CA LYS F 325 31.58 -31.13 -21.34
C LYS F 325 31.18 -32.47 -20.74
N GLY F 326 29.90 -32.68 -20.47
CA GLY F 326 29.46 -33.98 -20.03
C GLY F 326 29.17 -34.98 -21.14
N THR F 327 29.07 -34.52 -22.39
CA THR F 327 28.86 -35.46 -23.49
C THR F 327 29.38 -34.93 -24.82
N ALA F 328 28.67 -34.00 -25.46
CA ALA F 328 28.97 -33.70 -26.85
C ALA F 328 30.29 -32.98 -27.00
N GLY F 329 30.55 -31.97 -26.17
CA GLY F 329 31.80 -31.26 -26.28
C GLY F 329 32.99 -32.14 -25.99
N ALA F 330 32.88 -32.99 -24.97
CA ALA F 330 33.91 -33.98 -24.72
C ALA F 330 34.10 -34.91 -25.91
N ALA F 331 33.03 -35.14 -26.69
CA ALA F 331 33.13 -35.86 -27.96
C ALA F 331 33.89 -35.05 -29.00
N VAL F 332 33.64 -33.75 -29.08
CA VAL F 332 34.32 -32.91 -30.07
C VAL F 332 35.71 -32.51 -29.59
N GLN F 333 35.89 -32.25 -28.29
CA GLN F 333 37.22 -32.03 -27.75
C GLN F 333 38.14 -33.22 -28.05
N SER F 334 37.64 -34.44 -27.87
CA SER F 334 38.45 -35.60 -28.22
C SER F 334 38.65 -35.71 -29.72
N MET F 335 37.63 -35.39 -30.51
CA MET F 335 37.75 -35.43 -31.97
C MET F 335 38.91 -34.57 -32.47
N ASN F 336 39.02 -33.34 -31.96
CA ASN F 336 40.10 -32.46 -32.36
C ASN F 336 41.47 -33.10 -32.11
N LEU F 337 41.62 -33.87 -31.02
CA LEU F 337 42.90 -34.51 -30.70
C LEU F 337 43.11 -35.80 -31.48
N ALA F 338 42.04 -36.48 -31.88
CA ALA F 338 42.21 -37.64 -32.74
C ALA F 338 42.66 -37.24 -34.16
N LEU F 339 42.20 -36.09 -34.66
CA LEU F 339 42.55 -35.61 -36.00
C LEU F 339 43.82 -34.76 -36.03
N GLY F 340 44.35 -34.37 -34.88
CA GLY F 340 45.47 -33.44 -34.84
C GLY F 340 45.09 -31.98 -34.98
N TRP F 341 43.83 -31.61 -34.68
CA TRP F 341 43.32 -30.24 -34.72
C TRP F 341 43.44 -29.61 -33.35
N PRO F 342 43.44 -28.27 -33.26
CA PRO F 342 43.54 -27.63 -31.96
C PRO F 342 42.34 -27.99 -31.08
N GLU F 343 42.66 -28.46 -29.87
CA GLU F 343 41.67 -29.05 -28.99
C GLU F 343 40.46 -28.16 -28.77
N THR F 344 40.67 -26.85 -28.67
CA THR F 344 39.59 -25.94 -28.35
C THR F 344 38.79 -25.53 -29.57
N ASP F 345 39.11 -26.03 -30.76
CA ASP F 345 38.43 -25.59 -31.97
C ASP F 345 36.93 -25.87 -31.83
N GLY F 346 36.12 -24.83 -31.77
CA GLY F 346 34.68 -25.00 -31.77
C GLY F 346 34.03 -25.26 -30.44
N LEU F 347 34.72 -25.02 -29.33
CA LEU F 347 34.16 -25.27 -27.99
C LEU F 347 34.48 -24.07 -27.11
N SER F 348 33.44 -23.35 -26.68
CA SER F 348 33.63 -22.10 -25.94
C SER F 348 33.88 -22.34 -24.45
N VAL F 349 34.60 -21.40 -23.83
CA VAL F 349 34.60 -21.28 -22.37
C VAL F 349 33.39 -20.53 -21.86
N VAL F 350 32.77 -19.70 -22.70
CA VAL F 350 31.77 -18.73 -22.29
C VAL F 350 30.40 -19.38 -22.26
N GLY F 351 29.70 -19.22 -21.15
CA GLY F 351 28.40 -19.83 -21.00
C GLY F 351 27.29 -18.91 -21.45
N VAL F 352 26.10 -19.50 -21.55
CA VAL F 352 24.90 -18.81 -22.03
C VAL F 352 24.03 -18.51 -20.82
N ALA F 353 24.13 -17.28 -20.32
CA ALA F 353 23.48 -16.86 -19.08
C ALA F 353 22.74 -15.53 -19.25
N PRO F 354 21.61 -15.35 -18.56
CA PRO F 354 20.99 -16.33 -17.68
C PRO F 354 20.17 -17.30 -18.48
N ALA G 11 -12.29 -18.15 23.65
CA ALA G 11 -11.77 -18.98 22.53
C ALA G 11 -10.24 -19.06 22.61
N THR G 12 -9.59 -18.83 21.48
CA THR G 12 -8.10 -18.85 21.38
C THR G 12 -7.72 -17.90 20.25
N LYS G 13 -7.49 -16.64 20.57
CA LYS G 13 -7.08 -15.67 19.53
C LYS G 13 -5.57 -15.80 19.37
N VAL G 14 -5.11 -15.86 18.12
CA VAL G 14 -3.68 -15.97 17.83
C VAL G 14 -3.28 -14.86 16.88
N ALA G 15 -2.02 -14.42 17.01
CA ALA G 15 -1.41 -13.40 16.18
C ALA G 15 -0.18 -13.97 15.48
N VAL G 16 0.23 -13.34 14.37
CA VAL G 16 1.34 -13.84 13.57
C VAL G 16 2.30 -12.69 13.26
N ALA G 17 3.49 -12.72 13.85
CA ALA G 17 4.47 -11.65 13.69
C ALA G 17 5.38 -11.95 12.49
N GLY G 18 5.38 -11.04 11.52
CA GLY G 18 6.05 -11.32 10.26
C GLY G 18 5.15 -11.99 9.25
N ALA G 19 3.87 -11.61 9.24
CA ALA G 19 2.97 -12.27 8.32
C ALA G 19 3.24 -11.91 6.86
N SER G 20 4.16 -10.97 6.59
CA SER G 20 4.46 -10.61 5.20
C SER G 20 5.45 -11.56 4.54
N GLY G 21 6.25 -12.31 5.32
CA GLY G 21 7.20 -13.27 4.78
C GLY G 21 6.57 -14.59 4.34
N TYR G 22 7.41 -15.42 3.72
CA TYR G 22 6.96 -16.76 3.32
C TYR G 22 6.53 -17.59 4.53
N ALA G 23 7.33 -17.56 5.61
CA ALA G 23 7.00 -18.32 6.81
C ALA G 23 5.65 -17.92 7.38
N GLY G 24 5.48 -16.64 7.72
CA GLY G 24 4.21 -16.21 8.25
C GLY G 24 3.04 -16.55 7.34
N GLY G 25 3.24 -16.43 6.03
CA GLY G 25 2.16 -16.72 5.10
C GLY G 25 1.67 -18.16 5.19
N GLU G 26 2.60 -19.10 5.24
CA GLU G 26 2.19 -20.50 5.22
C GLU G 26 1.50 -20.91 6.53
N ILE G 27 1.88 -20.30 7.66
CA ILE G 27 1.07 -20.46 8.87
C ILE G 27 -0.38 -20.10 8.57
N LEU G 28 -0.57 -18.88 8.07
CA LEU G 28 -1.92 -18.38 7.82
C LEU G 28 -2.71 -19.33 6.93
N ARG G 29 -2.03 -19.95 5.95
CA ARG G 29 -2.75 -20.91 5.12
C ARG G 29 -3.16 -22.13 5.92
N LEU G 30 -2.28 -22.63 6.79
CA LEU G 30 -2.63 -23.79 7.60
C LEU G 30 -3.67 -23.44 8.64
N LEU G 31 -3.53 -22.26 9.26
CA LEU G 31 -4.58 -21.79 10.17
C LEU G 31 -5.90 -21.62 9.44
N LEU G 32 -5.88 -20.98 8.27
CA LEU G 32 -7.14 -20.79 7.55
C LEU G 32 -7.83 -22.10 7.28
N GLY G 33 -7.11 -23.22 7.40
CA GLY G 33 -7.64 -24.54 7.12
C GLY G 33 -7.78 -25.40 8.37
N HIS G 34 -7.33 -24.87 9.51
CA HIS G 34 -7.45 -25.58 10.77
C HIS G 34 -8.91 -25.85 11.08
N PRO G 35 -9.23 -26.97 11.71
CA PRO G 35 -10.63 -27.22 12.10
C PRO G 35 -11.13 -26.36 13.26
N ALA G 36 -10.25 -25.94 14.17
CA ALA G 36 -10.66 -24.97 15.18
C ALA G 36 -11.07 -23.66 14.55
N TYR G 37 -10.54 -23.34 13.38
CA TYR G 37 -10.91 -22.14 12.66
C TYR G 37 -12.24 -22.28 11.93
N ALA G 38 -12.77 -23.50 11.81
CA ALA G 38 -14.05 -23.77 11.16
C ALA G 38 -15.23 -23.85 12.12
N ASP G 39 -15.04 -24.42 13.32
CA ASP G 39 -16.08 -24.42 14.34
C ASP G 39 -16.09 -23.16 15.18
N GLY G 40 -15.08 -22.29 15.02
CA GLY G 40 -15.00 -21.04 15.72
C GLY G 40 -13.98 -20.98 16.83
N ARG G 41 -13.32 -22.10 17.16
CA ARG G 41 -12.45 -22.15 18.33
C ARG G 41 -11.08 -21.51 18.10
N LEU G 42 -10.83 -20.90 16.94
CA LEU G 42 -9.58 -20.16 16.71
C LEU G 42 -9.86 -18.88 15.93
N ARG G 43 -9.38 -17.76 16.46
CA ARG G 43 -9.52 -16.44 15.87
C ARG G 43 -8.16 -16.00 15.33
N ILE G 44 -8.12 -15.58 14.07
CA ILE G 44 -6.90 -15.01 13.53
C ILE G 44 -6.89 -13.53 13.86
N GLY G 45 -5.94 -13.09 14.69
CA GLY G 45 -5.89 -11.71 15.13
C GLY G 45 -4.83 -10.84 14.45
N ALA G 46 -3.79 -10.46 15.19
CA ALA G 46 -2.79 -9.51 14.71
C ALA G 46 -1.81 -10.17 13.77
N LEU G 47 -1.85 -9.77 12.51
CA LEU G 47 -0.88 -10.15 11.50
C LEU G 47 0.06 -8.96 11.31
N THR G 48 1.27 -9.07 11.85
CA THR G 48 2.17 -7.94 12.03
C THR G 48 3.47 -8.14 11.26
N ALA G 49 4.06 -7.02 10.80
CA ALA G 49 5.29 -7.03 10.02
C ALA G 49 6.19 -5.86 10.41
N ALA G 50 7.38 -5.80 9.81
CA ALA G 50 8.32 -4.71 10.02
C ALA G 50 8.11 -3.58 9.00
N THR G 51 8.83 -3.64 7.87
CA THR G 51 8.79 -2.56 6.89
C THR G 51 7.41 -2.34 6.27
N SER G 52 6.57 -3.36 6.23
CA SER G 52 5.32 -3.27 5.46
C SER G 52 4.13 -3.28 6.42
N ALA G 53 4.03 -2.24 7.24
CA ALA G 53 2.89 -2.06 8.11
C ALA G 53 1.85 -1.18 7.43
N GLY G 54 0.60 -1.35 7.87
CA GLY G 54 -0.51 -0.59 7.33
C GLY G 54 -1.03 -1.07 6.01
N SER G 55 -0.27 -1.93 5.31
CA SER G 55 -0.62 -2.42 3.99
C SER G 55 -1.70 -3.49 4.07
N THR G 56 -2.21 -3.87 2.90
CA THR G 56 -3.09 -5.02 2.80
C THR G 56 -2.26 -6.31 2.82
N LEU G 57 -2.82 -7.37 3.43
CA LEU G 57 -2.16 -8.67 3.30
C LEU G 57 -2.25 -9.17 1.88
N GLY G 58 -3.33 -8.82 1.17
CA GLY G 58 -3.50 -9.25 -0.21
C GLY G 58 -2.37 -8.82 -1.12
N GLU G 59 -1.70 -7.70 -0.80
CA GLU G 59 -0.56 -7.28 -1.61
C GLU G 59 0.74 -7.91 -1.15
N HIS G 60 0.67 -8.96 -0.34
CA HIS G 60 1.81 -9.82 -0.08
C HIS G 60 1.51 -11.28 -0.33
N HIS G 61 0.33 -11.75 0.06
CA HIS G 61 -0.08 -13.13 -0.14
C HIS G 61 -1.36 -13.17 -0.95
N PRO G 62 -1.30 -12.95 -2.27
CA PRO G 62 -2.52 -13.05 -3.08
C PRO G 62 -3.23 -14.39 -2.98
N HIS G 63 -2.60 -15.42 -2.41
CA HIS G 63 -3.25 -16.72 -2.32
C HIS G 63 -4.16 -16.84 -1.10
N LEU G 64 -3.96 -16.01 -0.09
CA LEU G 64 -4.81 -16.04 1.11
C LEU G 64 -5.97 -15.04 0.92
N THR G 65 -6.95 -15.47 0.11
CA THR G 65 -8.04 -14.59 -0.28
C THR G 65 -8.87 -14.11 0.91
N PRO G 66 -9.29 -14.96 1.86
CA PRO G 66 -10.19 -14.49 2.92
C PRO G 66 -9.54 -13.56 3.93
N LEU G 67 -8.25 -13.30 3.85
CA LEU G 67 -7.58 -12.39 4.76
C LEU G 67 -6.81 -11.32 3.98
N ALA G 68 -7.25 -11.02 2.76
CA ALA G 68 -6.55 -10.05 1.94
C ALA G 68 -6.92 -8.61 2.29
N HIS G 69 -8.13 -8.39 2.85
CA HIS G 69 -8.45 -7.09 3.39
C HIS G 69 -7.60 -6.77 4.62
N ARG G 70 -7.32 -7.76 5.47
CA ARG G 70 -6.67 -7.50 6.77
C ARG G 70 -5.51 -6.56 6.61
N VAL G 71 -5.38 -5.64 7.55
CA VAL G 71 -4.37 -4.60 7.51
C VAL G 71 -3.30 -4.96 8.52
N VAL G 72 -2.04 -4.82 8.12
CA VAL G 72 -0.91 -5.36 8.85
C VAL G 72 -0.29 -4.28 9.73
N GLU G 73 -0.06 -4.61 11.00
CA GLU G 73 0.38 -3.69 12.03
C GLU G 73 1.86 -3.87 12.37
N PRO G 74 2.52 -2.83 12.90
CA PRO G 74 3.90 -2.98 13.36
C PRO G 74 4.08 -4.15 14.32
N THR G 75 5.30 -4.68 14.43
CA THR G 75 5.56 -5.73 15.40
C THR G 75 6.24 -5.10 16.60
N GLU G 76 5.43 -4.58 17.52
CA GLU G 76 5.87 -4.34 18.89
C GLU G 76 5.19 -5.36 19.82
N ALA G 77 5.56 -5.30 21.10
CA ALA G 77 4.88 -6.14 22.08
C ALA G 77 3.44 -5.68 22.28
N ALA G 78 3.21 -4.37 22.25
CA ALA G 78 1.87 -3.84 22.46
C ALA G 78 0.88 -4.41 21.46
N VAL G 79 1.31 -4.61 20.22
CA VAL G 79 0.42 -5.18 19.23
C VAL G 79 0.16 -6.65 19.55
N LEU G 80 1.19 -7.36 19.98
CA LEU G 80 1.14 -8.82 20.11
C LEU G 80 0.61 -9.29 21.45
N GLY G 81 0.53 -8.42 22.45
CA GLY G 81 -0.14 -8.78 23.70
C GLY G 81 -1.61 -9.10 23.47
N GLY G 82 -2.24 -9.65 24.50
CA GLY G 82 -3.68 -9.85 24.43
C GLY G 82 -4.11 -10.86 23.39
N HIS G 83 -3.23 -11.81 23.07
CA HIS G 83 -3.54 -12.93 22.19
C HIS G 83 -3.29 -14.23 22.94
N ASP G 84 -4.04 -15.27 22.58
CA ASP G 84 -3.88 -16.57 23.24
C ASP G 84 -2.63 -17.29 22.78
N ALA G 85 -2.19 -17.07 21.53
CA ALA G 85 -0.97 -17.65 21.00
C ALA G 85 -0.33 -16.63 20.05
N VAL G 86 1.00 -16.61 20.00
CA VAL G 86 1.71 -15.68 19.11
C VAL G 86 2.81 -16.40 18.34
N PHE G 87 2.62 -16.55 17.03
CA PHE G 87 3.67 -17.02 16.14
C PHE G 87 4.61 -15.88 15.77
N LEU G 88 5.92 -16.16 15.79
CA LEU G 88 6.94 -15.18 15.44
C LEU G 88 7.78 -15.76 14.30
N ALA G 89 7.53 -15.28 13.08
CA ALA G 89 8.30 -15.66 11.90
C ALA G 89 9.16 -14.49 11.45
N LEU G 90 9.89 -13.90 12.39
CA LEU G 90 10.85 -12.86 12.14
C LEU G 90 12.24 -13.47 12.03
N PRO G 91 13.23 -12.69 11.60
CA PRO G 91 14.60 -13.22 11.56
C PRO G 91 15.19 -13.39 12.95
N HIS G 92 16.37 -14.01 12.96
CA HIS G 92 17.31 -14.04 14.07
C HIS G 92 17.30 -12.76 14.91
N GLY G 93 17.24 -12.88 16.23
CA GLY G 93 17.58 -11.80 17.13
C GLY G 93 16.41 -11.01 17.67
N HIS G 94 15.36 -10.87 16.87
CA HIS G 94 14.25 -10.02 17.27
C HIS G 94 13.23 -10.75 18.12
N SER G 95 12.99 -12.03 17.79
CA SER G 95 12.20 -12.88 18.69
C SER G 95 12.76 -12.87 20.10
N ALA G 96 14.08 -12.70 20.28
CA ALA G 96 14.64 -12.76 21.63
C ALA G 96 14.03 -11.69 22.53
N VAL G 97 14.18 -10.40 22.14
CA VAL G 97 13.75 -9.30 23.00
C VAL G 97 12.23 -9.18 23.03
N LEU G 98 11.57 -9.39 21.90
CA LEU G 98 10.12 -9.34 21.88
C LEU G 98 9.48 -10.37 22.80
N ALA G 99 10.21 -11.44 23.14
CA ALA G 99 9.62 -12.55 23.89
C ALA G 99 9.35 -12.18 25.33
N GLN G 100 10.41 -11.92 26.09
CA GLN G 100 10.33 -11.73 27.53
C GLN G 100 9.48 -10.52 27.93
N GLN G 101 8.83 -9.89 26.96
CA GLN G 101 7.94 -8.76 27.23
C GLN G 101 6.50 -9.05 26.86
N LEU G 102 6.17 -10.30 26.60
CA LEU G 102 4.78 -10.73 26.48
C LEU G 102 4.35 -11.43 27.77
N SER G 103 3.08 -11.79 27.83
CA SER G 103 2.58 -12.47 29.00
C SER G 103 3.22 -13.86 29.07
N PRO G 104 3.89 -14.22 30.18
CA PRO G 104 4.59 -15.52 30.26
C PRO G 104 3.70 -16.74 30.09
N GLU G 105 2.37 -16.58 30.08
CA GLU G 105 1.42 -17.67 29.93
C GLU G 105 0.93 -17.83 28.50
N THR G 106 1.14 -16.82 27.65
CA THR G 106 0.72 -16.90 26.26
C THR G 106 1.58 -17.90 25.48
N LEU G 107 0.95 -18.61 24.54
CA LEU G 107 1.66 -19.56 23.67
C LEU G 107 2.48 -18.80 22.64
N ILE G 108 3.80 -18.98 22.69
CA ILE G 108 4.74 -18.31 21.79
C ILE G 108 5.40 -19.37 20.93
N ILE G 109 5.11 -19.36 19.63
CA ILE G 109 5.62 -20.37 18.70
C ILE G 109 6.56 -19.66 17.74
N ASP G 110 7.87 -19.74 18.01
CA ASP G 110 8.86 -18.97 17.26
C ASP G 110 9.47 -19.83 16.16
N CYS G 111 9.50 -19.29 14.93
CA CYS G 111 10.05 -20.00 13.79
C CYS G 111 11.50 -19.67 13.53
N GLY G 112 12.03 -18.62 14.13
CA GLY G 112 13.43 -18.29 13.97
C GLY G 112 14.29 -19.20 14.83
N ALA G 113 15.58 -18.83 14.91
CA ALA G 113 16.60 -19.69 15.48
C ALA G 113 17.00 -19.31 16.89
N ASP G 114 16.34 -18.32 17.50
CA ASP G 114 16.91 -17.71 18.69
C ASP G 114 16.88 -18.66 19.88
N PHE G 115 15.86 -19.52 19.96
CA PHE G 115 15.77 -20.49 21.05
C PHE G 115 15.89 -21.92 20.55
N ARG G 116 16.69 -22.15 19.51
CA ARG G 116 16.90 -23.50 18.98
C ARG G 116 18.10 -24.20 19.60
N LEU G 117 19.17 -23.48 19.86
CA LEU G 117 20.38 -24.13 20.30
C LEU G 117 20.33 -24.43 21.79
N THR G 118 20.97 -25.52 22.18
CA THR G 118 21.19 -25.82 23.59
C THR G 118 22.52 -25.27 24.09
N ASP G 119 23.37 -24.76 23.21
CA ASP G 119 24.75 -24.44 23.53
C ASP G 119 25.01 -22.97 23.23
N ALA G 120 25.32 -22.19 24.27
CA ALA G 120 25.56 -20.77 24.08
C ALA G 120 26.89 -20.50 23.40
N ALA G 121 27.91 -21.32 23.67
CA ALA G 121 29.22 -21.14 23.03
C ALA G 121 29.19 -21.49 21.56
N VAL G 122 28.20 -22.29 21.14
CA VAL G 122 28.01 -22.59 19.72
C VAL G 122 27.26 -21.44 19.03
N TRP G 123 26.25 -20.87 19.70
CA TRP G 123 25.35 -19.91 19.05
C TRP G 123 26.06 -18.61 18.72
N GLU G 124 26.97 -18.16 19.57
CA GLU G 124 27.77 -16.99 19.20
C GLU G 124 28.84 -17.34 18.18
N ARG G 125 29.17 -18.62 18.03
CA ARG G 125 30.19 -19.02 17.07
C ARG G 125 29.77 -18.65 15.65
N PHE G 126 28.59 -19.11 15.24
CA PHE G 126 28.15 -18.89 13.88
C PHE G 126 27.17 -17.73 13.74
N TYR G 127 26.51 -17.30 14.83
CA TYR G 127 25.61 -16.15 14.74
C TYR G 127 26.24 -14.85 15.20
N GLY G 128 27.31 -14.89 15.99
CA GLY G 128 27.89 -13.65 16.49
C GLY G 128 26.97 -12.88 17.41
N SER G 129 26.13 -13.59 18.15
CA SER G 129 25.18 -12.94 19.02
C SER G 129 25.57 -13.21 20.48
N SER G 130 24.57 -13.18 21.38
CA SER G 130 24.65 -13.75 22.70
C SER G 130 23.40 -14.59 22.89
N HIS G 131 23.55 -15.73 23.56
CA HIS G 131 22.50 -16.75 23.53
C HIS G 131 21.22 -16.27 24.21
N ALA G 132 20.08 -16.47 23.55
CA ALA G 132 18.81 -16.04 24.11
C ALA G 132 18.15 -17.11 24.98
N GLY G 133 18.50 -18.38 24.85
CA GLY G 133 17.93 -19.44 25.65
C GLY G 133 17.69 -20.68 24.81
N SER G 134 16.69 -21.47 25.21
CA SER G 134 16.33 -22.69 24.50
C SER G 134 14.94 -23.14 24.92
N TRP G 135 14.07 -23.41 23.96
CA TRP G 135 12.71 -23.89 24.30
C TRP G 135 12.53 -25.29 23.75
N PRO G 136 11.43 -25.98 24.08
CA PRO G 136 11.16 -27.30 23.53
C PRO G 136 11.19 -27.22 22.00
N TYR G 137 11.98 -28.09 21.37
CA TYR G 137 12.10 -28.17 19.89
C TYR G 137 10.74 -28.56 19.33
N GLY G 138 10.39 -28.06 18.14
CA GLY G 138 9.07 -28.38 17.56
C GLY G 138 9.03 -29.63 16.71
N LEU G 139 9.87 -30.62 17.01
CA LEU G 139 9.92 -31.89 16.27
C LEU G 139 9.26 -32.95 17.13
N PRO G 140 7.95 -33.26 16.95
CA PRO G 140 7.27 -34.26 17.76
C PRO G 140 7.67 -35.68 17.39
N GLU G 141 8.26 -35.89 16.22
CA GLU G 141 8.63 -37.26 15.79
C GLU G 141 9.91 -37.69 16.49
N LEU G 142 10.73 -36.74 16.93
CA LEU G 142 11.99 -37.08 17.63
C LEU G 142 11.67 -37.75 18.97
N PRO G 143 12.46 -38.73 19.43
CA PRO G 143 12.24 -39.34 20.73
C PRO G 143 12.18 -38.35 21.92
N GLY G 144 11.08 -38.40 22.67
CA GLY G 144 10.88 -37.62 23.91
C GLY G 144 10.48 -36.17 23.76
N ALA G 145 10.84 -35.50 22.67
CA ALA G 145 10.52 -34.06 22.56
C ALA G 145 9.03 -33.82 22.34
N ARG G 146 8.28 -34.80 21.83
CA ARG G 146 6.83 -34.61 21.61
C ARG G 146 6.10 -34.37 22.93
N ASP G 147 6.50 -35.07 23.99
CA ASP G 147 5.78 -34.99 25.30
C ASP G 147 6.03 -33.65 26.00
N GLN G 148 7.17 -33.00 25.75
CA GLN G 148 7.32 -31.65 26.27
C GLN G 148 6.60 -30.62 25.43
N LEU G 149 6.00 -31.02 24.31
CA LEU G 149 5.11 -30.19 23.50
C LEU G 149 3.67 -30.24 23.99
N ARG G 150 3.37 -31.15 24.93
CA ARG G 150 2.03 -31.33 25.48
C ARG G 150 1.77 -30.29 26.56
N GLY G 151 0.83 -29.38 26.30
CA GLY G 151 0.51 -28.30 27.20
C GLY G 151 1.53 -27.17 27.26
N THR G 152 2.62 -27.26 26.49
CA THR G 152 3.71 -26.30 26.60
C THR G 152 3.27 -24.93 26.12
N ARG G 153 4.07 -23.91 26.47
CA ARG G 153 3.80 -22.53 26.09
C ARG G 153 4.94 -21.85 25.33
N ARG G 154 6.09 -22.51 25.19
CA ARG G 154 7.25 -21.95 24.45
C ARG G 154 7.68 -23.01 23.42
N ILE G 155 7.84 -22.65 22.14
CA ILE G 155 8.14 -23.58 21.06
C ILE G 155 9.13 -22.91 20.12
N ALA G 156 10.35 -23.42 20.07
CA ALA G 156 11.30 -23.08 19.02
C ALA G 156 11.19 -24.11 17.89
N VAL G 157 10.79 -23.66 16.70
CA VAL G 157 10.55 -24.55 15.57
C VAL G 157 11.91 -24.80 14.92
N PRO G 158 12.17 -25.98 14.35
CA PRO G 158 13.48 -26.24 13.75
C PRO G 158 13.60 -25.72 12.33
N GLY G 159 14.83 -25.37 11.97
CA GLY G 159 15.10 -24.94 10.62
C GLY G 159 14.78 -26.04 9.62
N CYS G 160 14.33 -25.63 8.43
CA CYS G 160 13.98 -26.59 7.38
C CYS G 160 14.99 -27.75 7.25
N TYR G 161 16.28 -27.41 7.11
CA TYR G 161 17.26 -28.46 6.80
C TYR G 161 17.39 -29.48 7.92
N PRO G 162 17.66 -29.09 9.18
CA PRO G 162 17.74 -30.10 10.25
C PRO G 162 16.59 -31.08 10.26
N THR G 163 15.35 -30.60 10.18
CA THR G 163 14.23 -31.53 10.34
C THR G 163 14.27 -32.63 9.29
N ALA G 164 14.83 -32.34 8.12
CA ALA G 164 14.96 -33.36 7.10
C ALA G 164 16.21 -34.21 7.31
N ALA G 165 17.36 -33.59 7.53
CA ALA G 165 18.55 -34.37 7.89
C ALA G 165 18.24 -35.28 9.07
N LEU G 166 17.69 -34.71 10.14
CA LEU G 166 17.51 -35.44 11.38
C LEU G 166 16.47 -36.55 11.25
N LEU G 167 15.33 -36.26 10.64
CA LEU G 167 14.29 -37.28 10.50
C LEU G 167 14.85 -38.54 9.84
N ALA G 168 15.79 -38.37 8.92
CA ALA G 168 16.33 -39.55 8.21
C ALA G 168 17.56 -40.15 8.89
N LEU G 169 18.14 -39.50 9.88
CA LEU G 169 19.38 -40.10 10.47
C LEU G 169 19.19 -40.58 11.91
N PHE G 170 18.30 -39.96 12.66
CA PHE G 170 18.13 -40.33 14.09
C PHE G 170 17.85 -41.82 14.24
N PRO G 171 16.89 -42.43 13.51
CA PRO G 171 16.57 -43.83 13.69
C PRO G 171 17.77 -44.78 13.58
N ALA G 172 18.65 -44.51 12.63
CA ALA G 172 19.86 -45.35 12.44
C ALA G 172 20.89 -45.05 13.52
N LEU G 173 20.90 -43.85 14.07
CA LEU G 173 21.90 -43.58 15.14
C LEU G 173 21.29 -44.00 16.46
N ALA G 174 19.96 -43.93 16.54
CA ALA G 174 19.19 -44.28 17.75
C ALA G 174 19.64 -45.63 18.29
N ALA G 175 19.67 -46.62 17.41
CA ALA G 175 20.09 -47.99 17.78
C ALA G 175 21.60 -48.17 17.52
N ASP G 176 22.31 -47.09 17.23
CA ASP G 176 23.76 -47.14 16.96
C ASP G 176 24.03 -48.18 15.88
N LEU G 177 23.30 -48.12 14.77
CA LEU G 177 23.49 -49.08 13.65
C LEU G 177 24.35 -48.41 12.58
N ILE G 178 24.93 -47.24 12.90
CA ILE G 178 25.83 -46.48 11.99
C ILE G 178 26.87 -45.73 12.83
N GLU G 179 27.68 -44.90 12.20
CA GLU G 179 28.71 -44.14 12.95
C GLU G 179 28.23 -42.71 13.14
N PRO G 180 28.89 -41.91 14.01
CA PRO G 180 28.48 -40.54 14.28
C PRO G 180 29.08 -39.53 13.30
N ALA G 181 29.78 -40.00 12.26
CA ALA G 181 30.29 -39.06 11.23
C ALA G 181 29.28 -39.12 10.09
N VAL G 182 28.58 -38.02 9.82
CA VAL G 182 27.53 -38.07 8.76
C VAL G 182 27.72 -36.95 7.75
N THR G 183 27.39 -37.23 6.50
CA THR G 183 27.37 -36.20 5.47
C THR G 183 25.92 -35.96 5.08
N VAL G 184 25.54 -34.69 4.98
CA VAL G 184 24.27 -34.30 4.39
C VAL G 184 24.57 -33.51 3.14
N VAL G 185 23.93 -33.88 2.05
CA VAL G 185 23.82 -32.99 0.92
C VAL G 185 22.35 -32.83 0.62
N ALA G 186 21.89 -31.59 0.60
CA ALA G 186 20.46 -31.31 0.53
C ALA G 186 20.18 -30.26 -0.54
N VAL G 187 19.31 -30.61 -1.46
CA VAL G 187 18.84 -29.69 -2.50
C VAL G 187 17.62 -28.93 -1.97
N SER G 188 17.57 -27.63 -2.25
CA SER G 188 16.54 -26.82 -1.61
C SER G 188 15.89 -25.83 -2.58
N GLY G 189 14.58 -25.70 -2.45
CA GLY G 189 13.76 -24.74 -3.23
C GLY G 189 14.03 -23.33 -2.77
N THR G 190 13.72 -22.33 -3.59
CA THR G 190 14.07 -20.91 -3.30
C THR G 190 13.27 -20.28 -2.15
N SER G 191 12.20 -20.91 -1.69
CA SER G 191 11.42 -20.36 -0.55
C SER G 191 12.35 -20.12 0.62
N GLY G 192 13.15 -21.13 0.97
CA GLY G 192 14.10 -21.16 2.10
C GLY G 192 15.02 -19.96 2.24
N ALA G 193 15.43 -19.30 1.16
CA ALA G 193 16.35 -18.15 1.31
C ALA G 193 15.62 -16.88 1.76
N GLY G 194 14.30 -16.88 1.77
CA GLY G 194 13.55 -15.72 2.27
C GLY G 194 12.76 -15.01 1.19
N ARG G 195 12.06 -13.96 1.60
CA ARG G 195 11.25 -13.12 0.70
C ARG G 195 11.97 -11.80 0.49
N ALA G 196 13.16 -11.64 1.07
CA ALA G 196 13.95 -10.43 0.84
C ALA G 196 14.53 -10.55 -0.56
N ALA G 197 14.66 -9.45 -1.30
CA ALA G 197 15.15 -9.56 -2.69
C ALA G 197 16.66 -9.36 -2.76
N THR G 198 17.32 -10.14 -3.63
CA THR G 198 18.78 -10.13 -3.87
C THR G 198 19.02 -10.45 -5.35
N THR G 199 20.09 -9.94 -5.96
CA THR G 199 20.41 -10.35 -7.33
C THR G 199 20.40 -11.87 -7.46
N ASP G 200 20.99 -12.57 -6.49
CA ASP G 200 21.18 -14.01 -6.56
C ASP G 200 19.89 -14.81 -6.36
N LEU G 201 18.79 -14.18 -5.96
CA LEU G 201 17.53 -14.88 -5.80
C LEU G 201 16.51 -14.51 -6.85
N LEU G 202 16.89 -13.74 -7.86
CA LEU G 202 15.96 -13.37 -8.93
C LEU G 202 15.60 -14.59 -9.78
N GLY G 203 14.31 -14.68 -10.15
CA GLY G 203 13.83 -15.79 -10.98
C GLY G 203 14.75 -16.15 -12.13
N ALA G 204 15.33 -15.15 -12.77
CA ALA G 204 16.12 -15.42 -13.96
C ALA G 204 17.47 -16.00 -13.61
N GLU G 205 17.94 -15.70 -12.38
CA GLU G 205 19.18 -16.28 -11.87
C GLU G 205 18.97 -17.71 -11.42
N VAL G 206 17.81 -18.02 -10.87
CA VAL G 206 17.58 -19.34 -10.28
C VAL G 206 17.00 -20.33 -11.27
N ILE G 207 16.17 -19.86 -12.21
CA ILE G 207 15.65 -20.73 -13.25
C ILE G 207 16.79 -21.28 -14.07
N GLY G 208 16.79 -22.60 -14.28
CA GLY G 208 17.80 -23.23 -15.09
C GLY G 208 19.21 -23.14 -14.54
N SER G 209 19.36 -23.11 -13.21
CA SER G 209 20.69 -23.14 -12.64
C SER G 209 20.62 -23.95 -11.36
N ALA G 210 21.79 -24.39 -10.90
CA ALA G 210 21.92 -24.99 -9.58
C ALA G 210 23.25 -24.53 -9.01
N ARG G 211 23.24 -24.19 -7.73
CA ARG G 211 24.46 -23.70 -7.11
C ARG G 211 24.51 -24.15 -5.67
N ALA G 212 25.72 -24.49 -5.22
CA ALA G 212 25.96 -24.79 -3.83
C ALA G 212 26.28 -23.49 -3.10
N TYR G 213 25.96 -23.45 -1.81
CA TYR G 213 26.14 -22.23 -1.04
C TYR G 213 26.40 -22.57 0.42
N ASN G 214 27.25 -21.75 1.07
CA ASN G 214 27.57 -21.84 2.49
C ASN G 214 28.14 -23.23 2.83
N ILE G 215 29.32 -23.51 2.28
CA ILE G 215 29.88 -24.85 2.37
C ILE G 215 31.11 -24.84 3.27
N ALA G 216 31.73 -26.03 3.44
CA ALA G 216 32.84 -26.22 4.37
C ALA G 216 32.39 -25.97 5.81
N GLY G 217 31.21 -26.47 6.16
CA GLY G 217 30.64 -26.29 7.47
C GLY G 217 30.31 -24.88 7.93
N VAL G 218 30.18 -23.89 7.04
CA VAL G 218 29.90 -22.54 7.53
C VAL G 218 28.42 -22.23 7.71
N HIS G 219 27.54 -23.04 7.16
CA HIS G 219 26.11 -22.79 7.25
C HIS G 219 25.61 -22.96 8.68
N ARG G 220 24.92 -21.93 9.19
CA ARG G 220 24.27 -21.93 10.51
C ARG G 220 23.16 -22.98 10.70
N HIS G 221 23.14 -23.99 9.84
CA HIS G 221 22.29 -25.13 10.07
C HIS G 221 23.10 -26.37 10.40
N THR G 222 24.42 -26.27 10.32
CA THR G 222 25.30 -27.37 10.68
C THR G 222 25.22 -27.70 12.17
N PRO G 223 25.44 -26.77 13.11
CA PRO G 223 25.32 -27.16 14.52
C PRO G 223 23.92 -27.54 14.93
N GLU G 224 22.89 -27.10 14.20
CA GLU G 224 21.54 -27.50 14.56
C GLU G 224 21.25 -28.93 14.12
N ILE G 225 22.03 -29.44 13.18
CA ILE G 225 21.96 -30.86 12.84
C ILE G 225 22.84 -31.66 13.80
N ALA G 226 24.00 -31.09 14.15
CA ALA G 226 24.91 -31.72 15.09
C ALA G 226 24.23 -31.99 16.43
N GLN G 227 23.68 -30.95 17.05
CA GLN G 227 22.98 -31.10 18.31
C GLN G 227 21.83 -32.10 18.21
N GLY G 228 21.02 -32.00 17.15
CA GLY G 228 19.84 -32.83 17.06
C GLY G 228 20.16 -34.31 17.04
N LEU G 229 21.35 -34.67 16.61
CA LEU G 229 21.88 -36.03 16.64
C LEU G 229 22.47 -36.39 18.00
N ARG G 230 23.17 -35.44 18.65
CA ARG G 230 23.80 -35.68 19.96
C ARG G 230 22.81 -36.04 21.04
N ALA G 231 21.52 -35.79 20.83
CA ALA G 231 20.49 -36.19 21.78
C ALA G 231 20.06 -37.65 21.65
N VAL G 232 20.56 -38.37 20.64
CA VAL G 232 20.18 -39.77 20.41
C VAL G 232 21.38 -40.70 20.35
N THR G 233 22.57 -40.20 20.67
CA THR G 233 23.79 -40.99 20.70
C THR G 233 24.71 -40.47 21.80
N ASP G 234 25.53 -41.37 22.32
CA ASP G 234 26.60 -40.93 23.20
C ASP G 234 27.84 -40.51 22.43
N ARG G 235 27.99 -40.99 21.21
CA ARG G 235 29.20 -40.78 20.45
C ARG G 235 29.24 -39.36 19.91
N ASP G 236 30.44 -38.80 19.84
CA ASP G 236 30.60 -37.40 19.41
C ASP G 236 30.43 -37.30 17.90
N VAL G 237 29.54 -36.39 17.47
CA VAL G 237 29.02 -36.34 16.11
C VAL G 237 29.80 -35.35 15.27
N SER G 238 30.12 -35.74 14.04
CA SER G 238 30.59 -34.83 13.01
C SER G 238 29.53 -34.71 11.92
N VAL G 239 29.48 -33.52 11.29
CA VAL G 239 28.45 -33.21 10.30
C VAL G 239 29.09 -32.40 9.19
N SER G 240 29.13 -32.96 7.97
CA SER G 240 29.61 -32.27 6.77
C SER G 240 28.38 -31.95 5.92
N PHE G 241 27.93 -30.70 5.98
CA PHE G 241 26.63 -30.29 5.45
C PHE G 241 26.80 -29.47 4.18
N THR G 242 26.03 -29.80 3.16
CA THR G 242 26.07 -29.02 1.93
C THR G 242 24.67 -28.77 1.41
N PRO G 243 24.21 -27.51 1.43
CA PRO G 243 22.96 -27.14 0.78
C PRO G 243 23.19 -26.60 -0.63
N VAL G 244 22.23 -26.88 -1.49
CA VAL G 244 22.29 -26.47 -2.89
C VAL G 244 20.92 -25.94 -3.32
N LEU G 245 20.91 -24.74 -3.92
CA LEU G 245 19.67 -24.14 -4.39
C LEU G 245 19.33 -24.64 -5.79
N ILE G 246 18.05 -24.91 -6.00
CA ILE G 246 17.62 -25.54 -7.26
C ILE G 246 16.31 -24.87 -7.72
N PRO G 247 16.06 -24.90 -9.05
CA PRO G 247 14.89 -24.19 -9.60
C PRO G 247 13.57 -24.85 -9.26
N ALA G 248 12.96 -24.42 -8.17
CA ALA G 248 11.69 -24.89 -7.68
C ALA G 248 11.42 -24.09 -6.42
N SER G 249 10.16 -24.04 -6.02
CA SER G 249 9.84 -23.05 -5.02
C SER G 249 9.80 -23.64 -3.61
N ARG G 250 9.23 -24.83 -3.45
CA ARG G 250 9.25 -25.51 -2.17
C ARG G 250 9.92 -26.86 -2.28
N GLY G 251 10.48 -27.33 -1.16
CA GLY G 251 10.93 -28.71 -1.05
C GLY G 251 12.37 -28.90 -0.60
N ILE G 252 12.64 -29.94 0.19
CA ILE G 252 13.99 -30.31 0.54
C ILE G 252 14.16 -31.82 0.32
N LEU G 253 15.22 -32.18 -0.41
CA LEU G 253 15.66 -33.56 -0.59
C LEU G 253 17.04 -33.68 0.08
N ALA G 254 17.09 -34.36 1.22
CA ALA G 254 18.33 -34.53 1.98
C ALA G 254 18.91 -35.91 1.73
N THR G 255 20.07 -35.95 1.06
CA THR G 255 20.82 -37.19 0.85
C THR G 255 21.83 -37.26 2.00
N CYS G 256 21.58 -38.14 2.96
CA CYS G 256 22.45 -38.28 4.13
C CYS G 256 23.11 -39.65 4.09
N THR G 257 24.44 -39.65 4.14
CA THR G 257 25.25 -40.86 4.16
C THR G 257 25.90 -41.05 5.53
N ALA G 258 26.33 -42.29 5.79
CA ALA G 258 27.09 -42.65 6.97
C ALA G 258 27.71 -44.03 6.76
N ARG G 259 28.94 -44.23 7.24
CA ARG G 259 29.55 -45.55 7.16
C ARG G 259 28.93 -46.49 8.18
N THR G 260 28.58 -47.70 7.74
CA THR G 260 27.81 -48.65 8.53
C THR G 260 28.45 -50.03 8.41
N ARG G 261 28.31 -50.85 9.46
CA ARG G 261 28.70 -52.25 9.40
C ARG G 261 27.48 -53.16 9.58
N SER G 262 26.31 -52.61 9.51
CA SER G 262 25.12 -53.34 9.87
C SER G 262 24.36 -53.79 8.63
N PRO G 263 23.56 -54.83 8.78
CA PRO G 263 22.64 -55.23 7.71
C PRO G 263 21.59 -54.16 7.46
N LEU G 264 21.15 -54.06 6.20
CA LEU G 264 20.08 -53.14 5.87
C LEU G 264 18.76 -53.58 6.51
N SER G 265 18.48 -54.89 6.52
CA SER G 265 17.26 -55.37 7.15
C SER G 265 17.24 -55.04 8.62
N GLN G 266 18.42 -55.02 9.27
CA GLN G 266 18.52 -54.53 10.64
C GLN G 266 18.32 -53.02 10.69
N LEU G 267 18.85 -52.31 9.69
CA LEU G 267 18.64 -50.88 9.64
C LEU G 267 17.19 -50.55 9.33
N ARG G 268 16.60 -51.24 8.36
CA ARG G 268 15.19 -51.03 8.01
C ARG G 268 14.24 -51.52 9.09
N ALA G 269 14.74 -52.26 10.08
CA ALA G 269 13.90 -52.59 11.24
C ALA G 269 13.81 -51.40 12.18
N ALA G 270 14.96 -50.82 12.56
CA ALA G 270 14.98 -49.70 13.49
C ALA G 270 14.03 -48.60 13.02
N TYR G 271 14.12 -48.23 11.74
CA TYR G 271 13.23 -47.23 11.18
C TYR G 271 11.79 -47.71 11.20
N GLU G 272 11.55 -49.00 10.92
CA GLU G 272 10.20 -49.52 10.94
C GLU G 272 9.58 -49.39 12.31
N LYS G 273 10.35 -49.74 13.35
CA LYS G 273 9.89 -49.58 14.72
C LYS G 273 9.74 -48.12 15.13
N ALA G 274 10.40 -47.20 14.41
CA ALA G 274 10.29 -45.79 14.75
C ALA G 274 9.07 -45.15 14.10
N TYR G 275 8.95 -45.21 12.78
CA TYR G 275 7.97 -44.42 12.05
C TYR G 275 6.72 -45.20 11.71
N HIS G 276 6.34 -46.17 12.53
CA HIS G 276 5.16 -46.97 12.22
C HIS G 276 3.89 -46.32 12.75
N ALA G 277 3.99 -45.62 13.89
CA ALA G 277 2.87 -44.90 14.47
C ALA G 277 2.99 -43.39 14.29
N GLU G 278 4.00 -42.93 13.55
CA GLU G 278 4.10 -41.52 13.20
C GLU G 278 3.24 -41.25 11.97
N PRO G 279 2.15 -40.49 12.12
CA PRO G 279 1.22 -40.28 11.01
C PRO G 279 1.73 -39.32 9.96
N PHE G 280 2.91 -38.73 10.17
CA PHE G 280 3.53 -37.80 9.25
C PHE G 280 4.78 -38.35 8.57
N ILE G 281 5.25 -39.53 8.98
CA ILE G 281 6.49 -40.11 8.46
C ILE G 281 6.12 -41.41 7.75
N TYR G 282 6.36 -41.45 6.44
CA TYR G 282 6.02 -42.58 5.58
C TYR G 282 7.32 -43.18 5.04
N LEU G 283 7.81 -44.24 5.67
CA LEU G 283 8.87 -45.06 5.07
C LEU G 283 8.39 -45.62 3.75
N MET G 284 9.10 -45.29 2.68
CA MET G 284 8.69 -45.76 1.36
C MET G 284 8.74 -47.29 1.30
N PRO G 285 7.82 -47.94 0.58
CA PRO G 285 8.02 -49.37 0.30
C PRO G 285 9.31 -49.52 -0.49
N GLU G 286 10.03 -50.62 -0.25
CA GLU G 286 11.31 -50.71 -0.93
C GLU G 286 11.14 -50.95 -2.41
N GLY G 287 12.02 -50.34 -3.19
CA GLY G 287 11.75 -50.07 -4.58
C GLY G 287 11.19 -48.69 -4.85
N GLN G 288 10.72 -47.98 -3.81
CA GLN G 288 10.27 -46.59 -3.91
C GLN G 288 11.21 -45.71 -3.09
N LEU G 289 11.50 -44.53 -3.61
CA LEU G 289 12.35 -43.50 -3.05
C LEU G 289 11.59 -42.19 -2.89
N PRO G 290 11.98 -41.34 -1.94
CA PRO G 290 11.24 -40.09 -1.72
C PRO G 290 11.47 -39.09 -2.84
N ARG G 291 10.42 -38.37 -3.19
CA ARG G 291 10.53 -37.18 -4.04
C ARG G 291 9.76 -36.03 -3.40
N THR G 292 10.39 -34.85 -3.35
CA THR G 292 9.75 -33.67 -2.79
C THR G 292 8.37 -33.44 -3.41
N GLY G 293 8.24 -33.69 -4.71
CA GLY G 293 6.99 -33.39 -5.38
C GLY G 293 5.76 -34.06 -4.80
N ALA G 294 5.93 -35.12 -4.02
CA ALA G 294 4.79 -35.84 -3.45
C ALA G 294 4.46 -35.39 -2.03
N VAL G 295 5.13 -34.35 -1.53
CA VAL G 295 4.88 -33.81 -0.21
C VAL G 295 4.72 -32.28 -0.22
N ILE G 296 4.83 -31.63 -1.38
CA ILE G 296 4.65 -30.19 -1.42
C ILE G 296 3.23 -29.87 -0.97
N GLY G 297 3.13 -28.92 -0.03
CA GLY G 297 1.86 -28.50 0.53
C GLY G 297 1.38 -29.31 1.72
N SER G 298 1.78 -30.58 1.84
CA SER G 298 1.38 -31.43 2.96
C SER G 298 2.45 -31.39 4.02
N ASN G 299 2.19 -32.07 5.13
CA ASN G 299 3.13 -32.09 6.25
C ASN G 299 3.93 -33.37 6.34
N ALA G 300 3.87 -34.22 5.32
CA ALA G 300 4.53 -35.52 5.38
C ALA G 300 6.03 -35.41 5.15
N ALA G 301 6.78 -36.27 5.83
CA ALA G 301 8.16 -36.53 5.48
C ALA G 301 8.24 -37.93 4.89
N HIS G 302 8.62 -38.03 3.61
CA HIS G 302 8.83 -39.33 2.97
C HIS G 302 10.29 -39.79 3.07
N ILE G 303 10.49 -41.02 3.57
CA ILE G 303 11.80 -41.55 3.93
C ILE G 303 12.04 -42.92 3.29
N ALA G 304 13.26 -43.12 2.78
CA ALA G 304 13.73 -44.44 2.33
C ALA G 304 15.18 -44.59 2.75
N VAL G 305 15.63 -45.83 2.95
CA VAL G 305 16.98 -46.10 3.46
C VAL G 305 17.56 -47.32 2.76
N ALA G 306 18.83 -47.21 2.39
CA ALA G 306 19.52 -48.31 1.75
C ALA G 306 20.94 -48.42 2.32
N VAL G 307 21.66 -49.46 1.94
CA VAL G 307 23.05 -49.63 2.32
C VAL G 307 23.90 -49.74 1.06
N ASP G 308 25.04 -49.06 1.04
CA ASP G 308 25.99 -49.15 -0.08
C ASP G 308 27.10 -50.11 0.36
N GLU G 309 27.02 -51.36 -0.11
CA GLU G 309 27.85 -52.42 0.46
C GLU G 309 29.32 -52.27 0.12
N ASP G 310 29.65 -51.98 -1.14
CA ASP G 310 31.07 -51.89 -1.51
C ASP G 310 31.73 -50.57 -1.11
N ALA G 311 30.95 -49.53 -0.77
CA ALA G 311 31.52 -48.32 -0.15
C ALA G 311 31.35 -48.32 1.35
N GLN G 312 30.60 -49.27 1.90
CA GLN G 312 30.40 -49.43 3.33
C GLN G 312 29.78 -48.17 3.94
N THR G 313 28.83 -47.57 3.22
CA THR G 313 28.11 -46.39 3.69
C THR G 313 26.61 -46.67 3.70
N PHE G 314 25.96 -46.18 4.75
CA PHE G 314 24.51 -46.11 4.84
C PHE G 314 24.01 -44.85 4.12
N VAL G 315 22.86 -44.96 3.46
CA VAL G 315 22.34 -43.85 2.67
C VAL G 315 20.87 -43.62 3.05
N ALA G 316 20.57 -42.41 3.54
CA ALA G 316 19.22 -41.99 3.91
C ALA G 316 18.76 -40.81 3.05
N ILE G 317 17.52 -40.88 2.61
CA ILE G 317 16.91 -39.88 1.75
C ILE G 317 15.64 -39.37 2.44
N ALA G 318 15.49 -38.05 2.51
CA ALA G 318 14.36 -37.45 3.18
C ALA G 318 13.75 -36.32 2.33
N ALA G 319 12.44 -36.30 2.23
CA ALA G 319 11.73 -35.34 1.36
C ALA G 319 10.63 -34.63 2.15
N ILE G 320 10.81 -33.34 2.42
CA ILE G 320 9.79 -32.51 3.06
C ILE G 320 9.56 -31.24 2.26
N ASP G 321 8.41 -30.61 2.54
CA ASP G 321 8.16 -29.22 2.18
C ASP G 321 8.90 -28.33 3.16
N ASN G 322 9.86 -27.55 2.69
CA ASN G 322 10.59 -26.65 3.57
C ASN G 322 9.68 -25.62 4.24
N LEU G 323 8.48 -25.40 3.69
CA LEU G 323 7.55 -24.46 4.29
C LEU G 323 6.49 -25.12 5.18
N VAL G 324 6.17 -26.38 4.97
CA VAL G 324 5.23 -27.06 5.88
C VAL G 324 5.95 -27.85 6.97
N LYS G 325 6.33 -29.09 6.68
CA LYS G 325 6.98 -29.93 7.69
C LYS G 325 8.29 -29.31 8.19
N GLY G 326 8.81 -28.33 7.49
CA GLY G 326 10.11 -27.76 7.82
C GLY G 326 10.07 -26.42 8.52
N THR G 327 8.87 -25.87 8.72
CA THR G 327 8.65 -24.88 9.79
C THR G 327 7.17 -24.68 10.13
N ALA G 328 6.37 -24.17 9.16
CA ALA G 328 4.99 -23.79 9.50
C ALA G 328 4.15 -25.00 9.93
N GLY G 329 4.16 -26.07 9.14
CA GLY G 329 3.39 -27.25 9.50
C GLY G 329 3.83 -27.82 10.83
N ALA G 330 5.14 -27.80 11.09
CA ALA G 330 5.66 -28.22 12.38
C ALA G 330 5.22 -27.25 13.47
N ALA G 331 5.27 -25.95 13.18
CA ALA G 331 4.83 -24.96 14.15
C ALA G 331 3.37 -25.17 14.52
N VAL G 332 2.52 -25.46 13.53
CA VAL G 332 1.12 -25.75 13.78
C VAL G 332 0.92 -27.13 14.41
N GLN G 333 1.71 -28.12 13.96
CA GLN G 333 1.71 -29.41 14.66
C GLN G 333 2.07 -29.22 16.11
N SER G 334 3.10 -28.39 16.38
CA SER G 334 3.51 -28.10 17.74
C SER G 334 2.46 -27.28 18.49
N MET G 335 1.67 -26.48 17.78
CA MET G 335 0.55 -25.78 18.39
C MET G 335 -0.58 -26.75 18.78
N ASN G 336 -0.94 -27.67 17.87
CA ASN G 336 -1.99 -28.64 18.18
C ASN G 336 -1.65 -29.46 19.41
N LEU G 337 -0.36 -29.65 19.71
CA LEU G 337 0.04 -30.41 20.89
C LEU G 337 0.07 -29.51 22.13
N ALA G 338 0.55 -28.27 21.98
CA ALA G 338 0.58 -27.35 23.12
C ALA G 338 -0.81 -26.99 23.61
N LEU G 339 -1.81 -27.00 22.72
CA LEU G 339 -3.18 -26.68 23.08
C LEU G 339 -4.05 -27.91 23.31
N GLY G 340 -3.49 -29.11 23.33
CA GLY G 340 -4.31 -30.26 23.63
C GLY G 340 -5.33 -30.63 22.57
N TRP G 341 -5.09 -30.25 21.33
CA TRP G 341 -5.98 -30.62 20.24
C TRP G 341 -5.41 -31.82 19.47
N PRO G 342 -6.24 -32.49 18.65
CA PRO G 342 -5.71 -33.55 17.78
C PRO G 342 -4.46 -33.12 17.03
N GLU G 343 -3.35 -33.85 17.23
CA GLU G 343 -2.10 -33.55 16.52
C GLU G 343 -2.31 -33.52 15.01
N THR G 344 -3.26 -34.31 14.52
CA THR G 344 -3.59 -34.42 13.11
C THR G 344 -4.37 -33.22 12.58
N ASP G 345 -4.84 -32.32 13.43
CA ASP G 345 -5.86 -31.36 13.05
C ASP G 345 -5.33 -30.40 11.98
N GLY G 346 -6.04 -30.35 10.85
CA GLY G 346 -5.71 -29.48 9.75
C GLY G 346 -4.45 -29.81 8.98
N LEU G 347 -3.64 -30.75 9.47
CA LEU G 347 -2.37 -31.09 8.85
C LEU G 347 -2.53 -32.42 8.13
N SER G 348 -2.97 -32.37 6.87
CA SER G 348 -3.09 -33.62 6.08
C SER G 348 -1.71 -33.95 5.52
N VAL G 349 -1.51 -35.19 5.09
CA VAL G 349 -0.19 -35.58 4.54
C VAL G 349 -0.31 -35.80 3.03
N VAL G 350 -1.50 -35.63 2.47
CA VAL G 350 -1.70 -35.82 1.02
C VAL G 350 -1.22 -34.55 0.31
N GLY G 351 -0.06 -34.63 -0.33
CA GLY G 351 0.55 -33.47 -1.02
C GLY G 351 -0.18 -33.09 -2.28
N VAL G 352 0.01 -31.88 -2.77
CA VAL G 352 -0.70 -31.47 -4.01
C VAL G 352 0.18 -31.79 -5.21
N ALA G 353 0.18 -33.06 -5.61
CA ALA G 353 0.99 -33.52 -6.75
C ALA G 353 0.06 -33.79 -7.93
N PRO G 354 0.47 -33.48 -9.17
CA PRO G 354 1.83 -33.07 -9.45
C PRO G 354 1.96 -31.56 -9.35
N ALA H 11 -24.96 -41.18 2.80
CA ALA H 11 -24.24 -42.42 2.40
C ALA H 11 -24.05 -42.44 0.89
N THR H 12 -22.80 -42.28 0.44
CA THR H 12 -22.50 -42.29 -1.02
C THR H 12 -21.22 -43.09 -1.24
N LYS H 13 -21.22 -44.02 -2.20
CA LYS H 13 -20.04 -44.86 -2.45
C LYS H 13 -19.52 -44.58 -3.86
N VAL H 14 -18.33 -43.96 -3.92
CA VAL H 14 -17.77 -43.40 -5.14
C VAL H 14 -16.75 -44.35 -5.74
N ALA H 15 -16.71 -44.39 -7.07
CA ALA H 15 -15.66 -45.06 -7.82
C ALA H 15 -15.07 -44.08 -8.81
N VAL H 16 -13.81 -44.28 -9.17
CA VAL H 16 -13.04 -43.34 -9.97
C VAL H 16 -12.42 -44.10 -11.14
N ALA H 17 -12.81 -43.72 -12.36
CA ALA H 17 -12.25 -44.30 -13.58
C ALA H 17 -11.22 -43.35 -14.17
N GLY H 18 -10.06 -43.91 -14.51
CA GLY H 18 -8.91 -43.10 -14.84
C GLY H 18 -8.05 -42.73 -13.66
N ALA H 19 -8.07 -43.53 -12.59
CA ALA H 19 -7.30 -43.22 -11.40
C ALA H 19 -5.82 -42.98 -11.73
N SER H 20 -5.32 -43.62 -12.80
CA SER H 20 -3.92 -43.50 -13.19
C SER H 20 -3.62 -42.13 -13.80
N GLY H 21 -4.50 -41.64 -14.68
CA GLY H 21 -4.32 -40.34 -15.31
C GLY H 21 -4.27 -39.21 -14.30
N TYR H 22 -4.04 -37.99 -14.77
CA TYR H 22 -3.88 -36.89 -13.81
C TYR H 22 -5.20 -36.54 -13.14
N ALA H 23 -6.29 -36.45 -13.93
CA ALA H 23 -7.60 -36.15 -13.38
C ALA H 23 -7.99 -37.11 -12.25
N GLY H 24 -7.93 -38.41 -12.53
CA GLY H 24 -8.27 -39.39 -11.51
C GLY H 24 -7.38 -39.40 -10.30
N GLY H 25 -6.31 -38.61 -10.30
CA GLY H 25 -5.42 -38.61 -9.15
C GLY H 25 -5.63 -37.35 -8.36
N GLU H 26 -6.18 -36.33 -9.03
CA GLU H 26 -6.54 -35.11 -8.34
C GLU H 26 -7.92 -35.24 -7.72
N ILE H 27 -8.84 -35.93 -8.41
CA ILE H 27 -10.13 -36.21 -7.80
C ILE H 27 -9.94 -36.97 -6.49
N LEU H 28 -9.13 -38.02 -6.53
CA LEU H 28 -8.87 -38.79 -5.31
C LEU H 28 -8.35 -37.90 -4.20
N ARG H 29 -7.47 -36.96 -4.53
CA ARG H 29 -6.92 -36.05 -3.53
C ARG H 29 -8.04 -35.25 -2.86
N LEU H 30 -8.85 -34.56 -3.65
CA LEU H 30 -10.05 -33.88 -3.16
C LEU H 30 -10.90 -34.82 -2.31
N LEU H 31 -11.10 -36.05 -2.78
CA LEU H 31 -12.05 -36.95 -2.12
C LEU H 31 -11.57 -37.31 -0.72
N LEU H 32 -10.30 -37.66 -0.58
CA LEU H 32 -9.82 -38.00 0.75
C LEU H 32 -9.86 -36.81 1.68
N GLY H 33 -10.03 -35.59 1.15
CA GLY H 33 -10.07 -34.38 1.92
C GLY H 33 -11.45 -33.75 2.07
N HIS H 34 -12.49 -34.43 1.63
CA HIS H 34 -13.85 -33.93 1.65
C HIS H 34 -14.42 -34.08 3.04
N PRO H 35 -15.30 -33.14 3.45
CA PRO H 35 -16.00 -33.33 4.74
C PRO H 35 -16.82 -34.61 4.81
N ALA H 36 -17.32 -35.12 3.68
CA ALA H 36 -18.12 -36.34 3.71
C ALA H 36 -17.29 -37.60 3.92
N TYR H 37 -16.00 -37.59 3.54
CA TYR H 37 -15.15 -38.74 3.86
C TYR H 37 -14.76 -38.75 5.34
N ALA H 38 -14.57 -37.57 5.92
CA ALA H 38 -14.30 -37.44 7.35
C ALA H 38 -15.27 -38.26 8.17
N ASP H 39 -16.54 -37.89 8.18
CA ASP H 39 -17.53 -38.60 8.98
C ASP H 39 -18.09 -39.82 8.26
N GLY H 40 -17.27 -40.50 7.48
CA GLY H 40 -17.68 -41.73 6.84
C GLY H 40 -18.85 -41.69 5.87
N ARG H 41 -19.36 -40.50 5.46
CA ARG H 41 -20.49 -40.45 4.53
C ARG H 41 -20.08 -40.73 3.08
N LEU H 42 -18.86 -40.35 2.68
CA LEU H 42 -18.35 -40.65 1.34
C LEU H 42 -17.41 -41.84 1.40
N ARG H 43 -17.59 -42.79 0.48
CA ARG H 43 -16.86 -44.06 0.51
C ARG H 43 -16.06 -44.23 -0.78
N ILE H 44 -14.73 -44.31 -0.67
CA ILE H 44 -13.91 -44.57 -1.86
C ILE H 44 -13.95 -46.06 -2.18
N GLY H 45 -14.89 -46.44 -3.04
CA GLY H 45 -14.96 -47.81 -3.51
C GLY H 45 -13.81 -48.19 -4.41
N ALA H 46 -14.11 -48.61 -5.63
CA ALA H 46 -13.09 -49.10 -6.54
C ALA H 46 -12.31 -47.95 -7.17
N LEU H 47 -11.06 -48.23 -7.54
CA LEU H 47 -10.23 -47.35 -8.36
C LEU H 47 -9.81 -48.11 -9.60
N THR H 48 -10.00 -47.47 -10.76
CA THR H 48 -9.79 -48.15 -12.02
C THR H 48 -8.91 -47.34 -12.97
N ALA H 49 -8.37 -48.07 -13.94
CA ALA H 49 -7.59 -47.54 -15.04
C ALA H 49 -7.50 -48.63 -16.10
N ALA H 50 -7.56 -48.24 -17.37
CA ALA H 50 -7.25 -49.19 -18.42
C ALA H 50 -5.77 -49.51 -18.39
N THR H 51 -4.93 -48.50 -18.16
CA THR H 51 -3.48 -48.68 -18.14
C THR H 51 -3.06 -49.51 -16.92
N SER H 52 -2.62 -50.74 -17.17
CA SER H 52 -2.06 -51.67 -16.17
C SER H 52 -2.81 -51.66 -14.85
N ALA H 53 -3.98 -52.26 -14.86
CA ALA H 53 -4.62 -52.68 -13.61
C ALA H 53 -3.80 -53.85 -13.05
N GLY H 54 -3.87 -54.04 -11.74
CA GLY H 54 -3.04 -55.02 -11.05
C GLY H 54 -1.84 -54.45 -10.33
N SER H 55 -1.67 -53.13 -10.31
CA SER H 55 -0.60 -52.45 -9.62
C SER H 55 -1.16 -51.76 -8.39
N THR H 56 -0.26 -51.39 -7.48
CA THR H 56 -0.63 -50.54 -6.36
C THR H 56 -0.63 -49.07 -6.78
N LEU H 57 -1.30 -48.23 -5.97
CA LEU H 57 -1.51 -46.84 -6.34
C LEU H 57 -0.40 -45.90 -5.86
N GLY H 58 0.44 -46.32 -4.90
CA GLY H 58 1.67 -45.60 -4.64
C GLY H 58 2.68 -45.68 -5.77
N GLU H 59 2.49 -46.63 -6.69
CA GLU H 59 3.21 -46.61 -7.96
C GLU H 59 2.86 -45.39 -8.78
N HIS H 60 1.57 -45.24 -9.13
CA HIS H 60 1.12 -44.13 -9.98
C HIS H 60 1.02 -42.82 -9.20
N HIS H 61 0.49 -42.86 -7.97
CA HIS H 61 0.28 -41.66 -7.16
C HIS H 61 0.93 -41.82 -5.80
N PRO H 62 2.23 -41.53 -5.68
CA PRO H 62 2.87 -41.61 -4.36
C PRO H 62 2.50 -40.48 -3.42
N HIS H 63 1.87 -39.40 -3.91
CA HIS H 63 1.40 -38.38 -3.00
C HIS H 63 0.11 -38.78 -2.30
N LEU H 64 -0.68 -39.65 -2.93
CA LEU H 64 -1.86 -40.22 -2.30
C LEU H 64 -1.48 -41.40 -1.40
N THR H 65 -0.67 -41.12 -0.37
CA THR H 65 -0.16 -42.20 0.48
C THR H 65 -1.26 -43.01 1.19
N PRO H 66 -2.35 -42.42 1.69
CA PRO H 66 -3.40 -43.26 2.31
C PRO H 66 -4.06 -44.25 1.36
N LEU H 67 -3.93 -44.08 0.04
CA LEU H 67 -4.44 -45.04 -0.94
C LEU H 67 -3.29 -45.71 -1.71
N ALA H 68 -2.10 -45.82 -1.11
CA ALA H 68 -0.97 -46.39 -1.82
C ALA H 68 -1.15 -47.90 -2.04
N HIS H 69 -1.75 -48.59 -1.05
CA HIS H 69 -1.88 -50.04 -1.06
C HIS H 69 -2.99 -50.56 -1.96
N ARG H 70 -3.99 -49.72 -2.29
CA ARG H 70 -5.06 -50.12 -3.19
C ARG H 70 -4.47 -50.76 -4.45
N VAL H 71 -5.25 -51.62 -5.09
CA VAL H 71 -4.87 -52.18 -6.38
C VAL H 71 -5.83 -51.64 -7.44
N VAL H 72 -5.27 -51.05 -8.49
CA VAL H 72 -6.12 -50.57 -9.57
C VAL H 72 -6.70 -51.78 -10.29
N GLU H 73 -8.01 -51.83 -10.40
CA GLU H 73 -8.62 -52.91 -11.15
C GLU H 73 -9.18 -52.35 -12.47
N PRO H 74 -9.44 -53.21 -13.46
CA PRO H 74 -9.65 -52.70 -14.81
C PRO H 74 -10.90 -51.84 -14.94
N THR H 75 -10.91 -51.01 -15.97
CA THR H 75 -12.08 -50.22 -16.36
C THR H 75 -13.15 -51.20 -16.87
N GLU H 76 -13.85 -51.82 -15.93
CA GLU H 76 -14.90 -52.80 -16.19
C GLU H 76 -16.25 -52.27 -15.72
N ALA H 77 -17.28 -52.43 -16.54
CA ALA H 77 -18.63 -52.21 -16.05
C ALA H 77 -18.94 -53.12 -14.88
N ALA H 78 -18.17 -54.21 -14.72
CA ALA H 78 -18.42 -55.15 -13.63
C ALA H 78 -18.06 -54.54 -12.29
N VAL H 79 -16.85 -54.00 -12.15
CA VAL H 79 -16.40 -53.56 -10.84
C VAL H 79 -16.80 -52.12 -10.53
N LEU H 80 -17.20 -51.34 -11.53
CA LEU H 80 -17.73 -50.00 -11.30
C LEU H 80 -19.21 -50.02 -10.96
N GLY H 81 -19.77 -51.20 -10.77
CA GLY H 81 -21.16 -51.37 -10.43
C GLY H 81 -21.35 -51.58 -8.94
N GLY H 82 -22.52 -51.15 -8.46
CA GLY H 82 -22.77 -51.08 -7.03
C GLY H 82 -22.37 -49.77 -6.42
N HIS H 83 -22.12 -48.75 -7.24
CA HIS H 83 -21.60 -47.47 -6.78
C HIS H 83 -22.61 -46.38 -7.06
N ASP H 84 -22.88 -45.55 -6.05
CA ASP H 84 -23.86 -44.48 -6.19
C ASP H 84 -23.32 -43.30 -6.98
N ALA H 85 -22.01 -43.10 -6.99
CA ALA H 85 -21.36 -42.09 -7.81
C ALA H 85 -20.18 -42.73 -8.54
N VAL H 86 -19.96 -42.34 -9.79
CA VAL H 86 -18.83 -42.85 -10.57
C VAL H 86 -18.19 -41.68 -11.32
N PHE H 87 -16.87 -41.53 -11.16
CA PHE H 87 -16.09 -40.50 -11.85
C PHE H 87 -15.34 -41.13 -13.02
N LEU H 88 -15.34 -40.44 -14.16
CA LEU H 88 -14.77 -40.96 -15.40
C LEU H 88 -13.73 -39.99 -15.91
N ALA H 89 -12.46 -40.40 -15.81
CA ALA H 89 -11.33 -39.59 -16.27
C ALA H 89 -10.56 -40.32 -17.36
N LEU H 90 -11.22 -40.57 -18.47
CA LEU H 90 -10.68 -41.30 -19.60
C LEU H 90 -10.83 -40.43 -20.84
N PRO H 91 -10.25 -40.85 -21.96
CA PRO H 91 -10.36 -40.06 -23.19
C PRO H 91 -11.72 -40.26 -23.87
N HIS H 92 -11.95 -39.42 -24.89
CA HIS H 92 -13.23 -39.40 -25.59
C HIS H 92 -13.51 -40.76 -26.23
N GLY H 93 -14.75 -41.21 -26.11
CA GLY H 93 -15.15 -42.51 -26.59
C GLY H 93 -15.14 -43.60 -25.54
N HIS H 94 -14.60 -43.33 -24.36
CA HIS H 94 -14.62 -44.31 -23.28
C HIS H 94 -15.75 -44.06 -22.30
N SER H 95 -16.23 -42.82 -22.24
CA SER H 95 -17.36 -42.50 -21.33
C SER H 95 -18.62 -43.34 -21.65
N ALA H 96 -19.10 -43.26 -22.89
CA ALA H 96 -20.35 -43.91 -23.35
C ALA H 96 -20.44 -45.41 -23.02
N VAL H 97 -19.49 -46.22 -23.48
CA VAL H 97 -19.54 -47.71 -23.30
C VAL H 97 -19.87 -48.10 -21.86
N LEU H 98 -19.23 -47.49 -20.87
CA LEU H 98 -19.51 -47.83 -19.45
C LEU H 98 -20.88 -47.26 -19.07
N ALA H 99 -21.17 -46.04 -19.55
CA ALA H 99 -22.46 -45.37 -19.24
C ALA H 99 -23.62 -46.32 -19.60
N GLN H 100 -23.59 -46.88 -20.80
CA GLN H 100 -24.64 -47.83 -21.19
C GLN H 100 -24.53 -49.07 -20.31
N GLN H 101 -23.30 -49.50 -20.01
CA GLN H 101 -23.06 -50.74 -19.22
C GLN H 101 -23.53 -50.57 -17.77
N LEU H 102 -23.50 -49.36 -17.21
CA LEU H 102 -23.86 -49.19 -15.78
C LEU H 102 -25.31 -48.72 -15.61
N SER H 103 -25.84 -48.89 -14.40
CA SER H 103 -27.24 -48.57 -14.01
C SER H 103 -27.68 -47.12 -14.30
N PRO H 104 -28.99 -46.86 -14.38
CA PRO H 104 -29.50 -45.53 -14.72
C PRO H 104 -29.55 -44.52 -13.57
N GLU H 105 -29.92 -44.96 -12.37
CA GLU H 105 -30.00 -44.05 -11.20
C GLU H 105 -28.63 -44.00 -10.53
N THR H 106 -27.64 -43.42 -11.20
CA THR H 106 -26.26 -43.39 -10.64
C THR H 106 -25.54 -42.09 -11.02
N LEU H 107 -24.88 -41.47 -10.04
CA LEU H 107 -24.15 -40.21 -10.28
C LEU H 107 -22.96 -40.53 -11.19
N ILE H 108 -22.89 -39.87 -12.35
CA ILE H 108 -21.83 -40.15 -13.32
C ILE H 108 -21.25 -38.80 -13.74
N ILE H 109 -20.12 -38.43 -13.14
CA ILE H 109 -19.43 -37.19 -13.47
C ILE H 109 -18.29 -37.57 -14.42
N ASP H 110 -18.41 -37.11 -15.67
CA ASP H 110 -17.43 -37.42 -16.71
C ASP H 110 -16.55 -36.20 -16.90
N CYS H 111 -15.27 -36.33 -16.52
CA CYS H 111 -14.32 -35.27 -16.83
C CYS H 111 -14.02 -35.22 -18.32
N GLY H 112 -14.43 -36.25 -19.07
CA GLY H 112 -14.26 -36.31 -20.51
C GLY H 112 -15.01 -35.26 -21.30
N ALA H 113 -15.19 -35.49 -22.60
CA ALA H 113 -15.89 -34.57 -23.47
C ALA H 113 -17.01 -35.20 -24.30
N ASP H 114 -17.37 -36.46 -24.06
CA ASP H 114 -18.37 -37.13 -24.90
C ASP H 114 -19.73 -36.44 -24.87
N PHE H 115 -20.12 -35.92 -23.70
CA PHE H 115 -21.43 -35.33 -23.53
C PHE H 115 -21.37 -33.85 -23.27
N ARG H 116 -20.26 -33.20 -23.63
CA ARG H 116 -20.14 -31.77 -23.37
C ARG H 116 -21.01 -30.97 -24.34
N LEU H 117 -20.75 -31.11 -25.64
CA LEU H 117 -21.24 -30.13 -26.62
C LEU H 117 -22.62 -30.51 -27.16
N THR H 118 -23.55 -29.56 -27.04
CA THR H 118 -24.98 -29.78 -27.31
C THR H 118 -25.31 -29.91 -28.78
N ASP H 119 -24.51 -29.33 -29.67
CA ASP H 119 -24.67 -29.45 -31.12
C ASP H 119 -24.01 -30.73 -31.62
N ALA H 120 -24.77 -31.55 -32.33
CA ALA H 120 -24.22 -32.82 -32.83
C ALA H 120 -23.34 -32.61 -34.05
N ALA H 121 -23.61 -31.53 -34.81
CA ALA H 121 -22.87 -31.30 -36.05
C ALA H 121 -21.41 -30.90 -35.76
N VAL H 122 -21.18 -30.06 -34.74
CA VAL H 122 -19.82 -29.56 -34.53
C VAL H 122 -18.96 -30.57 -33.76
N TRP H 123 -19.55 -31.54 -33.04
CA TRP H 123 -18.75 -32.53 -32.31
C TRP H 123 -18.09 -33.50 -33.28
N GLU H 124 -18.91 -34.16 -34.12
CA GLU H 124 -18.37 -35.08 -35.11
C GLU H 124 -17.31 -34.43 -35.99
N ARG H 125 -17.38 -33.10 -36.17
CA ARG H 125 -16.39 -32.39 -36.97
C ARG H 125 -15.14 -32.00 -36.19
N PHE H 126 -15.15 -32.13 -34.86
CA PHE H 126 -13.94 -31.92 -34.08
C PHE H 126 -13.42 -33.19 -33.40
N TYR H 127 -14.16 -34.31 -33.46
CA TYR H 127 -13.78 -35.55 -32.78
C TYR H 127 -13.99 -36.83 -33.59
N GLY H 128 -14.63 -36.76 -34.75
CA GLY H 128 -14.79 -37.94 -35.61
C GLY H 128 -15.59 -39.06 -34.98
N SER H 129 -16.72 -38.75 -34.35
CA SER H 129 -17.53 -39.76 -33.67
C SER H 129 -18.99 -39.33 -33.73
N SER H 130 -19.87 -40.27 -33.37
CA SER H 130 -21.28 -39.95 -33.19
C SER H 130 -21.47 -39.26 -31.84
N HIS H 131 -22.23 -38.18 -31.84
CA HIS H 131 -22.40 -37.34 -30.64
C HIS H 131 -23.29 -38.06 -29.63
N ALA H 132 -22.68 -38.74 -28.66
CA ALA H 132 -23.42 -39.62 -27.74
C ALA H 132 -24.42 -38.87 -26.87
N GLY H 133 -24.32 -37.55 -26.76
CA GLY H 133 -25.39 -36.77 -26.14
C GLY H 133 -24.89 -35.49 -25.50
N SER H 134 -25.73 -34.88 -24.66
CA SER H 134 -25.34 -33.60 -24.02
C SER H 134 -25.81 -33.55 -22.56
N TRP H 135 -24.92 -33.82 -21.61
CA TRP H 135 -25.29 -33.73 -20.17
C TRP H 135 -25.11 -32.30 -19.68
N PRO H 136 -25.51 -31.99 -18.44
CA PRO H 136 -25.37 -30.64 -17.91
C PRO H 136 -23.93 -30.29 -17.52
N TYR H 137 -23.43 -29.15 -18.02
CA TYR H 137 -22.06 -28.64 -17.78
C TYR H 137 -21.80 -28.50 -16.29
N GLY H 138 -20.57 -28.75 -15.86
CA GLY H 138 -20.24 -28.60 -14.43
C GLY H 138 -19.70 -27.23 -14.09
N LEU H 139 -20.27 -26.17 -14.65
CA LEU H 139 -19.80 -24.79 -14.37
C LEU H 139 -20.91 -24.02 -13.67
N PRO H 140 -21.10 -24.17 -12.34
CA PRO H 140 -22.17 -23.47 -11.62
C PRO H 140 -22.23 -21.95 -11.80
N GLU H 141 -21.06 -21.30 -11.93
CA GLU H 141 -20.93 -19.82 -12.03
C GLU H 141 -21.59 -19.23 -13.29
N LEU H 142 -21.81 -20.00 -14.35
CA LEU H 142 -22.44 -19.43 -15.58
C LEU H 142 -23.96 -19.38 -15.37
N PRO H 143 -24.76 -18.72 -16.24
CA PRO H 143 -26.18 -18.55 -16.01
C PRO H 143 -26.98 -19.84 -16.20
N GLY H 144 -28.02 -20.02 -15.38
CA GLY H 144 -28.87 -21.22 -15.45
C GLY H 144 -28.04 -22.49 -15.45
N ALA H 145 -27.10 -22.58 -14.50
CA ALA H 145 -26.20 -23.74 -14.47
C ALA H 145 -26.41 -24.52 -13.18
N ARG H 146 -26.20 -23.86 -12.04
CA ARG H 146 -26.33 -24.51 -10.72
C ARG H 146 -27.67 -25.24 -10.66
N ASP H 147 -28.74 -24.47 -10.88
CA ASP H 147 -30.13 -24.97 -10.81
C ASP H 147 -30.28 -26.29 -11.59
N GLN H 148 -29.81 -26.35 -12.83
CA GLN H 148 -29.97 -27.61 -13.60
C GLN H 148 -29.16 -28.72 -12.95
N LEU H 149 -28.04 -28.37 -12.31
CA LEU H 149 -27.22 -29.45 -11.72
C LEU H 149 -27.85 -29.93 -10.40
N ARG H 150 -28.69 -29.10 -9.79
CA ARG H 150 -29.36 -29.46 -8.52
C ARG H 150 -30.04 -30.81 -8.69
N GLY H 151 -29.72 -31.75 -7.81
CA GLY H 151 -30.36 -33.09 -7.85
C GLY H 151 -30.11 -33.84 -9.14
N THR H 152 -29.00 -33.57 -9.83
CA THR H 152 -28.73 -34.33 -11.05
C THR H 152 -27.98 -35.64 -10.77
N ARG H 153 -27.92 -36.52 -11.78
CA ARG H 153 -27.15 -37.76 -11.71
C ARG H 153 -26.25 -37.96 -12.93
N ARG H 154 -26.10 -36.95 -13.79
CA ARG H 154 -25.10 -36.95 -14.87
C ARG H 154 -24.53 -35.55 -15.00
N ILE H 155 -23.21 -35.43 -14.84
CA ILE H 155 -22.50 -34.15 -14.93
C ILE H 155 -21.41 -34.27 -15.98
N ALA H 156 -21.33 -33.26 -16.85
CA ALA H 156 -20.27 -33.12 -17.85
C ALA H 156 -19.32 -32.02 -17.40
N VAL H 157 -18.12 -32.41 -16.97
CA VAL H 157 -17.18 -31.43 -16.41
C VAL H 157 -16.57 -30.61 -17.54
N PRO H 158 -16.51 -29.29 -17.40
CA PRO H 158 -15.87 -28.45 -18.43
C PRO H 158 -14.39 -28.76 -18.65
N GLY H 159 -13.93 -28.33 -19.82
CA GLY H 159 -12.54 -28.52 -20.23
C GLY H 159 -11.65 -27.54 -19.51
N CYS H 160 -10.38 -27.89 -19.36
CA CYS H 160 -9.39 -27.04 -18.66
C CYS H 160 -9.47 -25.62 -19.21
N TYR H 161 -9.20 -25.50 -20.51
CA TYR H 161 -9.16 -24.17 -21.16
C TYR H 161 -10.50 -23.43 -21.06
N PRO H 162 -11.63 -24.01 -21.50
CA PRO H 162 -12.92 -23.33 -21.48
C PRO H 162 -13.28 -22.60 -20.18
N THR H 163 -13.23 -23.31 -19.05
CA THR H 163 -13.59 -22.77 -17.71
C THR H 163 -13.00 -21.37 -17.49
N ALA H 164 -11.71 -21.20 -17.71
CA ALA H 164 -11.10 -19.87 -17.48
C ALA H 164 -11.70 -18.84 -18.45
N ALA H 165 -11.81 -19.19 -19.73
CA ALA H 165 -12.32 -18.25 -20.75
C ALA H 165 -13.69 -17.72 -20.35
N LEU H 166 -14.67 -18.62 -20.28
CA LEU H 166 -16.09 -18.30 -19.94
C LEU H 166 -16.14 -17.31 -18.77
N LEU H 167 -15.59 -17.69 -17.62
CA LEU H 167 -15.61 -16.81 -16.42
C LEU H 167 -15.01 -15.43 -16.72
N ALA H 168 -13.94 -15.35 -17.51
CA ALA H 168 -13.28 -14.08 -17.87
C ALA H 168 -14.09 -13.29 -18.88
N LEU H 169 -15.05 -13.93 -19.59
CA LEU H 169 -15.78 -13.22 -20.66
C LEU H 169 -17.30 -13.17 -20.44
N PHE H 170 -17.92 -14.29 -20.07
CA PHE H 170 -19.40 -14.44 -19.91
C PHE H 170 -20.09 -13.21 -19.31
N PRO H 171 -19.64 -12.64 -18.18
CA PRO H 171 -20.29 -11.47 -17.62
C PRO H 171 -20.47 -10.32 -18.60
N ALA H 172 -19.38 -9.82 -19.18
CA ALA H 172 -19.45 -8.64 -20.07
C ALA H 172 -20.20 -8.92 -21.38
N LEU H 173 -20.24 -10.16 -21.84
CA LEU H 173 -20.98 -10.38 -23.11
C LEU H 173 -22.47 -10.52 -22.79
N ALA H 174 -22.78 -11.11 -21.63
CA ALA H 174 -24.19 -11.31 -21.19
C ALA H 174 -24.90 -9.96 -21.10
N ALA H 175 -24.21 -8.96 -20.60
CA ALA H 175 -24.70 -7.57 -20.48
C ALA H 175 -24.31 -6.78 -21.72
N ASP H 176 -24.13 -7.43 -22.88
CA ASP H 176 -23.83 -6.74 -24.14
C ASP H 176 -22.84 -5.59 -24.03
N LEU H 177 -21.89 -5.70 -23.12
CA LEU H 177 -20.87 -4.67 -22.95
C LEU H 177 -19.62 -4.94 -23.77
N ILE H 178 -19.54 -6.09 -24.44
CA ILE H 178 -18.49 -6.40 -25.40
C ILE H 178 -19.13 -7.01 -26.64
N GLU H 179 -18.46 -6.82 -27.79
CA GLU H 179 -18.95 -7.35 -29.06
C GLU H 179 -18.91 -8.87 -29.03
N PRO H 180 -19.52 -9.56 -30.04
CA PRO H 180 -19.53 -11.03 -30.04
C PRO H 180 -18.33 -11.77 -30.67
N ALA H 181 -17.10 -11.24 -30.56
CA ALA H 181 -15.93 -11.85 -31.21
C ALA H 181 -14.77 -11.87 -30.23
N VAL H 182 -14.46 -13.06 -29.68
CA VAL H 182 -13.48 -13.16 -28.60
C VAL H 182 -12.07 -13.09 -29.18
N THR H 183 -11.08 -13.16 -28.30
CA THR H 183 -9.76 -13.66 -28.68
C THR H 183 -9.11 -14.17 -27.39
N VAL H 184 -8.99 -15.50 -27.25
CA VAL H 184 -8.49 -16.13 -26.01
C VAL H 184 -7.13 -16.75 -26.27
N VAL H 185 -6.07 -16.12 -25.74
CA VAL H 185 -4.72 -16.70 -25.69
C VAL H 185 -4.48 -17.17 -24.26
N ALA H 186 -4.49 -18.50 -24.06
CA ALA H 186 -4.54 -19.13 -22.74
C ALA H 186 -3.29 -19.96 -22.47
N VAL H 187 -2.49 -19.54 -21.48
CA VAL H 187 -1.28 -20.27 -21.07
C VAL H 187 -1.65 -21.39 -20.09
N SER H 188 -1.01 -22.55 -20.25
CA SER H 188 -1.41 -23.72 -19.48
C SER H 188 -0.22 -24.63 -19.15
N GLY H 189 -0.30 -25.27 -17.97
CA GLY H 189 0.71 -26.21 -17.52
C GLY H 189 0.59 -27.58 -18.16
N THR H 190 1.64 -28.38 -17.97
CA THR H 190 1.79 -29.63 -18.71
C THR H 190 0.90 -30.75 -18.20
N SER H 191 0.41 -30.69 -16.97
CA SER H 191 -0.49 -31.74 -16.50
C SER H 191 -1.86 -31.67 -17.18
N GLY H 192 -2.17 -30.59 -17.89
CA GLY H 192 -3.36 -30.52 -18.72
C GLY H 192 -3.31 -31.36 -19.99
N ALA H 193 -2.11 -31.84 -20.34
CA ALA H 193 -1.91 -32.68 -21.52
C ALA H 193 -1.89 -34.17 -21.20
N GLY H 194 -2.27 -34.55 -19.98
CA GLY H 194 -2.39 -35.95 -19.63
C GLY H 194 -1.07 -36.59 -19.23
N ARG H 195 -1.19 -37.77 -18.63
CA ARG H 195 -0.05 -38.54 -18.14
C ARG H 195 0.54 -39.48 -19.20
N ALA H 196 0.26 -39.24 -20.48
CA ALA H 196 0.70 -40.09 -21.57
C ALA H 196 2.14 -39.73 -21.94
N ALA H 197 3.04 -40.69 -21.82
CA ALA H 197 4.45 -40.44 -22.09
C ALA H 197 4.67 -40.18 -23.58
N THR H 198 4.93 -38.94 -23.95
CA THR H 198 5.36 -38.60 -25.30
C THR H 198 6.66 -37.81 -25.23
N THR H 199 7.35 -37.76 -26.37
CA THR H 199 8.52 -36.91 -26.49
C THR H 199 8.20 -35.50 -26.04
N ASP H 200 7.30 -34.81 -26.75
CA ASP H 200 7.09 -33.38 -26.54
C ASP H 200 6.60 -33.03 -25.14
N LEU H 201 6.22 -34.03 -24.33
CA LEU H 201 5.83 -33.81 -22.93
C LEU H 201 6.92 -34.21 -21.94
N LEU H 202 8.15 -34.36 -22.39
CA LEU H 202 9.26 -34.68 -21.51
C LEU H 202 9.72 -33.43 -20.78
N GLY H 203 10.19 -33.61 -19.55
CA GLY H 203 10.58 -32.48 -18.72
C GLY H 203 11.63 -31.60 -19.36
N ALA H 204 12.47 -32.17 -20.24
CA ALA H 204 13.65 -31.44 -20.71
C ALA H 204 13.32 -30.51 -21.85
N GLU H 205 12.28 -30.83 -22.61
CA GLU H 205 11.73 -29.93 -23.61
C GLU H 205 10.74 -28.95 -23.00
N VAL H 206 9.89 -29.43 -22.09
CA VAL H 206 8.86 -28.58 -21.50
C VAL H 206 9.49 -27.44 -20.71
N ILE H 207 10.59 -27.72 -20.01
CA ILE H 207 11.24 -26.76 -19.14
C ILE H 207 12.04 -25.78 -19.99
N GLY H 208 11.83 -24.50 -19.76
CA GLY H 208 12.55 -23.46 -20.49
C GLY H 208 12.02 -23.15 -21.87
N SER H 209 10.87 -23.71 -22.25
CA SER H 209 10.30 -23.43 -23.56
C SER H 209 8.81 -23.20 -23.47
N ALA H 210 8.33 -22.13 -24.11
CA ALA H 210 6.91 -21.96 -24.37
C ALA H 210 6.64 -22.26 -25.84
N ARG H 211 5.65 -23.12 -26.08
CA ARG H 211 5.16 -23.37 -27.42
C ARG H 211 3.63 -23.39 -27.40
N ALA H 212 3.04 -22.72 -28.39
CA ALA H 212 1.61 -22.77 -28.65
C ALA H 212 1.29 -23.97 -29.53
N TYR H 213 0.09 -24.52 -29.35
CA TYR H 213 -0.32 -25.74 -30.05
C TYR H 213 -1.81 -25.69 -30.41
N ASN H 214 -2.17 -26.41 -31.49
CA ASN H 214 -3.56 -26.54 -31.97
C ASN H 214 -4.21 -25.18 -32.19
N ILE H 215 -3.46 -24.28 -32.83
CA ILE H 215 -3.88 -22.90 -32.99
C ILE H 215 -4.93 -22.75 -34.08
N ALA H 216 -5.34 -21.50 -34.35
CA ALA H 216 -6.31 -21.15 -35.39
C ALA H 216 -7.54 -22.05 -35.36
N GLY H 217 -8.12 -22.18 -34.16
CA GLY H 217 -9.34 -22.95 -33.97
C GLY H 217 -9.25 -24.43 -34.28
N VAL H 218 -8.04 -25.01 -34.27
CA VAL H 218 -7.89 -26.47 -34.43
C VAL H 218 -8.20 -27.21 -33.14
N HIS H 219 -8.00 -26.56 -32.00
CA HIS H 219 -8.18 -27.20 -30.72
C HIS H 219 -9.64 -27.61 -30.52
N ARG H 220 -9.84 -28.77 -29.92
CA ARG H 220 -11.20 -29.29 -29.78
C ARG H 220 -11.96 -28.61 -28.66
N HIS H 221 -11.27 -27.94 -27.75
CA HIS H 221 -11.97 -27.11 -26.78
C HIS H 221 -12.58 -25.86 -27.43
N THR H 222 -12.14 -25.46 -28.64
CA THR H 222 -12.53 -24.13 -29.12
C THR H 222 -14.01 -24.03 -29.50
N PRO H 223 -14.69 -25.09 -29.98
CA PRO H 223 -16.16 -24.97 -30.08
C PRO H 223 -16.82 -24.98 -28.71
N GLU H 224 -16.25 -25.72 -27.75
CA GLU H 224 -16.76 -25.75 -26.38
C GLU H 224 -16.83 -24.35 -25.78
N ILE H 225 -15.88 -23.48 -26.14
CA ILE H 225 -15.89 -22.11 -25.65
C ILE H 225 -17.05 -21.33 -26.28
N ALA H 226 -17.19 -21.41 -27.60
CA ALA H 226 -18.22 -20.64 -28.27
C ALA H 226 -19.62 -21.02 -27.76
N GLN H 227 -19.81 -22.28 -27.38
CA GLN H 227 -21.14 -22.78 -27.02
C GLN H 227 -21.70 -22.09 -25.78
N GLY H 228 -20.96 -22.13 -24.67
CA GLY H 228 -21.41 -21.46 -23.47
C GLY H 228 -21.53 -19.95 -23.61
N LEU H 229 -20.80 -19.35 -24.57
CA LEU H 229 -20.98 -17.92 -24.83
C LEU H 229 -22.17 -17.67 -25.76
N ARG H 230 -22.53 -18.66 -26.60
CA ARG H 230 -23.83 -18.64 -27.26
C ARG H 230 -24.96 -18.71 -26.24
N ALA H 231 -24.67 -19.14 -25.01
CA ALA H 231 -25.69 -19.28 -23.98
C ALA H 231 -26.09 -17.94 -23.33
N VAL H 232 -25.21 -16.94 -23.33
CA VAL H 232 -25.50 -15.66 -22.66
C VAL H 232 -25.81 -14.55 -23.67
N THR H 233 -26.20 -14.89 -24.90
CA THR H 233 -26.42 -13.86 -25.91
C THR H 233 -27.25 -14.40 -27.06
N ASP H 234 -27.75 -13.47 -27.89
CA ASP H 234 -28.46 -13.79 -29.13
C ASP H 234 -27.65 -13.47 -30.39
N ARG H 235 -26.45 -12.90 -30.24
CA ARG H 235 -25.60 -12.57 -31.38
C ARG H 235 -24.66 -13.73 -31.72
N ASP H 236 -24.25 -13.77 -32.99
CA ASP H 236 -23.31 -14.78 -33.48
C ASP H 236 -21.92 -14.52 -32.90
N VAL H 237 -21.43 -15.43 -32.08
CA VAL H 237 -20.17 -15.23 -31.37
C VAL H 237 -19.13 -16.19 -31.93
N SER H 238 -17.89 -15.70 -32.09
CA SER H 238 -16.80 -16.36 -32.79
C SER H 238 -15.55 -16.38 -31.90
N VAL H 239 -14.83 -17.51 -31.89
CA VAL H 239 -13.74 -17.70 -30.93
C VAL H 239 -12.40 -17.89 -31.66
N SER H 240 -11.49 -16.95 -31.44
CA SER H 240 -10.08 -17.08 -31.81
C SER H 240 -9.31 -17.52 -30.56
N PHE H 241 -8.97 -18.82 -30.48
CA PHE H 241 -8.45 -19.40 -29.23
C PHE H 241 -7.19 -20.21 -29.48
N THR H 242 -6.04 -19.69 -29.02
CA THR H 242 -4.72 -20.33 -29.14
C THR H 242 -4.20 -20.71 -27.76
N PRO H 243 -3.99 -22.02 -27.48
CA PRO H 243 -3.47 -22.45 -26.17
C PRO H 243 -1.96 -22.66 -26.12
N VAL H 244 -1.30 -22.10 -25.11
CA VAL H 244 0.16 -22.12 -24.99
C VAL H 244 0.56 -23.02 -23.84
N LEU H 245 1.50 -23.93 -24.09
CA LEU H 245 2.07 -24.76 -23.04
C LEU H 245 3.27 -24.04 -22.43
N ILE H 246 3.24 -23.94 -21.10
CA ILE H 246 4.23 -23.18 -20.33
C ILE H 246 4.95 -24.12 -19.39
N PRO H 247 6.15 -23.76 -18.95
CA PRO H 247 6.97 -24.64 -18.08
C PRO H 247 6.51 -24.64 -16.62
N ALA H 248 5.38 -25.28 -16.35
CA ALA H 248 4.88 -25.39 -14.99
C ALA H 248 3.98 -26.61 -14.93
N SER H 249 3.67 -27.05 -13.72
CA SER H 249 2.89 -28.28 -13.65
C SER H 249 1.40 -28.04 -13.65
N ARG H 250 0.92 -26.96 -13.01
CA ARG H 250 -0.49 -26.63 -12.97
C ARG H 250 -0.71 -25.16 -13.30
N GLY H 251 -1.89 -24.84 -13.86
CA GLY H 251 -2.32 -23.48 -14.08
C GLY H 251 -2.87 -23.17 -15.47
N ILE H 252 -3.83 -22.22 -15.53
CA ILE H 252 -4.27 -21.59 -16.77
C ILE H 252 -4.52 -20.10 -16.52
N LEU H 253 -3.87 -19.22 -17.28
CA LEU H 253 -4.14 -17.78 -17.24
C LEU H 253 -4.66 -17.34 -18.61
N ALA H 254 -5.97 -17.17 -18.72
CA ALA H 254 -6.61 -16.88 -20.00
C ALA H 254 -6.69 -15.37 -20.17
N THR H 255 -5.92 -14.83 -21.11
CA THR H 255 -6.08 -13.45 -21.58
C THR H 255 -7.12 -13.42 -22.69
N CYS H 256 -8.18 -12.63 -22.49
CA CYS H 256 -9.41 -12.74 -23.29
C CYS H 256 -9.84 -11.38 -23.87
N THR H 257 -9.50 -11.14 -25.15
CA THR H 257 -9.62 -9.85 -25.83
C THR H 257 -10.96 -9.71 -26.58
N ALA H 258 -11.54 -8.52 -26.52
CA ALA H 258 -12.81 -8.26 -27.21
C ALA H 258 -13.09 -6.77 -27.32
N ARG H 259 -13.50 -6.34 -28.52
CA ARG H 259 -13.77 -4.94 -28.82
C ARG H 259 -14.95 -4.42 -28.01
N THR H 260 -14.81 -3.22 -27.45
CA THR H 260 -15.94 -2.64 -26.76
C THR H 260 -15.88 -1.11 -26.78
N ARG H 261 -17.04 -0.48 -26.60
CA ARG H 261 -17.14 1.00 -26.60
C ARG H 261 -17.67 1.47 -25.24
N SER H 262 -18.28 0.56 -24.48
CA SER H 262 -18.82 0.90 -23.14
C SER H 262 -17.64 1.23 -22.20
N PRO H 263 -17.79 2.15 -21.24
CA PRO H 263 -16.68 2.53 -20.37
C PRO H 263 -16.39 1.50 -19.27
N LEU H 264 -15.14 1.51 -18.80
CA LEU H 264 -14.62 0.60 -17.75
C LEU H 264 -15.62 0.52 -16.59
N SER H 265 -15.99 1.68 -16.06
CA SER H 265 -16.94 1.83 -14.93
C SER H 265 -18.13 0.89 -15.09
N GLN H 266 -18.86 1.06 -16.17
CA GLN H 266 -20.07 0.25 -16.42
C GLN H 266 -19.69 -1.22 -16.52
N LEU H 267 -18.65 -1.53 -17.28
CA LEU H 267 -18.28 -2.96 -17.47
C LEU H 267 -17.89 -3.57 -16.12
N ARG H 268 -17.14 -2.82 -15.31
CA ARG H 268 -16.73 -3.32 -13.97
C ARG H 268 -17.97 -3.75 -13.18
N ALA H 269 -19.00 -2.91 -13.17
CA ALA H 269 -20.26 -3.21 -12.47
C ALA H 269 -20.74 -4.60 -12.83
N ALA H 270 -20.84 -4.92 -14.12
CA ALA H 270 -21.33 -6.24 -14.51
C ALA H 270 -20.53 -7.36 -13.85
N TYR H 271 -19.24 -7.15 -13.59
CA TYR H 271 -18.41 -8.22 -13.02
C TYR H 271 -18.65 -8.38 -11.53
N GLU H 272 -18.71 -7.26 -10.77
CA GLU H 272 -19.08 -7.37 -9.37
C GLU H 272 -20.46 -8.02 -9.22
N LYS H 273 -21.44 -7.60 -10.05
CA LYS H 273 -22.78 -8.17 -10.08
C LYS H 273 -22.77 -9.70 -9.97
N ALA H 274 -22.36 -10.36 -11.05
CA ALA H 274 -22.40 -11.81 -11.10
C ALA H 274 -21.60 -12.42 -9.96
N TYR H 275 -20.40 -11.89 -9.72
CA TYR H 275 -19.42 -12.53 -8.86
C TYR H 275 -19.52 -12.10 -7.40
N HIS H 276 -20.41 -11.15 -7.10
CA HIS H 276 -20.67 -10.75 -5.73
C HIS H 276 -20.93 -11.97 -4.85
N ALA H 277 -21.97 -12.74 -5.17
CA ALA H 277 -22.34 -13.87 -4.34
C ALA H 277 -21.78 -15.17 -4.89
N GLU H 278 -20.48 -15.18 -5.18
CA GLU H 278 -19.83 -16.38 -5.68
C GLU H 278 -18.61 -16.69 -4.82
N PRO H 279 -18.60 -17.83 -4.11
CA PRO H 279 -17.47 -18.11 -3.20
C PRO H 279 -16.16 -18.30 -3.93
N PHE H 280 -16.18 -18.96 -5.09
CA PHE H 280 -14.98 -19.37 -5.78
C PHE H 280 -14.47 -18.36 -6.79
N ILE H 281 -15.29 -17.40 -7.22
CA ILE H 281 -14.78 -16.30 -8.03
C ILE H 281 -14.36 -15.17 -7.09
N TYR H 282 -13.15 -14.68 -7.29
CA TYR H 282 -12.61 -13.56 -6.53
C TYR H 282 -12.19 -12.52 -7.56
N LEU H 283 -12.90 -11.40 -7.60
CA LEU H 283 -12.48 -10.32 -8.47
C LEU H 283 -11.30 -9.61 -7.82
N MET H 284 -10.28 -9.33 -8.60
CA MET H 284 -9.10 -8.75 -8.00
C MET H 284 -9.26 -7.24 -7.90
N PRO H 285 -8.85 -6.65 -6.78
CA PRO H 285 -9.02 -5.21 -6.60
C PRO H 285 -8.33 -4.42 -7.70
N GLU H 286 -8.98 -3.33 -8.12
CA GLU H 286 -8.42 -2.46 -9.15
C GLU H 286 -6.98 -2.08 -8.81
N GLY H 287 -6.09 -2.18 -9.80
CA GLY H 287 -4.68 -1.95 -9.61
C GLY H 287 -3.84 -3.20 -9.44
N GLN H 288 -4.46 -4.34 -9.15
CA GLN H 288 -3.78 -5.61 -9.10
C GLN H 288 -4.24 -6.51 -10.25
N LEU H 289 -3.40 -7.49 -10.55
CA LEU H 289 -3.67 -8.44 -11.60
C LEU H 289 -3.58 -9.86 -11.06
N PRO H 290 -4.34 -10.79 -11.61
CA PRO H 290 -4.30 -12.18 -11.13
C PRO H 290 -2.97 -12.85 -11.45
N ARG H 291 -2.75 -14.00 -10.81
CA ARG H 291 -1.60 -14.85 -11.11
C ARG H 291 -1.96 -16.30 -10.84
N THR H 292 -1.29 -17.22 -11.54
CA THR H 292 -1.59 -18.63 -11.39
C THR H 292 -1.06 -19.18 -10.07
N GLY H 293 0.08 -18.67 -9.60
CA GLY H 293 0.64 -19.14 -8.34
C GLY H 293 -0.36 -19.04 -7.21
N ALA H 294 -1.14 -17.95 -7.18
CA ALA H 294 -2.05 -17.71 -6.07
C ALA H 294 -3.21 -18.70 -6.04
N VAL H 295 -3.42 -19.46 -7.12
CA VAL H 295 -4.57 -20.34 -7.22
C VAL H 295 -4.19 -21.81 -7.21
N ILE H 296 -2.90 -22.13 -7.19
CA ILE H 296 -2.47 -23.54 -7.31
C ILE H 296 -2.90 -24.31 -6.06
N GLY H 297 -3.59 -25.44 -6.27
CA GLY H 297 -4.09 -26.25 -5.17
C GLY H 297 -5.45 -25.84 -4.62
N SER H 298 -6.11 -24.82 -5.20
CA SER H 298 -7.41 -24.27 -4.79
C SER H 298 -8.49 -24.58 -5.84
N ASN H 299 -9.72 -24.18 -5.53
CA ASN H 299 -10.79 -24.15 -6.53
C ASN H 299 -11.11 -22.72 -6.98
N ALA H 300 -10.35 -21.74 -6.52
CA ALA H 300 -10.66 -20.34 -6.75
C ALA H 300 -10.41 -19.96 -8.20
N ALA H 301 -10.66 -18.68 -8.49
CA ALA H 301 -10.47 -18.11 -9.81
C ALA H 301 -10.37 -16.60 -9.64
N HIS H 302 -9.26 -16.03 -10.07
CA HIS H 302 -8.90 -14.64 -9.77
C HIS H 302 -9.02 -13.83 -11.06
N ILE H 303 -10.02 -12.96 -11.13
CA ILE H 303 -10.43 -12.30 -12.36
C ILE H 303 -10.13 -10.81 -12.25
N ALA H 304 -9.76 -10.21 -13.38
CA ALA H 304 -9.48 -8.79 -13.45
C ALA H 304 -9.89 -8.33 -14.83
N VAL H 305 -10.29 -7.05 -14.93
CA VAL H 305 -10.86 -6.48 -16.15
C VAL H 305 -10.19 -5.15 -16.44
N ALA H 306 -10.23 -4.75 -17.71
CA ALA H 306 -9.58 -3.52 -18.14
C ALA H 306 -10.15 -3.13 -19.50
N VAL H 307 -9.97 -1.86 -19.87
CA VAL H 307 -10.42 -1.40 -21.18
C VAL H 307 -9.29 -0.63 -21.86
N ASP H 308 -8.80 -1.18 -22.96
CA ASP H 308 -7.82 -0.54 -23.83
C ASP H 308 -8.59 0.42 -24.73
N GLU H 309 -8.68 1.70 -24.34
CA GLU H 309 -9.53 2.55 -25.15
C GLU H 309 -8.85 2.95 -26.45
N ASP H 310 -7.53 3.20 -26.42
CA ASP H 310 -6.83 3.51 -27.67
C ASP H 310 -6.99 2.39 -28.69
N ALA H 311 -7.07 1.14 -28.25
CA ALA H 311 -7.40 0.05 -29.16
C ALA H 311 -8.86 -0.35 -29.11
N GLN H 312 -9.69 0.41 -28.39
CA GLN H 312 -11.13 0.15 -28.25
C GLN H 312 -11.40 -1.30 -27.84
N THR H 313 -10.67 -1.77 -26.82
CA THR H 313 -10.77 -3.18 -26.50
C THR H 313 -10.93 -3.41 -25.00
N PHE H 314 -11.78 -4.38 -24.69
CA PHE H 314 -11.92 -4.92 -23.35
C PHE H 314 -10.82 -5.96 -23.12
N VAL H 315 -10.16 -5.88 -21.96
CA VAL H 315 -9.16 -6.86 -21.54
C VAL H 315 -9.67 -7.51 -20.26
N ALA H 316 -9.78 -8.85 -20.26
CA ALA H 316 -10.19 -9.62 -19.09
C ALA H 316 -9.24 -10.82 -18.91
N ILE H 317 -8.59 -10.91 -17.74
CA ILE H 317 -7.61 -11.96 -17.45
C ILE H 317 -8.18 -12.93 -16.43
N ALA H 318 -8.18 -14.21 -16.76
CA ALA H 318 -8.59 -15.29 -15.89
C ALA H 318 -7.36 -16.05 -15.39
N ALA H 319 -7.53 -16.78 -14.27
CA ALA H 319 -6.40 -17.49 -13.66
C ALA H 319 -6.95 -18.59 -12.75
N ILE H 320 -6.97 -19.81 -13.27
CA ILE H 320 -7.49 -20.99 -12.57
C ILE H 320 -6.40 -22.08 -12.47
N ASP H 321 -6.64 -23.04 -11.58
CA ASP H 321 -5.84 -24.26 -11.50
C ASP H 321 -6.43 -25.27 -12.47
N ASN H 322 -5.61 -25.76 -13.39
CA ASN H 322 -6.08 -26.61 -14.48
C ASN H 322 -6.69 -27.92 -13.99
N LEU H 323 -6.37 -28.39 -12.80
CA LEU H 323 -6.81 -29.71 -12.38
C LEU H 323 -7.75 -29.69 -11.19
N VAL H 324 -8.02 -28.53 -10.59
CA VAL H 324 -9.14 -28.41 -9.67
C VAL H 324 -10.25 -27.68 -10.42
N LYS H 325 -10.13 -26.35 -10.53
CA LYS H 325 -11.18 -25.56 -11.16
C LYS H 325 -11.48 -26.03 -12.58
N GLY H 326 -10.45 -26.48 -13.31
CA GLY H 326 -10.64 -26.85 -14.71
C GLY H 326 -11.12 -28.27 -14.95
N THR H 327 -10.97 -29.18 -13.98
CA THR H 327 -11.40 -30.57 -14.18
C THR H 327 -11.88 -31.22 -12.88
N ALA H 328 -10.98 -31.47 -11.93
CA ALA H 328 -11.37 -32.33 -10.81
C ALA H 328 -12.11 -31.55 -9.72
N GLY H 329 -11.78 -30.29 -9.51
CA GLY H 329 -12.47 -29.48 -8.53
C GLY H 329 -13.70 -28.74 -9.04
N ALA H 330 -13.99 -28.80 -10.33
CA ALA H 330 -15.34 -28.58 -10.83
C ALA H 330 -16.13 -29.89 -10.87
N ALA H 331 -15.48 -30.97 -10.44
CA ALA H 331 -16.09 -32.32 -10.45
C ALA H 331 -16.78 -32.62 -9.13
N VAL H 332 -16.18 -32.22 -8.02
CA VAL H 332 -16.86 -32.51 -6.72
C VAL H 332 -17.76 -31.32 -6.40
N GLN H 333 -17.42 -30.14 -6.93
CA GLN H 333 -18.27 -28.94 -6.75
C GLN H 333 -19.57 -29.19 -7.52
N SER H 334 -19.49 -29.86 -8.68
CA SER H 334 -20.71 -30.31 -9.39
C SER H 334 -21.23 -31.54 -8.64
N MET H 335 -20.34 -32.35 -8.08
CA MET H 335 -20.82 -33.56 -7.38
C MET H 335 -21.70 -33.14 -6.20
N ASN H 336 -21.26 -32.14 -5.45
CA ASN H 336 -22.03 -31.65 -4.29
C ASN H 336 -23.47 -31.31 -4.72
N LEU H 337 -23.61 -30.50 -5.79
CA LEU H 337 -24.92 -30.01 -6.33
C LEU H 337 -25.88 -31.12 -6.76
N ALA H 338 -25.41 -32.32 -7.09
CA ALA H 338 -26.37 -33.38 -7.47
C ALA H 338 -26.62 -34.29 -6.26
N LEU H 339 -25.94 -34.02 -5.14
CA LEU H 339 -26.16 -34.90 -3.95
C LEU H 339 -26.72 -34.09 -2.79
N GLY H 340 -26.76 -32.77 -2.93
CA GLY H 340 -27.31 -31.94 -1.88
C GLY H 340 -26.40 -31.65 -0.70
N TRP H 341 -25.09 -31.77 -0.85
CA TRP H 341 -24.22 -31.25 0.19
C TRP H 341 -23.77 -29.85 -0.19
N PRO H 342 -23.23 -29.08 0.77
CA PRO H 342 -22.71 -27.75 0.43
C PRO H 342 -21.78 -27.75 -0.79
N GLU H 343 -22.12 -26.93 -1.78
CA GLU H 343 -21.32 -26.74 -2.99
C GLU H 343 -19.86 -26.41 -2.69
N THR H 344 -19.57 -25.90 -1.49
CA THR H 344 -18.22 -25.61 -1.02
C THR H 344 -17.54 -26.81 -0.38
N ASP H 345 -18.28 -27.89 -0.09
CA ASP H 345 -17.73 -29.05 0.59
C ASP H 345 -16.52 -29.61 -0.17
N GLY H 346 -15.39 -29.69 0.53
CA GLY H 346 -14.19 -30.28 -0.04
C GLY H 346 -13.30 -29.33 -0.83
N LEU H 347 -13.80 -28.15 -1.20
CA LEU H 347 -13.04 -27.21 -2.00
C LEU H 347 -12.75 -25.95 -1.19
N SER H 348 -11.49 -25.55 -1.17
CA SER H 348 -10.99 -24.30 -0.57
C SER H 348 -10.74 -23.26 -1.68
N VAL H 349 -10.50 -22.02 -1.28
CA VAL H 349 -10.13 -20.97 -2.27
C VAL H 349 -8.74 -20.47 -1.91
N VAL H 350 -8.08 -21.10 -0.95
CA VAL H 350 -6.72 -20.65 -0.52
C VAL H 350 -5.67 -21.41 -1.32
N GLY H 351 -5.02 -20.71 -2.25
CA GLY H 351 -4.01 -21.35 -3.11
C GLY H 351 -2.76 -21.65 -2.34
N VAL H 352 -2.07 -22.74 -2.70
CA VAL H 352 -0.81 -23.14 -2.03
C VAL H 352 0.34 -22.45 -2.75
N ALA H 353 0.82 -21.34 -2.20
CA ALA H 353 1.92 -20.57 -2.81
C ALA H 353 3.01 -20.36 -1.76
N PRO H 354 4.28 -20.10 -2.14
CA PRO H 354 4.68 -19.97 -3.52
C PRO H 354 4.90 -21.30 -4.25
C10 UKE I . -18.53 36.82 30.18
C01 UKE I . -16.57 32.36 33.92
C03 UKE I . -17.55 34.43 33.83
C04 UKE I . -17.59 34.29 32.46
C05 UKE I . -18.00 35.36 31.65
C06 UKE I . -18.31 36.54 32.26
C07 UKE I . -18.26 36.68 33.64
C08 UKE I . -17.88 35.63 34.43
C12 UKE I . -18.84 37.55 28.92
N11 UKE I . -18.15 35.58 30.30
O02 UKE I . -17.16 33.39 34.64
O09 UKE I . -18.62 37.37 31.32
O13 UKE I . -19.20 38.72 28.88
O14 UKE I . -18.65 36.93 27.90
P PO4 J . -13.55 33.10 35.60
O1 PO4 J . -14.26 31.79 35.67
O2 PO4 J . -13.10 33.36 34.18
O3 PO4 J . -12.34 33.09 36.49
O4 PO4 J . -14.46 34.19 36.03
#